data_9PHA
#
_entry.id   9PHA
#
_cell.length_a   1.00
_cell.length_b   1.00
_cell.length_c   1.00
_cell.angle_alpha   90.00
_cell.angle_beta   90.00
_cell.angle_gamma   90.00
#
_symmetry.space_group_name_H-M   'P 1'
#
_entity_poly.entity_id   1
_entity_poly.type   'polypeptide(L)'
_entity_poly.pdbx_seq_one_letter_code
;MHHHHHHSSGVDLGTENLYFQSNAEAEQLKNYFSNPDEFQEEIEDLAQYFYISTAEIHQLFELIEALPTLNYKIDSFNKV
KSSDKHISLLNKSLHKVKHKRLTRDLLKQVATAGTLVGIWLGDAKSPYPFIFDEIKYVFPSFRRNGDWVCVVDMELFTKY
KDDQRNELLKSLSPYIKQSDYENFMKDREKYRFKELPQERTFPLRTGTLKRNQGLGTSWVTPGLYDVLHKKKLKDVERSI
ANKIINAVAVLTIGTDKGNGEYTNMKLPKAVKQKIHGGVKTALEKNQKDGVTVVSIPDFADINFPDVKADGLDGAKFDHI
NSDIQSAYGLSGSLLNGDGGNYATSSLNLDTFYKRIGVLMEDIEQEVYQKLFNLVLPAAQKDNYYMNYDKDKPLTLKEKM
DILIKLNDKGWSIKHVVDNLAGVSWESYLEQTLYETEELKLQEKIRPYQTSYTFTGNEVGRPNEGNKNNDNTVKSATSNG
NDNPI
;
_entity_poly.pdbx_strand_id   A,B,C,D,E,F,G,H,I,J,K,L
#
# COMPACT_ATOMS: atom_id res chain seq x y z
N GLU A 25 -12.05 25.05 -51.72
CA GLU A 25 -12.25 23.94 -50.76
C GLU A 25 -12.87 24.44 -49.46
N ALA A 26 -12.17 25.37 -48.79
CA ALA A 26 -12.65 25.88 -47.51
C ALA A 26 -14.02 26.53 -47.66
N GLU A 27 -14.23 27.28 -48.75
CA GLU A 27 -15.50 27.97 -48.94
C GLU A 27 -16.67 27.01 -48.91
N GLN A 28 -16.49 25.79 -49.41
CA GLN A 28 -17.59 24.83 -49.41
C GLN A 28 -18.01 24.47 -47.99
N LEU A 29 -17.04 24.16 -47.13
CA LEU A 29 -17.37 23.87 -45.73
C LEU A 29 -17.95 25.08 -45.04
N LYS A 30 -17.42 26.27 -45.32
CA LYS A 30 -17.95 27.48 -44.70
C LYS A 30 -19.41 27.67 -45.09
N ASN A 31 -19.73 27.48 -46.37
CA ASN A 31 -21.12 27.61 -46.81
C ASN A 31 -22.01 26.55 -46.17
N TYR A 32 -21.50 25.31 -46.07
CA TYR A 32 -22.29 24.26 -45.43
C TYR A 32 -22.60 24.61 -43.99
N PHE A 33 -21.62 25.14 -43.26
CA PHE A 33 -21.85 25.54 -41.88
C PHE A 33 -22.70 26.81 -41.78
N SER A 34 -22.76 27.61 -42.84
CA SER A 34 -23.60 28.81 -42.81
C SER A 34 -25.07 28.44 -42.65
N ASN A 35 -25.51 27.39 -43.34
CA ASN A 35 -26.92 26.97 -43.33
C ASN A 35 -26.98 25.48 -43.01
N PRO A 36 -26.80 25.10 -41.75
CA PRO A 36 -26.88 23.68 -41.39
C PRO A 36 -28.27 23.09 -41.60
N ASP A 37 -29.30 23.92 -41.72
CA ASP A 37 -30.66 23.44 -41.91
C ASP A 37 -31.08 23.41 -43.38
N GLU A 38 -30.17 23.74 -44.30
CA GLU A 38 -30.48 23.75 -45.72
C GLU A 38 -29.57 22.85 -46.54
N PHE A 39 -28.27 22.81 -46.23
CA PHE A 39 -27.32 21.94 -46.93
C PHE A 39 -27.19 20.59 -46.24
N GLN A 40 -28.32 19.93 -45.99
CA GLN A 40 -28.30 18.66 -45.30
C GLN A 40 -27.85 17.52 -46.20
N GLU A 41 -28.14 17.59 -47.49
CA GLU A 41 -27.80 16.49 -48.40
C GLU A 41 -26.29 16.25 -48.41
N GLU A 42 -25.51 17.31 -48.56
CA GLU A 42 -24.06 17.16 -48.59
C GLU A 42 -23.54 16.66 -47.25
N ILE A 43 -24.14 17.13 -46.15
CA ILE A 43 -23.70 16.69 -44.83
C ILE A 43 -23.90 15.19 -44.68
N GLU A 44 -25.07 14.70 -45.08
CA GLU A 44 -25.34 13.26 -44.99
C GLU A 44 -24.41 12.47 -45.91
N ASP A 45 -24.18 12.99 -47.12
CA ASP A 45 -23.28 12.31 -48.05
C ASP A 45 -21.89 12.16 -47.44
N LEU A 46 -21.34 13.24 -46.91
CA LEU A 46 -20.01 13.17 -46.31
C LEU A 46 -20.02 12.28 -45.07
N ALA A 47 -21.10 12.31 -44.30
CA ALA A 47 -21.18 11.46 -43.11
C ALA A 47 -21.10 9.98 -43.49
N GLN A 48 -21.94 9.55 -44.42
CA GLN A 48 -21.91 8.17 -44.88
C GLN A 48 -20.59 7.81 -45.56
N TYR A 49 -19.97 8.76 -46.27
CA TYR A 49 -18.71 8.48 -46.93
C TYR A 49 -17.58 8.25 -45.92
N PHE A 50 -17.46 9.13 -44.92
CA PHE A 50 -16.43 8.98 -43.92
C PHE A 50 -16.75 7.91 -42.88
N TYR A 51 -18.00 7.44 -42.84
CA TYR A 51 -18.29 6.27 -42.00
C TYR A 51 -17.45 5.08 -42.43
N ILE A 52 -17.31 4.87 -43.73
CA ILE A 52 -16.59 3.71 -44.22
C ILE A 52 -15.16 4.03 -44.62
N SER A 53 -14.90 5.25 -45.11
CA SER A 53 -13.55 5.60 -45.56
C SER A 53 -12.65 6.09 -44.42
N THR A 54 -13.16 6.17 -43.20
CA THR A 54 -12.37 6.57 -42.05
C THR A 54 -12.81 5.77 -40.82
N ALA A 55 -11.91 5.68 -39.84
CA ALA A 55 -12.16 4.88 -38.64
C ALA A 55 -12.70 5.69 -37.47
N GLU A 56 -12.30 6.96 -37.36
CA GLU A 56 -12.72 7.77 -36.22
C GLU A 56 -14.25 7.86 -36.15
N ILE A 57 -14.88 8.26 -37.25
CA ILE A 57 -16.33 8.37 -37.29
C ILE A 57 -16.96 6.99 -37.13
N HIS A 58 -16.32 5.97 -37.69
CA HIS A 58 -16.82 4.61 -37.54
C HIS A 58 -16.87 4.20 -36.08
N GLN A 59 -15.78 4.45 -35.34
CA GLN A 59 -15.78 4.19 -33.90
C GLN A 59 -16.82 5.03 -33.20
N LEU A 60 -16.97 6.28 -33.60
CA LEU A 60 -18.00 7.14 -33.00
C LEU A 60 -19.37 6.48 -33.08
N PHE A 61 -19.76 6.06 -34.29
CA PHE A 61 -21.12 5.56 -34.47
C PHE A 61 -21.33 4.19 -33.84
N GLU A 62 -20.33 3.29 -33.94
CA GLU A 62 -20.49 2.02 -33.23
C GLU A 62 -20.48 2.21 -31.73
N LEU A 63 -19.75 3.20 -31.21
CA LEU A 63 -19.83 3.50 -29.78
C LEU A 63 -21.22 3.98 -29.41
N ILE A 64 -21.82 4.83 -30.24
CA ILE A 64 -23.19 5.27 -29.99
C ILE A 64 -24.12 4.07 -29.93
N GLU A 65 -24.01 3.18 -30.91
CA GLU A 65 -24.97 2.06 -31.00
C GLU A 65 -24.68 0.99 -29.97
N ALA A 66 -23.47 0.91 -29.43
CA ALA A 66 -23.04 -0.19 -28.58
C ALA A 66 -23.05 0.15 -27.10
N LEU A 67 -22.52 1.32 -26.72
CA LEU A 67 -22.32 1.62 -25.30
C LEU A 67 -23.55 1.38 -24.44
N PRO A 68 -24.75 1.81 -24.83
CA PRO A 68 -25.91 1.59 -23.97
C PRO A 68 -26.11 0.12 -23.67
N THR A 69 -26.46 -0.19 -22.42
CA THR A 69 -26.85 -1.53 -22.04
C THR A 69 -28.35 -1.76 -22.16
N LEU A 70 -29.12 -0.69 -22.40
CA LEU A 70 -30.55 -0.79 -22.69
C LEU A 70 -31.29 -1.62 -21.65
N ASN A 71 -30.80 -1.67 -20.42
CA ASN A 71 -31.61 -2.18 -19.32
C ASN A 71 -32.67 -1.14 -18.98
N TYR A 72 -33.92 -1.57 -18.90
CA TYR A 72 -35.03 -0.65 -18.79
C TYR A 72 -35.90 -0.99 -17.60
N LYS A 73 -36.79 -0.06 -17.26
CA LYS A 73 -37.77 -0.29 -16.21
C LYS A 73 -39.00 0.57 -16.45
N ILE A 74 -40.17 -0.03 -16.26
CA ILE A 74 -41.44 0.68 -16.36
C ILE A 74 -41.97 0.89 -14.95
N ASP A 75 -42.31 2.13 -14.62
CA ASP A 75 -42.88 2.50 -13.33
C ASP A 75 -44.17 3.25 -13.56
N SER A 76 -44.90 3.54 -12.48
CA SER A 76 -46.22 4.13 -12.57
C SER A 76 -46.32 5.35 -11.67
N PHE A 77 -47.20 6.27 -12.06
CA PHE A 77 -47.58 7.40 -11.20
C PHE A 77 -48.70 7.04 -10.24
N ASN A 78 -49.20 5.81 -10.28
CA ASN A 78 -50.23 5.36 -9.36
C ASN A 78 -50.20 3.83 -9.32
N LYS A 79 -50.76 3.28 -8.25
CA LYS A 79 -50.77 1.84 -8.01
C LYS A 79 -52.22 1.36 -8.20
N VAL A 80 -52.57 1.02 -9.43
CA VAL A 80 -53.90 0.51 -9.71
C VAL A 80 -54.04 -0.90 -9.14
N LYS A 81 -55.29 -1.37 -9.08
CA LYS A 81 -55.56 -2.69 -8.51
C LYS A 81 -54.93 -3.80 -9.34
N SER A 82 -54.99 -3.69 -10.66
CA SER A 82 -54.52 -4.74 -11.57
C SER A 82 -53.19 -4.36 -12.21
N SER A 83 -52.30 -3.76 -11.42
CA SER A 83 -51.04 -3.25 -11.98
C SER A 83 -50.25 -4.36 -12.65
N ASP A 84 -50.10 -5.50 -11.98
CA ASP A 84 -49.24 -6.57 -12.48
C ASP A 84 -49.60 -6.95 -13.91
N LYS A 85 -50.89 -6.96 -14.24
CA LYS A 85 -51.30 -7.26 -15.60
C LYS A 85 -50.74 -6.23 -16.57
N HIS A 86 -50.79 -4.95 -16.19
CA HIS A 86 -50.24 -3.91 -17.05
C HIS A 86 -48.72 -4.07 -17.19
N ILE A 87 -48.03 -4.43 -16.11
CA ILE A 87 -46.58 -4.59 -16.20
C ILE A 87 -46.24 -5.71 -17.19
N SER A 88 -46.93 -6.84 -17.06
CA SER A 88 -46.68 -7.95 -17.97
C SER A 88 -47.01 -7.58 -19.41
N LEU A 89 -48.14 -6.90 -19.62
CA LEU A 89 -48.51 -6.49 -20.96
C LEU A 89 -47.48 -5.56 -21.57
N LEU A 90 -46.97 -4.62 -20.79
CA LEU A 90 -45.98 -3.69 -21.32
C LEU A 90 -44.68 -4.40 -21.65
N ASN A 91 -44.25 -5.34 -20.79
CA ASN A 91 -43.05 -6.10 -21.11
C ASN A 91 -43.21 -6.87 -22.40
N LYS A 92 -44.36 -7.54 -22.55
CA LYS A 92 -44.60 -8.31 -23.77
C LYS A 92 -44.61 -7.41 -25.01
N SER A 93 -45.27 -6.26 -24.90
CA SER A 93 -45.36 -5.36 -26.05
C SER A 93 -44.01 -4.72 -26.35
N LEU A 94 -43.15 -4.58 -25.35
CA LEU A 94 -41.81 -4.09 -25.59
C LEU A 94 -40.97 -5.15 -26.29
N HIS A 95 -41.19 -6.42 -25.98
CA HIS A 95 -40.46 -7.48 -26.67
C HIS A 95 -40.94 -7.64 -28.11
N LYS A 96 -42.27 -7.66 -28.31
CA LYS A 96 -42.80 -7.84 -29.66
C LYS A 96 -42.21 -6.83 -30.63
N VAL A 97 -42.16 -5.55 -30.22
CA VAL A 97 -41.52 -4.55 -31.06
C VAL A 97 -40.02 -4.78 -31.14
N LYS A 98 -39.45 -5.55 -30.21
CA LYS A 98 -38.01 -5.79 -30.15
C LYS A 98 -37.26 -4.45 -30.04
N HIS A 99 -37.50 -3.80 -28.89
CA HIS A 99 -37.13 -2.40 -28.74
C HIS A 99 -35.65 -2.16 -28.97
N LYS A 100 -34.79 -3.00 -28.40
CA LYS A 100 -33.35 -2.68 -28.36
C LYS A 100 -32.81 -2.32 -29.74
N ARG A 101 -33.13 -3.13 -30.74
CA ARG A 101 -32.67 -2.85 -32.10
C ARG A 101 -33.23 -1.52 -32.58
N LEU A 102 -34.51 -1.24 -32.31
CA LEU A 102 -35.12 0.01 -32.73
C LEU A 102 -34.42 1.21 -32.09
N THR A 103 -34.16 1.13 -30.79
CA THR A 103 -33.45 2.21 -30.11
C THR A 103 -32.08 2.44 -30.72
N ARG A 104 -31.34 1.35 -30.99
CA ARG A 104 -30.01 1.52 -31.55
C ARG A 104 -30.07 2.15 -32.93
N ASP A 105 -31.00 1.71 -33.78
CA ASP A 105 -31.13 2.30 -35.11
C ASP A 105 -31.51 3.77 -35.01
N LEU A 106 -32.44 4.11 -34.12
CA LEU A 106 -32.84 5.49 -33.97
C LEU A 106 -31.67 6.36 -33.53
N LEU A 107 -30.89 5.89 -32.56
CA LEU A 107 -29.73 6.65 -32.11
C LEU A 107 -28.76 6.87 -33.25
N LYS A 108 -28.44 5.80 -33.98
CA LYS A 108 -27.48 5.93 -35.08
C LYS A 108 -27.98 6.91 -36.14
N GLN A 109 -29.25 6.83 -36.51
CA GLN A 109 -29.79 7.70 -37.55
C GLN A 109 -29.88 9.15 -37.12
N VAL A 110 -30.37 9.42 -35.90
CA VAL A 110 -30.44 10.80 -35.43
C VAL A 110 -29.05 11.40 -35.34
N ALA A 111 -28.08 10.64 -34.82
CA ALA A 111 -26.70 11.11 -34.84
C ALA A 111 -26.23 11.38 -36.26
N THR A 112 -26.66 10.57 -37.22
CA THR A 112 -26.22 10.75 -38.60
C THR A 112 -26.76 12.04 -39.19
N ALA A 113 -28.07 12.28 -39.03
CA ALA A 113 -28.74 13.41 -39.67
C ALA A 113 -29.07 14.54 -38.72
N GLY A 114 -29.23 14.26 -37.43
CA GLY A 114 -29.61 15.26 -36.47
C GLY A 114 -31.10 15.38 -36.22
N THR A 115 -31.92 14.81 -37.10
CA THR A 115 -33.36 14.84 -36.93
C THR A 115 -33.97 13.60 -37.57
N LEU A 116 -35.17 13.25 -37.11
CA LEU A 116 -35.83 12.02 -37.54
C LEU A 116 -37.30 12.13 -37.22
N VAL A 117 -38.13 11.55 -38.09
CA VAL A 117 -39.58 11.55 -37.91
C VAL A 117 -40.08 10.13 -38.11
N GLY A 118 -40.57 9.51 -37.03
CA GLY A 118 -41.18 8.21 -37.11
C GLY A 118 -42.66 8.26 -36.78
N ILE A 119 -43.29 7.09 -36.83
CA ILE A 119 -44.73 6.99 -36.56
C ILE A 119 -45.09 5.54 -36.32
N TRP A 120 -46.11 5.33 -35.48
CA TRP A 120 -46.67 3.99 -35.26
C TRP A 120 -47.80 3.77 -36.27
N LEU A 121 -47.64 2.77 -37.13
CA LEU A 121 -48.57 2.55 -38.22
C LEU A 121 -49.63 1.50 -37.90
N GLY A 122 -49.20 0.31 -37.51
CA GLY A 122 -50.13 -0.77 -37.28
C GLY A 122 -51.22 -0.41 -36.28
N ASP A 123 -52.19 -1.29 -36.17
CA ASP A 123 -53.32 -1.03 -35.29
C ASP A 123 -52.82 -0.82 -33.86
N ALA A 124 -53.71 -0.30 -33.02
CA ALA A 124 -53.33 0.07 -31.66
C ALA A 124 -52.87 -1.14 -30.86
N LYS A 125 -53.57 -2.27 -31.01
CA LYS A 125 -53.25 -3.44 -30.19
C LYS A 125 -51.82 -3.92 -30.42
N SER A 126 -51.39 -3.96 -31.67
CA SER A 126 -50.05 -4.46 -32.04
C SER A 126 -49.40 -3.49 -33.01
N PRO A 127 -49.01 -2.30 -32.53
CA PRO A 127 -48.44 -1.30 -33.44
C PRO A 127 -47.09 -1.72 -33.98
N TYR A 128 -46.74 -1.17 -35.13
CA TYR A 128 -45.42 -1.38 -35.71
C TYR A 128 -44.87 -0.05 -36.20
N PRO A 129 -43.56 0.18 -36.09
CA PRO A 129 -43.00 1.50 -36.38
C PRO A 129 -42.70 1.71 -37.86
N PHE A 130 -42.55 2.98 -38.21
CA PHE A 130 -42.20 3.37 -39.57
C PHE A 130 -41.37 4.64 -39.48
N ILE A 131 -40.18 4.61 -40.09
CA ILE A 131 -39.21 5.70 -40.02
C ILE A 131 -39.06 6.30 -41.41
N PHE A 132 -39.50 7.54 -41.57
CA PHE A 132 -39.29 8.24 -42.83
C PHE A 132 -37.80 8.44 -43.05
N ASP A 133 -37.38 8.36 -44.32
CA ASP A 133 -35.98 8.50 -44.66
C ASP A 133 -35.62 9.89 -45.14
N GLU A 134 -36.50 10.58 -45.85
CA GLU A 134 -36.24 11.90 -46.40
C GLU A 134 -36.66 12.94 -45.37
N ILE A 135 -35.72 13.79 -44.97
CA ILE A 135 -36.04 14.86 -44.05
C ILE A 135 -36.47 16.11 -44.80
N LYS A 136 -36.01 16.27 -46.04
CA LYS A 136 -36.35 17.46 -46.81
C LYS A 136 -37.85 17.59 -47.07
N TYR A 137 -38.60 16.50 -46.98
CA TYR A 137 -40.03 16.53 -47.26
C TYR A 137 -40.89 16.18 -46.06
N VAL A 138 -40.33 15.57 -45.02
CA VAL A 138 -41.04 15.31 -43.77
C VAL A 138 -40.15 15.79 -42.63
N PHE A 139 -40.68 16.68 -41.80
CA PHE A 139 -39.92 17.27 -40.71
C PHE A 139 -40.90 17.87 -39.71
N PRO A 140 -40.43 18.15 -38.49
CA PRO A 140 -41.18 19.07 -37.63
C PRO A 140 -41.07 20.50 -38.14
N SER A 141 -42.16 21.25 -37.99
CA SER A 141 -42.23 22.60 -38.54
C SER A 141 -42.47 23.67 -37.48
N PHE A 142 -43.38 23.44 -36.55
CA PHE A 142 -43.72 24.43 -35.53
C PHE A 142 -44.24 23.70 -34.30
N ARG A 143 -44.79 24.46 -33.37
CA ARG A 143 -45.29 23.90 -32.11
C ARG A 143 -46.72 24.37 -31.87
N ARG A 144 -47.47 23.53 -31.15
CA ARG A 144 -48.78 23.88 -30.65
C ARG A 144 -49.00 23.14 -29.35
N ASN A 145 -49.60 23.82 -28.37
CA ASN A 145 -49.78 23.26 -27.04
C ASN A 145 -48.46 22.87 -26.40
N GLY A 146 -47.36 23.43 -26.87
CA GLY A 146 -46.04 23.08 -26.38
C GLY A 146 -45.41 21.87 -27.03
N ASP A 147 -46.10 21.22 -27.96
CA ASP A 147 -45.62 20.01 -28.60
C ASP A 147 -45.34 20.27 -30.08
N TRP A 148 -44.32 19.59 -30.59
CA TRP A 148 -43.96 19.72 -32.00
C TRP A 148 -45.07 19.20 -32.90
N VAL A 149 -45.15 19.75 -34.10
CA VAL A 149 -46.06 19.27 -35.14
C VAL A 149 -45.25 19.01 -36.39
N CYS A 150 -45.43 17.82 -36.98
CA CYS A 150 -44.69 17.39 -38.15
C CYS A 150 -45.62 17.35 -39.35
N VAL A 151 -45.18 17.93 -40.46
CA VAL A 151 -45.99 18.05 -41.67
C VAL A 151 -45.28 17.32 -42.80
N VAL A 152 -45.99 16.38 -43.42
CA VAL A 152 -45.50 15.66 -44.58
C VAL A 152 -45.76 16.51 -45.81
N ASP A 153 -44.72 16.75 -46.61
CA ASP A 153 -44.84 17.38 -47.90
C ASP A 153 -45.18 16.31 -48.93
N MET A 154 -46.17 16.58 -49.78
CA MET A 154 -46.61 15.60 -50.75
C MET A 154 -45.71 15.53 -51.98
N GLU A 155 -44.85 16.53 -52.18
CA GLU A 155 -43.88 16.46 -53.26
C GLU A 155 -43.05 15.19 -53.17
N LEU A 156 -42.88 14.65 -51.96
CA LEU A 156 -42.15 13.41 -51.77
C LEU A 156 -42.64 12.34 -52.74
N PHE A 157 -43.96 12.26 -52.95
CA PHE A 157 -44.54 11.18 -53.74
C PHE A 157 -44.31 11.34 -55.24
N THR A 158 -43.79 12.48 -55.71
CA THR A 158 -43.61 12.66 -57.15
C THR A 158 -42.55 11.73 -57.73
N LYS A 159 -41.73 11.10 -56.90
CA LYS A 159 -40.64 10.26 -57.38
C LYS A 159 -40.92 8.77 -57.23
N TYR A 160 -41.72 8.38 -56.24
CA TYR A 160 -42.01 6.98 -56.03
C TYR A 160 -42.83 6.41 -57.18
N LYS A 161 -42.63 5.12 -57.45
CA LYS A 161 -43.36 4.47 -58.54
C LYS A 161 -44.85 4.44 -58.23
N ASP A 162 -45.65 4.38 -59.29
CA ASP A 162 -47.11 4.39 -59.12
C ASP A 162 -47.56 3.24 -58.22
N ASP A 163 -47.07 2.04 -58.49
CA ASP A 163 -47.39 0.91 -57.62
C ASP A 163 -46.84 1.14 -56.21
N GLN A 164 -45.59 1.59 -56.12
CA GLN A 164 -45.00 1.88 -54.81
C GLN A 164 -45.75 3.01 -54.12
N ARG A 165 -46.12 4.04 -54.87
CA ARG A 165 -46.86 5.15 -54.28
C ARG A 165 -48.20 4.69 -53.72
N ASN A 166 -48.93 3.86 -54.48
CA ASN A 166 -50.21 3.35 -54.00
C ASN A 166 -50.01 2.47 -52.77
N GLU A 167 -48.97 1.63 -52.77
CA GLU A 167 -48.69 0.79 -51.62
C GLU A 167 -48.43 1.64 -50.38
N LEU A 168 -47.59 2.67 -50.52
CA LEU A 168 -47.27 3.51 -49.38
C LEU A 168 -48.51 4.24 -48.87
N LEU A 169 -49.31 4.80 -49.78
CA LEU A 169 -50.51 5.51 -49.38
C LEU A 169 -51.49 4.57 -48.69
N LYS A 170 -51.51 3.31 -49.11
CA LYS A 170 -52.30 2.31 -48.39
C LYS A 170 -51.71 2.03 -47.02
N SER A 171 -50.40 2.17 -46.87
CA SER A 171 -49.77 1.95 -45.57
C SER A 171 -50.31 2.93 -44.54
N LEU A 172 -50.42 4.20 -44.91
CA LEU A 172 -50.91 5.25 -44.01
C LEU A 172 -52.38 5.55 -44.23
N SER A 173 -53.18 4.55 -44.56
CA SER A 173 -54.55 4.72 -45.02
C SER A 173 -55.34 5.69 -44.16
N PRO A 174 -55.58 5.37 -42.88
CA PRO A 174 -56.48 6.22 -42.08
C PRO A 174 -55.99 7.63 -41.88
N TYR A 175 -54.69 7.88 -42.03
CA TYR A 175 -54.11 9.21 -41.81
C TYR A 175 -53.91 9.97 -43.12
N ILE A 176 -53.25 9.36 -44.09
CA ILE A 176 -53.08 9.94 -45.42
C ILE A 176 -53.73 8.99 -46.43
N LYS A 177 -54.27 9.56 -47.50
CA LYS A 177 -55.01 8.80 -48.49
C LYS A 177 -54.68 9.31 -49.89
N GLN A 178 -54.99 8.47 -50.89
CA GLN A 178 -54.75 8.86 -52.27
C GLN A 178 -55.52 10.12 -52.64
N SER A 179 -56.68 10.34 -52.01
CA SER A 179 -57.42 11.57 -52.25
C SER A 179 -56.57 12.79 -51.94
N ASP A 180 -55.71 12.70 -50.93
CA ASP A 180 -54.83 13.82 -50.60
C ASP A 180 -53.86 14.09 -51.75
N TYR A 181 -53.29 13.05 -52.33
CA TYR A 181 -52.37 13.25 -53.46
C TYR A 181 -53.11 13.81 -54.66
N GLU A 182 -54.34 13.33 -54.91
CA GLU A 182 -55.11 13.87 -56.02
C GLU A 182 -55.41 15.35 -55.82
N ASN A 183 -55.77 15.73 -54.59
CA ASN A 183 -56.00 17.15 -54.30
C ASN A 183 -54.72 17.95 -54.48
N PHE A 184 -53.58 17.40 -54.05
CA PHE A 184 -52.31 18.08 -54.25
C PHE A 184 -52.06 18.33 -55.73
N MET A 185 -52.29 17.31 -56.56
CA MET A 185 -52.10 17.48 -58.00
C MET A 185 -53.10 18.48 -58.56
N LYS A 186 -54.29 18.56 -57.97
CA LYS A 186 -55.27 19.55 -58.41
C LYS A 186 -54.77 20.96 -58.16
N ASP A 187 -54.21 21.20 -56.97
CA ASP A 187 -53.66 22.51 -56.60
C ASP A 187 -52.39 22.26 -55.79
N ARG A 188 -51.25 22.28 -56.47
CA ARG A 188 -49.98 21.96 -55.81
C ARG A 188 -49.62 22.95 -54.72
N GLU A 189 -50.18 24.15 -54.74
CA GLU A 189 -49.83 25.20 -53.79
C GLU A 189 -50.88 25.37 -52.69
N LYS A 190 -51.81 24.45 -52.56
CA LYS A 190 -52.83 24.52 -51.51
C LYS A 190 -52.73 23.38 -50.52
N TYR A 191 -52.67 22.13 -51.00
CA TYR A 191 -52.62 20.94 -50.15
C TYR A 191 -51.21 20.39 -50.07
N ARG A 192 -50.20 21.25 -50.10
CA ARG A 192 -48.81 20.83 -50.17
C ARG A 192 -48.29 20.22 -48.88
N PHE A 193 -49.03 20.31 -47.78
CA PHE A 193 -48.56 19.81 -46.49
C PHE A 193 -49.72 19.18 -45.73
N LYS A 194 -49.43 18.06 -45.07
CA LYS A 194 -50.43 17.31 -44.32
C LYS A 194 -49.91 17.02 -42.91
N GLU A 195 -50.79 17.16 -41.92
CA GLU A 195 -50.42 16.91 -40.53
C GLU A 195 -50.61 15.44 -40.18
N LEU A 196 -49.77 14.96 -39.24
CA LEU A 196 -49.84 13.59 -38.75
C LEU A 196 -50.36 13.57 -37.31
N PRO A 197 -51.03 12.50 -36.89
CA PRO A 197 -51.57 12.46 -35.53
C PRO A 197 -50.48 12.60 -34.48
N GLN A 198 -50.80 13.28 -33.38
CA GLN A 198 -49.83 13.47 -32.32
C GLN A 198 -49.55 12.15 -31.58
N GLU A 199 -50.60 11.35 -31.35
CA GLU A 199 -50.44 10.16 -30.54
C GLU A 199 -49.52 9.13 -31.16
N ARG A 200 -49.18 9.26 -32.45
CA ARG A 200 -48.36 8.27 -33.14
C ARG A 200 -47.02 8.82 -33.58
N THR A 201 -46.99 9.91 -34.34
CA THR A 201 -45.71 10.40 -34.86
C THR A 201 -44.78 10.79 -33.71
N PHE A 202 -43.48 10.71 -33.97
CA PHE A 202 -42.50 11.22 -33.02
C PHE A 202 -41.33 11.84 -33.77
N PRO A 203 -41.09 13.15 -33.61
CA PRO A 203 -39.84 13.75 -34.10
C PRO A 203 -38.75 13.75 -33.04
N LEU A 204 -37.57 13.29 -33.40
CA LEU A 204 -36.38 13.35 -32.56
C LEU A 204 -35.36 14.27 -33.21
N ARG A 205 -34.61 14.98 -32.36
CA ARG A 205 -33.68 15.99 -32.86
C ARG A 205 -32.53 16.12 -31.87
N THR A 206 -31.40 16.64 -32.36
CA THR A 206 -30.24 16.87 -31.53
C THR A 206 -29.36 17.92 -32.21
N GLY A 207 -28.64 18.68 -31.39
CA GLY A 207 -27.80 19.74 -31.89
C GLY A 207 -28.47 21.10 -31.97
N THR A 208 -29.68 21.25 -31.44
CA THR A 208 -30.40 22.51 -31.49
C THR A 208 -30.21 23.27 -30.19
N LEU A 209 -29.63 24.46 -30.28
CA LEU A 209 -29.49 25.32 -29.11
C LEU A 209 -30.83 25.90 -28.69
N LYS A 210 -31.62 26.38 -29.66
CA LYS A 210 -32.87 27.06 -29.37
C LYS A 210 -34.02 26.07 -29.29
N ARG A 211 -34.90 26.26 -28.31
CA ARG A 211 -36.07 25.41 -28.19
C ARG A 211 -37.02 25.57 -29.37
N ASN A 212 -36.88 26.65 -30.14
CA ASN A 212 -37.70 26.89 -31.32
C ASN A 212 -36.91 26.70 -32.61
N GLN A 213 -35.99 25.74 -32.62
CA GLN A 213 -35.22 25.36 -33.80
C GLN A 213 -35.66 23.97 -34.24
N GLY A 214 -35.99 23.84 -35.52
CA GLY A 214 -36.54 22.59 -36.03
C GLY A 214 -35.50 21.54 -36.36
N LEU A 215 -34.57 21.87 -37.25
CA LEU A 215 -33.61 20.91 -37.75
C LEU A 215 -32.37 20.88 -36.86
N GLY A 216 -32.00 19.68 -36.42
CA GLY A 216 -30.77 19.49 -35.66
C GLY A 216 -29.56 19.49 -36.58
N THR A 217 -28.46 18.97 -36.05
CA THR A 217 -27.22 18.90 -36.80
C THR A 217 -26.53 17.55 -36.54
N SER A 218 -25.71 17.13 -37.49
CA SER A 218 -25.02 15.85 -37.38
C SER A 218 -23.72 16.02 -36.60
N TRP A 219 -23.33 14.96 -35.90
CA TRP A 219 -22.13 14.99 -35.07
C TRP A 219 -20.86 15.00 -35.90
N VAL A 220 -20.95 14.81 -37.22
CA VAL A 220 -19.75 14.83 -38.06
C VAL A 220 -19.29 16.24 -38.37
N THR A 221 -20.18 17.23 -38.30
CA THR A 221 -19.81 18.59 -38.71
C THR A 221 -18.58 19.13 -37.99
N PRO A 222 -18.43 18.96 -36.68
CA PRO A 222 -17.25 19.56 -36.02
C PRO A 222 -15.93 19.03 -36.53
N GLY A 223 -15.75 17.71 -36.55
CA GLY A 223 -14.52 17.11 -37.00
C GLY A 223 -14.41 16.96 -38.49
N LEU A 224 -15.38 17.45 -39.25
CA LEU A 224 -15.32 17.33 -40.70
C LEU A 224 -14.12 18.05 -41.29
N TYR A 225 -13.79 19.24 -40.75
CA TYR A 225 -12.65 19.98 -41.28
C TYR A 225 -11.34 19.23 -41.08
N ASP A 226 -11.27 18.38 -40.05
CA ASP A 226 -10.06 17.61 -39.81
C ASP A 226 -9.78 16.59 -40.91
N VAL A 227 -10.75 16.30 -41.76
CA VAL A 227 -10.57 15.34 -42.84
C VAL A 227 -11.35 15.79 -44.07
N ASN A 348 -14.02 11.12 -20.61
CA ASN A 348 -14.41 10.95 -22.00
C ASN A 348 -15.51 9.89 -22.13
N LEU A 349 -15.22 8.69 -21.64
CA LEU A 349 -16.22 7.62 -21.71
C LEU A 349 -17.48 7.99 -20.94
N ASP A 350 -17.31 8.54 -19.73
CA ASP A 350 -18.46 9.00 -18.98
C ASP A 350 -19.11 10.21 -19.65
N THR A 351 -18.31 11.04 -20.32
CA THR A 351 -18.88 12.14 -21.09
C THR A 351 -19.81 11.63 -22.18
N PHE A 352 -19.39 10.60 -22.90
CA PHE A 352 -20.25 10.03 -23.94
C PHE A 352 -21.46 9.34 -23.33
N TYR A 353 -21.28 8.65 -22.21
CA TYR A 353 -22.42 8.05 -21.53
C TYR A 353 -23.47 9.11 -21.20
N LYS A 354 -23.02 10.25 -20.65
CA LYS A 354 -23.95 11.31 -20.29
C LYS A 354 -24.56 11.95 -21.54
N ARG A 355 -23.79 12.06 -22.61
CA ARG A 355 -24.31 12.62 -23.85
C ARG A 355 -25.44 11.75 -24.41
N ILE A 356 -25.27 10.43 -24.38
CA ILE A 356 -26.29 9.54 -24.90
C ILE A 356 -27.43 9.34 -23.92
N GLY A 357 -27.22 9.66 -22.64
CA GLY A 357 -28.31 9.57 -21.69
C GLY A 357 -29.48 10.46 -22.06
N VAL A 358 -29.20 11.66 -22.57
CA VAL A 358 -30.28 12.57 -22.94
C VAL A 358 -31.05 12.02 -24.13
N LEU A 359 -30.34 11.42 -25.10
CA LEU A 359 -31.03 10.81 -26.23
C LEU A 359 -31.89 9.65 -25.77
N MET A 360 -31.40 8.85 -24.82
CA MET A 360 -32.22 7.77 -24.29
C MET A 360 -33.46 8.31 -23.60
N GLU A 361 -33.32 9.40 -22.83
CA GLU A 361 -34.49 9.99 -22.18
C GLU A 361 -35.49 10.51 -23.21
N ASP A 362 -35.00 11.15 -24.26
CA ASP A 362 -35.88 11.64 -25.31
C ASP A 362 -36.64 10.49 -25.97
N ILE A 363 -35.93 9.40 -26.27
CA ILE A 363 -36.58 8.25 -26.89
C ILE A 363 -37.60 7.65 -25.93
N GLU A 364 -37.31 7.67 -24.63
CA GLU A 364 -38.25 7.15 -23.66
C GLU A 364 -39.53 7.95 -23.65
N GLN A 365 -39.42 9.27 -23.59
CA GLN A 365 -40.58 10.13 -23.38
C GLN A 365 -41.30 10.51 -24.67
N GLU A 366 -40.71 10.23 -25.84
CA GLU A 366 -41.34 10.53 -27.11
C GLU A 366 -41.83 9.29 -27.86
N VAL A 367 -41.06 8.22 -27.85
CA VAL A 367 -41.37 7.05 -28.67
C VAL A 367 -42.19 6.05 -27.89
N TYR A 368 -41.64 5.55 -26.78
CA TYR A 368 -42.28 4.45 -26.06
C TYR A 368 -43.42 4.89 -25.17
N GLN A 369 -43.47 6.17 -24.77
CA GLN A 369 -44.62 6.65 -24.03
C GLN A 369 -45.89 6.54 -24.85
N LYS A 370 -45.81 6.93 -26.13
CA LYS A 370 -46.96 6.80 -27.01
C LYS A 370 -47.35 5.33 -27.18
N LEU A 371 -46.36 4.45 -27.25
CA LEU A 371 -46.65 3.02 -27.34
C LEU A 371 -47.41 2.54 -26.11
N PHE A 372 -46.93 2.94 -24.92
CA PHE A 372 -47.65 2.58 -23.70
C PHE A 372 -49.07 3.09 -23.72
N ASN A 373 -49.27 4.32 -24.20
CA ASN A 373 -50.62 4.87 -24.29
C ASN A 373 -51.48 4.04 -25.24
N LEU A 374 -50.93 3.65 -26.38
CA LEU A 374 -51.68 2.86 -27.35
C LEU A 374 -52.09 1.51 -26.76
N VAL A 375 -51.15 0.82 -26.13
CA VAL A 375 -51.41 -0.54 -25.67
C VAL A 375 -52.39 -0.54 -24.51
N LEU A 376 -52.20 0.36 -23.55
CA LEU A 376 -53.02 0.37 -22.35
C LEU A 376 -54.36 1.04 -22.61
N PRO A 377 -55.37 0.76 -21.77
CA PRO A 377 -56.68 1.40 -21.93
C PRO A 377 -56.59 2.92 -21.80
N ALA A 378 -57.70 3.61 -22.05
CA ALA A 378 -57.69 5.07 -21.94
C ALA A 378 -57.50 5.51 -20.49
N ALA A 379 -58.08 4.76 -19.55
CA ALA A 379 -57.99 5.15 -18.15
C ALA A 379 -56.55 5.23 -17.67
N GLN A 380 -55.67 4.39 -18.23
CA GLN A 380 -54.27 4.31 -17.81
C GLN A 380 -53.35 5.09 -18.74
N LYS A 381 -53.85 6.16 -19.36
CA LYS A 381 -53.02 6.96 -20.25
C LYS A 381 -52.03 7.77 -19.43
N ASP A 382 -50.76 7.74 -19.85
CA ASP A 382 -49.67 8.46 -19.20
C ASP A 382 -49.47 8.06 -17.74
N ASN A 383 -50.12 6.98 -17.30
CA ASN A 383 -49.91 6.50 -15.93
C ASN A 383 -48.57 5.81 -15.78
N TYR A 384 -48.17 5.04 -16.79
CA TYR A 384 -46.92 4.30 -16.78
C TYR A 384 -45.88 5.00 -17.66
N TYR A 385 -44.61 4.75 -17.35
CA TYR A 385 -43.53 5.37 -18.08
C TYR A 385 -42.27 4.50 -17.96
N MET A 386 -41.46 4.54 -19.02
CA MET A 386 -40.31 3.65 -19.17
C MET A 386 -39.02 4.46 -19.13
N ASN A 387 -38.02 3.91 -18.46
CA ASN A 387 -36.74 4.57 -18.25
C ASN A 387 -35.60 3.61 -18.56
N TYR A 388 -34.61 4.10 -19.31
CA TYR A 388 -33.38 3.37 -19.57
C TYR A 388 -32.28 3.86 -18.63
N ASP A 389 -31.28 3.02 -18.43
CA ASP A 389 -30.18 3.35 -17.55
C ASP A 389 -29.02 3.93 -18.35
N LYS A 390 -28.46 5.03 -17.85
CA LYS A 390 -27.39 5.77 -18.52
C LYS A 390 -26.03 5.57 -17.88
N ASP A 391 -25.97 5.09 -16.65
CA ASP A 391 -24.70 4.91 -15.95
C ASP A 391 -24.19 3.48 -16.16
N LYS A 392 -22.95 3.27 -15.72
CA LYS A 392 -22.36 1.94 -15.81
C LYS A 392 -22.93 1.04 -14.71
N PRO A 393 -23.45 -0.13 -15.05
CA PRO A 393 -24.15 -0.94 -14.05
C PRO A 393 -23.20 -1.67 -13.11
N LEU A 394 -23.78 -2.18 -12.02
CA LEU A 394 -23.02 -2.97 -11.07
C LEU A 394 -22.71 -4.35 -11.64
N THR A 395 -21.47 -4.81 -11.44
CA THR A 395 -20.97 -5.99 -12.10
C THR A 395 -21.62 -7.25 -11.53
N LEU A 396 -21.19 -8.40 -12.06
CA LEU A 396 -21.84 -9.67 -11.73
C LEU A 396 -21.64 -10.05 -10.27
N LYS A 397 -20.50 -9.73 -9.67
CA LYS A 397 -20.25 -10.16 -8.31
C LYS A 397 -21.25 -9.55 -7.33
N GLU A 398 -21.44 -8.23 -7.40
CA GLU A 398 -22.38 -7.58 -6.49
C GLU A 398 -23.81 -8.03 -6.75
N LYS A 399 -24.16 -8.19 -8.02
CA LYS A 399 -25.50 -8.70 -8.36
C LYS A 399 -25.72 -10.08 -7.75
N MET A 400 -24.71 -10.95 -7.86
CA MET A 400 -24.83 -12.29 -7.30
C MET A 400 -24.95 -12.25 -5.79
N ASP A 401 -24.17 -11.38 -5.14
CA ASP A 401 -24.28 -11.24 -3.69
C ASP A 401 -25.68 -10.79 -3.30
N ILE A 402 -26.24 -9.81 -4.02
CA ILE A 402 -27.58 -9.33 -3.71
C ILE A 402 -28.60 -10.45 -3.87
N LEU A 403 -28.48 -11.21 -4.96
CA LEU A 403 -29.47 -12.28 -5.21
C LEU A 403 -29.38 -13.37 -4.15
N ILE A 404 -28.17 -13.82 -3.83
CA ILE A 404 -28.01 -14.88 -2.83
C ILE A 404 -28.47 -14.38 -1.47
N LYS A 405 -28.21 -13.10 -1.16
CA LYS A 405 -28.75 -12.53 0.07
C LYS A 405 -30.26 -12.55 0.08
N LEU A 406 -30.88 -12.23 -1.06
CA LEU A 406 -32.33 -12.22 -1.13
C LEU A 406 -32.92 -13.61 -0.95
N ASN A 407 -32.26 -14.64 -1.49
CA ASN A 407 -32.86 -15.97 -1.54
C ASN A 407 -33.31 -16.45 -0.17
N ASP A 408 -32.59 -16.09 0.87
CA ASP A 408 -32.80 -16.67 2.19
C ASP A 408 -34.28 -16.69 2.57
N LYS A 409 -34.79 -17.89 2.82
CA LYS A 409 -36.16 -18.12 3.30
C LYS A 409 -37.19 -17.50 2.36
N GLY A 410 -37.26 -18.10 1.16
CA GLY A 410 -38.43 -17.93 0.32
C GLY A 410 -38.19 -17.39 -1.07
N TRP A 411 -37.28 -16.43 -1.22
CA TRP A 411 -37.17 -15.74 -2.50
C TRP A 411 -36.56 -16.66 -3.54
N SER A 412 -36.75 -16.29 -4.81
CA SER A 412 -36.50 -17.20 -5.92
C SER A 412 -35.09 -17.75 -5.90
N ILE A 413 -34.96 -19.05 -6.17
CA ILE A 413 -33.67 -19.69 -6.31
C ILE A 413 -33.23 -19.81 -7.77
N LYS A 414 -34.17 -19.78 -8.71
CA LYS A 414 -33.81 -19.98 -10.11
C LYS A 414 -32.81 -18.92 -10.57
N HIS A 415 -33.07 -17.65 -10.28
CA HIS A 415 -32.15 -16.61 -10.70
C HIS A 415 -30.82 -16.69 -9.96
N VAL A 416 -30.78 -17.39 -8.82
CA VAL A 416 -29.52 -17.59 -8.13
C VAL A 416 -28.63 -18.55 -8.90
N VAL A 417 -29.19 -19.69 -9.32
CA VAL A 417 -28.42 -20.66 -10.10
C VAL A 417 -28.23 -20.17 -11.53
N ASP A 418 -29.01 -19.16 -11.94
CA ASP A 418 -29.03 -18.77 -13.34
C ASP A 418 -27.74 -18.10 -13.79
N ASN A 419 -27.18 -17.23 -12.95
CA ASN A 419 -26.03 -16.44 -13.38
C ASN A 419 -24.71 -17.20 -13.30
N LEU A 420 -24.72 -18.42 -12.77
CA LEU A 420 -23.52 -19.24 -12.73
C LEU A 420 -23.24 -19.81 -14.12
N ALA A 421 -22.03 -19.61 -14.62
CA ALA A 421 -21.66 -20.19 -15.90
C ALA A 421 -21.79 -21.70 -15.85
N GLY A 422 -22.39 -22.28 -16.89
CA GLY A 422 -22.74 -23.67 -16.80
C GLY A 422 -23.78 -23.84 -15.70
N VAL A 423 -23.83 -25.04 -15.15
CA VAL A 423 -24.70 -25.31 -14.01
C VAL A 423 -26.15 -24.98 -14.37
N SER A 424 -26.60 -25.45 -15.53
CA SER A 424 -27.94 -25.12 -16.00
C SER A 424 -28.96 -25.38 -14.90
N TRP A 425 -30.00 -24.54 -14.86
CA TRP A 425 -30.95 -24.61 -13.76
C TRP A 425 -31.63 -25.98 -13.69
N GLU A 426 -32.06 -26.50 -14.84
CA GLU A 426 -32.77 -27.77 -14.83
C GLU A 426 -31.84 -28.91 -14.44
N SER A 427 -30.61 -28.91 -14.94
CA SER A 427 -29.65 -29.91 -14.51
C SER A 427 -29.41 -29.82 -13.01
N TYR A 428 -29.28 -28.60 -12.49
CA TYR A 428 -29.05 -28.41 -11.07
C TYR A 428 -30.19 -29.01 -10.25
N LEU A 429 -31.42 -28.62 -10.56
CA LEU A 429 -32.56 -29.11 -9.78
C LEU A 429 -32.72 -30.61 -9.93
N GLU A 430 -32.53 -31.13 -11.15
CA GLU A 430 -32.71 -32.56 -11.38
C GLU A 430 -31.70 -33.38 -10.59
N GLN A 431 -30.42 -33.03 -10.69
CA GLN A 431 -29.40 -33.76 -9.94
C GLN A 431 -29.61 -33.61 -8.44
N THR A 432 -30.02 -32.42 -7.99
CA THR A 432 -30.28 -32.22 -6.58
C THR A 432 -31.39 -33.14 -6.08
N LEU A 433 -32.48 -33.22 -6.83
CA LEU A 433 -33.58 -34.10 -6.43
C LEU A 433 -33.17 -35.56 -6.51
N TYR A 434 -32.34 -35.91 -7.49
CA TYR A 434 -31.83 -37.27 -7.55
C TYR A 434 -31.04 -37.62 -6.30
N GLU A 435 -30.16 -36.71 -5.89
CA GLU A 435 -29.30 -36.99 -4.74
C GLU A 435 -30.06 -36.99 -3.43
N THR A 436 -31.07 -36.13 -3.28
CA THR A 436 -31.79 -36.04 -2.03
C THR A 436 -32.96 -37.02 -1.92
N GLU A 437 -33.45 -37.52 -3.05
CA GLU A 437 -34.64 -38.38 -3.07
C GLU A 437 -34.31 -39.84 -3.28
N GLU A 438 -33.39 -40.14 -4.20
CA GLU A 438 -33.12 -41.54 -4.55
C GLU A 438 -32.02 -42.13 -3.67
N LEU A 439 -30.83 -41.52 -3.71
CA LEU A 439 -29.69 -42.06 -2.97
C LEU A 439 -29.84 -41.81 -1.47
N LYS A 440 -30.36 -40.64 -1.10
CA LYS A 440 -30.43 -40.24 0.31
C LYS A 440 -29.03 -40.04 0.89
N LEU A 441 -28.22 -39.25 0.19
CA LEU A 441 -26.85 -39.02 0.63
C LEU A 441 -26.81 -38.48 2.05
N GLN A 442 -27.70 -37.55 2.39
CA GLN A 442 -27.65 -36.90 3.69
C GLN A 442 -27.92 -37.87 4.82
N GLU A 443 -28.41 -39.07 4.53
CA GLU A 443 -28.53 -40.12 5.52
C GLU A 443 -27.30 -41.02 5.55
N LYS A 444 -26.29 -40.74 4.74
CA LYS A 444 -25.09 -41.55 4.67
C LYS A 444 -23.84 -40.68 4.67
N GLU B 25 -4.90 4.05 -58.43
CA GLU B 25 -5.01 3.22 -57.20
C GLU B 25 -6.07 3.77 -56.26
N ALA B 26 -5.88 5.02 -55.82
CA ALA B 26 -6.81 5.62 -54.87
C ALA B 26 -8.22 5.67 -55.44
N GLU B 27 -8.35 5.97 -56.74
CA GLU B 27 -9.67 6.07 -57.34
C GLU B 27 -10.46 4.79 -57.16
N GLN B 28 -9.80 3.63 -57.19
CA GLN B 28 -10.51 2.37 -57.04
C GLN B 28 -11.17 2.27 -55.67
N LEU B 29 -10.42 2.60 -54.61
CA LEU B 29 -10.99 2.57 -53.27
C LEU B 29 -12.07 3.63 -53.12
N LYS B 30 -11.86 4.81 -53.70
CA LYS B 30 -12.89 5.85 -53.63
C LYS B 30 -14.18 5.39 -54.27
N ASN B 31 -14.09 4.74 -55.44
CA ASN B 31 -15.28 4.23 -56.10
C ASN B 31 -15.93 3.12 -55.28
N TYR B 32 -15.11 2.25 -54.69
CA TYR B 32 -15.68 1.18 -53.86
C TYR B 32 -16.46 1.76 -52.68
N PHE B 33 -15.91 2.80 -52.05
CA PHE B 33 -16.61 3.44 -50.94
C PHE B 33 -17.80 4.27 -51.42
N SER B 34 -17.82 4.68 -52.69
CA SER B 34 -18.95 5.44 -53.19
C SER B 34 -20.23 4.61 -53.16
N ASN B 35 -20.15 3.32 -53.51
CA ASN B 35 -21.30 2.45 -53.59
C ASN B 35 -21.01 1.17 -52.80
N PRO B 36 -21.08 1.24 -51.47
CA PRO B 36 -20.84 0.03 -50.66
C PRO B 36 -21.87 -1.06 -50.88
N ASP B 37 -23.05 -0.72 -51.43
CA ASP B 37 -24.10 -1.70 -51.66
C ASP B 37 -24.08 -2.28 -53.06
N GLU B 38 -23.12 -1.90 -53.90
CA GLU B 38 -23.02 -2.43 -55.25
C GLU B 38 -21.68 -3.08 -55.53
N PHE B 39 -20.57 -2.52 -55.05
CA PHE B 39 -19.25 -3.11 -55.23
C PHE B 39 -18.91 -4.07 -54.09
N GLN B 40 -19.80 -5.03 -53.85
CA GLN B 40 -19.59 -5.98 -52.76
C GLN B 40 -18.57 -7.05 -53.13
N GLU B 41 -18.51 -7.45 -54.40
CA GLU B 41 -17.63 -8.54 -54.80
C GLU B 41 -16.18 -8.20 -54.48
N GLU B 42 -15.73 -7.01 -54.86
CA GLU B 42 -14.35 -6.62 -54.61
C GLU B 42 -14.08 -6.51 -53.11
N ILE B 43 -15.06 -6.01 -52.35
CA ILE B 43 -14.87 -5.88 -50.91
C ILE B 43 -14.66 -7.25 -50.28
N GLU B 44 -15.49 -8.23 -50.67
CA GLU B 44 -15.33 -9.58 -50.14
C GLU B 44 -14.00 -10.18 -50.57
N ASP B 45 -13.61 -9.97 -51.83
CA ASP B 45 -12.34 -10.49 -52.31
C ASP B 45 -11.19 -9.96 -51.48
N LEU B 46 -11.14 -8.64 -51.28
CA LEU B 46 -10.06 -8.05 -50.50
C LEU B 46 -10.12 -8.51 -49.05
N ALA B 47 -11.32 -8.66 -48.50
CA ALA B 47 -11.45 -9.12 -47.12
C ALA B 47 -10.84 -10.52 -46.95
N GLN B 48 -11.25 -11.45 -47.81
CA GLN B 48 -10.70 -12.80 -47.75
C GLN B 48 -9.21 -12.83 -48.05
N TYR B 49 -8.72 -11.97 -48.93
CA TYR B 49 -7.30 -11.95 -49.26
C TYR B 49 -6.47 -11.46 -48.08
N PHE B 50 -6.87 -10.36 -47.45
CA PHE B 50 -6.13 -9.84 -46.31
C PHE B 50 -6.35 -10.65 -45.04
N TYR B 51 -7.39 -11.48 -44.99
CA TYR B 51 -7.52 -12.38 -43.85
C TYR B 51 -6.28 -13.26 -43.72
N ILE B 52 -5.75 -13.72 -44.85
CA ILE B 52 -4.64 -14.66 -44.83
C ILE B 52 -3.30 -13.96 -45.10
N SER B 53 -3.30 -12.89 -45.88
CA SER B 53 -2.05 -12.21 -46.23
C SER B 53 -1.62 -11.21 -45.17
N THR B 54 -2.40 -11.02 -44.10
CA THR B 54 -2.05 -10.08 -43.04
C THR B 54 -2.55 -10.63 -41.71
N ALA B 55 -1.97 -10.11 -40.62
CA ALA B 55 -2.31 -10.58 -39.29
C ALA B 55 -3.35 -9.72 -38.58
N GLU B 56 -3.43 -8.43 -38.92
CA GLU B 56 -4.38 -7.55 -38.23
C GLU B 56 -5.81 -8.02 -38.44
N ILE B 57 -6.21 -8.22 -39.70
CA ILE B 57 -7.57 -8.65 -39.99
C ILE B 57 -7.80 -10.07 -39.46
N HIS B 58 -6.77 -10.91 -39.53
CA HIS B 58 -6.89 -12.26 -38.99
C HIS B 58 -7.18 -12.23 -37.49
N GLN B 59 -6.45 -11.38 -36.75
CA GLN B 59 -6.74 -11.21 -35.34
C GLN B 59 -8.15 -10.65 -35.13
N LEU B 60 -8.55 -9.70 -35.97
CA LEU B 60 -9.90 -9.13 -35.85
C LEU B 60 -10.95 -10.23 -35.91
N PHE B 61 -10.88 -11.07 -36.93
CA PHE B 61 -11.93 -12.08 -37.12
C PHE B 61 -11.82 -13.20 -36.09
N GLU B 62 -10.60 -13.62 -35.74
CA GLU B 62 -10.47 -14.61 -34.68
C GLU B 62 -11.00 -14.06 -33.36
N LEU B 63 -10.82 -12.77 -33.10
CA LEU B 63 -11.35 -12.18 -31.88
C LEU B 63 -12.87 -12.16 -31.90
N ILE B 64 -13.46 -11.83 -33.04
CA ILE B 64 -14.92 -11.90 -33.14
C ILE B 64 -15.40 -13.31 -32.82
N GLU B 65 -14.76 -14.31 -33.43
CA GLU B 65 -15.24 -15.68 -33.28
C GLU B 65 -14.93 -16.26 -31.90
N ALA B 66 -13.91 -15.75 -31.21
CA ALA B 66 -13.42 -16.34 -29.98
C ALA B 66 -13.91 -15.64 -28.72
N LEU B 67 -13.90 -14.31 -28.70
CA LEU B 67 -14.22 -13.58 -27.46
C LEU B 67 -15.52 -14.02 -26.83
N PRO B 68 -16.62 -14.21 -27.55
CA PRO B 68 -17.88 -14.59 -26.91
C PRO B 68 -17.72 -15.87 -26.09
N THR B 69 -18.36 -15.88 -24.93
CA THR B 69 -18.42 -17.08 -24.11
C THR B 69 -19.65 -17.92 -24.42
N LEU B 70 -20.68 -17.33 -25.01
CA LEU B 70 -21.85 -18.05 -25.48
C LEU B 70 -22.55 -18.80 -24.35
N ASN B 71 -22.37 -18.34 -23.11
CA ASN B 71 -23.23 -18.81 -22.04
C ASN B 71 -24.59 -18.15 -22.20
N TYR B 72 -25.65 -18.95 -22.10
CA TYR B 72 -26.97 -18.49 -22.48
C TYR B 72 -27.99 -18.81 -21.40
N LYS B 73 -29.17 -18.21 -21.52
CA LYS B 73 -30.28 -18.44 -20.62
C LYS B 73 -31.59 -18.24 -21.36
N ILE B 74 -32.47 -19.23 -21.29
CA ILE B 74 -33.82 -19.12 -21.83
C ILE B 74 -34.76 -18.78 -20.68
N ASP B 75 -35.52 -17.71 -20.83
CA ASP B 75 -36.48 -17.25 -19.85
C ASP B 75 -37.84 -17.11 -20.53
N SER B 76 -38.88 -16.84 -19.74
CA SER B 76 -40.24 -16.80 -20.25
C SER B 76 -40.92 -15.51 -19.83
N PHE B 77 -41.90 -15.10 -20.64
CA PHE B 77 -42.79 -14.01 -20.27
C PHE B 77 -43.98 -14.49 -19.46
N ASN B 78 -44.06 -15.79 -19.17
CA ASN B 78 -45.11 -16.33 -18.34
C ASN B 78 -44.64 -17.65 -17.75
N LYS B 79 -45.27 -18.06 -16.65
CA LYS B 79 -44.92 -19.28 -15.93
C LYS B 79 -46.05 -20.29 -16.14
N VAL B 80 -45.93 -21.07 -17.20
CA VAL B 80 -46.92 -22.12 -17.47
C VAL B 80 -46.75 -23.26 -16.48
N LYS B 81 -47.78 -24.09 -16.38
CA LYS B 81 -47.76 -25.19 -15.42
C LYS B 81 -46.67 -26.21 -15.75
N SER B 82 -46.43 -26.47 -17.04
CA SER B 82 -45.47 -27.48 -17.48
C SER B 82 -44.19 -26.83 -18.01
N SER B 83 -43.74 -25.76 -17.36
CA SER B 83 -42.61 -25.00 -17.89
C SER B 83 -41.36 -25.87 -18.01
N ASP B 84 -41.05 -26.65 -16.98
CA ASP B 84 -39.81 -27.41 -16.96
C ASP B 84 -39.65 -28.26 -18.22
N LYS B 85 -40.76 -28.83 -18.71
CA LYS B 85 -40.69 -29.61 -19.93
C LYS B 85 -40.23 -28.75 -21.09
N HIS B 86 -40.77 -27.53 -21.20
CA HIS B 86 -40.35 -26.64 -22.28
C HIS B 86 -38.89 -26.25 -22.14
N ILE B 87 -38.43 -26.01 -20.91
CA ILE B 87 -37.03 -25.63 -20.71
C ILE B 87 -36.12 -26.77 -21.18
N SER B 88 -36.43 -27.99 -20.76
CA SER B 88 -35.60 -29.13 -21.17
C SER B 88 -35.64 -29.32 -22.68
N LEU B 89 -36.83 -29.21 -23.29
CA LEU B 89 -36.95 -29.37 -24.73
C LEU B 89 -36.11 -28.33 -25.47
N LEU B 90 -36.15 -27.09 -24.99
CA LEU B 90 -35.39 -26.03 -25.64
C LEU B 90 -33.89 -26.25 -25.50
N ASN B 91 -33.44 -26.69 -24.32
CA ASN B 91 -32.02 -27.00 -24.16
C ASN B 91 -31.60 -28.10 -25.12
N LYS B 92 -32.40 -29.17 -25.21
CA LYS B 92 -32.08 -30.27 -26.12
C LYS B 92 -32.04 -29.78 -27.57
N SER B 93 -33.02 -28.98 -27.97
CA SER B 93 -33.07 -28.51 -29.36
C SER B 93 -31.94 -27.55 -29.65
N LEU B 94 -31.45 -26.84 -28.63
CA LEU B 94 -30.30 -25.97 -28.82
C LEU B 94 -29.02 -26.79 -28.99
N HIS B 95 -28.92 -27.92 -28.28
CA HIS B 95 -27.75 -28.77 -28.44
C HIS B 95 -27.77 -29.50 -29.78
N LYS B 96 -28.93 -30.05 -30.18
CA LYS B 96 -28.99 -30.80 -31.44
C LYS B 96 -28.48 -29.96 -32.59
N VAL B 97 -28.90 -28.70 -32.68
CA VAL B 97 -28.37 -27.81 -33.69
C VAL B 97 -26.91 -27.49 -33.44
N LYS B 98 -26.41 -27.70 -32.22
CA LYS B 98 -25.04 -27.36 -31.84
C LYS B 98 -24.79 -25.86 -32.09
N HIS B 99 -25.52 -25.07 -31.31
CA HIS B 99 -25.65 -23.65 -31.61
C HIS B 99 -24.31 -22.93 -31.67
N LYS B 100 -23.43 -23.18 -30.71
CA LYS B 100 -22.24 -22.35 -30.55
C LYS B 100 -21.47 -22.19 -31.86
N ARG B 101 -21.25 -23.30 -32.58
CA ARG B 101 -20.56 -23.23 -33.85
C ARG B 101 -21.34 -22.38 -34.85
N LEU B 102 -22.65 -22.54 -34.88
CA LEU B 102 -23.48 -21.77 -35.80
C LEU B 102 -23.37 -20.28 -35.50
N THR B 103 -23.44 -19.91 -34.22
CA THR B 103 -23.34 -18.51 -33.84
C THR B 103 -21.99 -17.93 -34.24
N ARG B 104 -20.91 -18.68 -34.00
CA ARG B 104 -19.59 -18.18 -34.34
C ARG B 104 -19.46 -18.00 -35.85
N ASP B 105 -19.94 -18.97 -36.63
CA ASP B 105 -19.90 -18.85 -38.08
C ASP B 105 -20.71 -17.65 -38.56
N LEU B 106 -21.91 -17.45 -37.99
CA LEU B 106 -22.74 -16.32 -38.38
C LEU B 106 -22.03 -15.00 -38.09
N LEU B 107 -21.44 -14.88 -36.90
CA LEU B 107 -20.74 -13.64 -36.56
C LEU B 107 -19.61 -13.37 -37.53
N LYS B 108 -18.75 -14.38 -37.75
CA LYS B 108 -17.61 -14.19 -38.65
C LYS B 108 -18.08 -13.82 -40.06
N GLN B 109 -19.12 -14.47 -40.55
CA GLN B 109 -19.63 -14.25 -41.90
C GLN B 109 -20.27 -12.88 -42.07
N VAL B 110 -21.14 -12.48 -41.14
CA VAL B 110 -21.78 -11.17 -41.24
C VAL B 110 -20.73 -10.08 -41.15
N ALA B 111 -19.74 -10.24 -40.25
CA ALA B 111 -18.64 -9.29 -40.22
C ALA B 111 -17.90 -9.28 -41.55
N THR B 112 -17.75 -10.44 -42.20
CA THR B 112 -17.06 -10.49 -43.48
C THR B 112 -17.81 -9.69 -44.54
N ALA B 113 -19.11 -9.92 -44.67
CA ALA B 113 -19.90 -9.34 -45.75
C ALA B 113 -20.78 -8.18 -45.31
N GLY B 114 -21.21 -8.16 -44.04
CA GLY B 114 -22.11 -7.15 -43.56
C GLY B 114 -23.57 -7.52 -43.65
N THR B 115 -23.92 -8.58 -44.36
CA THR B 115 -25.30 -9.04 -44.46
C THR B 115 -25.31 -10.54 -44.70
N LEU B 116 -26.44 -11.16 -44.36
CA LEU B 116 -26.55 -12.61 -44.35
C LEU B 116 -28.03 -12.96 -44.37
N VAL B 117 -28.37 -14.03 -45.10
CA VAL B 117 -29.74 -14.53 -45.16
C VAL B 117 -29.69 -16.03 -44.92
N GLY B 118 -30.27 -16.49 -43.82
CA GLY B 118 -30.39 -17.90 -43.53
C GLY B 118 -31.85 -18.33 -43.49
N ILE B 119 -32.06 -19.62 -43.26
CA ILE B 119 -33.41 -20.17 -43.23
C ILE B 119 -33.38 -21.53 -42.57
N TRP B 120 -34.44 -21.86 -41.84
CA TRP B 120 -34.61 -23.19 -41.26
C TRP B 120 -35.33 -24.07 -42.28
N LEU B 121 -34.64 -25.10 -42.76
CA LEU B 121 -35.15 -25.92 -43.85
C LEU B 121 -35.93 -27.14 -43.37
N GLY B 122 -35.30 -27.96 -42.55
CA GLY B 122 -35.92 -29.21 -42.15
C GLY B 122 -37.26 -29.01 -41.48
N ASP B 123 -37.92 -30.13 -41.18
CA ASP B 123 -39.24 -30.08 -40.60
C ASP B 123 -39.20 -29.32 -39.27
N ALA B 124 -40.40 -28.97 -38.79
CA ALA B 124 -40.49 -28.15 -37.59
C ALA B 124 -39.91 -28.86 -36.38
N LYS B 125 -40.19 -30.16 -36.23
CA LYS B 125 -39.76 -30.87 -35.03
C LYS B 125 -38.25 -30.85 -34.87
N SER B 126 -37.52 -31.07 -35.96
CA SER B 126 -36.06 -31.15 -35.94
C SER B 126 -35.49 -30.30 -37.06
N PRO B 127 -35.57 -28.97 -36.93
CA PRO B 127 -35.10 -28.09 -38.01
C PRO B 127 -33.59 -28.16 -38.18
N TYR B 128 -33.14 -27.75 -39.36
CA TYR B 128 -31.72 -27.59 -39.63
C TYR B 128 -31.51 -26.32 -40.45
N PRO B 129 -30.42 -25.60 -40.22
CA PRO B 129 -30.25 -24.30 -40.86
C PRO B 129 -29.60 -24.40 -42.24
N PHE B 130 -29.74 -23.31 -43.00
CA PHE B 130 -29.16 -23.21 -44.33
C PHE B 130 -28.80 -21.75 -44.56
N ILE B 131 -27.56 -21.52 -44.99
CA ILE B 131 -27.02 -20.18 -45.19
C ILE B 131 -26.73 -20.01 -46.67
N PHE B 132 -27.37 -19.01 -47.28
CA PHE B 132 -27.08 -18.68 -48.67
C PHE B 132 -25.71 -18.04 -48.78
N ASP B 133 -25.08 -18.21 -49.94
CA ASP B 133 -23.76 -17.65 -50.19
C ASP B 133 -23.79 -16.34 -50.95
N GLU B 134 -24.58 -16.25 -52.01
CA GLU B 134 -24.58 -15.09 -52.90
C GLU B 134 -25.56 -14.06 -52.36
N ILE B 135 -25.03 -12.97 -51.80
CA ILE B 135 -25.88 -11.87 -51.38
C ILE B 135 -26.45 -11.15 -52.60
N LYS B 136 -25.70 -11.11 -53.70
CA LYS B 136 -26.15 -10.39 -54.89
C LYS B 136 -27.47 -10.93 -55.43
N TYR B 137 -27.82 -12.18 -55.13
CA TYR B 137 -29.05 -12.78 -55.63
C TYR B 137 -30.08 -13.08 -54.55
N VAL B 138 -29.67 -13.15 -53.29
CA VAL B 138 -30.60 -13.32 -52.17
C VAL B 138 -30.26 -12.27 -51.13
N PHE B 139 -31.23 -11.42 -50.81
CA PHE B 139 -31.00 -10.31 -49.89
C PHE B 139 -32.35 -9.87 -49.32
N PRO B 140 -32.34 -9.13 -48.22
CA PRO B 140 -33.52 -8.34 -47.86
C PRO B 140 -33.73 -7.21 -48.85
N SER B 141 -34.99 -6.87 -49.08
CA SER B 141 -35.36 -5.86 -50.06
C SER B 141 -36.17 -4.71 -49.49
N PHE B 142 -37.14 -5.00 -48.63
CA PHE B 142 -37.99 -3.97 -48.06
C PHE B 142 -38.57 -4.49 -46.75
N ARG B 143 -39.54 -3.76 -46.21
CA ARG B 143 -40.16 -4.12 -44.94
C ARG B 143 -41.66 -4.15 -45.09
N ARG B 144 -42.30 -5.02 -44.31
CA ARG B 144 -43.74 -5.05 -44.18
C ARG B 144 -44.07 -5.45 -42.75
N ASN B 145 -45.10 -4.81 -42.18
CA ASN B 145 -45.47 -5.01 -40.78
C ASN B 145 -44.31 -4.72 -39.84
N GLY B 146 -43.33 -3.93 -40.30
CA GLY B 146 -42.15 -3.62 -39.52
C GLY B 146 -41.03 -4.63 -39.61
N ASP B 147 -41.21 -5.72 -40.35
CA ASP B 147 -40.23 -6.79 -40.44
C ASP B 147 -39.67 -6.86 -41.85
N TRP B 148 -38.40 -7.23 -41.93
CA TRP B 148 -37.72 -7.34 -43.22
C TRP B 148 -38.35 -8.46 -44.05
N VAL B 149 -38.26 -8.30 -45.38
CA VAL B 149 -38.69 -9.33 -46.33
C VAL B 149 -37.54 -9.61 -47.27
N CYS B 150 -37.19 -10.88 -47.42
CA CYS B 150 -36.08 -11.32 -48.25
C CYS B 150 -36.61 -12.00 -49.49
N VAL B 151 -36.08 -11.61 -50.65
CA VAL B 151 -36.54 -12.12 -51.94
C VAL B 151 -35.38 -12.81 -52.62
N VAL B 152 -35.59 -14.07 -53.00
CA VAL B 152 -34.59 -14.84 -53.74
C VAL B 152 -34.77 -14.56 -55.22
N ASP B 153 -33.70 -14.15 -55.88
CA ASP B 153 -33.66 -14.01 -57.33
C ASP B 153 -33.39 -15.37 -57.95
N MET B 154 -34.09 -15.69 -59.03
CA MET B 154 -33.94 -16.99 -59.66
C MET B 154 -32.75 -17.04 -60.62
N GLU B 155 -32.19 -15.89 -60.99
CA GLU B 155 -30.99 -15.89 -61.81
C GLU B 155 -29.87 -16.69 -61.15
N LEU B 156 -29.90 -16.78 -59.82
CA LEU B 156 -28.92 -17.59 -59.10
C LEU B 156 -28.83 -18.99 -59.69
N PHE B 157 -29.97 -19.59 -60.03
CA PHE B 157 -29.99 -20.96 -60.51
C PHE B 157 -29.43 -21.12 -61.90
N THR B 158 -29.16 -20.02 -62.61
CA THR B 158 -28.67 -20.14 -63.99
C THR B 158 -27.23 -20.65 -64.07
N LYS B 159 -26.52 -20.75 -62.95
CA LYS B 159 -25.14 -21.20 -62.96
C LYS B 159 -24.97 -22.60 -62.38
N TYR B 160 -25.86 -23.03 -61.48
CA TYR B 160 -25.73 -24.34 -60.86
C TYR B 160 -25.99 -25.44 -61.88
N LYS B 161 -25.36 -26.59 -61.66
CA LYS B 161 -25.56 -27.73 -62.53
C LYS B 161 -27.00 -28.22 -62.46
N ASP B 162 -27.44 -28.87 -63.53
CA ASP B 162 -28.83 -29.35 -63.59
C ASP B 162 -29.12 -30.29 -62.41
N ASP B 163 -28.23 -31.25 -62.18
CA ASP B 163 -28.42 -32.14 -61.02
C ASP B 163 -28.36 -31.36 -59.72
N GLN B 164 -27.36 -30.47 -59.59
CA GLN B 164 -27.26 -29.65 -58.39
C GLN B 164 -28.47 -28.72 -58.25
N ARG B 165 -28.92 -28.15 -59.36
CA ARG B 165 -30.09 -27.28 -59.33
C ARG B 165 -31.32 -28.03 -58.84
N ASN B 166 -31.54 -29.24 -59.37
CA ASN B 166 -32.69 -30.03 -58.93
C ASN B 166 -32.57 -30.40 -57.47
N GLU B 167 -31.37 -30.78 -57.03
CA GLU B 167 -31.16 -31.12 -55.63
C GLU B 167 -31.48 -29.94 -54.73
N LEU B 168 -30.97 -28.76 -55.06
CA LEU B 168 -31.22 -27.59 -54.23
C LEU B 168 -32.70 -27.24 -54.22
N LEU B 169 -33.37 -27.29 -55.37
CA LEU B 169 -34.79 -26.99 -55.41
C LEU B 169 -35.57 -27.98 -54.57
N LYS B 170 -35.19 -29.26 -54.61
CA LYS B 170 -35.80 -30.24 -53.72
C LYS B 170 -35.52 -29.91 -52.26
N SER B 171 -34.39 -29.25 -51.98
CA SER B 171 -34.08 -28.87 -50.62
C SER B 171 -35.14 -27.92 -50.06
N LEU B 172 -35.55 -26.93 -50.86
CA LEU B 172 -36.54 -25.94 -50.45
C LEU B 172 -37.94 -26.28 -50.99
N SER B 173 -38.28 -27.56 -51.07
CA SER B 173 -39.47 -28.03 -51.77
C SER B 173 -40.71 -27.22 -51.41
N PRO B 174 -41.16 -27.23 -50.14
CA PRO B 174 -42.45 -26.59 -49.83
C PRO B 174 -42.47 -25.10 -50.12
N TYR B 175 -41.34 -24.42 -50.06
CA TYR B 175 -41.29 -22.97 -50.23
C TYR B 175 -40.96 -22.54 -51.66
N ILE B 176 -39.99 -23.21 -52.28
CA ILE B 176 -39.65 -22.99 -53.68
C ILE B 176 -39.69 -24.33 -54.39
N LYS B 177 -40.06 -24.32 -55.67
CA LYS B 177 -40.23 -25.54 -56.44
C LYS B 177 -39.71 -25.33 -57.86
N GLN B 178 -39.51 -26.44 -58.57
CA GLN B 178 -39.03 -26.37 -59.93
C GLN B 178 -40.01 -25.62 -60.83
N SER B 179 -41.30 -25.69 -60.52
CA SER B 179 -42.28 -24.95 -61.30
C SER B 179 -41.95 -23.46 -61.31
N ASP B 180 -41.44 -22.93 -60.20
CA ASP B 180 -41.05 -21.53 -60.15
C ASP B 180 -39.93 -21.23 -61.15
N TYR B 181 -38.93 -22.11 -61.22
CA TYR B 181 -37.85 -21.91 -62.18
C TYR B 181 -38.37 -22.02 -63.62
N GLU B 182 -39.29 -22.95 -63.87
CA GLU B 182 -39.86 -23.06 -65.20
C GLU B 182 -40.62 -21.79 -65.58
N ASN B 183 -41.39 -21.25 -64.65
CA ASN B 183 -42.09 -20.00 -64.92
C ASN B 183 -41.10 -18.86 -65.15
N PHE B 184 -40.03 -18.82 -64.37
CA PHE B 184 -39.00 -17.79 -64.57
C PHE B 184 -38.41 -17.89 -65.97
N MET B 185 -38.11 -19.10 -66.42
CA MET B 185 -37.60 -19.27 -67.77
C MET B 185 -38.64 -18.87 -68.81
N LYS B 186 -39.93 -19.11 -68.50
CA LYS B 186 -41.00 -18.70 -69.40
C LYS B 186 -41.03 -17.19 -69.55
N ASP B 187 -40.91 -16.46 -68.45
CA ASP B 187 -40.89 -14.99 -68.46
C ASP B 187 -39.87 -14.54 -67.42
N ARG B 188 -38.64 -14.27 -67.88
CA ARG B 188 -37.57 -13.91 -66.96
C ARG B 188 -37.83 -12.60 -66.24
N GLU B 189 -38.70 -11.75 -66.77
CA GLU B 189 -38.96 -10.43 -66.20
C GLU B 189 -40.27 -10.38 -65.42
N LYS B 190 -40.89 -11.52 -65.13
CA LYS B 190 -42.11 -11.56 -64.34
C LYS B 190 -41.93 -12.28 -63.02
N TYR B 191 -41.38 -13.50 -63.03
CA TYR B 191 -41.19 -14.30 -61.83
C TYR B 191 -39.75 -14.26 -61.33
N ARG B 192 -39.10 -13.11 -61.49
CA ARG B 192 -37.68 -12.99 -61.19
C ARG B 192 -37.37 -12.99 -59.70
N PHE B 193 -38.38 -12.88 -58.83
CA PHE B 193 -38.14 -12.80 -57.40
C PHE B 193 -39.22 -13.60 -56.65
N LYS B 194 -38.80 -14.30 -55.61
CA LYS B 194 -39.70 -15.12 -54.81
C LYS B 194 -39.50 -14.82 -53.33
N GLU B 195 -40.61 -14.77 -52.59
CA GLU B 195 -40.56 -14.48 -51.16
C GLU B 195 -40.39 -15.76 -50.35
N LEU B 196 -39.75 -15.63 -49.19
CA LEU B 196 -39.51 -16.73 -48.28
C LEU B 196 -40.33 -16.55 -46.99
N PRO B 197 -40.66 -17.64 -46.30
CA PRO B 197 -41.50 -17.51 -45.10
C PRO B 197 -40.83 -16.66 -44.03
N GLN B 198 -41.65 -15.93 -43.27
CA GLN B 198 -41.11 -15.11 -42.19
C GLN B 198 -40.69 -15.96 -41.00
N GLU B 199 -41.47 -17.00 -40.69
CA GLU B 199 -41.17 -17.83 -39.52
C GLU B 199 -39.86 -18.58 -39.66
N ARG B 200 -39.28 -18.66 -40.86
CA ARG B 200 -38.08 -19.45 -41.10
C ARG B 200 -36.88 -18.60 -41.48
N THR B 201 -36.97 -17.77 -42.51
CA THR B 201 -35.81 -17.01 -42.94
C THR B 201 -35.39 -16.04 -41.86
N PHE B 202 -34.10 -15.68 -41.86
CA PHE B 202 -33.61 -14.60 -41.00
C PHE B 202 -32.52 -13.83 -41.71
N PRO B 203 -32.74 -12.53 -41.98
CA PRO B 203 -31.64 -11.67 -42.44
C PRO B 203 -30.94 -10.97 -41.30
N LEU B 204 -29.60 -11.05 -41.28
CA LEU B 204 -28.77 -10.33 -40.33
C LEU B 204 -27.92 -9.32 -41.08
N ARG B 205 -27.64 -8.19 -40.44
CA ARG B 205 -26.94 -7.10 -41.10
C ARG B 205 -26.18 -6.29 -40.07
N THR B 206 -25.17 -5.57 -40.54
CA THR B 206 -24.36 -4.70 -39.69
C THR B 206 -23.68 -3.66 -40.55
N GLY B 207 -23.60 -2.44 -40.00
CA GLY B 207 -23.02 -1.32 -40.73
C GLY B 207 -24.01 -0.40 -41.38
N THR B 208 -25.31 -0.58 -41.13
CA THR B 208 -26.33 0.29 -41.70
C THR B 208 -26.69 1.38 -40.70
N LEU B 209 -26.59 2.63 -41.14
CA LEU B 209 -27.02 3.75 -40.31
C LEU B 209 -28.54 3.87 -40.27
N LYS B 210 -29.16 4.02 -41.43
CA LYS B 210 -30.59 4.22 -41.54
C LYS B 210 -31.33 2.91 -41.32
N ARG B 211 -32.47 2.98 -40.63
CA ARG B 211 -33.27 1.79 -40.41
C ARG B 211 -33.84 1.24 -41.70
N ASN B 212 -33.86 2.03 -42.77
CA ASN B 212 -34.35 1.61 -44.08
C ASN B 212 -33.21 1.38 -45.06
N GLN B 213 -32.07 0.92 -44.58
CA GLN B 213 -30.93 0.55 -45.40
C GLN B 213 -30.80 -0.97 -45.38
N GLY B 214 -30.71 -1.58 -46.57
CA GLY B 214 -30.68 -3.01 -46.67
C GLY B 214 -29.31 -3.64 -46.44
N LEU B 215 -28.34 -3.25 -47.26
CA LEU B 215 -27.04 -3.89 -47.27
C LEU B 215 -26.11 -3.21 -46.26
N GLY B 216 -25.60 -3.98 -45.32
CA GLY B 216 -24.62 -3.49 -44.37
C GLY B 216 -23.29 -3.27 -45.05
N THR B 217 -22.23 -3.25 -44.23
CA THR B 217 -20.88 -3.07 -44.73
C THR B 217 -19.93 -3.96 -43.95
N SER B 218 -18.79 -4.26 -44.57
CA SER B 218 -17.79 -5.12 -43.95
C SER B 218 -16.84 -4.31 -43.08
N TRP B 219 -16.36 -4.93 -42.01
CA TRP B 219 -15.47 -4.25 -41.07
C TRP B 219 -14.09 -4.02 -41.64
N VAL B 220 -13.79 -4.57 -42.82
CA VAL B 220 -12.49 -4.35 -43.44
C VAL B 220 -12.38 -2.98 -44.11
N THR B 221 -13.51 -2.37 -44.48
CA THR B 221 -13.47 -1.14 -45.26
C THR B 221 -12.68 -0.03 -44.56
N PRO B 222 -12.84 0.21 -43.26
CA PRO B 222 -12.13 1.36 -42.66
C PRO B 222 -10.62 1.25 -42.77
N GLY B 223 -10.04 0.14 -42.33
CA GLY B 223 -8.62 -0.07 -42.38
C GLY B 223 -8.08 -0.55 -43.70
N LEU B 224 -8.94 -0.67 -44.72
CA LEU B 224 -8.49 -1.14 -46.02
C LEU B 224 -7.46 -0.20 -46.62
N TYR B 225 -7.65 1.11 -46.48
CA TYR B 225 -6.69 2.06 -47.04
C TYR B 225 -5.32 1.93 -46.40
N ASP B 226 -5.26 1.44 -45.16
CA ASP B 226 -3.98 1.28 -44.48
C ASP B 226 -3.13 0.17 -45.09
N VAL B 227 -3.68 -0.65 -45.97
CA VAL B 227 -2.93 -1.73 -46.60
C VAL B 227 -3.41 -1.93 -48.02
N ASN B 348 -10.70 -0.78 -25.08
CA ASN B 348 -10.63 -1.43 -26.38
C ASN B 348 -11.29 -2.81 -26.32
N LEU B 349 -10.80 -3.66 -25.42
CA LEU B 349 -11.37 -4.99 -25.29
C LEU B 349 -12.84 -4.92 -24.90
N ASP B 350 -13.18 -4.05 -23.94
CA ASP B 350 -14.59 -3.87 -23.59
C ASP B 350 -15.36 -3.23 -24.73
N THR B 351 -14.71 -2.37 -25.52
CA THR B 351 -15.37 -1.81 -26.69
C THR B 351 -15.77 -2.90 -27.67
N PHE B 352 -14.86 -3.85 -27.94
CA PHE B 352 -15.21 -4.97 -28.82
C PHE B 352 -16.27 -5.86 -28.20
N TYR B 353 -16.18 -6.10 -26.90
CA TYR B 353 -17.21 -6.88 -26.22
C TYR B 353 -18.58 -6.26 -26.44
N LYS B 354 -18.67 -4.93 -26.26
CA LYS B 354 -19.96 -4.25 -26.42
C LYS B 354 -20.40 -4.22 -27.88
N ARG B 355 -19.44 -4.11 -28.81
CA ARG B 355 -19.79 -4.13 -30.23
C ARG B 355 -20.39 -5.48 -30.61
N ILE B 356 -19.82 -6.57 -30.10
CA ILE B 356 -20.30 -7.90 -30.46
C ILE B 356 -21.53 -8.29 -29.63
N GLY B 357 -21.77 -7.62 -28.51
CA GLY B 357 -22.98 -7.90 -27.74
C GLY B 357 -24.25 -7.60 -28.50
N VAL B 358 -24.26 -6.51 -29.27
CA VAL B 358 -25.43 -6.20 -30.08
C VAL B 358 -25.65 -7.28 -31.13
N LEU B 359 -24.56 -7.82 -31.68
CA LEU B 359 -24.68 -8.92 -32.64
C LEU B 359 -25.29 -10.14 -31.97
N MET B 360 -24.86 -10.45 -30.74
CA MET B 360 -25.50 -11.56 -30.02
C MET B 360 -26.98 -11.29 -29.80
N GLU B 361 -27.34 -10.06 -29.42
CA GLU B 361 -28.75 -9.75 -29.21
C GLU B 361 -29.55 -9.94 -30.49
N ASP B 362 -29.00 -9.47 -31.62
CA ASP B 362 -29.67 -9.62 -32.90
C ASP B 362 -29.86 -11.10 -33.25
N ILE B 363 -28.81 -11.90 -33.07
CA ILE B 363 -28.92 -13.33 -33.39
C ILE B 363 -29.90 -14.01 -32.46
N GLU B 364 -30.01 -13.53 -31.21
CA GLU B 364 -30.97 -14.10 -30.28
C GLU B 364 -32.40 -13.83 -30.74
N GLN B 365 -32.71 -12.57 -31.05
CA GLN B 365 -34.08 -12.19 -31.35
C GLN B 365 -34.48 -12.45 -32.79
N GLU B 366 -33.53 -12.81 -33.66
CA GLU B 366 -33.82 -13.11 -35.05
C GLU B 366 -33.70 -14.59 -35.40
N VAL B 367 -32.65 -15.26 -34.96
CA VAL B 367 -32.40 -16.63 -35.39
C VAL B 367 -33.09 -17.61 -34.44
N TYR B 368 -32.70 -17.60 -33.16
CA TYR B 368 -33.14 -18.63 -32.24
C TYR B 368 -34.57 -18.44 -31.74
N GLN B 369 -35.10 -17.22 -31.81
CA GLN B 369 -36.50 -17.02 -31.45
C GLN B 369 -37.42 -17.80 -32.39
N LYS B 370 -37.12 -17.76 -33.68
CA LYS B 370 -37.89 -18.53 -34.65
C LYS B 370 -37.77 -20.03 -34.38
N LEU B 371 -36.58 -20.48 -33.97
CA LEU B 371 -36.41 -21.88 -33.62
C LEU B 371 -37.29 -22.25 -32.43
N PHE B 372 -37.30 -21.40 -31.41
CA PHE B 372 -38.18 -21.66 -30.26
C PHE B 372 -39.64 -21.74 -30.70
N ASN B 373 -40.05 -20.83 -31.59
CA ASN B 373 -41.42 -20.87 -32.09
C ASN B 373 -41.70 -22.18 -32.81
N LEU B 374 -40.75 -22.64 -33.63
CA LEU B 374 -40.95 -23.88 -34.38
C LEU B 374 -41.08 -25.07 -33.44
N VAL B 375 -40.17 -25.18 -32.46
CA VAL B 375 -40.13 -26.37 -31.63
C VAL B 375 -41.33 -26.43 -30.69
N LEU B 376 -41.68 -25.32 -30.08
CA LEU B 376 -42.75 -25.30 -29.09
C LEU B 376 -44.12 -25.29 -29.77
N PRO B 377 -45.17 -25.68 -29.04
CA PRO B 377 -46.53 -25.62 -29.61
C PRO B 377 -46.93 -24.20 -29.97
N ALA B 378 -48.10 -24.05 -30.61
CA ALA B 378 -48.54 -22.72 -31.00
C ALA B 378 -48.92 -21.88 -29.79
N ALA B 379 -49.50 -22.50 -28.77
CA ALA B 379 -49.93 -21.74 -27.58
C ALA B 379 -48.77 -21.02 -26.93
N GLN B 380 -47.56 -21.57 -27.03
CA GLN B 380 -46.37 -21.00 -26.40
C GLN B 380 -45.52 -20.20 -27.38
N LYS B 381 -46.13 -19.65 -28.42
CA LYS B 381 -45.38 -18.88 -29.40
C LYS B 381 -44.88 -17.58 -28.78
N ASP B 382 -43.60 -17.29 -28.98
CA ASP B 382 -42.94 -16.09 -28.46
C ASP B 382 -43.02 -15.96 -26.95
N ASN B 383 -43.42 -17.02 -26.25
CA ASN B 383 -43.45 -16.98 -24.79
C ASN B 383 -42.04 -17.07 -24.21
N TYR B 384 -41.19 -17.92 -24.78
CA TYR B 384 -39.83 -18.11 -24.31
C TYR B 384 -38.85 -17.35 -25.21
N TYR B 385 -37.73 -16.95 -24.62
CA TYR B 385 -36.72 -16.19 -25.34
C TYR B 385 -35.37 -16.44 -24.70
N MET B 386 -34.34 -16.48 -25.53
CA MET B 386 -32.99 -16.87 -25.10
C MET B 386 -32.05 -15.68 -25.22
N ASN B 387 -31.17 -15.53 -24.23
CA ASN B 387 -30.26 -14.41 -24.13
C ASN B 387 -28.84 -14.92 -23.92
N TYR B 388 -27.89 -14.32 -24.65
CA TYR B 388 -26.47 -14.60 -24.47
C TYR B 388 -25.86 -13.52 -23.58
N ASP B 389 -24.71 -13.85 -22.99
CA ASP B 389 -24.02 -12.94 -22.09
C ASP B 389 -22.93 -12.19 -22.83
N LYS B 390 -22.90 -10.86 -22.64
CA LYS B 390 -21.98 -9.99 -23.34
C LYS B 390 -20.84 -9.48 -22.48
N ASP B 391 -20.96 -9.57 -21.15
CA ASP B 391 -19.93 -9.07 -20.25
C ASP B 391 -18.99 -10.20 -19.83
N LYS B 392 -17.88 -9.81 -19.23
CA LYS B 392 -16.91 -10.78 -18.77
C LYS B 392 -17.46 -11.50 -17.52
N PRO B 393 -17.44 -12.82 -17.48
CA PRO B 393 -18.09 -13.53 -16.38
C PRO B 393 -17.24 -13.57 -15.12
N LEU B 394 -17.88 -13.96 -14.03
CA LEU B 394 -17.18 -14.12 -12.76
C LEU B 394 -16.32 -15.38 -12.79
N THR B 395 -15.12 -15.28 -12.22
CA THR B 395 -14.12 -16.33 -12.34
C THR B 395 -14.53 -17.56 -11.53
N LEU B 396 -13.64 -18.56 -11.53
CA LEU B 396 -13.96 -19.83 -10.90
C LEU B 396 -14.05 -19.70 -9.38
N LYS B 397 -13.26 -18.82 -8.78
CA LYS B 397 -13.26 -18.69 -7.32
C LYS B 397 -14.64 -18.30 -6.81
N GLU B 398 -15.21 -17.23 -7.36
CA GLU B 398 -16.53 -16.78 -6.91
C GLU B 398 -17.59 -17.83 -7.22
N LYS B 399 -17.51 -18.47 -8.39
CA LYS B 399 -18.44 -19.53 -8.73
C LYS B 399 -18.40 -20.63 -7.68
N MET B 400 -17.20 -21.05 -7.28
CA MET B 400 -17.06 -22.09 -6.27
C MET B 400 -17.62 -21.64 -4.93
N ASP B 401 -17.37 -20.38 -4.56
CA ASP B 401 -17.91 -19.87 -3.30
C ASP B 401 -19.43 -19.92 -3.31
N ILE B 402 -20.06 -19.46 -4.39
CA ILE B 402 -21.52 -19.47 -4.44
C ILE B 402 -22.05 -20.90 -4.41
N LEU B 403 -21.40 -21.82 -5.13
CA LEU B 403 -21.89 -23.19 -5.15
C LEU B 403 -21.78 -23.84 -3.78
N ILE B 404 -20.62 -23.70 -3.13
CA ILE B 404 -20.45 -24.31 -1.82
C ILE B 404 -21.39 -23.67 -0.80
N LYS B 405 -21.63 -22.37 -0.94
CA LYS B 405 -22.62 -21.71 -0.08
C LYS B 405 -24.00 -22.31 -0.30
N LEU B 406 -24.36 -22.58 -1.55
CA LEU B 406 -25.68 -23.13 -1.85
C LEU B 406 -25.82 -24.54 -1.29
N ASN B 407 -24.76 -25.35 -1.37
CA ASN B 407 -24.88 -26.77 -1.04
C ASN B 407 -25.50 -27.00 0.34
N ASP B 408 -25.23 -26.12 1.29
CA ASP B 408 -25.58 -26.35 2.68
C ASP B 408 -27.02 -26.80 2.83
N LYS B 409 -27.19 -28.01 3.39
CA LYS B 409 -28.49 -28.57 3.74
C LYS B 409 -29.42 -28.62 2.52
N GLY B 410 -29.02 -29.45 1.56
CA GLY B 410 -29.95 -29.92 0.56
C GLY B 410 -29.49 -29.79 -0.88
N TRP B 411 -28.82 -28.71 -1.23
CA TRP B 411 -28.58 -28.46 -2.64
C TRP B 411 -27.46 -29.35 -3.16
N SER B 412 -27.40 -29.46 -4.49
CA SER B 412 -26.61 -30.51 -5.13
C SER B 412 -25.14 -30.42 -4.77
N ILE B 413 -24.52 -31.59 -4.63
CA ILE B 413 -23.08 -31.68 -4.39
C ILE B 413 -22.31 -32.05 -5.66
N LYS B 414 -22.98 -32.60 -6.68
CA LYS B 414 -22.28 -32.99 -7.89
C LYS B 414 -21.56 -31.81 -8.53
N HIS B 415 -22.26 -30.69 -8.69
CA HIS B 415 -21.65 -29.52 -9.29
C HIS B 415 -20.62 -28.88 -8.39
N VAL B 416 -20.58 -29.27 -7.10
CA VAL B 416 -19.54 -28.77 -6.21
C VAL B 416 -18.21 -29.44 -6.53
N VAL B 417 -18.16 -30.77 -6.42
CA VAL B 417 -16.91 -31.49 -6.69
C VAL B 417 -16.60 -31.45 -8.18
N ASP B 418 -17.57 -31.10 -9.01
CA ASP B 418 -17.34 -31.10 -10.46
C ASP B 418 -16.23 -30.12 -10.85
N ASN B 419 -16.25 -28.90 -10.33
CA ASN B 419 -15.33 -27.87 -10.78
C ASN B 419 -13.93 -28.04 -10.23
N LEU B 420 -13.72 -28.97 -9.30
CA LEU B 420 -12.38 -29.25 -8.80
C LEU B 420 -11.60 -30.04 -9.84
N ALA B 421 -10.40 -29.57 -10.18
CA ALA B 421 -9.56 -30.29 -11.12
C ALA B 421 -9.26 -31.68 -10.59
N GLY B 422 -9.36 -32.68 -11.46
CA GLY B 422 -9.29 -34.03 -10.95
C GLY B 422 -10.49 -34.27 -10.05
N VAL B 423 -10.35 -35.26 -9.17
CA VAL B 423 -11.36 -35.51 -8.15
C VAL B 423 -12.71 -35.77 -8.81
N SER B 424 -12.75 -36.66 -9.80
CA SER B 424 -13.98 -36.94 -10.51
C SER B 424 -15.10 -37.25 -9.54
N TRP B 425 -16.34 -36.89 -9.93
CA TRP B 425 -17.47 -37.03 -9.02
C TRP B 425 -17.67 -38.47 -8.62
N GLU B 426 -17.60 -39.40 -9.58
CA GLU B 426 -17.84 -40.80 -9.26
C GLU B 426 -16.75 -41.34 -8.34
N SER B 427 -15.49 -41.00 -8.61
CA SER B 427 -14.42 -41.42 -7.72
C SER B 427 -14.63 -40.85 -6.32
N TYR B 428 -15.00 -39.57 -6.24
CA TYR B 428 -15.22 -38.94 -4.94
C TYR B 428 -16.29 -39.66 -4.15
N LEU B 429 -17.47 -39.85 -4.75
CA LEU B 429 -18.55 -40.49 -4.03
C LEU B 429 -18.21 -41.95 -3.69
N GLU B 430 -17.56 -42.65 -4.61
CA GLU B 430 -17.23 -44.05 -4.38
C GLU B 430 -16.28 -44.19 -3.20
N GLN B 431 -15.19 -43.42 -3.19
CA GLN B 431 -14.24 -43.53 -2.09
C GLN B 431 -14.86 -43.05 -0.78
N THR B 432 -15.71 -42.01 -0.83
CA THR B 432 -16.36 -41.57 0.39
C THR B 432 -17.23 -42.67 0.98
N LEU B 433 -18.00 -43.34 0.13
CA LEU B 433 -18.83 -44.44 0.61
C LEU B 433 -17.99 -45.59 1.10
N TYR B 434 -16.86 -45.87 0.44
CA TYR B 434 -15.96 -46.92 0.91
C TYR B 434 -15.46 -46.60 2.31
N GLU B 435 -15.05 -45.36 2.55
CA GLU B 435 -14.47 -44.99 3.83
C GLU B 435 -15.52 -44.93 4.94
N THR B 436 -16.72 -44.47 4.64
CA THR B 436 -17.76 -44.35 5.66
C THR B 436 -18.52 -45.63 5.91
N GLU B 437 -18.59 -46.53 4.93
CA GLU B 437 -19.40 -47.74 5.01
C GLU B 437 -18.58 -48.97 5.38
N GLU B 438 -17.42 -49.15 4.75
CA GLU B 438 -16.66 -50.38 4.94
C GLU B 438 -15.70 -50.25 6.12
N LEU B 439 -14.79 -49.28 6.07
CA LEU B 439 -13.79 -49.14 7.12
C LEU B 439 -14.41 -48.58 8.40
N LYS B 440 -15.34 -47.62 8.26
CA LYS B 440 -15.91 -46.92 9.41
C LYS B 440 -14.86 -46.05 10.09
N LEU B 441 -14.12 -45.28 9.27
CA LEU B 441 -13.07 -44.44 9.80
C LEU B 441 -13.56 -43.57 10.95
N GLN B 442 -14.75 -42.99 10.81
CA GLN B 442 -15.24 -42.03 11.80
C GLN B 442 -15.55 -42.70 13.13
N GLU B 443 -15.57 -44.04 13.18
CA GLU B 443 -15.67 -44.75 14.44
C GLU B 443 -14.30 -45.07 15.05
N LYS B 444 -13.22 -44.67 14.40
CA LYS B 444 -11.88 -44.96 14.87
C LYS B 444 -11.04 -43.67 14.92
N GLU C 25 9.76 -13.82 -56.29
CA GLU C 25 9.58 -14.28 -54.88
C GLU C 25 8.18 -13.92 -54.38
N ALA C 26 7.87 -12.63 -54.36
CA ALA C 26 6.58 -12.17 -53.83
C ALA C 26 5.43 -12.81 -54.59
N GLU C 27 5.56 -12.94 -55.91
CA GLU C 27 4.48 -13.51 -56.72
C GLU C 27 4.09 -14.89 -56.23
N GLN C 28 5.06 -15.69 -55.76
CA GLN C 28 4.75 -17.03 -55.29
C GLN C 28 3.81 -16.99 -54.08
N LEU C 29 4.12 -16.13 -53.11
CA LEU C 29 3.26 -16.01 -51.94
C LEU C 29 1.90 -15.43 -52.32
N LYS C 30 1.89 -14.47 -53.25
CA LYS C 30 0.62 -13.91 -53.69
C LYS C 30 -0.26 -14.98 -54.33
N ASN C 31 0.33 -15.82 -55.17
CA ASN C 31 -0.41 -16.90 -55.79
C ASN C 31 -0.90 -17.91 -54.75
N TYR C 32 -0.04 -18.24 -53.77
CA TYR C 32 -0.46 -19.17 -52.74
C TYR C 32 -1.65 -18.63 -51.96
N PHE C 33 -1.63 -17.34 -51.63
CA PHE C 33 -2.76 -16.74 -50.93
C PHE C 33 -3.97 -16.56 -51.83
N SER C 34 -3.77 -16.53 -53.15
CA SER C 34 -4.91 -16.41 -54.05
C SER C 34 -5.85 -17.61 -53.93
N ASN C 35 -5.30 -18.81 -53.80
CA ASN C 35 -6.07 -20.04 -53.74
C ASN C 35 -5.63 -20.86 -52.53
N PRO C 36 -6.04 -20.46 -51.33
CA PRO C 36 -5.67 -21.24 -50.13
C PRO C 36 -6.23 -22.64 -50.12
N ASP C 37 -7.27 -22.92 -50.91
CA ASP C 37 -7.86 -24.26 -50.96
C ASP C 37 -7.30 -25.11 -52.08
N GLU C 38 -6.33 -24.61 -52.84
CA GLU C 38 -5.72 -25.36 -53.93
C GLU C 38 -4.22 -25.59 -53.75
N PHE C 39 -3.49 -24.58 -53.31
CA PHE C 39 -2.04 -24.71 -53.10
C PHE C 39 -1.72 -25.13 -51.66
N GLN C 40 -2.33 -26.22 -51.22
CA GLN C 40 -2.13 -26.69 -49.86
C GLN C 40 -0.79 -27.38 -49.67
N GLU C 41 -0.30 -28.08 -50.70
CA GLU C 41 0.93 -28.83 -50.56
C GLU C 41 2.09 -27.92 -50.17
N GLU C 42 2.25 -26.81 -50.89
CA GLU C 42 3.34 -25.88 -50.58
C GLU C 42 3.16 -25.28 -49.20
N ILE C 43 1.92 -24.98 -48.81
CA ILE C 43 1.67 -24.40 -47.50
C ILE C 43 2.11 -25.35 -46.40
N GLU C 44 1.74 -26.63 -46.53
CA GLU C 44 2.14 -27.61 -45.53
C GLU C 44 3.65 -27.81 -45.52
N ASP C 45 4.27 -27.82 -46.70
CA ASP C 45 5.72 -27.97 -46.77
C ASP C 45 6.42 -26.84 -46.02
N LEU C 46 6.01 -25.59 -46.30
CA LEU C 46 6.62 -24.46 -45.62
C LEU C 46 6.32 -24.48 -44.12
N ALA C 47 5.11 -24.92 -43.74
CA ALA C 47 4.78 -24.99 -42.32
C ALA C 47 5.70 -25.95 -41.60
N GLN C 48 5.84 -27.17 -42.11
CA GLN C 48 6.74 -28.13 -41.49
C GLN C 48 8.20 -27.69 -41.54
N TYR C 49 8.60 -26.97 -42.59
CA TYR C 49 9.97 -26.49 -42.67
C TYR C 49 10.27 -25.44 -41.60
N PHE C 50 9.39 -24.44 -41.46
CA PHE C 50 9.60 -23.39 -40.47
C PHE C 50 9.26 -23.84 -39.06
N TYR C 51 8.61 -25.00 -38.90
CA TYR C 51 8.48 -25.55 -37.55
C TYR C 51 9.84 -25.82 -36.94
N ILE C 52 10.76 -26.36 -37.72
CA ILE C 52 12.06 -26.76 -37.19
C ILE C 52 13.13 -25.72 -37.48
N SER C 53 13.06 -25.01 -38.60
CA SER C 53 14.08 -24.03 -38.94
C SER C 53 13.86 -22.67 -38.29
N THR C 54 12.79 -22.50 -37.52
CA THR C 54 12.52 -21.26 -36.81
C THR C 54 11.86 -21.57 -35.47
N ALA C 55 11.96 -20.61 -34.54
CA ALA C 55 11.47 -20.81 -33.19
C ALA C 55 10.08 -20.22 -32.97
N GLU C 56 9.71 -19.19 -33.73
CA GLU C 56 8.40 -18.57 -33.52
C GLU C 56 7.28 -19.56 -33.77
N ILE C 57 7.30 -20.22 -34.93
CA ILE C 57 6.25 -21.19 -35.26
C ILE C 57 6.34 -22.39 -34.32
N HIS C 58 7.55 -22.79 -33.95
CA HIS C 58 7.71 -23.90 -33.02
C HIS C 58 7.06 -23.57 -31.68
N GLN C 59 7.30 -22.36 -31.17
CA GLN C 59 6.64 -21.94 -29.94
C GLN C 59 5.13 -21.89 -30.13
N LEU C 60 4.68 -21.39 -31.27
CA LEU C 60 3.25 -21.35 -31.55
C LEU C 60 2.61 -22.73 -31.38
N PHE C 61 3.19 -23.72 -32.06
CA PHE C 61 2.56 -25.04 -32.07
C PHE C 61 2.70 -25.75 -30.73
N GLU C 62 3.87 -25.61 -30.08
CA GLU C 62 3.98 -26.16 -28.74
C GLU C 62 2.98 -25.52 -27.79
N LEU C 63 2.69 -24.23 -27.98
CA LEU C 63 1.69 -23.58 -27.15
C LEU C 63 0.31 -24.15 -27.41
N ILE C 64 -0.03 -24.37 -28.68
CA ILE C 64 -1.31 -25.02 -29.00
C ILE C 64 -1.41 -26.36 -28.27
N GLU C 65 -0.34 -27.16 -28.33
CA GLU C 65 -0.42 -28.51 -27.79
C GLU C 65 -0.36 -28.51 -26.26
N ALA C 66 0.27 -27.51 -25.65
CA ALA C 66 0.54 -27.54 -24.22
C ALA C 66 -0.45 -26.74 -23.39
N LEU C 67 -0.85 -25.56 -23.84
CA LEU C 67 -1.67 -24.68 -23.00
C LEU C 67 -2.88 -25.37 -22.39
N PRO C 68 -3.67 -26.14 -23.13
CA PRO C 68 -4.86 -26.76 -22.53
C PRO C 68 -4.48 -27.66 -21.36
N THR C 69 -5.31 -27.62 -20.32
CA THR C 69 -5.15 -28.54 -19.20
C THR C 69 -6.00 -29.80 -19.36
N LEU C 70 -6.97 -29.78 -20.26
CA LEU C 70 -7.73 -30.97 -20.65
C LEU C 70 -8.44 -31.60 -19.46
N ASN C 71 -8.76 -30.82 -18.44
CA ASN C 71 -9.72 -31.28 -17.45
C ASN C 71 -11.10 -31.25 -18.09
N TYR C 72 -11.90 -32.29 -17.84
CA TYR C 72 -13.13 -32.50 -18.58
C TYR C 72 -14.27 -32.86 -17.66
N LYS C 73 -15.48 -32.68 -18.17
CA LYS C 73 -16.71 -33.01 -17.47
C LYS C 73 -17.64 -33.71 -18.44
N ILE C 74 -18.50 -34.59 -17.92
CA ILE C 74 -19.56 -35.19 -18.71
C ILE C 74 -20.88 -34.98 -17.97
N ASP C 75 -21.84 -34.39 -18.66
CA ASP C 75 -23.14 -34.07 -18.09
C ASP C 75 -24.22 -34.65 -19.00
N SER C 76 -25.47 -34.59 -18.53
CA SER C 76 -26.58 -35.23 -19.22
C SER C 76 -27.72 -34.24 -19.38
N PHE C 77 -28.51 -34.46 -20.43
CA PHE C 77 -29.78 -33.75 -20.62
C PHE C 77 -30.91 -34.41 -19.86
N ASN C 78 -30.66 -35.52 -19.18
CA ASN C 78 -31.66 -36.17 -18.35
C ASN C 78 -30.94 -36.99 -17.30
N LYS C 79 -31.64 -37.28 -16.21
CA LYS C 79 -31.11 -38.05 -15.10
C LYS C 79 -31.79 -39.42 -15.12
N VAL C 80 -31.18 -40.35 -15.86
CA VAL C 80 -31.71 -41.70 -15.94
C VAL C 80 -31.49 -42.42 -14.62
N LYS C 81 -32.18 -43.55 -14.46
CA LYS C 81 -32.10 -44.30 -13.19
C LYS C 81 -30.69 -44.81 -12.94
N SER C 82 -30.01 -45.30 -13.96
CA SER C 82 -28.69 -45.93 -13.83
C SER C 82 -27.58 -45.00 -14.32
N SER C 83 -27.70 -43.70 -14.02
CA SER C 83 -26.76 -42.73 -14.57
C SER C 83 -25.32 -43.07 -14.19
N ASP C 84 -25.08 -43.38 -12.92
CA ASP C 84 -23.72 -43.61 -12.44
C ASP C 84 -22.99 -44.64 -13.29
N LYS C 85 -23.69 -45.69 -13.72
CA LYS C 85 -23.07 -46.69 -14.57
C LYS C 85 -22.60 -46.06 -15.88
N HIS C 86 -23.43 -45.21 -16.48
CA HIS C 86 -23.04 -44.55 -17.71
C HIS C 86 -21.85 -43.62 -17.48
N ILE C 87 -21.82 -42.91 -16.36
CA ILE C 87 -20.70 -42.01 -16.08
C ILE C 87 -19.40 -42.81 -16.01
N SER C 88 -19.44 -43.92 -15.26
CA SER C 88 -18.23 -44.73 -15.12
C SER C 88 -17.82 -45.32 -16.47
N LEU C 89 -18.79 -45.81 -17.24
CA LEU C 89 -18.47 -46.38 -18.56
C LEU C 89 -17.82 -45.34 -19.45
N LEU C 90 -18.35 -44.11 -19.45
CA LEU C 90 -17.79 -43.08 -20.30
C LEU C 90 -16.39 -42.68 -19.85
N ASN C 91 -16.16 -42.60 -18.54
CA ASN C 91 -14.81 -42.30 -18.07
C ASN C 91 -13.83 -43.38 -18.51
N LYS C 92 -14.22 -44.65 -18.35
CA LYS C 92 -13.33 -45.74 -18.75
C LYS C 92 -13.07 -45.71 -20.24
N SER C 93 -14.10 -45.47 -21.05
CA SER C 93 -13.93 -45.47 -22.50
C SER C 93 -13.14 -44.26 -22.96
N LEU C 94 -13.18 -43.17 -22.18
CA LEU C 94 -12.33 -42.02 -22.48
C LEU C 94 -10.86 -42.34 -22.18
N HIS C 95 -10.62 -43.09 -21.10
CA HIS C 95 -9.24 -43.46 -20.79
C HIS C 95 -8.69 -44.47 -21.80
N LYS C 96 -9.47 -45.50 -22.14
CA LYS C 96 -8.97 -46.53 -23.06
C LYS C 96 -8.47 -45.90 -24.35
N VAL C 97 -9.20 -44.94 -24.89
CA VAL C 97 -8.72 -44.22 -26.07
C VAL C 97 -7.55 -43.32 -25.72
N LYS C 98 -7.34 -43.02 -24.45
CA LYS C 98 -6.27 -42.13 -24.00
C LYS C 98 -6.41 -40.76 -24.69
N HIS C 99 -7.51 -40.09 -24.34
CA HIS C 99 -7.99 -38.97 -25.14
C HIS C 99 -6.96 -37.85 -25.24
N LYS C 100 -6.31 -37.51 -24.12
CA LYS C 100 -5.52 -36.28 -24.07
C LYS C 100 -4.52 -36.21 -25.23
N ARG C 101 -3.79 -37.30 -25.48
CA ARG C 101 -2.82 -37.32 -26.57
C ARG C 101 -3.52 -37.13 -27.91
N LEU C 102 -4.67 -37.78 -28.09
CA LEU C 102 -5.41 -37.66 -29.34
C LEU C 102 -5.86 -36.23 -29.57
N THR C 103 -6.39 -35.59 -28.52
CA THR C 103 -6.82 -34.20 -28.64
C THR C 103 -5.66 -33.29 -29.02
N ARG C 104 -4.51 -33.47 -28.36
CA ARG C 104 -3.36 -32.62 -28.67
C ARG C 104 -2.90 -32.83 -30.11
N ASP C 105 -2.84 -34.10 -30.55
CA ASP C 105 -2.44 -34.37 -31.93
C ASP C 105 -3.42 -33.74 -32.92
N LEU C 106 -4.72 -33.86 -32.66
CA LEU C 106 -5.71 -33.27 -33.54
C LEU C 106 -5.55 -31.75 -33.60
N LEU C 107 -5.37 -31.10 -32.45
CA LEU C 107 -5.19 -29.66 -32.46
C LEU C 107 -3.97 -29.26 -33.28
N LYS C 108 -2.84 -29.93 -33.06
CA LYS C 108 -1.63 -29.58 -33.78
C LYS C 108 -1.80 -29.79 -35.28
N GLN C 109 -2.40 -30.91 -35.69
CA GLN C 109 -2.57 -31.18 -37.11
C GLN C 109 -3.55 -30.21 -37.79
N VAL C 110 -4.70 -29.96 -37.17
CA VAL C 110 -5.66 -29.03 -37.77
C VAL C 110 -5.06 -27.65 -37.89
N ALA C 111 -4.36 -27.19 -36.85
CA ALA C 111 -3.66 -25.92 -36.96
C ALA C 111 -2.62 -25.97 -38.08
N THR C 112 -2.01 -27.13 -38.31
CA THR C 112 -1.01 -27.24 -39.36
C THR C 112 -1.64 -27.08 -40.74
N ALA C 113 -2.74 -27.79 -40.99
CA ALA C 113 -3.34 -27.83 -42.32
C ALA C 113 -4.63 -27.02 -42.43
N GLY C 114 -5.32 -26.80 -41.32
CA GLY C 114 -6.59 -26.12 -41.34
C GLY C 114 -7.80 -27.05 -41.48
N THR C 115 -7.58 -28.30 -41.85
CA THR C 115 -8.67 -29.26 -41.97
C THR C 115 -8.13 -30.65 -41.69
N LEU C 116 -9.04 -31.55 -41.33
CA LEU C 116 -8.68 -32.90 -40.92
C LEU C 116 -9.92 -33.77 -40.98
N VAL C 117 -9.74 -35.03 -41.39
CA VAL C 117 -10.83 -35.99 -41.48
C VAL C 117 -10.42 -37.25 -40.74
N GLY C 118 -11.16 -37.59 -39.69
CA GLY C 118 -10.94 -38.81 -38.95
C GLY C 118 -12.15 -39.70 -38.99
N ILE C 119 -12.02 -40.87 -38.35
CA ILE C 119 -13.10 -41.85 -38.32
C ILE C 119 -12.83 -42.85 -37.21
N TRP C 120 -13.90 -43.43 -36.67
CA TRP C 120 -13.80 -44.50 -35.70
C TRP C 120 -13.91 -45.83 -36.44
N LEU C 121 -12.86 -46.64 -36.37
CA LEU C 121 -12.78 -47.86 -37.16
C LEU C 121 -13.21 -49.09 -36.38
N GLY C 122 -12.60 -49.33 -35.22
CA GLY C 122 -12.88 -50.53 -34.46
C GLY C 122 -14.37 -50.68 -34.17
N ASP C 123 -14.71 -51.86 -33.65
CA ASP C 123 -16.11 -52.14 -33.37
C ASP C 123 -16.65 -51.11 -32.38
N ALA C 124 -17.98 -51.11 -32.24
CA ALA C 124 -18.63 -50.08 -31.43
C ALA C 124 -18.19 -50.15 -29.97
N LYS C 125 -18.08 -51.37 -29.42
CA LYS C 125 -17.82 -51.50 -28.00
C LYS C 125 -16.48 -50.85 -27.60
N SER C 126 -15.44 -51.08 -28.41
CA SER C 126 -14.10 -50.56 -28.11
C SER C 126 -13.51 -49.94 -29.38
N PRO C 127 -14.03 -48.81 -29.81
CA PRO C 127 -13.56 -48.21 -31.07
C PRO C 127 -12.14 -47.69 -30.95
N TYR C 128 -11.49 -47.56 -32.10
CA TYR C 128 -10.19 -46.93 -32.19
C TYR C 128 -10.16 -45.96 -33.36
N PRO C 129 -9.46 -44.84 -33.25
CA PRO C 129 -9.55 -43.80 -34.29
C PRO C 129 -8.57 -44.01 -35.43
N PHE C 130 -8.84 -43.29 -36.52
CA PHE C 130 -7.99 -43.32 -37.70
C PHE C 130 -8.05 -41.95 -38.35
N ILE C 131 -6.89 -41.36 -38.59
CA ILE C 131 -6.76 -40.00 -39.09
C ILE C 131 -6.10 -40.05 -40.46
N PHE C 132 -6.84 -39.65 -41.50
CA PHE C 132 -6.28 -39.57 -42.83
C PHE C 132 -5.24 -38.45 -42.90
N ASP C 133 -4.19 -38.66 -43.68
CA ASP C 133 -3.15 -37.65 -43.86
C ASP C 133 -3.35 -36.81 -45.11
N GLU C 134 -3.85 -37.39 -46.20
CA GLU C 134 -3.97 -36.69 -47.48
C GLU C 134 -5.33 -35.99 -47.52
N ILE C 135 -5.31 -34.66 -47.37
CA ILE C 135 -6.53 -33.88 -47.51
C ILE C 135 -6.93 -33.82 -48.97
N LYS C 136 -5.96 -33.79 -49.89
CA LYS C 136 -6.28 -33.65 -51.31
C LYS C 136 -7.17 -34.76 -51.84
N TYR C 137 -7.21 -35.91 -51.16
CA TYR C 137 -8.03 -37.03 -51.60
C TYR C 137 -9.15 -37.39 -50.64
N VAL C 138 -9.11 -36.91 -49.40
CA VAL C 138 -10.19 -37.08 -48.44
C VAL C 138 -10.47 -35.73 -47.81
N PHE C 139 -11.71 -35.25 -47.94
CA PHE C 139 -12.09 -33.94 -47.45
C PHE C 139 -13.60 -33.89 -47.29
N PRO C 140 -14.11 -32.95 -46.51
CA PRO C 140 -15.52 -32.60 -46.61
C PRO C 140 -15.81 -31.91 -47.94
N SER C 141 -16.98 -32.18 -48.49
CA SER C 141 -17.36 -31.67 -49.81
C SER C 141 -18.60 -30.81 -49.81
N PHE C 142 -19.64 -31.21 -49.10
CA PHE C 142 -20.90 -30.46 -49.08
C PHE C 142 -21.62 -30.79 -47.78
N ARG C 143 -22.86 -30.34 -47.67
CA ARG C 143 -23.66 -30.52 -46.47
C ARG C 143 -24.99 -31.17 -46.82
N ARG C 144 -25.50 -31.95 -45.88
CA ARG C 144 -26.85 -32.48 -45.95
C ARG C 144 -27.41 -32.57 -44.54
N ASN C 145 -28.68 -32.23 -44.39
CA ASN C 145 -29.32 -32.16 -43.09
C ASN C 145 -28.60 -31.20 -42.14
N GLY C 146 -27.82 -30.28 -42.68
CA GLY C 146 -27.05 -29.35 -41.89
C GLY C 146 -25.69 -29.84 -41.46
N ASP C 147 -25.34 -31.08 -41.78
CA ASP C 147 -24.08 -31.69 -41.36
C ASP C 147 -23.19 -31.95 -42.56
N TRP C 148 -21.88 -31.84 -42.35
CA TRP C 148 -20.92 -32.06 -43.41
C TRP C 148 -20.94 -33.50 -43.89
N VAL C 149 -20.57 -33.71 -45.15
CA VAL C 149 -20.41 -35.03 -45.73
C VAL C 149 -19.02 -35.12 -46.32
N CYS C 150 -18.27 -36.14 -45.92
CA CYS C 150 -16.89 -36.33 -46.34
C CYS C 150 -16.84 -37.43 -47.39
N VAL C 151 -16.14 -37.16 -48.49
CA VAL C 151 -16.05 -38.09 -49.61
C VAL C 151 -14.59 -38.47 -49.79
N VAL C 152 -14.33 -39.78 -49.82
CA VAL C 152 -13.00 -40.31 -50.07
C VAL C 152 -12.85 -40.55 -51.56
N ASP C 153 -11.78 -40.00 -52.13
CA ASP C 153 -11.41 -40.27 -53.52
C ASP C 153 -10.61 -41.56 -53.56
N MET C 154 -10.88 -42.40 -54.56
CA MET C 154 -10.18 -43.67 -54.67
C MET C 154 -8.82 -43.53 -55.34
N GLU C 155 -8.56 -42.39 -55.98
CA GLU C 155 -7.23 -42.17 -56.56
C GLU C 155 -6.15 -42.28 -55.50
N LEU C 156 -6.50 -42.04 -54.24
CA LEU C 156 -5.55 -42.21 -53.15
C LEU C 156 -4.88 -43.58 -53.22
N PHE C 157 -5.66 -44.62 -53.48
CA PHE C 157 -5.13 -45.98 -53.47
C PHE C 157 -4.22 -46.27 -54.65
N THR C 158 -4.14 -45.38 -55.64
CA THR C 158 -3.31 -45.63 -56.81
C THR C 158 -1.82 -45.61 -56.50
N LYS C 159 -1.41 -45.14 -55.31
CA LYS C 159 0.00 -45.07 -54.96
C LYS C 159 0.41 -46.10 -53.93
N TYR C 160 -0.50 -46.51 -53.05
CA TYR C 160 -0.15 -47.48 -52.01
C TYR C 160 0.20 -48.82 -52.62
N LYS C 161 1.08 -49.55 -51.93
CA LYS C 161 1.48 -50.88 -52.38
C LYS C 161 0.30 -51.82 -52.37
N ASP C 162 0.37 -52.85 -53.21
CA ASP C 162 -0.74 -53.80 -53.31
C ASP C 162 -1.03 -54.44 -51.95
N ASP C 163 0.01 -54.90 -51.26
CA ASP C 163 -0.18 -55.45 -49.92
C ASP C 163 -0.71 -54.38 -48.97
N GLN C 164 -0.09 -53.19 -49.00
CA GLN C 164 -0.55 -52.10 -48.15
C GLN C 164 -1.97 -51.68 -48.52
N ARG C 165 -2.28 -51.63 -49.81
CA ARG C 165 -3.61 -51.27 -50.24
C ARG C 165 -4.64 -52.27 -49.73
N ASN C 166 -4.34 -53.57 -49.83
CA ASN C 166 -5.26 -54.59 -49.34
C ASN C 166 -5.42 -54.49 -47.83
N GLU C 167 -4.32 -54.25 -47.11
CA GLU C 167 -4.42 -54.09 -45.67
C GLU C 167 -5.32 -52.93 -45.31
N LEU C 168 -5.12 -51.78 -45.95
CA LEU C 168 -5.94 -50.62 -45.66
C LEU C 168 -7.40 -50.88 -45.98
N LEU C 169 -7.69 -51.47 -47.14
CA LEU C 169 -9.07 -51.74 -47.51
C LEU C 169 -9.71 -52.73 -46.53
N LYS C 170 -8.92 -53.65 -45.98
CA LYS C 170 -9.42 -54.51 -44.92
C LYS C 170 -9.67 -53.71 -43.64
N SER C 171 -8.92 -52.63 -43.43
CA SER C 171 -9.14 -51.79 -42.26
C SER C 171 -10.54 -51.20 -42.25
N LEU C 172 -10.98 -50.69 -43.39
CA LEU C 172 -12.29 -50.06 -43.53
C LEU C 172 -13.33 -51.00 -44.13
N SER C 173 -13.23 -52.30 -43.83
CA SER C 173 -14.01 -53.33 -44.50
C SER C 173 -15.49 -52.98 -44.61
N PRO C 174 -16.21 -52.84 -43.50
CA PRO C 174 -17.67 -52.67 -43.59
C PRO C 174 -18.10 -51.45 -44.36
N TYR C 175 -17.28 -50.40 -44.42
CA TYR C 175 -17.65 -49.16 -45.09
C TYR C 175 -17.08 -49.05 -46.50
N ILE C 176 -15.80 -49.39 -46.68
CA ILE C 176 -15.17 -49.44 -47.99
C ILE C 176 -14.60 -50.83 -48.17
N LYS C 177 -14.56 -51.30 -49.42
CA LYS C 177 -14.14 -52.64 -49.73
C LYS C 177 -13.33 -52.65 -51.03
N GLN C 178 -12.65 -53.78 -51.27
CA GLN C 178 -11.87 -53.93 -52.50
C GLN C 178 -12.77 -53.86 -53.72
N SER C 179 -14.01 -54.33 -53.62
CA SER C 179 -14.94 -54.23 -54.73
C SER C 179 -15.07 -52.78 -55.20
N ASP C 180 -15.03 -51.83 -54.27
CA ASP C 180 -15.11 -50.43 -54.64
C ASP C 180 -13.92 -50.02 -55.50
N TYR C 181 -12.72 -50.46 -55.13
CA TYR C 181 -11.54 -50.13 -55.93
C TYR C 181 -11.61 -50.80 -57.30
N GLU C 182 -12.11 -52.04 -57.35
CA GLU C 182 -12.26 -52.70 -58.64
C GLU C 182 -13.24 -51.96 -59.53
N ASN C 183 -14.37 -51.52 -58.96
CA ASN C 183 -15.32 -50.73 -59.74
C ASN C 183 -14.70 -49.43 -60.20
N PHE C 184 -13.91 -48.78 -59.34
CA PHE C 184 -13.24 -47.55 -59.73
C PHE C 184 -12.32 -47.80 -60.92
N MET C 185 -11.55 -48.88 -60.88
CA MET C 185 -10.68 -49.20 -62.00
C MET C 185 -11.49 -49.53 -63.25
N LYS C 186 -12.68 -50.13 -63.07
CA LYS C 186 -13.54 -50.41 -64.21
C LYS C 186 -13.99 -49.12 -64.89
N ASP C 187 -14.40 -48.13 -64.11
CA ASP C 187 -14.82 -46.83 -64.63
C ASP C 187 -14.27 -45.75 -63.69
N ARG C 188 -13.11 -45.19 -64.05
CA ARG C 188 -12.44 -44.23 -63.17
C ARG C 188 -13.28 -42.98 -62.94
N GLU C 189 -14.25 -42.69 -63.81
CA GLU C 189 -15.01 -41.46 -63.74
C GLU C 189 -16.44 -41.67 -63.25
N LYS C 190 -16.75 -42.84 -62.70
CA LYS C 190 -18.07 -43.11 -62.15
C LYS C 190 -18.04 -43.34 -60.65
N TYR C 191 -17.21 -44.27 -60.18
CA TYR C 191 -17.11 -44.61 -58.76
C TYR C 191 -15.93 -43.92 -58.10
N ARG C 192 -15.61 -42.71 -58.55
CA ARG C 192 -14.41 -42.01 -58.10
C ARG C 192 -14.51 -41.50 -56.67
N PHE C 193 -15.71 -41.38 -56.11
CA PHE C 193 -15.91 -40.85 -54.77
C PHE C 193 -16.80 -41.79 -53.97
N LYS C 194 -16.49 -41.94 -52.68
CA LYS C 194 -17.27 -42.78 -51.79
C LYS C 194 -17.60 -42.02 -50.51
N GLU C 195 -18.76 -42.30 -49.94
CA GLU C 195 -19.20 -41.63 -48.73
C GLU C 195 -18.85 -42.44 -47.49
N LEU C 196 -18.65 -41.75 -46.37
CA LEU C 196 -18.34 -42.38 -45.10
C LEU C 196 -19.51 -42.19 -44.12
N PRO C 197 -19.67 -43.10 -43.15
CA PRO C 197 -20.80 -42.97 -42.23
C PRO C 197 -20.71 -41.69 -41.41
N GLN C 198 -21.87 -41.15 -41.05
CA GLN C 198 -21.90 -39.93 -40.24
C GLN C 198 -21.55 -40.24 -38.78
N GLU C 199 -22.01 -41.38 -38.27
CA GLU C 199 -21.79 -41.69 -36.86
C GLU C 199 -20.32 -41.92 -36.53
N ARG C 200 -19.46 -42.08 -37.53
CA ARG C 200 -18.05 -42.38 -37.29
C ARG C 200 -17.13 -41.27 -37.78
N THR C 201 -17.23 -40.87 -39.05
CA THR C 201 -16.32 -39.86 -39.55
C THR C 201 -16.50 -38.54 -38.80
N PHE C 202 -15.43 -37.74 -38.77
CA PHE C 202 -15.54 -36.38 -38.26
C PHE C 202 -14.57 -35.47 -39.02
N PRO C 203 -15.09 -34.47 -39.76
CA PRO C 203 -14.20 -33.43 -40.30
C PRO C 203 -14.09 -32.24 -39.36
N LEU C 204 -12.86 -31.82 -39.08
CA LEU C 204 -12.58 -30.61 -38.33
C LEU C 204 -11.91 -29.59 -39.24
N ARG C 205 -12.24 -28.32 -39.03
CA ARG C 205 -11.77 -27.26 -39.90
C ARG C 205 -11.56 -25.99 -39.08
N THR C 206 -10.72 -25.10 -39.60
CA THR C 206 -10.43 -23.84 -38.93
C THR C 206 -9.87 -22.87 -39.95
N GLY C 207 -10.20 -21.58 -39.75
CA GLY C 207 -9.80 -20.55 -40.68
C GLY C 207 -10.80 -20.23 -41.75
N THR C 208 -12.00 -20.81 -41.70
CA THR C 208 -13.04 -20.55 -42.69
C THR C 208 -13.95 -19.42 -42.23
N LEU C 209 -14.15 -18.44 -43.10
CA LEU C 209 -15.10 -17.37 -42.80
C LEU C 209 -16.53 -17.80 -43.10
N LYS C 210 -16.77 -18.31 -44.29
CA LYS C 210 -18.11 -18.67 -44.75
C LYS C 210 -18.48 -20.06 -44.28
N ARG C 211 -19.69 -20.18 -43.72
CA ARG C 211 -20.15 -21.47 -43.21
C ARG C 211 -20.18 -22.54 -44.29
N ASN C 212 -20.25 -22.15 -45.57
CA ASN C 212 -20.25 -23.08 -46.69
C ASN C 212 -18.88 -23.13 -47.37
N GLN C 213 -17.81 -23.03 -46.58
CA GLN C 213 -16.45 -23.17 -47.07
C GLN C 213 -15.89 -24.49 -46.56
N GLY C 214 -15.32 -25.28 -47.47
CA GLY C 214 -14.83 -26.60 -47.11
C GLY C 214 -13.46 -26.58 -46.45
N LEU C 215 -12.46 -26.09 -47.17
CA LEU C 215 -11.08 -26.16 -46.72
C LEU C 215 -10.71 -24.92 -45.91
N GLY C 216 -10.27 -25.13 -44.68
CA GLY C 216 -9.76 -24.06 -43.85
C GLY C 216 -8.40 -23.60 -44.32
N THR C 217 -7.65 -23.02 -43.40
CA THR C 217 -6.31 -22.52 -43.69
C THR C 217 -5.41 -22.71 -42.49
N SER C 218 -4.10 -22.69 -42.74
CA SER C 218 -3.12 -22.90 -41.69
C SER C 218 -2.76 -21.57 -41.04
N TRP C 219 -2.43 -21.63 -39.75
CA TRP C 219 -2.09 -20.43 -38.99
C TRP C 219 -0.74 -19.85 -39.38
N VAL C 220 0.03 -20.56 -40.22
CA VAL C 220 1.33 -20.03 -40.64
C VAL C 220 1.21 -19.02 -41.77
N THR C 221 0.12 -19.05 -42.54
CA THR C 221 0.02 -18.17 -43.70
C THR C 221 0.21 -16.70 -43.35
N PRO C 222 -0.35 -16.16 -42.27
CA PRO C 222 -0.21 -14.72 -42.03
C PRO C 222 1.24 -14.28 -41.84
N GLY C 223 1.96 -14.92 -40.93
CA GLY C 223 3.34 -14.59 -40.66
C GLY C 223 4.34 -15.20 -41.60
N LEU C 224 3.88 -15.91 -42.63
CA LEU C 224 4.81 -16.53 -43.57
C LEU C 224 5.63 -15.47 -44.32
N TYR C 225 5.02 -14.33 -44.62
CA TYR C 225 5.76 -13.28 -45.33
C TYR C 225 6.89 -12.73 -44.47
N ASP C 226 6.74 -12.77 -43.15
CA ASP C 226 7.76 -12.24 -42.25
C ASP C 226 9.05 -13.06 -42.29
N VAL C 227 9.03 -14.25 -42.88
CA VAL C 227 10.21 -15.10 -42.95
C VAL C 227 10.25 -15.83 -44.28
N ASN C 348 -2.94 -11.33 -24.62
CA ASN C 348 -2.37 -12.25 -25.60
C ASN C 348 -2.56 -13.70 -25.16
N LEU C 349 -2.09 -14.02 -23.96
CA LEU C 349 -2.22 -15.40 -23.48
C LEU C 349 -3.69 -15.80 -23.36
N ASP C 350 -4.52 -14.90 -22.82
CA ASP C 350 -5.95 -15.18 -22.77
C ASP C 350 -6.57 -15.20 -24.15
N THR C 351 -6.04 -14.39 -25.07
CA THR C 351 -6.51 -14.44 -26.45
C THR C 351 -6.26 -15.82 -27.06
N PHE C 352 -5.06 -16.38 -26.85
CA PHE C 352 -4.79 -17.72 -27.34
C PHE C 352 -5.63 -18.77 -26.64
N TYR C 353 -5.84 -18.61 -25.33
CA TYR C 353 -6.72 -19.52 -24.61
C TYR C 353 -8.10 -19.55 -25.26
N LYS C 354 -8.64 -18.37 -25.56
CA LYS C 354 -9.97 -18.29 -26.16
C LYS C 354 -9.96 -18.84 -27.59
N ARG C 355 -8.87 -18.62 -28.32
CA ARG C 355 -8.79 -19.15 -29.68
C ARG C 355 -8.81 -20.67 -29.67
N ILE C 356 -8.09 -21.29 -28.73
CA ILE C 356 -8.08 -22.75 -28.65
C ILE C 356 -9.34 -23.30 -28.00
N GLY C 357 -10.07 -22.47 -27.25
CA GLY C 357 -11.31 -22.94 -26.66
C GLY C 357 -12.34 -23.35 -27.69
N VAL C 358 -12.41 -22.61 -28.80
CA VAL C 358 -13.37 -22.96 -29.84
C VAL C 358 -13.00 -24.30 -30.47
N LEU C 359 -11.71 -24.56 -30.67
CA LEU C 359 -11.28 -25.86 -31.19
C LEU C 359 -11.62 -26.97 -30.19
N MET C 360 -11.45 -26.69 -28.89
CA MET C 360 -11.83 -27.69 -27.90
C MET C 360 -13.32 -27.99 -27.96
N GLU C 361 -14.15 -26.95 -28.10
CA GLU C 361 -15.59 -27.17 -28.23
C GLU C 361 -15.91 -27.98 -29.48
N ASP C 362 -15.24 -27.66 -30.60
CA ASP C 362 -15.44 -28.39 -31.84
C ASP C 362 -15.12 -29.87 -31.64
N ILE C 363 -13.98 -30.17 -31.02
CA ILE C 363 -13.60 -31.56 -30.81
C ILE C 363 -14.58 -32.24 -29.86
N GLU C 364 -15.07 -31.51 -28.87
CA GLU C 364 -16.05 -32.08 -27.95
C GLU C 364 -17.31 -32.52 -28.68
N GLN C 365 -17.88 -31.61 -29.46
CA GLN C 365 -19.20 -31.84 -30.05
C GLN C 365 -19.15 -32.62 -31.36
N GLU C 366 -17.97 -32.80 -31.95
CA GLU C 366 -17.83 -33.55 -33.19
C GLU C 366 -17.14 -34.89 -33.03
N VAL C 367 -16.11 -34.98 -32.19
CA VAL C 367 -15.31 -36.19 -32.10
C VAL C 367 -15.84 -37.11 -31.00
N TYR C 368 -15.89 -36.62 -29.78
CA TYR C 368 -16.22 -37.49 -28.65
C TYR C 368 -17.71 -37.70 -28.45
N GLN C 369 -18.55 -36.83 -29.01
CA GLN C 369 -19.99 -37.07 -28.95
C GLN C 369 -20.35 -38.36 -29.70
N LYS C 370 -19.75 -38.57 -30.87
CA LYS C 370 -20.00 -39.80 -31.62
C LYS C 370 -19.48 -41.01 -30.85
N LEU C 371 -18.35 -40.87 -30.15
CA LEU C 371 -17.85 -41.96 -29.32
C LEU C 371 -18.85 -42.29 -28.21
N PHE C 372 -19.37 -41.26 -27.54
CA PHE C 372 -20.37 -41.50 -26.52
C PHE C 372 -21.56 -42.23 -27.09
N ASN C 373 -22.02 -41.82 -28.28
CA ASN C 373 -23.14 -42.49 -28.91
C ASN C 373 -22.82 -43.95 -29.19
N LEU C 374 -21.61 -44.22 -29.69
CA LEU C 374 -21.22 -45.60 -30.00
C LEU C 374 -21.22 -46.46 -28.75
N VAL C 375 -20.62 -45.97 -27.67
CA VAL C 375 -20.43 -46.80 -26.48
C VAL C 375 -21.76 -47.05 -25.78
N LEU C 376 -22.59 -46.01 -25.65
CA LEU C 376 -23.83 -46.14 -24.91
C LEU C 376 -24.91 -46.83 -25.75
N PRO C 377 -25.94 -47.38 -25.11
CA PRO C 377 -27.04 -47.98 -25.86
C PRO C 377 -27.74 -46.97 -26.75
N ALA C 378 -28.70 -47.44 -27.56
CA ALA C 378 -29.42 -46.53 -28.45
C ALA C 378 -30.32 -45.59 -27.66
N ALA C 379 -30.88 -46.06 -26.55
CA ALA C 379 -31.81 -45.24 -25.78
C ALA C 379 -31.15 -43.96 -25.29
N GLN C 380 -29.86 -44.01 -24.97
CA GLN C 380 -29.15 -42.87 -24.39
C GLN C 380 -28.37 -42.09 -25.45
N LYS C 381 -28.78 -42.17 -26.72
CA LYS C 381 -28.07 -41.45 -27.75
C LYS C 381 -28.19 -39.95 -27.54
N ASP C 382 -27.07 -39.24 -27.64
CA ASP C 382 -26.98 -37.80 -27.45
C ASP C 382 -27.48 -37.34 -26.09
N ASN C 383 -27.69 -38.26 -25.14
CA ASN C 383 -28.11 -37.85 -23.81
C ASN C 383 -26.94 -37.24 -23.03
N TYR C 384 -25.76 -37.85 -23.11
CA TYR C 384 -24.59 -37.38 -22.39
C TYR C 384 -23.67 -36.62 -23.33
N TYR C 385 -22.97 -35.63 -22.77
CA TYR C 385 -22.08 -34.80 -23.55
C TYR C 385 -20.91 -34.35 -22.67
N MET C 386 -19.78 -34.11 -23.34
CA MET C 386 -18.51 -33.86 -22.66
C MET C 386 -18.00 -32.45 -22.98
N ASN C 387 -17.43 -31.81 -21.97
CA ASN C 387 -16.95 -30.44 -22.07
C ASN C 387 -15.55 -30.32 -21.48
N TYR C 388 -14.67 -29.64 -22.20
CA TYR C 388 -13.33 -29.32 -21.70
C TYR C 388 -13.33 -27.90 -21.13
N ASP C 389 -12.37 -27.64 -20.26
CA ASP C 389 -12.25 -26.34 -19.60
C ASP C 389 -11.31 -25.45 -20.41
N LYS C 390 -11.74 -24.21 -20.62
CA LYS C 390 -11.05 -23.28 -21.50
C LYS C 390 -10.32 -22.17 -20.77
N ASP C 391 -10.69 -21.90 -19.52
CA ASP C 391 -10.07 -20.83 -18.75
C ASP C 391 -8.95 -21.37 -17.87
N LYS C 392 -8.25 -20.47 -17.21
CA LYS C 392 -7.19 -20.86 -16.29
C LYS C 392 -7.82 -21.37 -14.99
N PRO C 393 -7.46 -22.56 -14.52
CA PRO C 393 -8.14 -23.13 -13.36
C PRO C 393 -7.68 -22.52 -12.04
N LEU C 394 -8.47 -22.78 -11.01
CA LEU C 394 -8.13 -22.32 -9.67
C LEU C 394 -6.95 -23.11 -9.12
N THR C 395 -6.04 -22.42 -8.45
CA THR C 395 -4.77 -23.01 -8.05
C THR C 395 -4.98 -24.06 -6.95
N LEU C 396 -3.87 -24.65 -6.51
CA LEU C 396 -3.94 -25.75 -5.54
C LEU C 396 -4.48 -25.28 -4.20
N LYS C 397 -4.15 -24.06 -3.78
CA LYS C 397 -4.53 -23.63 -2.44
C LYS C 397 -6.04 -23.60 -2.28
N GLU C 398 -6.76 -22.95 -3.21
CA GLU C 398 -8.21 -22.90 -3.11
C GLU C 398 -8.82 -24.29 -3.23
N LYS C 399 -8.25 -25.13 -4.11
CA LYS C 399 -8.74 -26.49 -4.24
C LYS C 399 -8.66 -27.23 -2.92
N MET C 400 -7.52 -27.13 -2.23
CA MET C 400 -7.36 -27.79 -0.95
C MET C 400 -8.31 -27.21 0.10
N ASP C 401 -8.50 -25.89 0.07
CA ASP C 401 -9.47 -25.29 1.00
C ASP C 401 -10.87 -25.85 0.78
N ILE C 402 -11.29 -25.96 -0.48
CA ILE C 402 -12.62 -26.50 -0.77
C ILE C 402 -12.72 -27.95 -0.31
N LEU C 403 -11.67 -28.74 -0.57
CA LEU C 403 -11.72 -30.16 -0.20
C LEU C 403 -11.78 -30.33 1.31
N ILE C 404 -10.94 -29.60 2.05
CA ILE C 404 -10.95 -29.72 3.50
C ILE C 404 -12.28 -29.23 4.05
N LYS C 405 -12.82 -28.15 3.49
CA LYS C 405 -14.15 -27.70 3.91
C LYS C 405 -15.19 -28.79 3.68
N LEU C 406 -15.07 -29.51 2.56
CA LEU C 406 -16.03 -30.57 2.27
C LEU C 406 -15.92 -31.72 3.25
N ASN C 407 -14.69 -32.08 3.64
CA ASN C 407 -14.48 -33.33 4.37
C ASN C 407 -15.36 -33.43 5.61
N ASP C 408 -15.63 -32.29 6.25
CA ASP C 408 -16.29 -32.29 7.56
C ASP C 408 -17.49 -33.23 7.60
N LYS C 409 -17.43 -34.20 8.50
CA LYS C 409 -18.53 -35.13 8.78
C LYS C 409 -18.97 -35.87 7.52
N GLY C 410 -18.08 -36.71 7.03
CA GLY C 410 -18.46 -37.76 6.09
C GLY C 410 -17.72 -37.76 4.78
N TRP C 411 -17.46 -36.60 4.20
CA TRP C 411 -16.94 -36.59 2.84
C TRP C 411 -15.51 -37.07 2.81
N SER C 412 -15.09 -37.52 1.63
CA SER C 412 -13.88 -38.34 1.50
C SER C 412 -12.66 -37.61 2.05
N ILE C 413 -11.83 -38.38 2.77
CA ILE C 413 -10.55 -37.86 3.25
C ILE C 413 -9.40 -38.18 2.30
N LYS C 414 -9.56 -39.17 1.42
CA LYS C 414 -8.43 -39.61 0.61
C LYS C 414 -7.90 -38.48 -0.26
N HIS C 415 -8.77 -37.71 -0.90
CA HIS C 415 -8.30 -36.63 -1.76
C HIS C 415 -7.73 -35.48 -0.95
N VAL C 416 -8.05 -35.37 0.33
CA VAL C 416 -7.43 -34.36 1.18
C VAL C 416 -5.95 -34.66 1.35
N VAL C 417 -5.64 -35.86 1.85
CA VAL C 417 -4.25 -36.27 2.02
C VAL C 417 -3.57 -36.43 0.67
N ASP C 418 -4.36 -36.60 -0.39
CA ASP C 418 -3.79 -36.95 -1.69
C ASP C 418 -2.96 -35.82 -2.28
N ASN C 419 -3.45 -34.58 -2.19
CA ASN C 419 -2.78 -33.48 -2.86
C ASN C 419 -1.58 -32.94 -2.10
N LEU C 420 -1.34 -33.42 -0.89
CA LEU C 420 -0.17 -33.01 -0.12
C LEU C 420 1.07 -33.67 -0.69
N ALA C 421 2.10 -32.87 -0.97
CA ALA C 421 3.35 -33.41 -1.47
C ALA C 421 3.92 -34.41 -0.48
N GLY C 422 4.35 -35.57 -0.97
CA GLY C 422 4.70 -36.62 -0.06
C GLY C 422 3.45 -37.05 0.69
N VAL C 423 3.67 -37.59 1.89
CA VAL C 423 2.57 -37.93 2.78
C VAL C 423 1.61 -38.90 2.08
N SER C 424 2.15 -39.95 1.47
CA SER C 424 1.34 -40.89 0.73
C SER C 424 0.12 -41.31 1.55
N TRP C 425 -1.00 -41.53 0.88
CA TRP C 425 -2.26 -41.78 1.57
C TRP C 425 -2.16 -43.02 2.45
N GLU C 426 -1.61 -44.11 1.91
CA GLU C 426 -1.55 -45.34 2.68
C GLU C 426 -0.62 -45.20 3.87
N SER C 427 0.51 -44.51 3.69
CA SER C 427 1.38 -44.24 4.83
C SER C 427 0.65 -43.44 5.90
N TYR C 428 -0.09 -42.41 5.48
CA TYR C 428 -0.82 -41.57 6.43
C TYR C 428 -1.80 -42.40 7.24
N LEU C 429 -2.66 -43.16 6.56
CA LEU C 429 -3.67 -43.94 7.28
C LEU C 429 -3.03 -45.02 8.13
N GLU C 430 -2.00 -45.69 7.62
CA GLU C 430 -1.35 -46.76 8.37
C GLU C 430 -0.74 -46.22 9.66
N GLN C 431 0.01 -45.13 9.56
CA GLN C 431 0.64 -44.57 10.75
C GLN C 431 -0.40 -44.03 11.72
N THR C 432 -1.48 -43.43 11.21
CA THR C 432 -2.53 -42.94 12.09
C THR C 432 -3.14 -44.09 12.89
N LEU C 433 -3.43 -45.21 12.21
CA LEU C 433 -3.99 -46.35 12.90
C LEU C 433 -2.98 -46.96 13.87
N TYR C 434 -1.70 -46.98 13.49
CA TYR C 434 -0.68 -47.47 14.40
C TYR C 434 -0.66 -46.65 15.69
N GLU C 435 -0.75 -45.32 15.56
CA GLU C 435 -0.63 -44.46 16.72
C GLU C 435 -1.90 -44.48 17.57
N THR C 436 -3.07 -44.60 16.95
CA THR C 436 -4.31 -44.57 17.72
C THR C 436 -4.75 -45.94 18.23
N GLU C 437 -4.21 -47.03 17.69
CA GLU C 437 -4.67 -48.37 18.05
C GLU C 437 -3.71 -49.08 18.99
N GLU C 438 -2.41 -48.95 18.77
CA GLU C 438 -1.44 -49.71 19.56
C GLU C 438 -0.84 -48.86 20.68
N LEU C 439 -0.21 -47.73 20.32
CA LEU C 439 0.39 -46.88 21.33
C LEU C 439 -0.66 -46.24 22.23
N LYS C 440 -1.79 -45.81 21.65
CA LYS C 440 -2.82 -45.09 22.40
C LYS C 440 -2.30 -43.73 22.87
N LEU C 441 -1.66 -43.00 21.95
CA LEU C 441 -1.10 -41.71 22.29
C LEU C 441 -2.14 -40.81 22.94
N GLN C 442 -3.37 -40.83 22.43
CA GLN C 442 -4.39 -39.93 22.93
C GLN C 442 -4.78 -40.23 24.37
N GLU C 443 -4.36 -41.38 24.89
CA GLU C 443 -4.55 -41.68 26.31
C GLU C 443 -3.33 -41.30 27.15
N LYS C 444 -2.33 -40.68 26.54
CA LYS C 444 -1.11 -40.31 27.24
C LYS C 444 -0.65 -38.90 26.84
N GLU D 25 28.02 -23.77 -45.80
CA GLU D 25 27.60 -23.84 -44.38
C GLU D 25 26.09 -23.90 -44.25
N ALA D 26 25.42 -22.87 -44.76
CA ALA D 26 23.96 -22.80 -44.65
C ALA D 26 23.30 -24.00 -45.31
N GLU D 27 23.82 -24.42 -46.47
CA GLU D 27 23.22 -25.53 -47.19
C GLU D 27 23.15 -26.79 -46.32
N GLN D 28 24.14 -27.00 -45.46
CA GLN D 28 24.13 -28.20 -44.62
C GLN D 28 22.94 -28.18 -43.66
N LEU D 29 22.71 -27.05 -42.98
CA LEU D 29 21.56 -26.94 -42.10
C LEU D 29 20.26 -27.04 -42.87
N LYS D 30 20.19 -26.43 -44.05
CA LYS D 30 18.99 -26.51 -44.86
C LYS D 30 18.68 -27.96 -45.23
N ASN D 31 19.70 -28.71 -45.63
CA ASN D 31 19.50 -30.12 -45.96
C ASN D 31 19.08 -30.92 -44.73
N TYR D 32 19.70 -30.64 -43.58
CA TYR D 32 19.31 -31.34 -42.36
C TYR D 32 17.85 -31.10 -42.03
N PHE D 33 17.39 -29.86 -42.16
CA PHE D 33 15.99 -29.54 -41.89
C PHE D 33 15.07 -30.07 -42.99
N SER D 34 15.59 -30.33 -44.18
CA SER D 34 14.76 -30.89 -45.25
C SER D 34 14.23 -32.27 -44.86
N ASN D 35 15.07 -33.10 -44.24
CA ASN D 35 14.72 -34.47 -43.87
C ASN D 35 15.05 -34.69 -42.40
N PRO D 36 14.23 -34.17 -41.49
CA PRO D 36 14.49 -34.38 -40.06
C PRO D 36 14.39 -35.84 -39.65
N ASP D 37 13.75 -36.69 -40.45
CA ASP D 37 13.61 -38.10 -40.12
C ASP D 37 14.69 -38.97 -40.76
N GLU D 38 15.65 -38.37 -41.46
CA GLU D 38 16.71 -39.13 -42.11
C GLU D 38 18.10 -38.71 -41.67
N PHE D 39 18.34 -37.41 -41.47
CA PHE D 39 19.64 -36.91 -41.01
C PHE D 39 19.68 -36.80 -39.49
N GLN D 40 19.33 -37.88 -38.80
CA GLN D 40 19.29 -37.86 -37.35
C GLN D 40 20.68 -37.94 -36.74
N GLU D 41 21.61 -38.63 -37.39
CA GLU D 41 22.94 -38.80 -36.82
C GLU D 41 23.61 -37.45 -36.59
N GLU D 42 23.59 -36.58 -37.60
CA GLU D 42 24.22 -35.28 -37.46
C GLU D 42 23.51 -34.44 -36.41
N ILE D 43 22.18 -34.55 -36.33
CA ILE D 43 21.43 -33.78 -35.35
C ILE D 43 21.85 -34.19 -33.93
N GLU D 44 21.95 -35.49 -33.69
CA GLU D 44 22.38 -35.96 -32.37
C GLU D 44 23.81 -35.55 -32.08
N ASP D 45 24.69 -35.64 -33.08
CA ASP D 45 26.07 -35.23 -32.89
C ASP D 45 26.15 -33.77 -32.46
N LEU D 46 25.47 -32.89 -33.18
CA LEU D 46 25.50 -31.47 -32.84
C LEU D 46 24.84 -31.23 -31.48
N ALA D 47 23.78 -31.98 -31.17
CA ALA D 47 23.12 -31.81 -29.88
C ALA D 47 24.07 -32.11 -28.73
N GLN D 48 24.71 -33.27 -28.78
CA GLN D 48 25.68 -33.64 -27.75
C GLN D 48 26.88 -32.71 -27.72
N TYR D 49 27.31 -32.20 -28.87
CA TYR D 49 28.44 -31.29 -28.92
C TYR D 49 28.12 -29.95 -28.24
N PHE D 50 26.98 -29.36 -28.58
CA PHE D 50 26.59 -28.10 -27.98
C PHE D 50 26.05 -28.25 -26.57
N TYR D 51 25.75 -29.48 -26.13
CA TYR D 51 25.43 -29.68 -24.72
C TYR D 51 26.59 -29.24 -23.84
N ILE D 52 27.80 -29.58 -24.24
CA ILE D 52 28.97 -29.28 -23.41
C ILE D 52 29.70 -28.02 -23.87
N SER D 53 29.71 -27.73 -25.18
CA SER D 53 30.42 -26.56 -25.67
C SER D 53 29.61 -25.27 -25.59
N THR D 54 28.37 -25.32 -25.12
CA THR D 54 27.55 -24.13 -24.94
C THR D 54 26.69 -24.29 -23.69
N ALA D 55 26.26 -23.14 -23.14
CA ALA D 55 25.50 -23.13 -21.90
C ALA D 55 23.99 -23.10 -22.11
N GLU D 56 23.52 -22.47 -23.18
CA GLU D 56 22.08 -22.34 -23.39
C GLU D 56 21.41 -23.72 -23.46
N ILE D 57 21.93 -24.60 -24.32
CA ILE D 57 21.38 -25.93 -24.44
C ILE D 57 21.58 -26.71 -23.15
N HIS D 58 22.71 -26.48 -22.48
CA HIS D 58 22.96 -27.14 -21.21
C HIS D 58 21.90 -26.77 -20.18
N GLN D 59 21.59 -25.47 -20.07
CA GLN D 59 20.51 -25.05 -19.18
C GLN D 59 19.19 -25.64 -19.62
N LEU D 60 18.94 -25.68 -20.93
CA LEU D 60 17.71 -26.29 -21.43
C LEU D 60 17.54 -27.70 -20.89
N PHE D 61 18.57 -28.54 -21.06
CA PHE D 61 18.42 -29.95 -20.72
C PHE D 61 18.39 -30.17 -19.20
N GLU D 62 19.22 -29.44 -18.44
CA GLU D 62 19.10 -29.58 -16.99
C GLU D 62 17.77 -29.04 -16.48
N LEU D 63 17.20 -28.02 -17.12
CA LEU D 63 15.87 -27.57 -16.74
C LEU D 63 14.84 -28.66 -17.02
N ILE D 64 14.95 -29.33 -18.17
CA ILE D 64 14.05 -30.45 -18.45
C ILE D 64 14.15 -31.50 -17.36
N GLU D 65 15.38 -31.88 -17.01
CA GLU D 65 15.56 -33.00 -16.07
C GLU D 65 15.26 -32.58 -14.64
N ALA D 66 15.29 -31.29 -14.32
CA ALA D 66 15.20 -30.81 -12.94
C ALA D 66 13.83 -30.27 -12.58
N LEU D 67 13.22 -29.45 -13.44
CA LEU D 67 11.99 -28.74 -13.07
C LEU D 67 10.93 -29.65 -12.48
N PRO D 68 10.62 -30.80 -13.05
CA PRO D 68 9.56 -31.64 -12.48
C PRO D 68 9.86 -31.99 -11.03
N THR D 69 8.81 -31.96 -10.21
CA THR D 69 8.91 -32.43 -8.83
C THR D 69 8.55 -33.90 -8.69
N LEU D 70 8.01 -34.50 -9.76
CA LEU D 70 7.77 -35.94 -9.82
C LEU D 70 6.97 -36.44 -8.62
N ASN D 71 6.15 -35.59 -8.01
CA ASN D 71 5.15 -36.06 -7.07
C ASN D 71 4.05 -36.75 -7.85
N TYR D 72 3.67 -37.95 -7.43
CA TYR D 72 2.78 -38.79 -8.22
C TYR D 72 1.63 -39.28 -7.36
N LYS D 73 0.60 -39.79 -8.03
CA LYS D 73 -0.53 -40.40 -7.36
C LYS D 73 -1.14 -41.47 -8.27
N ILE D 74 -1.49 -42.60 -7.67
CA ILE D 74 -2.17 -43.68 -8.37
C ILE D 74 -3.63 -43.69 -7.93
N ASP D 75 -4.53 -43.69 -8.90
CA ASP D 75 -5.97 -43.71 -8.66
C ASP D 75 -6.58 -44.86 -9.45
N SER D 76 -7.85 -45.13 -9.21
CA SER D 76 -8.52 -46.28 -9.79
C SER D 76 -9.81 -45.87 -10.48
N PHE D 77 -10.19 -46.64 -11.48
CA PHE D 77 -11.51 -46.52 -12.10
C PHE D 77 -12.58 -47.32 -11.37
N ASN D 78 -12.22 -48.01 -10.29
CA ASN D 78 -13.19 -48.74 -9.49
C ASN D 78 -12.57 -48.97 -8.11
N LYS D 79 -13.45 -49.23 -7.14
CA LYS D 79 -13.04 -49.42 -5.74
C LYS D 79 -13.23 -50.90 -5.41
N VAL D 80 -12.20 -51.70 -5.67
CA VAL D 80 -12.25 -53.12 -5.35
C VAL D 80 -12.18 -53.30 -3.84
N LYS D 81 -12.51 -54.53 -3.40
CA LYS D 81 -12.54 -54.82 -1.97
C LYS D 81 -11.15 -54.71 -1.35
N SER D 82 -10.12 -55.18 -2.04
CA SER D 82 -8.76 -55.22 -1.52
C SER D 82 -7.89 -54.13 -2.13
N SER D 83 -8.46 -52.94 -2.30
CA SER D 83 -7.74 -51.87 -2.99
C SER D 83 -6.43 -51.55 -2.29
N ASP D 84 -6.46 -51.39 -0.97
CA ASP D 84 -5.28 -50.95 -0.23
C ASP D 84 -4.06 -51.82 -0.55
N LYS D 85 -4.27 -53.13 -0.69
CA LYS D 85 -3.17 -54.01 -1.05
C LYS D 85 -2.58 -53.62 -2.40
N HIS D 86 -3.45 -53.32 -3.37
CA HIS D 86 -2.96 -52.90 -4.68
C HIS D 86 -2.21 -51.57 -4.59
N ILE D 87 -2.70 -50.64 -3.77
CA ILE D 87 -2.02 -49.35 -3.66
C ILE D 87 -0.61 -49.56 -3.11
N SER D 88 -0.50 -50.36 -2.04
CA SER D 88 0.81 -50.62 -1.46
C SER D 88 1.73 -51.33 -2.44
N LEU D 89 1.19 -52.33 -3.16
CA LEU D 89 2.00 -53.05 -4.13
C LEU D 89 2.51 -52.12 -5.22
N LEU D 90 1.66 -51.23 -5.71
CA LEU D 90 2.08 -50.32 -6.77
C LEU D 90 3.13 -49.35 -6.27
N ASN D 91 2.97 -48.84 -5.04
CA ASN D 91 4.00 -47.95 -4.49
C ASN D 91 5.33 -48.67 -4.38
N LYS D 92 5.31 -49.91 -3.87
CA LYS D 92 6.55 -50.66 -3.73
C LYS D 92 7.19 -50.92 -5.09
N SER D 93 6.39 -51.29 -6.08
CA SER D 93 6.93 -51.59 -7.41
C SER D 93 7.42 -50.33 -8.09
N LEU D 94 6.85 -49.18 -7.76
CA LEU D 94 7.35 -47.93 -8.29
C LEU D 94 8.68 -47.56 -7.66
N HIS D 95 8.87 -47.89 -6.38
CA HIS D 95 10.15 -47.62 -5.75
C HIS D 95 11.23 -48.57 -6.26
N LYS D 96 10.91 -49.87 -6.34
CA LYS D 96 11.91 -50.84 -6.79
C LYS D 96 12.52 -50.44 -8.13
N VAL D 97 11.67 -50.03 -9.08
CA VAL D 97 12.17 -49.53 -10.34
C VAL D 97 12.90 -48.21 -10.16
N LYS D 98 12.66 -47.51 -9.05
CA LYS D 98 13.25 -46.20 -8.80
C LYS D 98 12.88 -45.23 -9.93
N HIS D 99 11.57 -44.96 -10.00
CA HIS D 99 10.99 -44.33 -11.17
C HIS D 99 11.65 -42.98 -11.48
N LYS D 100 11.84 -42.14 -10.47
CA LYS D 100 12.20 -40.74 -10.71
C LYS D 100 13.40 -40.63 -11.65
N ARG D 101 14.45 -41.40 -11.38
CA ARG D 101 15.62 -41.37 -12.25
C ARG D 101 15.27 -41.81 -13.66
N LEU D 102 14.46 -42.86 -13.79
CA LEU D 102 14.06 -43.34 -15.11
C LEU D 102 13.29 -42.28 -15.89
N THR D 103 12.34 -41.61 -15.22
CA THR D 103 11.58 -40.55 -15.87
C THR D 103 12.51 -39.44 -16.34
N ARG D 104 13.47 -39.03 -15.49
CA ARG D 104 14.36 -37.94 -15.87
C ARG D 104 15.22 -38.34 -17.07
N ASP D 105 15.76 -39.57 -17.06
CA ASP D 105 16.57 -40.02 -18.19
C ASP D 105 15.74 -40.09 -19.46
N LEU D 106 14.51 -40.59 -19.37
CA LEU D 106 13.66 -40.67 -20.54
C LEU D 106 13.38 -39.28 -21.10
N LEU D 107 13.05 -38.33 -20.23
CA LEU D 107 12.79 -36.98 -20.70
C LEU D 107 14.01 -36.41 -21.41
N LYS D 108 15.19 -36.54 -20.78
CA LYS D 108 16.40 -35.98 -21.38
C LYS D 108 16.68 -36.62 -22.73
N GLN D 109 16.55 -37.94 -22.84
CA GLN D 109 16.86 -38.63 -24.09
C GLN D 109 15.86 -38.31 -25.19
N VAL D 110 14.55 -38.32 -24.89
CA VAL D 110 13.57 -37.99 -25.91
C VAL D 110 13.76 -36.56 -26.39
N ALA D 111 14.01 -35.63 -25.47
CA ALA D 111 14.33 -34.27 -25.89
C ALA D 111 15.58 -34.25 -26.76
N THR D 112 16.55 -35.11 -26.47
CA THR D 112 17.79 -35.12 -27.25
C THR D 112 17.54 -35.59 -28.68
N ALA D 113 16.82 -36.71 -28.83
CA ALA D 113 16.63 -37.34 -30.13
C ALA D 113 15.24 -37.14 -30.72
N GLY D 114 14.23 -36.91 -29.89
CA GLY D 114 12.88 -36.78 -30.35
C GLY D 114 12.08 -38.05 -30.36
N THR D 115 12.74 -39.21 -30.26
CA THR D 115 12.04 -40.48 -30.23
C THR D 115 12.86 -41.47 -29.41
N LEU D 116 12.18 -42.50 -28.90
CA LEU D 116 12.80 -43.46 -28.01
C LEU D 116 11.94 -44.71 -27.98
N VAL D 117 12.59 -45.87 -27.85
CA VAL D 117 11.90 -47.15 -27.79
C VAL D 117 12.47 -47.93 -26.62
N GLY D 118 11.64 -48.15 -25.58
CA GLY D 118 12.03 -48.96 -24.46
C GLY D 118 11.18 -50.21 -24.37
N ILE D 119 11.47 -51.03 -23.35
CA ILE D 119 10.75 -52.29 -23.16
C ILE D 119 11.02 -52.80 -21.76
N TRP D 120 10.04 -53.51 -21.20
CA TRP D 120 10.20 -54.19 -19.92
C TRP D 120 10.71 -55.61 -20.18
N LEU D 121 11.90 -55.92 -19.68
CA LEU D 121 12.54 -57.18 -19.98
C LEU D 121 12.32 -58.25 -18.91
N GLY D 122 12.65 -57.93 -17.67
CA GLY D 122 12.56 -58.91 -16.61
C GLY D 122 11.18 -59.52 -16.49
N ASP D 123 11.09 -60.55 -15.66
CA ASP D 123 9.83 -61.26 -15.51
C ASP D 123 8.74 -60.28 -15.05
N ALA D 124 7.49 -60.75 -15.14
CA ALA D 124 6.36 -59.88 -14.86
C ALA D 124 6.37 -59.41 -13.41
N LYS D 125 6.70 -60.29 -12.47
CA LYS D 125 6.62 -59.94 -11.06
C LYS D 125 7.54 -58.77 -10.72
N SER D 126 8.77 -58.79 -11.25
CA SER D 126 9.77 -57.76 -10.95
C SER D 126 10.42 -57.30 -12.25
N PRO D 127 9.67 -56.57 -13.09
CA PRO D 127 10.22 -56.16 -14.38
C PRO D 127 11.35 -55.16 -14.24
N TYR D 128 12.21 -55.12 -15.25
CA TYR D 128 13.27 -54.13 -15.31
C TYR D 128 13.33 -53.54 -16.71
N PRO D 129 13.63 -52.25 -16.85
CA PRO D 129 13.53 -51.60 -18.16
C PRO D 129 14.79 -51.76 -19.01
N PHE D 130 14.61 -51.52 -20.30
CA PHE D 130 15.70 -51.57 -21.26
C PHE D 130 15.41 -50.55 -22.34
N ILE D 131 16.37 -49.65 -22.58
CA ILE D 131 16.22 -48.53 -23.51
C ILE D 131 17.18 -48.75 -24.66
N PHE D 132 16.64 -48.99 -25.86
CA PHE D 132 17.46 -49.08 -27.05
C PHE D 132 18.13 -47.74 -27.30
N ASP D 133 19.36 -47.78 -27.80
CA ASP D 133 20.13 -46.57 -28.06
C ASP D 133 20.08 -46.14 -29.52
N GLU D 134 20.03 -47.08 -30.45
CA GLU D 134 20.04 -46.78 -31.88
C GLU D 134 18.60 -46.65 -32.35
N ILE D 135 18.27 -45.50 -32.95
CA ILE D 135 16.94 -45.30 -33.49
C ILE D 135 16.88 -45.73 -34.94
N LYS D 136 18.02 -45.69 -35.64
CA LYS D 136 18.04 -46.04 -37.06
C LYS D 136 17.64 -47.49 -37.30
N TYR D 137 17.74 -48.35 -36.29
CA TYR D 137 17.42 -49.76 -36.45
C TYR D 137 16.25 -50.23 -35.61
N VAL D 138 15.86 -49.47 -34.59
CA VAL D 138 14.67 -49.77 -33.81
C VAL D 138 13.85 -48.49 -33.71
N PHE D 139 12.59 -48.55 -34.13
CA PHE D 139 11.72 -47.38 -34.16
C PHE D 139 10.28 -47.86 -34.25
N PRO D 140 9.32 -46.97 -33.95
CA PRO D 140 7.95 -47.22 -34.39
C PRO D 140 7.82 -47.03 -35.89
N SER D 141 6.98 -47.86 -36.51
CA SER D 141 6.84 -47.87 -37.96
C SER D 141 5.43 -47.56 -38.44
N PHE D 142 4.41 -48.14 -37.82
CA PHE D 142 3.03 -47.94 -38.25
C PHE D 142 2.13 -48.15 -37.05
N ARG D 143 0.83 -48.22 -37.31
CA ARG D 143 -0.17 -48.37 -36.25
C ARG D 143 -1.09 -49.54 -36.57
N ARG D 144 -1.63 -50.14 -35.51
CA ARG D 144 -2.67 -51.13 -35.61
C ARG D 144 -3.53 -51.04 -34.36
N ASN D 145 -4.84 -51.15 -34.53
CA ASN D 145 -5.79 -50.98 -33.43
C ASN D 145 -5.66 -49.61 -32.78
N GLY D 146 -5.09 -48.65 -33.49
CA GLY D 146 -4.87 -47.32 -32.94
C GLY D 146 -3.59 -47.17 -32.15
N ASP D 147 -2.81 -48.23 -31.99
CA ASP D 147 -1.58 -48.20 -31.19
C ASP D 147 -0.36 -48.38 -32.09
N TRP D 148 0.72 -47.73 -31.71
CA TRP D 148 1.97 -47.83 -32.45
C TRP D 148 2.52 -49.25 -32.41
N VAL D 149 3.26 -49.62 -33.44
CA VAL D 149 3.98 -50.89 -33.49
C VAL D 149 5.43 -50.60 -33.82
N CYS D 150 6.34 -51.17 -33.02
CA CYS D 150 7.77 -50.94 -33.16
C CYS D 150 8.44 -52.21 -33.67
N VAL D 151 9.28 -52.06 -34.69
CA VAL D 151 9.93 -53.19 -35.35
C VAL D 151 11.44 -53.03 -35.19
N VAL D 152 12.08 -54.06 -34.64
CA VAL D 152 13.52 -54.11 -34.52
C VAL D 152 14.09 -54.62 -35.84
N ASP D 153 15.04 -53.86 -36.40
CA ASP D 153 15.81 -54.30 -37.55
C ASP D 153 16.99 -55.14 -37.05
N MET D 154 17.20 -56.28 -37.70
CA MET D 154 18.26 -57.19 -37.26
C MET D 154 19.64 -56.76 -37.74
N GLU D 155 19.71 -55.86 -38.72
CA GLU D 155 21.01 -55.32 -39.14
C GLU D 155 21.77 -54.75 -37.95
N LEU D 156 21.04 -54.29 -36.93
CA LEU D 156 21.67 -53.77 -35.73
C LEU D 156 22.74 -54.73 -35.21
N PHE D 157 22.45 -56.04 -35.25
CA PHE D 157 23.34 -57.02 -34.65
C PHE D 157 24.60 -57.28 -35.46
N THR D 158 24.71 -56.74 -36.68
CA THR D 158 25.90 -57.02 -37.49
C THR D 158 27.17 -56.40 -36.92
N LYS D 159 27.04 -55.47 -35.97
CA LYS D 159 28.20 -54.76 -35.42
C LYS D 159 28.59 -55.24 -34.03
N TYR D 160 27.63 -55.72 -33.25
CA TYR D 160 27.93 -56.17 -31.90
C TYR D 160 28.81 -57.41 -31.93
N LYS D 161 29.65 -57.54 -30.90
CA LYS D 161 30.55 -58.69 -30.81
C LYS D 161 29.75 -59.98 -30.66
N ASP D 162 30.36 -61.08 -31.09
CA ASP D 162 29.67 -62.37 -31.03
C ASP D 162 29.23 -62.70 -29.61
N ASP D 163 30.13 -62.54 -28.65
CA ASP D 163 29.76 -62.75 -27.26
C ASP D 163 28.71 -61.74 -26.82
N GLN D 164 28.91 -60.47 -27.17
CA GLN D 164 27.92 -59.44 -26.83
C GLN D 164 26.60 -59.71 -27.53
N ARG D 165 26.65 -60.12 -28.80
CA ARG D 165 25.43 -60.42 -29.53
C ARG D 165 24.65 -61.55 -28.88
N ASN D 166 25.36 -62.63 -28.49
CA ASN D 166 24.69 -63.74 -27.83
C ASN D 166 24.11 -63.31 -26.49
N GLU D 167 24.85 -62.50 -25.73
CA GLU D 167 24.35 -62.01 -24.45
C GLU D 167 23.06 -61.21 -24.65
N LEU D 168 23.08 -60.30 -25.62
CA LEU D 168 21.89 -59.48 -25.86
C LEU D 168 20.71 -60.33 -26.29
N LEU D 169 20.93 -61.27 -27.21
CA LEU D 169 19.85 -62.13 -27.68
C LEU D 169 19.30 -62.98 -26.53
N LYS D 170 20.17 -63.36 -25.59
CA LYS D 170 19.69 -64.03 -24.39
C LYS D 170 18.89 -63.08 -23.51
N SER D 171 19.20 -61.79 -23.56
CA SER D 171 18.45 -60.82 -22.77
C SER D 171 16.98 -60.80 -23.19
N LEU D 172 16.71 -60.81 -24.49
CA LEU D 172 15.36 -60.78 -25.02
C LEU D 172 14.87 -62.17 -25.41
N SER D 173 15.26 -63.20 -24.67
CA SER D 173 15.06 -64.58 -25.05
C SER D 173 13.64 -64.86 -25.53
N PRO D 174 12.63 -64.73 -24.67
CA PRO D 174 11.28 -65.14 -25.07
C PRO D 174 10.71 -64.37 -26.24
N TYR D 175 11.21 -63.17 -26.52
CA TYR D 175 10.69 -62.33 -27.60
C TYR D 175 11.53 -62.44 -28.86
N ILE D 176 12.85 -62.26 -28.75
CA ILE D 176 13.77 -62.43 -29.87
C ILE D 176 14.75 -63.54 -29.48
N LYS D 177 15.21 -64.29 -30.48
CA LYS D 177 16.07 -65.43 -30.25
C LYS D 177 17.14 -65.50 -31.33
N GLN D 178 18.20 -66.26 -31.04
CA GLN D 178 19.28 -66.43 -32.01
C GLN D 178 18.78 -67.04 -33.31
N SER D 179 17.73 -67.86 -33.23
CA SER D 179 17.14 -68.41 -34.44
C SER D 179 16.70 -67.31 -35.38
N ASP D 180 16.21 -66.20 -34.84
CA ASP D 180 15.81 -65.08 -35.68
C ASP D 180 17.00 -64.51 -36.44
N TYR D 181 18.14 -64.35 -35.76
CA TYR D 181 19.33 -63.83 -36.43
C TYR D 181 19.82 -64.82 -37.48
N GLU D 182 19.77 -66.12 -37.18
CA GLU D 182 20.18 -67.11 -38.17
C GLU D 182 19.28 -67.06 -39.40
N ASN D 183 17.97 -66.92 -39.20
CA ASN D 183 17.06 -66.79 -40.33
C ASN D 183 17.35 -65.52 -41.12
N PHE D 184 17.64 -64.42 -40.42
CA PHE D 184 18.00 -63.19 -41.11
C PHE D 184 19.22 -63.40 -42.00
N MET D 185 20.25 -64.06 -41.46
CA MET D 185 21.44 -64.33 -42.26
C MET D 185 21.12 -65.26 -43.42
N LYS D 186 20.15 -66.16 -43.23
CA LYS D 186 19.74 -67.05 -44.32
C LYS D 186 19.13 -66.24 -45.47
N ASP D 187 18.26 -65.29 -45.14
CA ASP D 187 17.61 -64.43 -46.13
C ASP D 187 17.51 -63.03 -45.54
N ARG D 188 18.49 -62.19 -45.85
CA ARG D 188 18.55 -60.85 -45.25
C ARG D 188 17.37 -59.98 -45.64
N GLU D 189 16.68 -60.30 -46.73
CA GLU D 189 15.58 -59.48 -47.23
C GLU D 189 14.22 -60.06 -46.90
N LYS D 190 14.14 -61.05 -46.03
CA LYS D 190 12.86 -61.63 -45.62
C LYS D 190 12.55 -61.42 -44.16
N TYR D 191 13.49 -61.74 -43.26
CA TYR D 191 13.30 -61.62 -41.82
C TYR D 191 13.98 -60.38 -41.27
N ARG D 192 14.03 -59.30 -42.04
CA ARG D 192 14.78 -58.11 -41.69
C ARG D 192 14.15 -57.32 -40.55
N PHE D 193 12.93 -57.62 -40.15
CA PHE D 193 12.24 -56.85 -39.11
C PHE D 193 11.44 -57.78 -38.22
N LYS D 194 11.47 -57.50 -36.92
CA LYS D 194 10.78 -58.32 -35.92
C LYS D 194 9.93 -57.42 -35.02
N GLU D 195 8.72 -57.88 -34.71
CA GLU D 195 7.81 -57.13 -33.86
C GLU D 195 8.05 -57.44 -32.39
N LEU D 196 7.79 -56.44 -31.53
CA LEU D 196 7.92 -56.59 -30.09
C LEU D 196 6.55 -56.60 -29.42
N PRO D 197 6.39 -57.27 -28.28
CA PRO D 197 5.08 -57.33 -27.64
C PRO D 197 4.56 -55.95 -27.28
N GLN D 198 3.24 -55.77 -27.40
CA GLN D 198 2.65 -54.49 -27.07
C GLN D 198 2.68 -54.22 -25.57
N GLU D 199 2.43 -55.26 -24.76
CA GLU D 199 2.31 -55.05 -23.32
C GLU D 199 3.60 -54.58 -22.68
N ARG D 200 4.74 -54.67 -23.38
CA ARG D 200 6.03 -54.31 -22.79
C ARG D 200 6.67 -53.11 -23.47
N THR D 201 6.86 -53.14 -24.79
CA THR D 201 7.56 -52.04 -25.44
C THR D 201 6.79 -50.73 -25.26
N PHE D 202 7.53 -49.62 -25.30
CA PHE D 202 6.89 -48.32 -25.32
C PHE D 202 7.69 -47.37 -26.20
N PRO D 203 7.10 -46.86 -27.29
CA PRO D 203 7.73 -45.76 -28.03
C PRO D 203 7.26 -44.40 -27.55
N LEU D 204 8.20 -43.50 -27.28
CA LEU D 204 7.90 -42.12 -26.95
C LEU D 204 8.45 -41.21 -28.05
N ARG D 205 7.74 -40.12 -28.30
CA ARG D 205 8.07 -39.23 -29.41
C ARG D 205 7.62 -37.82 -29.08
N THR D 206 8.24 -36.85 -29.74
CA THR D 206 7.88 -35.45 -29.57
C THR D 206 8.34 -34.68 -30.80
N GLY D 207 7.61 -33.61 -31.11
CA GLY D 207 7.90 -32.81 -32.28
C GLY D 207 7.15 -33.21 -33.54
N THR D 208 6.19 -34.12 -33.43
CA THR D 208 5.45 -34.58 -34.59
C THR D 208 4.11 -33.85 -34.67
N LEU D 209 3.91 -33.14 -35.78
CA LEU D 209 2.63 -32.47 -36.01
C LEU D 209 1.54 -33.48 -36.35
N LYS D 210 1.84 -34.43 -37.22
CA LYS D 210 0.86 -35.38 -37.71
C LYS D 210 0.78 -36.61 -36.81
N ARG D 211 -0.44 -37.06 -36.55
CA ARG D 211 -0.62 -38.26 -35.74
C ARG D 211 -0.05 -39.50 -36.43
N ASN D 212 0.19 -39.44 -37.73
CA ASN D 212 0.76 -40.54 -38.49
C ASN D 212 2.21 -40.26 -38.89
N GLN D 213 2.95 -39.58 -38.02
CA GLN D 213 4.38 -39.32 -38.21
C GLN D 213 5.16 -40.13 -37.19
N GLY D 214 6.15 -40.88 -37.64
CA GLY D 214 6.89 -41.77 -36.77
C GLY D 214 7.98 -41.10 -35.97
N LEU D 215 8.93 -40.48 -36.65
CA LEU D 215 10.11 -39.91 -36.01
C LEU D 215 9.84 -38.48 -35.56
N GLY D 216 10.12 -38.20 -34.30
CA GLY D 216 10.02 -36.84 -33.78
C GLY D 216 11.23 -36.03 -34.18
N THR D 217 11.42 -34.91 -33.46
CA THR D 217 12.54 -34.02 -33.72
C THR D 217 13.12 -33.54 -32.40
N SER D 218 14.40 -33.17 -32.43
CA SER D 218 15.09 -32.71 -31.25
C SER D 218 14.87 -31.22 -31.04
N TRP D 219 14.88 -30.81 -29.76
CA TRP D 219 14.62 -29.43 -29.41
C TRP D 219 15.78 -28.51 -29.77
N VAL D 220 16.92 -29.06 -30.21
CA VAL D 220 18.06 -28.22 -30.59
C VAL D 220 17.90 -27.65 -31.99
N THR D 221 17.09 -28.27 -32.85
CA THR D 221 17.02 -27.84 -34.24
C THR D 221 16.65 -26.36 -34.38
N PRO D 222 15.69 -25.81 -33.63
CA PRO D 222 15.33 -24.40 -33.87
C PRO D 222 16.47 -23.44 -33.62
N GLY D 223 17.09 -23.50 -32.45
CA GLY D 223 18.18 -22.62 -32.09
C GLY D 223 19.53 -23.03 -32.63
N LEU D 224 19.58 -24.10 -33.43
CA LEU D 224 20.86 -24.55 -33.97
C LEU D 224 21.49 -23.49 -34.87
N TYR D 225 20.68 -22.81 -35.68
CA TYR D 225 21.24 -21.79 -36.57
C TYR D 225 21.86 -20.64 -35.79
N ASP D 226 21.40 -20.38 -34.58
CA ASP D 226 21.97 -19.32 -33.77
C ASP D 226 23.41 -19.60 -33.35
N VAL D 227 23.87 -20.84 -33.49
CA VAL D 227 25.23 -21.19 -33.11
C VAL D 227 25.78 -22.24 -34.07
N ASN D 348 7.25 -17.83 -19.35
CA ASN D 348 8.34 -18.67 -19.83
C ASN D 348 8.47 -19.93 -18.96
N LEU D 349 8.67 -19.71 -17.66
CA LEU D 349 8.80 -20.85 -16.75
C LEU D 349 7.53 -21.69 -16.75
N ASP D 350 6.37 -21.04 -16.68
CA ASP D 350 5.12 -21.78 -16.77
C ASP D 350 4.94 -22.39 -18.16
N THR D 351 5.45 -21.72 -19.19
CA THR D 351 5.42 -22.31 -20.53
C THR D 351 6.19 -23.63 -20.58
N PHE D 352 7.37 -23.65 -19.98
CA PHE D 352 8.15 -24.89 -19.95
C PHE D 352 7.48 -25.94 -19.06
N TYR D 353 6.91 -25.53 -17.94
CA TYR D 353 6.16 -26.47 -17.11
C TYR D 353 5.06 -27.14 -17.92
N LYS D 354 4.30 -26.35 -18.68
CA LYS D 354 3.21 -26.90 -19.48
C LYS D 354 3.75 -27.76 -20.62
N ARG D 355 4.89 -27.38 -21.19
CA ARG D 355 5.49 -28.18 -22.26
C ARG D 355 5.89 -29.55 -21.75
N ILE D 356 6.48 -29.62 -20.55
CA ILE D 356 6.90 -30.90 -20.00
C ILE D 356 5.74 -31.67 -19.38
N GLY D 357 4.62 -31.00 -19.09
CA GLY D 357 3.46 -31.71 -18.59
C GLY D 357 2.97 -32.76 -19.57
N VAL D 358 3.00 -32.46 -20.86
CA VAL D 358 2.53 -33.43 -21.85
C VAL D 358 3.46 -34.63 -21.91
N LEU D 359 4.77 -34.40 -21.80
CA LEU D 359 5.70 -35.51 -21.77
C LEU D 359 5.48 -36.36 -20.55
N MET D 360 5.21 -35.73 -19.40
CA MET D 360 4.91 -36.51 -18.19
C MET D 360 3.65 -37.34 -18.38
N GLU D 361 2.62 -36.77 -19.01
CA GLU D 361 1.39 -37.53 -19.26
C GLU D 361 1.66 -38.71 -20.18
N ASP D 362 2.45 -38.49 -21.23
CA ASP D 362 2.79 -39.56 -22.15
C ASP D 362 3.53 -40.68 -21.43
N ILE D 363 4.50 -40.32 -20.58
CA ILE D 363 5.24 -41.33 -19.84
C ILE D 363 4.32 -42.07 -18.88
N GLU D 364 3.35 -41.36 -18.31
CA GLU D 364 2.39 -42.01 -17.41
C GLU D 364 1.58 -43.06 -18.14
N GLN D 365 1.02 -42.70 -19.29
CA GLN D 365 0.06 -43.56 -19.97
C GLN D 365 0.71 -44.58 -20.90
N GLU D 366 2.00 -44.46 -21.17
CA GLU D 366 2.71 -45.42 -22.02
C GLU D 366 3.66 -46.32 -21.27
N VAL D 367 4.39 -45.80 -20.28
CA VAL D 367 5.43 -46.57 -19.62
C VAL D 367 4.89 -47.25 -18.38
N TYR D 368 4.39 -46.47 -17.43
CA TYR D 368 4.01 -47.01 -16.13
C TYR D 368 2.66 -47.70 -16.14
N GLN D 369 1.78 -47.39 -17.10
CA GLN D 369 0.54 -48.13 -17.20
C GLN D 369 0.79 -49.60 -17.49
N LYS D 370 1.72 -49.88 -18.41
CA LYS D 370 2.08 -51.25 -18.70
C LYS D 370 2.69 -51.93 -17.48
N LEU D 371 3.48 -51.19 -16.71
CA LEU D 371 4.04 -51.74 -15.47
C LEU D 371 2.93 -52.12 -14.50
N PHE D 372 1.96 -51.22 -14.32
CA PHE D 372 0.83 -51.55 -13.45
C PHE D 372 0.11 -52.79 -13.94
N ASN D 373 -0.09 -52.91 -15.24
CA ASN D 373 -0.74 -54.09 -15.79
C ASN D 373 0.07 -55.35 -15.49
N LEU D 374 1.39 -55.28 -15.64
CA LEU D 374 2.24 -56.44 -15.38
C LEU D 374 2.16 -56.86 -13.92
N VAL D 375 2.27 -55.90 -13.01
CA VAL D 375 2.35 -56.23 -11.59
C VAL D 375 1.02 -56.76 -11.08
N LEU D 376 -0.08 -56.11 -11.45
CA LEU D 376 -1.38 -56.47 -10.92
C LEU D 376 -1.94 -57.69 -11.64
N PRO D 377 -2.89 -58.39 -11.03
CA PRO D 377 -3.51 -59.55 -11.70
C PRO D 377 -4.22 -59.16 -12.98
N ALA D 378 -4.72 -60.15 -13.72
CA ALA D 378 -5.41 -59.86 -14.98
C ALA D 378 -6.71 -59.12 -14.72
N ALA D 379 -7.40 -59.47 -13.63
CA ALA D 379 -8.70 -58.86 -13.35
C ALA D 379 -8.58 -57.34 -13.18
N GLN D 380 -7.45 -56.86 -12.67
CA GLN D 380 -7.24 -55.44 -12.40
C GLN D 380 -6.46 -54.76 -13.50
N LYS D 381 -6.57 -55.24 -14.74
CA LYS D 381 -5.86 -54.62 -15.84
C LYS D 381 -6.50 -53.29 -16.19
N ASP D 382 -5.67 -52.26 -16.35
CA ASP D 382 -6.10 -50.90 -16.69
C ASP D 382 -7.05 -50.30 -15.66
N ASN D 383 -7.24 -50.95 -14.51
CA ASN D 383 -8.09 -50.40 -13.47
C ASN D 383 -7.41 -49.23 -12.76
N TYR D 384 -6.12 -49.33 -12.53
CA TYR D 384 -5.35 -48.30 -11.85
C TYR D 384 -4.53 -47.51 -12.86
N TYR D 385 -4.22 -46.26 -12.50
CA TYR D 385 -3.45 -45.38 -13.36
C TYR D 385 -2.73 -44.34 -12.52
N MET D 386 -1.56 -43.92 -13.01
CA MET D 386 -0.65 -43.07 -12.27
C MET D 386 -0.53 -41.72 -12.96
N ASN D 387 -0.49 -40.66 -12.16
CA ASN D 387 -0.46 -39.28 -12.64
C ASN D 387 0.62 -38.50 -11.91
N TYR D 388 1.41 -37.75 -12.68
CA TYR D 388 2.39 -36.82 -12.14
C TYR D 388 1.81 -35.41 -12.15
N ASP D 389 2.37 -34.56 -11.30
CA ASP D 389 1.91 -33.18 -11.19
C ASP D 389 2.77 -32.27 -12.07
N LYS D 390 2.10 -31.39 -12.81
CA LYS D 390 2.76 -30.50 -13.75
C LYS D 390 2.82 -29.05 -13.29
N ASP D 391 2.02 -28.67 -12.30
CA ASP D 391 2.00 -27.30 -11.81
C ASP D 391 2.94 -27.14 -10.63
N LYS D 392 3.12 -25.89 -10.23
CA LYS D 392 3.97 -25.60 -9.07
C LYS D 392 3.22 -25.93 -7.79
N PRO D 393 3.80 -26.72 -6.89
CA PRO D 393 3.04 -27.19 -5.73
C PRO D 393 2.92 -26.13 -4.64
N LEU D 394 2.01 -26.40 -3.70
CA LEU D 394 1.83 -25.52 -2.57
C LEU D 394 2.99 -25.66 -1.59
N THR D 395 3.48 -24.53 -1.08
CA THR D 395 4.71 -24.49 -0.32
C THR D 395 4.52 -25.13 1.06
N LEU D 396 5.60 -25.11 1.86
CA LEU D 396 5.61 -25.82 3.13
C LEU D 396 4.63 -25.23 4.13
N LYS D 397 4.42 -23.91 4.12
CA LYS D 397 3.57 -23.31 5.13
C LYS D 397 2.13 -23.81 5.01
N GLU D 398 1.56 -23.77 3.80
CA GLU D 398 0.19 -24.23 3.62
C GLU D 398 0.06 -25.72 3.90
N LYS D 399 1.05 -26.50 3.46
CA LYS D 399 1.04 -27.93 3.75
C LYS D 399 1.03 -28.18 5.25
N MET D 400 1.86 -27.44 5.99
CA MET D 400 1.90 -27.61 7.44
C MET D 400 0.59 -27.21 8.08
N ASP D 401 -0.02 -26.12 7.60
CA ASP D 401 -1.32 -25.72 8.14
C ASP D 401 -2.35 -26.81 7.89
N ILE D 402 -2.37 -27.39 6.69
CA ILE D 402 -3.33 -28.45 6.39
C ILE D 402 -3.11 -29.65 7.31
N LEU D 403 -1.85 -30.03 7.50
CA LEU D 403 -1.57 -31.22 8.32
C LEU D 403 -1.96 -30.98 9.78
N ILE D 404 -1.59 -29.83 10.33
CA ILE D 404 -1.92 -29.54 11.73
C ILE D 404 -3.42 -29.43 11.89
N LYS D 405 -4.12 -28.87 10.90
CA LYS D 405 -5.57 -28.86 10.93
C LYS D 405 -6.13 -30.26 10.95
N LEU D 406 -5.55 -31.16 10.14
CA LEU D 406 -6.04 -32.52 10.08
C LEU D 406 -5.83 -33.25 11.41
N ASN D 407 -4.71 -33.00 12.08
CA ASN D 407 -4.34 -33.81 13.24
C ASN D 407 -5.44 -33.86 14.28
N ASP D 408 -6.19 -32.78 14.44
CA ASP D 408 -7.13 -32.65 15.56
C ASP D 408 -7.99 -33.90 15.73
N LYS D 409 -7.88 -34.50 16.91
CA LYS D 409 -8.69 -35.66 17.31
C LYS D 409 -8.55 -36.82 16.33
N GLY D 410 -7.34 -37.38 16.32
CA GLY D 410 -7.15 -38.71 15.78
C GLY D 410 -6.13 -38.85 14.67
N TRP D 411 -6.06 -37.89 13.75
CA TRP D 411 -5.25 -38.08 12.57
C TRP D 411 -3.76 -38.01 12.92
N SER D 412 -2.95 -38.55 12.02
CA SER D 412 -1.56 -38.83 12.33
C SER D 412 -0.82 -37.62 12.84
N ILE D 413 0.00 -37.82 13.88
CA ILE D 413 0.86 -36.78 14.41
C ILE D 413 2.28 -36.87 13.85
N LYS D 414 2.71 -38.05 13.41
CA LYS D 414 4.08 -38.21 12.94
C LYS D 414 4.40 -37.25 11.81
N HIS D 415 3.52 -37.17 10.81
CA HIS D 415 3.79 -36.28 9.69
C HIS D 415 3.70 -34.82 10.10
N VAL D 416 3.07 -34.52 11.24
CA VAL D 416 3.05 -33.15 11.74
C VAL D 416 4.42 -32.76 12.25
N VAL D 417 5.03 -33.61 13.08
CA VAL D 417 6.37 -33.33 13.59
C VAL D 417 7.42 -33.54 12.51
N ASP D 418 7.05 -34.22 11.43
CA ASP D 418 8.04 -34.64 10.45
C ASP D 418 8.61 -33.48 9.66
N ASN D 419 7.79 -32.51 9.27
CA ASN D 419 8.22 -31.45 8.38
C ASN D 419 8.96 -30.33 9.11
N LEU D 420 9.03 -30.39 10.44
CA LEU D 420 9.79 -29.40 11.20
C LEU D 420 11.27 -29.69 11.09
N ALA D 421 12.06 -28.70 10.70
CA ALA D 421 13.51 -28.88 10.63
C ALA D 421 14.04 -29.25 12.01
N GLY D 422 14.92 -30.25 12.05
CA GLY D 422 15.29 -30.79 13.33
C GLY D 422 14.06 -31.42 13.96
N VAL D 423 14.08 -31.50 15.29
CA VAL D 423 12.93 -31.98 16.03
C VAL D 423 12.55 -33.38 15.56
N SER D 424 13.54 -34.26 15.45
CA SER D 424 13.29 -35.61 14.93
C SER D 424 12.11 -36.24 15.65
N TRP D 425 11.34 -37.05 14.91
CA TRP D 425 10.10 -37.58 15.46
C TRP D 425 10.36 -38.42 16.70
N GLU D 426 11.36 -39.30 16.65
CA GLU D 426 11.62 -40.17 17.78
C GLU D 426 12.12 -39.38 18.98
N SER D 427 12.99 -38.40 18.76
CA SER D 427 13.41 -37.55 19.86
C SER D 427 12.21 -36.82 20.46
N TYR D 428 11.33 -36.31 19.60
CA TYR D 428 10.15 -35.59 20.08
C TYR D 428 9.29 -36.49 20.98
N LEU D 429 8.93 -37.67 20.48
CA LEU D 429 8.07 -38.55 21.25
C LEU D 429 8.76 -39.02 22.53
N GLU D 430 10.06 -39.33 22.44
CA GLU D 430 10.77 -39.82 23.62
C GLU D 430 10.83 -38.78 24.71
N GLN D 431 11.24 -37.56 24.36
CA GLN D 431 11.31 -36.50 25.37
C GLN D 431 9.92 -36.17 25.90
N THR D 432 8.91 -36.19 25.04
CA THR D 432 7.55 -35.93 25.50
C THR D 432 7.11 -36.96 26.53
N LEU D 433 7.35 -38.24 26.25
CA LEU D 433 6.97 -39.28 27.21
C LEU D 433 7.80 -39.18 28.48
N TYR D 434 9.07 -38.79 28.36
CA TYR D 434 9.88 -38.59 29.55
C TYR D 434 9.28 -37.50 30.43
N GLU D 435 8.88 -36.39 29.82
CA GLU D 435 8.38 -35.26 30.59
C GLU D 435 7.00 -35.53 31.17
N THR D 436 6.15 -36.27 30.46
CA THR D 436 4.79 -36.51 30.94
C THR D 436 4.68 -37.73 31.85
N GLU D 437 5.64 -38.65 31.79
CA GLU D 437 5.57 -39.91 32.53
C GLU D 437 6.48 -39.93 33.75
N GLU D 438 7.70 -39.43 33.62
CA GLU D 438 8.68 -39.54 34.71
C GLU D 438 8.60 -38.33 35.63
N LEU D 439 8.83 -37.14 35.08
CA LEU D 439 8.86 -35.93 35.91
C LEU D 439 7.46 -35.53 36.36
N LYS D 440 6.47 -35.69 35.48
CA LYS D 440 5.11 -35.22 35.76
C LYS D 440 5.07 -33.70 35.86
N LEU D 441 5.62 -33.03 34.84
CA LEU D 441 5.67 -31.58 34.85
C LEU D 441 4.28 -30.98 35.01
N GLN D 442 3.29 -31.53 34.33
CA GLN D 442 1.96 -30.94 34.33
C GLN D 442 1.32 -30.98 35.70
N GLU D 443 1.87 -31.75 36.64
CA GLU D 443 1.44 -31.72 38.02
C GLU D 443 2.25 -30.73 38.85
N LYS D 444 3.18 -30.01 38.24
CA LYS D 444 4.03 -29.06 38.95
C LYS D 444 4.13 -27.75 38.19
N GLU E 25 44.98 -23.05 -30.01
CA GLU E 25 44.26 -22.89 -28.71
C GLU E 25 42.85 -23.47 -28.80
N ALA E 26 42.04 -22.93 -29.71
CA ALA E 26 40.66 -23.36 -29.83
C ALA E 26 40.58 -24.85 -30.15
N GLU E 27 41.49 -25.34 -30.99
CA GLU E 27 41.45 -26.75 -31.37
C GLU E 27 41.55 -27.66 -30.16
N GLN E 28 42.30 -27.25 -29.13
CA GLN E 28 42.42 -28.08 -27.94
C GLN E 28 41.09 -28.26 -27.24
N LEU E 29 40.35 -27.16 -27.04
CA LEU E 29 39.04 -27.25 -26.42
C LEU E 29 38.06 -28.02 -27.31
N LYS E 30 38.15 -27.81 -28.62
CA LYS E 30 37.27 -28.55 -29.52
C LYS E 30 37.50 -30.05 -29.41
N ASN E 31 38.78 -30.46 -29.38
CA ASN E 31 39.10 -31.88 -29.22
C ASN E 31 38.63 -32.40 -27.88
N TYR E 32 38.81 -31.62 -26.81
CA TYR E 32 38.36 -32.04 -25.49
C TYR E 32 36.85 -32.28 -25.49
N PHE E 33 36.09 -31.38 -26.13
CA PHE E 33 34.65 -31.55 -26.20
C PHE E 33 34.26 -32.66 -27.16
N SER E 34 35.13 -33.03 -28.10
CA SER E 34 34.81 -34.11 -29.03
C SER E 34 34.65 -35.43 -28.28
N ASN E 35 35.51 -35.70 -27.30
CA ASN E 35 35.52 -36.95 -26.55
C ASN E 35 35.49 -36.65 -25.06
N PRO E 36 34.33 -36.26 -24.52
CA PRO E 36 34.26 -35.99 -23.08
C PRO E 36 34.50 -37.21 -22.22
N ASP E 37 34.38 -38.42 -22.77
CA ASP E 37 34.58 -39.64 -22.02
C ASP E 37 36.00 -40.19 -22.12
N GLU E 38 36.90 -39.51 -22.83
CA GLU E 38 38.27 -39.95 -22.97
C GLU E 38 39.28 -38.92 -22.50
N PHE E 39 39.05 -37.63 -22.78
CA PHE E 39 39.94 -36.56 -22.32
C PHE E 39 39.52 -36.05 -20.95
N GLN E 40 39.38 -36.96 -19.99
CA GLN E 40 38.95 -36.57 -18.65
C GLN E 40 40.08 -35.94 -17.84
N GLU E 41 41.33 -36.37 -18.07
CA GLU E 41 42.43 -35.88 -17.26
C GLU E 41 42.57 -34.37 -17.41
N GLU E 42 42.57 -33.87 -18.64
CA GLU E 42 42.71 -32.43 -18.86
C GLU E 42 41.52 -31.67 -18.28
N ILE E 43 40.32 -32.24 -18.39
CA ILE E 43 39.14 -31.57 -17.86
C ILE E 43 39.27 -31.42 -16.35
N GLU E 44 39.68 -32.48 -15.66
CA GLU E 44 39.87 -32.39 -14.21
C GLU E 44 40.97 -31.40 -13.86
N ASP E 45 42.07 -31.42 -14.61
CA ASP E 45 43.17 -30.50 -14.34
C ASP E 45 42.68 -29.06 -14.44
N LEU E 46 41.99 -28.72 -15.53
CA LEU E 46 41.49 -27.35 -15.69
C LEU E 46 40.46 -27.01 -14.63
N ALA E 47 39.61 -27.98 -14.25
CA ALA E 47 38.62 -27.72 -13.21
C ALA E 47 39.29 -27.34 -11.90
N GLN E 48 40.23 -28.18 -11.44
CA GLN E 48 40.95 -27.88 -10.21
C GLN E 48 41.76 -26.60 -10.30
N TYR E 49 42.33 -26.29 -11.47
CA TYR E 49 43.11 -25.07 -11.63
C TYR E 49 42.25 -23.82 -11.51
N PHE E 50 41.11 -23.80 -12.22
CA PHE E 50 40.23 -22.64 -12.17
C PHE E 50 39.43 -22.57 -10.87
N TYR E 51 39.34 -23.67 -10.12
CA TYR E 51 38.73 -23.58 -8.80
C TYR E 51 39.44 -22.54 -7.95
N ILE E 52 40.77 -22.50 -8.03
CA ILE E 52 41.55 -21.62 -7.18
C ILE E 52 41.99 -20.35 -7.92
N SER E 53 42.20 -20.42 -9.23
CA SER E 53 42.66 -19.26 -9.97
C SER E 53 41.53 -18.32 -10.38
N THR E 54 40.28 -18.66 -10.08
CA THR E 54 39.13 -17.83 -10.43
C THR E 54 38.07 -17.95 -9.35
N ALA E 55 37.17 -16.96 -9.31
CA ALA E 55 36.13 -16.90 -8.29
C ALA E 55 34.81 -17.51 -8.75
N GLU E 56 34.52 -17.46 -10.05
CA GLU E 56 33.23 -17.95 -10.54
C GLU E 56 33.07 -19.44 -10.23
N ILE E 57 34.04 -20.25 -10.62
CA ILE E 57 33.96 -21.69 -10.38
C ILE E 57 34.02 -21.98 -8.88
N HIS E 58 34.81 -21.19 -8.15
CA HIS E 58 34.88 -21.37 -6.70
C HIS E 58 33.52 -21.14 -6.06
N GLN E 59 32.82 -20.08 -6.48
CA GLN E 59 31.46 -19.86 -5.99
C GLN E 59 30.55 -20.98 -6.41
N LEU E 60 30.69 -21.47 -7.65
CA LEU E 60 29.86 -22.58 -8.11
C LEU E 60 29.97 -23.77 -7.17
N PHE E 61 31.19 -24.20 -6.88
CA PHE E 61 31.37 -25.41 -6.07
C PHE E 61 31.02 -25.17 -4.60
N GLU E 62 31.37 -23.99 -4.06
CA GLU E 62 30.94 -23.70 -2.70
C GLU E 62 29.43 -23.65 -2.59
N LEU E 63 28.74 -23.18 -3.64
CA LEU E 63 27.29 -23.16 -3.63
C LEU E 63 26.73 -24.58 -3.66
N ILE E 64 27.31 -25.45 -4.48
CA ILE E 64 26.87 -26.84 -4.48
C ILE E 64 27.03 -27.44 -3.09
N GLU E 65 28.17 -27.20 -2.45
CA GLU E 65 28.43 -27.83 -1.16
C GLU E 65 27.64 -27.20 -0.02
N ALA E 66 27.26 -25.93 -0.17
CA ALA E 66 26.66 -25.17 0.94
C ALA E 66 25.14 -25.10 0.87
N LEU E 67 24.57 -24.85 -0.31
CA LEU E 67 23.13 -24.61 -0.41
C LEU E 67 22.30 -25.69 0.27
N PRO E 68 22.58 -26.98 0.09
CA PRO E 68 21.72 -28.00 0.71
C PRO E 68 21.64 -27.80 2.22
N THR E 69 20.44 -28.03 2.75
CA THR E 69 20.23 -28.02 4.19
C THR E 69 20.39 -29.40 4.79
N LEU E 70 20.24 -30.45 3.99
CA LEU E 70 20.49 -31.82 4.41
C LEU E 70 19.61 -32.23 5.59
N ASN E 71 18.46 -31.58 5.74
CA ASN E 71 17.43 -32.10 6.63
C ASN E 71 16.80 -33.31 5.97
N TYR E 72 16.64 -34.40 6.71
CA TYR E 72 16.28 -35.67 6.12
C TYR E 72 15.14 -36.32 6.88
N LYS E 73 14.55 -37.34 6.26
CA LYS E 73 13.50 -38.13 6.87
C LYS E 73 13.55 -39.55 6.34
N ILE E 74 13.56 -40.53 7.23
CA ILE E 74 13.45 -41.93 6.86
C ILE E 74 11.99 -42.35 7.08
N ASP E 75 11.39 -42.92 6.06
CA ASP E 75 10.03 -43.41 6.09
C ASP E 75 10.03 -44.88 5.65
N SER E 76 8.87 -45.53 5.75
CA SER E 76 8.76 -46.95 5.48
C SER E 76 7.62 -47.22 4.51
N PHE E 77 7.77 -48.31 3.76
CA PHE E 77 6.68 -48.84 2.95
C PHE E 77 5.76 -49.77 3.73
N ASN E 78 6.03 -49.96 5.02
CA ASN E 78 5.17 -50.77 5.88
C ASN E 78 5.41 -50.37 7.32
N LYS E 79 4.44 -50.66 8.17
CA LYS E 79 4.48 -50.31 9.59
C LYS E 79 4.65 -51.61 10.39
N VAL E 80 5.90 -51.98 10.60
CA VAL E 80 6.19 -53.17 11.41
C VAL E 80 5.90 -52.89 12.88
N LYS E 81 5.79 -53.96 13.66
CA LYS E 81 5.46 -53.81 15.08
C LYS E 81 6.55 -53.09 15.84
N SER E 82 7.82 -53.34 15.49
CA SER E 82 8.96 -52.78 16.20
C SER E 82 9.62 -51.66 15.40
N SER E 83 8.80 -50.83 14.74
CA SER E 83 9.34 -49.82 13.83
C SER E 83 10.27 -48.86 14.57
N ASP E 84 9.85 -48.37 15.73
CA ASP E 84 10.61 -47.34 16.43
C ASP E 84 12.07 -47.76 16.63
N LYS E 85 12.30 -49.04 16.91
CA LYS E 85 13.67 -49.53 17.04
C LYS E 85 14.44 -49.32 15.76
N HIS E 86 13.83 -49.64 14.61
CA HIS E 86 14.51 -49.46 13.34
C HIS E 86 14.77 -47.98 13.07
N ILE E 87 13.82 -47.11 13.41
CA ILE E 87 14.03 -45.68 13.18
C ILE E 87 15.23 -45.19 13.98
N SER E 88 15.27 -45.55 15.27
CA SER E 88 16.39 -45.13 16.11
C SER E 88 17.71 -45.69 15.60
N LEU E 89 17.72 -46.97 15.22
CA LEU E 89 18.94 -47.58 14.70
C LEU E 89 19.42 -46.87 13.45
N LEU E 90 18.51 -46.52 12.56
CA LEU E 90 18.90 -45.85 11.32
C LEU E 90 19.42 -44.45 11.60
N ASN E 91 18.80 -43.72 12.54
CA ASN E 91 19.33 -42.41 12.89
C ASN E 91 20.74 -42.53 13.45
N LYS E 92 20.95 -43.49 14.35
CA LYS E 92 22.29 -43.69 14.92
C LYS E 92 23.30 -44.03 13.84
N SER E 93 22.94 -44.94 12.93
CA SER E 93 23.88 -45.36 11.88
C SER E 93 24.14 -44.23 10.90
N LEU E 94 23.18 -43.32 10.73
CA LEU E 94 23.40 -42.16 9.89
C LEU E 94 24.36 -41.17 10.56
N HIS E 95 24.28 -41.05 11.89
CA HIS E 95 25.20 -40.17 12.58
C HIS E 95 26.61 -40.75 12.63
N LYS E 96 26.73 -42.05 12.93
CA LYS E 96 28.06 -42.65 13.02
C LYS E 96 28.86 -42.42 11.76
N VAL E 97 28.25 -42.61 10.59
CA VAL E 97 28.92 -42.30 9.35
C VAL E 97 29.13 -40.79 9.19
N LYS E 98 28.39 -39.98 9.94
CA LYS E 98 28.46 -38.52 9.81
C LYS E 98 28.13 -38.10 8.37
N HIS E 99 26.87 -38.37 8.01
CA HIS E 99 26.48 -38.37 6.61
C HIS E 99 26.73 -37.01 5.95
N LYS E 100 26.38 -35.92 6.62
CA LYS E 100 26.34 -34.62 5.96
C LYS E 100 27.65 -34.31 5.23
N ARG E 101 28.78 -34.53 5.90
CA ARG E 101 30.07 -34.29 5.27
C ARG E 101 30.25 -35.19 4.05
N LEU E 102 29.85 -36.46 4.17
CA LEU E 102 29.99 -37.38 3.05
C LEU E 102 29.16 -36.93 1.87
N THR E 103 27.91 -36.51 2.11
CA THR E 103 27.06 -36.04 1.03
C THR E 103 27.66 -34.82 0.35
N ARG E 104 28.15 -33.87 1.14
CA ARG E 104 28.74 -32.67 0.54
C ARG E 104 29.96 -33.01 -0.30
N ASP E 105 30.82 -33.89 0.21
CA ASP E 105 31.99 -34.30 -0.56
C ASP E 105 31.58 -35.00 -1.85
N LEU E 106 30.59 -35.88 -1.78
CA LEU E 106 30.13 -36.59 -2.97
C LEU E 106 29.59 -35.61 -4.00
N LEU E 107 28.77 -34.65 -3.57
CA LEU E 107 28.23 -33.67 -4.50
C LEU E 107 29.34 -32.89 -5.18
N LYS E 108 30.26 -32.33 -4.38
CA LYS E 108 31.35 -31.54 -4.94
C LYS E 108 32.17 -32.38 -5.92
N GLN E 109 32.44 -33.63 -5.58
CA GLN E 109 33.28 -34.50 -6.40
C GLN E 109 32.61 -34.91 -7.70
N VAL E 110 31.36 -35.36 -7.65
CA VAL E 110 30.65 -35.74 -8.87
C VAL E 110 30.51 -34.53 -9.79
N ALA E 111 30.26 -33.35 -9.21
CA ALA E 111 30.27 -32.14 -10.02
C ALA E 111 31.64 -31.92 -10.65
N THR E 112 32.71 -32.18 -9.89
CA THR E 112 34.06 -31.96 -10.41
C THR E 112 34.33 -32.86 -11.61
N ALA E 113 34.03 -34.15 -11.48
CA ALA E 113 34.40 -35.13 -12.49
C ALA E 113 33.24 -35.60 -13.34
N GLY E 114 32.02 -35.59 -12.80
CA GLY E 114 30.86 -36.10 -13.49
C GLY E 114 30.54 -37.54 -13.21
N THR E 115 31.46 -38.28 -12.58
CA THR E 115 31.20 -39.68 -12.23
C THR E 115 32.03 -40.03 -11.00
N LEU E 116 31.58 -41.07 -10.31
CA LEU E 116 32.13 -41.43 -9.01
C LEU E 116 31.75 -42.87 -8.72
N VAL E 117 32.66 -43.60 -8.08
CA VAL E 117 32.42 -44.99 -7.68
C VAL E 117 32.86 -45.15 -6.23
N GLY E 118 31.91 -45.39 -5.34
CA GLY E 118 32.22 -45.66 -3.95
C GLY E 118 31.83 -47.08 -3.57
N ILE E 119 32.09 -47.43 -2.31
CA ILE E 119 31.79 -48.76 -1.82
C ILE E 119 31.83 -48.76 -0.30
N TRP E 120 30.95 -49.55 0.31
CA TRP E 120 30.96 -49.76 1.75
C TRP E 120 31.90 -50.92 2.07
N LEU E 121 32.99 -50.62 2.78
CA LEU E 121 34.05 -51.59 3.01
C LEU E 121 33.86 -52.37 4.31
N GLY E 122 33.76 -51.67 5.43
CA GLY E 122 33.71 -52.33 6.71
C GLY E 122 32.57 -53.33 6.82
N ASP E 123 32.55 -54.03 7.95
CA ASP E 123 31.55 -55.05 8.16
C ASP E 123 30.15 -54.45 8.08
N ALA E 124 29.15 -55.34 7.97
CA ALA E 124 27.78 -54.89 7.78
C ALA E 124 27.30 -54.06 8.97
N LYS E 125 27.60 -54.51 10.19
CA LYS E 125 27.05 -53.85 11.37
C LYS E 125 27.48 -52.39 11.44
N SER E 126 28.75 -52.10 11.16
CA SER E 126 29.32 -50.75 11.25
C SER E 126 30.10 -50.45 9.98
N PRO E 127 29.41 -50.24 8.86
CA PRO E 127 30.12 -50.01 7.61
C PRO E 127 30.84 -48.68 7.59
N TYR E 128 31.83 -48.58 6.70
CA TYR E 128 32.51 -47.32 6.45
C TYR E 128 32.74 -47.17 4.95
N PRO E 129 32.66 -45.96 4.41
CA PRO E 129 32.72 -45.78 2.96
C PRO E 129 34.14 -45.66 2.43
N PHE E 130 34.27 -45.84 1.12
CA PHE E 130 35.55 -45.72 0.44
C PHE E 130 35.28 -45.21 -0.96
N ILE E 131 36.00 -44.17 -1.35
CA ILE E 131 35.81 -43.49 -2.63
C ILE E 131 37.08 -43.67 -3.45
N PHE E 132 36.94 -44.29 -4.62
CA PHE E 132 38.06 -44.41 -5.54
C PHE E 132 38.40 -43.06 -6.15
N ASP E 133 39.67 -42.87 -6.48
CA ASP E 133 40.13 -41.62 -7.07
C ASP E 133 40.20 -41.67 -8.59
N GLU E 134 40.71 -42.75 -9.16
CA GLU E 134 40.98 -42.83 -10.60
C GLU E 134 39.74 -43.38 -11.28
N ILE E 135 39.04 -42.52 -12.02
CA ILE E 135 37.92 -43.00 -12.83
C ILE E 135 38.42 -43.80 -14.02
N LYS E 136 39.59 -43.46 -14.54
CA LYS E 136 40.11 -44.14 -15.73
C LYS E 136 40.29 -45.64 -15.51
N TYR E 137 40.43 -46.08 -14.26
CA TYR E 137 40.64 -47.48 -13.96
C TYR E 137 39.48 -48.14 -13.22
N VAL E 138 38.62 -47.36 -12.58
CA VAL E 138 37.42 -47.89 -11.93
C VAL E 138 36.24 -47.05 -12.40
N PHE E 139 35.26 -47.69 -13.02
CA PHE E 139 34.12 -46.98 -13.60
C PHE E 139 32.97 -47.97 -13.75
N PRO E 140 31.74 -47.47 -13.91
CA PRO E 140 30.68 -48.30 -14.46
C PRO E 140 30.95 -48.63 -15.92
N SER E 141 30.54 -49.82 -16.34
CA SER E 141 30.80 -50.29 -17.69
C SER E 141 29.53 -50.66 -18.47
N PHE E 142 28.58 -51.32 -17.83
CA PHE E 142 27.36 -51.75 -18.50
C PHE E 142 26.28 -51.95 -17.45
N ARG E 143 25.16 -52.54 -17.86
CA ARG E 143 24.03 -52.76 -16.98
C ARG E 143 23.61 -54.21 -17.03
N ARG E 144 23.08 -54.70 -15.91
CA ARG E 144 22.45 -56.00 -15.84
C ARG E 144 21.30 -55.91 -14.85
N ASN E 145 20.18 -56.56 -15.17
CA ASN E 145 18.97 -56.47 -14.37
C ASN E 145 18.50 -55.04 -14.19
N GLY E 146 18.92 -54.14 -15.09
CA GLY E 146 18.58 -52.74 -15.00
C GLY E 146 19.49 -51.91 -14.13
N ASP E 147 20.49 -52.51 -13.49
CA ASP E 147 21.37 -51.82 -12.57
C ASP E 147 22.78 -51.77 -13.13
N TRP E 148 23.48 -50.68 -12.83
CA TRP E 148 24.85 -50.50 -13.30
C TRP E 148 25.78 -51.56 -12.69
N VAL E 149 26.84 -51.87 -13.43
CA VAL E 149 27.89 -52.77 -12.94
C VAL E 149 29.22 -52.06 -13.11
N CYS E 150 30.00 -52.01 -12.03
CA CYS E 150 31.28 -51.33 -12.00
C CYS E 150 32.40 -52.36 -11.96
N VAL E 151 33.39 -52.18 -12.82
CA VAL E 151 34.51 -53.11 -12.96
C VAL E 151 35.80 -52.38 -12.64
N VAL E 152 36.56 -52.92 -11.69
CA VAL E 152 37.86 -52.38 -11.32
C VAL E 152 38.90 -52.98 -12.25
N ASP E 153 39.68 -52.13 -12.90
CA ASP E 153 40.83 -52.54 -13.68
C ASP E 153 42.02 -52.73 -12.74
N MET E 154 42.79 -53.80 -12.95
CA MET E 154 43.91 -54.09 -12.08
C MET E 154 45.16 -53.31 -12.45
N GLU E 155 45.19 -52.71 -13.64
CA GLU E 155 46.34 -51.87 -13.99
C GLU E 155 46.53 -50.75 -12.99
N LEU E 156 45.45 -50.36 -12.30
CA LEU E 156 45.57 -49.35 -11.24
C LEU E 156 46.67 -49.71 -10.26
N PHE E 157 46.77 -50.99 -9.89
CA PHE E 157 47.74 -51.40 -8.88
C PHE E 157 49.18 -51.37 -9.37
N THR E 158 49.41 -51.15 -10.67
CA THR E 158 50.78 -51.15 -11.17
C THR E 158 51.59 -49.94 -10.74
N LYS E 159 50.96 -48.92 -10.14
CA LYS E 159 51.67 -47.73 -9.72
C LYS E 159 51.84 -47.62 -8.21
N TYR E 160 50.95 -48.23 -7.43
CA TYR E 160 51.03 -48.12 -5.98
C TYR E 160 52.24 -48.88 -5.46
N LYS E 161 52.74 -48.45 -4.31
CA LYS E 161 53.87 -49.12 -3.67
C LYS E 161 53.46 -50.52 -3.22
N ASP E 162 54.44 -51.41 -3.14
CA ASP E 162 54.17 -52.79 -2.75
C ASP E 162 53.48 -52.86 -1.40
N ASP E 163 54.00 -52.13 -0.41
CA ASP E 163 53.36 -52.08 0.89
C ASP E 163 51.96 -51.47 0.78
N GLN E 164 51.85 -50.36 0.04
CA GLN E 164 50.54 -49.75 -0.17
C GLN E 164 49.62 -50.68 -0.95
N ARG E 165 50.16 -51.39 -1.93
CA ARG E 165 49.35 -52.36 -2.67
C ARG E 165 48.77 -53.41 -1.74
N ASN E 166 49.62 -54.00 -0.89
CA ASN E 166 49.16 -55.03 0.02
C ASN E 166 48.13 -54.48 1.00
N GLU E 167 48.38 -53.27 1.52
CA GLU E 167 47.43 -52.64 2.44
C GLU E 167 46.08 -52.46 1.78
N LEU E 168 46.06 -51.90 0.56
CA LEU E 168 44.79 -51.66 -0.12
C LEU E 168 44.08 -52.98 -0.42
N LEU E 169 44.81 -53.98 -0.90
CA LEU E 169 44.18 -55.26 -1.20
C LEU E 169 43.61 -55.89 0.06
N LYS E 170 44.31 -55.76 1.19
CA LYS E 170 43.74 -56.20 2.45
C LYS E 170 42.51 -55.40 2.82
N SER E 171 42.42 -54.14 2.37
CA SER E 171 41.24 -53.33 2.63
C SER E 171 40.00 -53.97 2.01
N LEU E 172 40.11 -54.45 0.77
CA LEU E 172 39.01 -55.07 0.05
C LEU E 172 39.08 -56.59 0.09
N SER E 173 39.54 -57.15 1.20
CA SER E 173 39.87 -58.58 1.29
C SER E 173 38.78 -59.47 0.71
N PRO E 174 37.57 -59.48 1.29
CA PRO E 174 36.57 -60.45 0.84
C PRO E 174 36.17 -60.30 -0.62
N TYR E 175 36.27 -59.11 -1.19
CA TYR E 175 35.82 -58.85 -2.56
C TYR E 175 36.96 -58.94 -3.57
N ILE E 176 38.11 -58.37 -3.26
CA ILE E 176 39.32 -58.49 -4.08
C ILE E 176 40.44 -59.00 -3.20
N LYS E 177 41.36 -59.75 -3.79
CA LYS E 177 42.45 -60.38 -3.06
C LYS E 177 43.73 -60.33 -3.87
N GLN E 178 44.85 -60.57 -3.20
CA GLN E 178 46.14 -60.57 -3.87
C GLN E 178 46.20 -61.63 -4.95
N SER E 179 45.48 -62.75 -4.77
CA SER E 179 45.46 -63.78 -5.80
C SER E 179 44.97 -63.22 -7.13
N ASP E 180 44.03 -62.27 -7.08
CA ASP E 180 43.55 -61.66 -8.31
C ASP E 180 44.66 -60.89 -9.00
N TYR E 181 45.47 -60.14 -8.25
CA TYR E 181 46.58 -59.44 -8.85
C TYR E 181 47.62 -60.40 -9.41
N GLU E 182 47.87 -61.50 -8.70
CA GLU E 182 48.81 -62.49 -9.21
C GLU E 182 48.32 -63.09 -10.52
N ASN E 183 47.03 -63.41 -10.60
CA ASN E 183 46.47 -63.92 -11.85
C ASN E 183 46.57 -62.88 -12.95
N PHE E 184 46.30 -61.61 -12.63
CA PHE E 184 46.42 -60.55 -13.61
C PHE E 184 47.84 -60.49 -14.17
N MET E 185 48.84 -60.57 -13.28
CA MET E 185 50.22 -60.56 -13.74
C MET E 185 50.51 -61.81 -14.56
N LYS E 186 49.89 -62.94 -14.22
CA LYS E 186 50.07 -64.16 -15.01
C LYS E 186 49.55 -63.97 -16.43
N ASP E 187 48.38 -63.36 -16.58
CA ASP E 187 47.79 -63.09 -17.90
C ASP E 187 47.12 -61.72 -17.82
N ARG E 188 47.84 -60.69 -18.25
CA ARG E 188 47.33 -59.33 -18.15
C ARG E 188 46.10 -59.09 -18.99
N GLU E 189 45.86 -59.93 -20.00
CA GLU E 189 44.74 -59.76 -20.92
C GLU E 189 43.58 -60.70 -20.63
N LYS E 190 43.58 -61.38 -19.49
CA LYS E 190 42.49 -62.26 -19.10
C LYS E 190 41.76 -61.79 -17.86
N TYR E 191 42.49 -61.49 -16.79
CA TYR E 191 41.90 -61.07 -15.52
C TYR E 191 42.00 -59.56 -15.33
N ARG E 192 41.89 -58.80 -16.41
CA ARG E 192 42.11 -57.37 -16.37
C ARG E 192 40.99 -56.59 -15.69
N PHE E 193 39.86 -57.22 -15.41
CA PHE E 193 38.72 -56.52 -14.83
C PHE E 193 38.03 -57.41 -13.79
N LYS E 194 37.62 -56.80 -12.69
CA LYS E 194 36.96 -57.51 -11.60
C LYS E 194 35.68 -56.80 -11.20
N GLU E 195 34.63 -57.57 -10.93
CA GLU E 195 33.34 -57.01 -10.54
C GLU E 195 33.27 -56.80 -9.03
N LEU E 196 32.49 -55.79 -8.62
CA LEU E 196 32.27 -55.48 -7.22
C LEU E 196 30.84 -55.79 -6.81
N PRO E 197 30.58 -56.06 -5.53
CA PRO E 197 29.22 -56.42 -5.12
C PRO E 197 28.23 -55.30 -5.38
N GLN E 198 26.99 -55.68 -5.70
CA GLN E 198 25.96 -54.67 -5.94
C GLN E 198 25.48 -54.04 -4.64
N GLU E 199 25.37 -54.85 -3.58
CA GLU E 199 24.85 -54.33 -2.31
C GLU E 199 25.77 -53.29 -1.69
N ARG E 200 27.01 -53.16 -2.16
CA ARG E 200 27.98 -52.27 -1.54
C ARG E 200 28.39 -51.13 -2.46
N THR E 201 28.87 -51.41 -3.67
CA THR E 201 29.34 -50.34 -4.53
C THR E 201 28.20 -49.42 -4.91
N PHE E 202 28.53 -48.15 -5.21
CA PHE E 202 27.55 -47.24 -5.78
C PHE E 202 28.23 -46.33 -6.79
N PRO E 203 27.83 -46.38 -8.06
CA PRO E 203 28.28 -45.37 -9.03
C PRO E 203 27.29 -44.21 -9.13
N LEU E 204 27.81 -42.99 -9.04
CA LEU E 204 27.02 -41.77 -9.25
C LEU E 204 27.55 -41.06 -10.49
N ARG E 205 26.65 -40.38 -11.19
CA ARG E 205 27.01 -39.76 -12.46
C ARG E 205 26.10 -38.57 -12.71
N THR E 206 26.57 -37.66 -13.56
CA THR E 206 25.80 -36.48 -13.94
C THR E 206 26.33 -35.95 -15.25
N GLY E 207 25.41 -35.48 -16.09
CA GLY E 207 25.75 -34.98 -17.40
C GLY E 207 25.54 -35.96 -18.54
N THR E 208 24.93 -37.11 -18.28
CA THR E 208 24.66 -38.09 -19.31
C THR E 208 23.25 -37.90 -19.84
N LEU E 209 23.12 -37.73 -21.16
CA LEU E 209 21.81 -37.66 -21.78
C LEU E 209 21.17 -39.04 -21.89
N LYS E 210 21.84 -39.96 -22.56
CA LYS E 210 21.31 -41.30 -22.80
C LYS E 210 21.40 -42.13 -21.53
N ARG E 211 20.37 -42.96 -21.30
CA ARG E 211 20.38 -43.84 -20.14
C ARG E 211 21.47 -44.89 -20.24
N ASN E 212 22.02 -45.12 -21.43
CA ASN E 212 23.10 -46.08 -21.65
C ASN E 212 24.43 -45.38 -21.88
N GLN E 213 24.65 -44.25 -21.23
CA GLN E 213 25.91 -43.53 -21.26
C GLN E 213 26.58 -43.67 -19.90
N GLY E 214 27.84 -44.08 -19.89
CA GLY E 214 28.53 -44.34 -18.64
C GLY E 214 29.11 -43.11 -17.98
N LEU E 215 30.00 -42.41 -18.69
CA LEU E 215 30.75 -41.31 -18.11
C LEU E 215 30.00 -40.00 -18.26
N GLY E 216 29.70 -39.36 -17.15
CA GLY E 216 29.08 -38.05 -17.15
C GLY E 216 30.05 -36.99 -17.63
N THR E 217 29.76 -35.74 -17.26
CA THR E 217 30.60 -34.62 -17.64
C THR E 217 30.67 -33.64 -16.47
N SER E 218 31.73 -32.84 -16.47
CA SER E 218 31.96 -31.86 -15.42
C SER E 218 31.26 -30.54 -15.74
N TRP E 219 30.80 -29.86 -14.70
CA TRP E 219 30.08 -28.61 -14.88
C TRP E 219 30.96 -27.47 -15.33
N VAL E 220 32.29 -27.68 -15.37
CA VAL E 220 33.19 -26.63 -15.83
C VAL E 220 33.22 -26.52 -17.35
N THR E 221 32.86 -27.58 -18.07
CA THR E 221 33.00 -27.58 -19.53
C THR E 221 32.26 -26.42 -20.20
N PRO E 222 31.02 -26.09 -19.83
CA PRO E 222 30.31 -25.04 -20.57
C PRO E 222 31.01 -23.69 -20.51
N GLY E 223 31.32 -23.21 -19.31
CA GLY E 223 31.98 -21.94 -19.14
C GLY E 223 33.48 -21.96 -19.30
N LEU E 224 34.05 -23.11 -19.66
CA LEU E 224 35.49 -23.21 -19.82
C LEU E 224 35.99 -22.28 -20.92
N TYR E 225 35.25 -22.18 -22.03
CA TYR E 225 35.68 -21.31 -23.12
C TYR E 225 35.71 -19.85 -22.70
N ASP E 226 34.91 -19.47 -21.69
CA ASP E 226 34.89 -18.09 -21.23
C ASP E 226 36.17 -17.69 -20.52
N VAL E 227 37.04 -18.64 -20.19
CA VAL E 227 38.29 -18.34 -19.50
C VAL E 227 39.38 -19.29 -19.97
N ASN E 348 17.14 -18.31 -10.72
CA ASN E 348 18.52 -18.79 -10.72
C ASN E 348 18.79 -19.62 -9.47
N LEU E 349 18.59 -19.02 -8.30
CA LEU E 349 18.81 -19.74 -7.06
C LEU E 349 17.92 -20.96 -6.95
N ASP E 350 16.64 -20.81 -7.31
CA ASP E 350 15.74 -21.97 -7.33
C ASP E 350 16.13 -22.95 -8.42
N THR E 351 16.68 -22.45 -9.53
CA THR E 351 17.17 -23.35 -10.57
C THR E 351 18.28 -24.24 -10.04
N PHE E 352 19.24 -23.65 -9.31
CA PHE E 352 20.31 -24.46 -8.72
C PHE E 352 19.77 -25.40 -7.64
N TYR E 353 18.82 -24.93 -6.84
CA TYR E 353 18.19 -25.80 -5.85
C TYR E 353 17.60 -27.03 -6.52
N LYS E 354 16.87 -26.83 -7.62
CA LYS E 354 16.24 -27.95 -8.32
C LYS E 354 17.28 -28.83 -9.01
N ARG E 355 18.36 -28.23 -9.52
CA ARG E 355 19.42 -29.02 -10.13
C ARG E 355 20.08 -29.94 -9.12
N ILE E 356 20.30 -29.45 -7.91
CA ILE E 356 20.97 -30.25 -6.89
C ILE E 356 19.99 -31.18 -6.17
N GLY E 357 18.68 -30.92 -6.27
CA GLY E 357 17.72 -31.83 -5.69
C GLY E 357 17.75 -33.21 -6.31
N VAL E 358 17.95 -33.28 -7.62
CA VAL E 358 18.05 -34.58 -8.28
C VAL E 358 19.29 -35.31 -7.79
N LEU E 359 20.38 -34.58 -7.55
CA LEU E 359 21.58 -35.21 -7.00
C LEU E 359 21.31 -35.76 -5.61
N MET E 360 20.58 -35.02 -4.79
CA MET E 360 20.21 -35.56 -3.48
C MET E 360 19.36 -36.82 -3.63
N GLU E 361 18.39 -36.81 -4.55
CA GLU E 361 17.57 -38.00 -4.75
C GLU E 361 18.41 -39.19 -5.17
N ASP E 362 19.36 -38.97 -6.08
CA ASP E 362 20.23 -40.04 -6.53
C ASP E 362 21.07 -40.59 -5.38
N ILE E 363 21.63 -39.70 -4.56
CA ILE E 363 22.46 -40.16 -3.44
C ILE E 363 21.60 -40.88 -2.41
N GLU E 364 20.33 -40.49 -2.29
CA GLU E 364 19.42 -41.17 -1.37
C GLU E 364 19.17 -42.60 -1.82
N GLN E 365 18.79 -42.77 -3.10
CA GLN E 365 18.37 -44.07 -3.59
C GLN E 365 19.53 -44.96 -4.00
N GLU E 366 20.75 -44.43 -4.07
CA GLU E 366 21.92 -45.20 -4.43
C GLU E 366 22.86 -45.47 -3.26
N VAL E 367 23.18 -44.47 -2.46
CA VAL E 367 24.18 -44.62 -1.42
C VAL E 367 23.55 -45.12 -0.14
N TYR E 368 22.63 -44.34 0.44
CA TYR E 368 22.13 -44.62 1.78
C TYR E 368 21.12 -45.76 1.81
N GLN E 369 20.46 -46.06 0.69
CA GLN E 369 19.56 -47.20 0.65
C GLN E 369 20.31 -48.50 0.92
N LYS E 370 21.48 -48.64 0.30
CA LYS E 370 22.31 -49.82 0.55
C LYS E 370 22.76 -49.87 2.01
N LEU E 371 23.05 -48.72 2.60
CA LEU E 371 23.42 -48.69 4.02
C LEU E 371 22.25 -49.18 4.88
N PHE E 372 21.04 -48.72 4.58
CA PHE E 372 19.87 -49.20 5.32
C PHE E 372 19.72 -50.70 5.17
N ASN E 373 19.93 -51.22 3.96
CA ASN E 373 19.85 -52.66 3.75
C ASN E 373 20.89 -53.39 4.59
N LEU E 374 22.12 -52.86 4.64
CA LEU E 374 23.18 -53.50 5.41
C LEU E 374 22.85 -53.52 6.90
N VAL E 375 22.41 -52.39 7.44
CA VAL E 375 22.23 -52.28 8.89
C VAL E 375 21.04 -53.10 9.35
N LEU E 376 19.92 -53.02 8.64
CA LEU E 376 18.71 -53.68 9.05
C LEU E 376 18.74 -55.18 8.71
N PRO E 377 17.92 -55.98 9.38
CA PRO E 377 17.85 -57.41 9.06
C PRO E 377 17.42 -57.66 7.63
N ALA E 378 17.45 -58.92 7.20
CA ALA E 378 17.07 -59.24 5.83
C ALA E 378 15.58 -59.04 5.62
N ALA E 379 14.76 -59.35 6.63
CA ALA E 379 13.31 -59.23 6.47
C ALA E 379 12.90 -57.80 6.14
N GLN E 380 13.66 -56.81 6.60
CA GLN E 380 13.33 -55.40 6.39
C GLN E 380 14.14 -54.80 5.25
N LYS E 381 14.55 -55.61 4.28
CA LYS E 381 15.32 -55.10 3.16
C LYS E 381 14.45 -54.20 2.28
N ASP E 382 14.96 -53.02 1.94
CA ASP E 382 14.29 -52.03 1.11
C ASP E 382 12.94 -51.59 1.68
N ASN E 383 12.66 -51.92 2.94
CA ASN E 383 11.42 -51.46 3.56
C ASN E 383 11.49 -49.98 3.92
N TYR E 384 12.63 -49.54 4.44
CA TYR E 384 12.82 -48.15 4.82
C TYR E 384 13.61 -47.41 3.76
N TYR E 385 13.38 -46.11 3.66
CA TYR E 385 14.03 -45.28 2.66
C TYR E 385 14.12 -43.85 3.17
N MET E 386 15.21 -43.18 2.81
CA MET E 386 15.57 -41.88 3.34
C MET E 386 15.49 -40.81 2.26
N ASN E 387 15.01 -39.63 2.63
CA ASN E 387 14.77 -38.54 1.70
C ASN E 387 15.34 -37.25 2.26
N TYR E 388 16.06 -36.50 1.42
CA TYR E 388 16.53 -35.16 1.75
C TYR E 388 15.57 -34.13 1.18
N ASP E 389 15.62 -32.93 1.75
CA ASP E 389 14.74 -31.84 1.34
C ASP E 389 15.45 -30.93 0.36
N LYS E 390 14.75 -30.60 -0.74
CA LYS E 390 15.32 -29.82 -1.82
C LYS E 390 14.82 -28.39 -1.88
N ASP E 391 13.71 -28.08 -1.20
CA ASP E 391 13.14 -26.75 -1.23
C ASP E 391 13.62 -25.94 -0.04
N LYS E 392 13.37 -24.64 -0.10
CA LYS E 392 13.75 -23.76 1.00
C LYS E 392 12.81 -23.99 2.18
N PRO E 393 13.33 -24.18 3.39
CA PRO E 393 12.46 -24.55 4.51
C PRO E 393 11.74 -23.35 5.12
N LEU E 394 10.77 -23.66 5.98
CA LEU E 394 10.05 -22.62 6.69
C LEU E 394 10.92 -22.05 7.81
N THR E 395 10.85 -20.74 7.99
CA THR E 395 11.76 -20.04 8.89
C THR E 395 11.44 -20.36 10.34
N LEU E 396 12.19 -19.71 11.24
CA LEU E 396 12.07 -20.02 12.67
C LEU E 396 10.73 -19.57 13.23
N LYS E 397 10.16 -18.49 12.71
CA LYS E 397 8.90 -18.00 13.26
C LYS E 397 7.79 -19.04 13.13
N GLU E 398 7.60 -19.56 11.92
CA GLU E 398 6.54 -20.56 11.71
C GLU E 398 6.84 -21.83 12.50
N LYS E 399 8.10 -22.25 12.54
CA LYS E 399 8.48 -23.41 13.33
C LYS E 399 8.08 -23.23 14.79
N MET E 400 8.38 -22.06 15.34
CA MET E 400 8.02 -21.78 16.73
C MET E 400 6.51 -21.77 16.93
N ASP E 401 5.77 -21.19 15.97
CA ASP E 401 4.31 -21.20 16.07
C ASP E 401 3.78 -22.62 16.10
N ILE E 402 4.25 -23.49 15.20
CA ILE E 402 3.75 -24.86 15.16
C ILE E 402 4.11 -25.58 16.46
N LEU E 403 5.34 -25.39 16.95
CA LEU E 403 5.75 -26.09 18.16
C LEU E 403 4.92 -25.65 19.37
N ILE E 404 4.75 -24.34 19.54
CA ILE E 404 3.98 -23.85 20.68
C ILE E 404 2.52 -24.28 20.56
N LYS E 405 2.00 -24.32 19.33
CA LYS E 405 0.66 -24.84 19.12
C LYS E 405 0.56 -26.29 19.54
N LEU E 406 1.58 -27.09 19.22
CA LEU E 406 1.57 -28.50 19.57
C LEU E 406 1.64 -28.71 21.07
N ASN E 407 2.43 -27.88 21.77
CA ASN E 407 2.70 -28.14 23.18
C ASN E 407 1.43 -28.30 24.01
N ASP E 408 0.37 -27.58 23.64
CA ASP E 408 -0.82 -27.49 24.48
C ASP E 408 -1.29 -28.86 24.94
N LYS E 409 -1.32 -29.05 26.26
CA LYS E 409 -1.86 -30.24 26.91
C LYS E 409 -1.17 -31.51 26.39
N GLY E 410 0.12 -31.60 26.71
CA GLY E 410 0.80 -32.87 26.67
C GLY E 410 2.12 -32.90 25.91
N TRP E 411 2.20 -32.20 24.79
CA TRP E 411 3.36 -32.41 23.93
C TRP E 411 4.58 -31.69 24.50
N SER E 412 5.75 -32.08 24.00
CA SER E 412 7.01 -31.75 24.65
C SER E 412 7.22 -30.25 24.76
N ILE E 413 7.82 -29.83 25.87
CA ILE E 413 8.20 -28.44 26.07
C ILE E 413 9.69 -28.20 25.83
N LYS E 414 10.51 -29.26 25.86
CA LYS E 414 11.94 -29.07 25.67
C LYS E 414 12.25 -28.41 24.33
N HIS E 415 11.65 -28.92 23.25
CA HIS E 415 11.91 -28.35 21.94
C HIS E 415 11.27 -26.97 21.80
N VAL E 416 10.39 -26.58 22.72
CA VAL E 416 9.83 -25.25 22.69
C VAL E 416 10.87 -24.24 23.16
N VAL E 417 11.35 -24.37 24.38
CA VAL E 417 12.34 -23.44 24.92
C VAL E 417 13.68 -23.62 24.22
N ASP E 418 13.86 -24.74 23.52
CA ASP E 418 15.13 -25.01 22.87
C ASP E 418 15.47 -23.94 21.84
N ASN E 419 14.52 -23.58 20.98
CA ASN E 419 14.81 -22.68 19.86
C ASN E 419 14.94 -21.23 20.27
N LEU E 420 14.64 -20.90 21.52
CA LEU E 420 14.84 -19.54 22.01
C LEU E 420 16.32 -19.30 22.25
N ALA E 421 16.85 -18.20 21.71
CA ALA E 421 18.24 -17.87 21.93
C ALA E 421 18.50 -17.65 23.41
N GLY E 422 19.59 -18.21 23.91
CA GLY E 422 19.77 -18.22 25.34
C GLY E 422 18.67 -19.08 25.95
N VAL E 423 18.40 -18.83 27.23
CA VAL E 423 17.28 -19.48 27.91
C VAL E 423 17.43 -20.99 27.83
N SER E 424 18.60 -21.50 28.17
CA SER E 424 18.86 -22.95 28.09
C SER E 424 17.75 -23.72 28.79
N TRP E 425 17.47 -24.92 28.29
CA TRP E 425 16.35 -25.70 28.81
C TRP E 425 16.55 -26.02 30.27
N GLU E 426 17.75 -26.43 30.67
CA GLU E 426 17.98 -26.80 32.06
C GLU E 426 17.85 -25.58 32.97
N SER E 427 18.39 -24.44 32.55
CA SER E 427 18.23 -23.23 33.35
C SER E 427 16.76 -22.86 33.47
N TYR E 428 16.02 -22.96 32.36
CA TYR E 428 14.60 -22.62 32.37
C TYR E 428 13.84 -23.48 33.36
N LEU E 429 13.97 -24.80 33.25
CA LEU E 429 13.23 -25.69 34.14
C LEU E 429 13.69 -25.51 35.58
N GLU E 430 14.99 -25.36 35.81
CA GLU E 430 15.49 -25.22 37.17
C GLU E 430 14.94 -23.97 37.83
N GLN E 431 15.01 -22.83 37.15
CA GLN E 431 14.52 -21.60 37.74
C GLN E 431 13.01 -21.65 37.92
N THR E 432 12.29 -22.26 36.97
CA THR E 432 10.85 -22.39 37.11
C THR E 432 10.50 -23.18 38.36
N LEU E 433 11.19 -24.30 38.57
CA LEU E 433 10.94 -25.11 39.75
C LEU E 433 11.32 -24.36 41.02
N TYR E 434 12.40 -23.58 40.96
CA TYR E 434 12.78 -22.77 42.11
C TYR E 434 11.68 -21.78 42.47
N GLU E 435 11.12 -21.11 41.46
CA GLU E 435 10.12 -20.08 41.72
C GLU E 435 8.79 -20.68 42.16
N THR E 436 8.40 -21.83 41.61
CA THR E 436 7.11 -22.41 41.96
C THR E 436 7.16 -23.27 43.21
N GLU E 437 8.32 -23.82 43.57
CA GLU E 437 8.44 -24.76 44.68
C GLU E 437 8.95 -24.09 45.94
N GLU E 438 9.99 -23.26 45.84
CA GLU E 438 10.62 -22.70 47.03
C GLU E 438 9.94 -21.41 47.46
N LEU E 439 9.93 -20.41 46.58
CA LEU E 439 9.36 -19.11 46.93
C LEU E 439 7.83 -19.17 47.00
N LYS E 440 7.21 -19.91 46.08
CA LYS E 440 5.75 -19.94 45.97
C LYS E 440 5.21 -18.58 45.51
N LEU E 441 5.85 -18.03 44.46
CA LEU E 441 5.45 -16.73 43.95
C LEU E 441 3.96 -16.66 43.69
N GLN E 442 3.39 -17.71 43.10
CA GLN E 442 1.99 -17.66 42.69
C GLN E 442 1.05 -17.64 43.89
N GLU E 443 1.55 -17.87 45.10
CA GLU E 443 0.77 -17.68 46.30
C GLU E 443 0.90 -16.28 46.87
N LYS E 444 1.68 -15.41 46.23
CA LYS E 444 1.90 -14.05 46.71
C LYS E 444 1.64 -13.03 45.61
N GLU F 25 56.09 -11.89 -12.96
CA GLU F 25 55.04 -11.68 -11.92
C GLU F 25 53.95 -12.74 -12.02
N ALA F 26 53.28 -12.80 -13.18
CA ALA F 26 52.19 -13.74 -13.35
C ALA F 26 52.65 -15.17 -13.14
N GLU F 27 53.85 -15.51 -13.61
CA GLU F 27 54.35 -16.87 -13.48
C GLU F 27 54.38 -17.32 -12.03
N GLN F 28 54.67 -16.40 -11.10
CA GLN F 28 54.72 -16.78 -9.69
C GLN F 28 53.35 -17.23 -9.20
N LEU F 29 52.30 -16.47 -9.52
CA LEU F 29 50.96 -16.88 -9.11
C LEU F 29 50.53 -18.16 -9.81
N LYS F 30 50.89 -18.31 -11.09
CA LYS F 30 50.56 -19.53 -11.81
C LYS F 30 51.20 -20.73 -11.14
N ASN F 31 52.47 -20.62 -10.76
CA ASN F 31 53.16 -21.71 -10.09
C ASN F 31 52.53 -21.99 -8.72
N TYR F 32 52.18 -20.94 -7.98
CA TYR F 32 51.55 -21.14 -6.68
C TYR F 32 50.24 -21.90 -6.83
N PHE F 33 49.43 -21.55 -7.83
CA PHE F 33 48.18 -22.25 -8.06
C PHE F 33 48.41 -23.64 -8.63
N SER F 34 49.56 -23.89 -9.25
CA SER F 34 49.84 -25.22 -9.78
C SER F 34 49.88 -26.26 -8.66
N ASN F 35 50.48 -25.91 -7.53
CA ASN F 35 50.66 -26.84 -6.41
C ASN F 35 50.15 -26.17 -5.13
N PRO F 36 48.84 -26.09 -4.94
CA PRO F 36 48.30 -25.49 -3.71
C PRO F 36 48.67 -26.25 -2.46
N ASP F 37 49.05 -27.52 -2.57
CA ASP F 37 49.43 -28.32 -1.41
C ASP F 37 50.93 -28.32 -1.15
N GLU F 38 51.71 -27.58 -1.92
CA GLU F 38 53.15 -27.50 -1.75
C GLU F 38 53.65 -26.10 -1.45
N PHE F 39 53.14 -25.09 -2.14
CA PHE F 39 53.56 -23.70 -1.92
C PHE F 39 52.66 -23.00 -0.89
N GLN F 40 52.52 -23.62 0.28
CA GLN F 40 51.66 -23.07 1.31
C GLN F 40 52.29 -21.89 2.03
N GLU F 41 53.62 -21.89 2.19
CA GLU F 41 54.27 -20.83 2.94
C GLU F 41 54.00 -19.47 2.31
N GLU F 42 54.20 -19.36 0.99
CA GLU F 42 53.96 -18.09 0.32
C GLU F 42 52.50 -17.69 0.40
N ILE F 43 51.60 -18.67 0.30
CA ILE F 43 50.17 -18.36 0.36
C ILE F 43 49.83 -17.76 1.72
N GLU F 44 50.32 -18.37 2.80
CA GLU F 44 50.04 -17.84 4.13
C GLU F 44 50.68 -16.47 4.32
N ASP F 45 51.90 -16.29 3.81
CA ASP F 45 52.56 -15.00 3.92
C ASP F 45 51.72 -13.90 3.26
N LEU F 46 51.29 -14.15 2.02
CA LEU F 46 50.48 -13.16 1.32
C LEU F 46 49.13 -12.95 2.00
N ALA F 47 48.55 -14.02 2.56
CA ALA F 47 47.28 -13.88 3.26
C ALA F 47 47.42 -12.96 4.46
N GLN F 48 48.40 -13.21 5.31
CA GLN F 48 48.63 -12.34 6.46
C GLN F 48 49.02 -10.93 6.05
N TYR F 49 49.74 -10.77 4.94
CA TYR F 49 50.13 -9.44 4.49
C TYR F 49 48.92 -8.63 4.04
N PHE F 50 48.06 -9.22 3.20
CA PHE F 50 46.87 -8.52 2.72
C PHE F 50 45.77 -8.45 3.75
N TYR F 51 45.87 -9.20 4.85
CA TYR F 51 44.94 -8.99 5.95
C TYR F 51 45.05 -7.56 6.48
N ILE F 52 46.27 -7.07 6.62
CA ILE F 52 46.48 -5.76 7.22
C ILE F 52 46.67 -4.67 6.17
N SER F 53 47.28 -4.99 5.04
CA SER F 53 47.54 -3.97 4.02
C SER F 53 46.36 -3.72 3.10
N THR F 54 45.25 -4.44 3.28
CA THR F 54 44.04 -4.23 2.49
C THR F 54 42.81 -4.46 3.36
N ALA F 55 41.68 -3.89 2.93
CA ALA F 55 40.46 -3.93 3.71
C ALA F 55 39.51 -5.04 3.27
N GLU F 56 39.58 -5.46 2.01
CA GLU F 56 38.66 -6.49 1.53
C GLU F 56 38.86 -7.80 2.30
N ILE F 57 40.10 -8.28 2.35
CA ILE F 57 40.38 -9.52 3.07
C ILE F 57 40.15 -9.35 4.57
N HIS F 58 40.44 -8.17 5.10
CA HIS F 58 40.19 -7.91 6.51
C HIS F 58 38.70 -8.01 6.82
N GLN F 59 37.87 -7.41 5.97
CA GLN F 59 36.43 -7.55 6.14
C GLN F 59 36.01 -9.00 6.00
N LEU F 60 36.58 -9.71 5.03
CA LEU F 60 36.25 -11.12 4.85
C LEU F 60 36.45 -11.89 6.16
N PHE F 61 37.64 -11.77 6.73
CA PHE F 61 37.97 -12.59 7.91
C PHE F 61 37.20 -12.13 9.14
N GLU F 62 37.04 -10.81 9.33
CA GLU F 62 36.19 -10.36 10.42
C GLU F 62 34.77 -10.86 10.27
N LEU F 63 34.28 -10.97 9.03
CA LEU F 63 32.95 -11.51 8.81
C LEU F 63 32.89 -12.98 9.19
N ILE F 64 33.91 -13.75 8.82
CA ILE F 64 33.96 -15.16 9.25
C ILE F 64 33.88 -15.24 10.76
N GLU F 65 34.66 -14.41 11.45
CA GLU F 65 34.75 -14.54 12.91
C GLU F 65 33.50 -13.99 13.60
N ALA F 66 32.81 -13.03 12.98
CA ALA F 66 31.74 -12.31 13.66
C ALA F 66 30.35 -12.81 13.31
N LEU F 67 30.08 -13.13 12.05
CA LEU F 67 28.71 -13.46 11.63
C LEU F 67 28.04 -14.50 12.52
N PRO F 68 28.68 -15.62 12.86
CA PRO F 68 27.99 -16.63 13.67
C PRO F 68 27.54 -16.05 15.00
N THR F 69 26.35 -16.48 15.43
CA THR F 69 25.86 -16.12 16.76
C THR F 69 26.20 -17.18 17.80
N LEU F 70 26.58 -18.38 17.37
CA LEU F 70 27.11 -19.41 18.25
C LEU F 70 26.12 -19.79 19.35
N ASN F 71 24.83 -19.61 19.10
CA ASN F 71 23.84 -20.27 19.95
C ASN F 71 23.85 -21.75 19.63
N TYR F 72 23.78 -22.60 20.66
CA TYR F 72 24.03 -24.01 20.49
C TYR F 72 22.98 -24.83 21.23
N LYS F 73 22.88 -26.10 20.82
CA LYS F 73 21.96 -27.07 21.41
C LYS F 73 22.72 -28.37 21.60
N ILE F 74 22.33 -29.14 22.61
CA ILE F 74 22.85 -30.50 22.78
C ILE F 74 21.65 -31.43 22.91
N ASP F 75 21.62 -32.45 22.06
CA ASP F 75 20.53 -33.42 22.02
C ASP F 75 21.12 -34.82 22.12
N SER F 76 20.25 -35.82 22.27
CA SER F 76 20.67 -37.18 22.52
C SER F 76 19.97 -38.12 21.55
N PHE F 77 20.64 -39.24 21.26
CA PHE F 77 20.02 -40.35 20.53
C PHE F 77 19.24 -41.27 21.45
N ASN F 78 19.24 -41.01 22.76
CA ASN F 78 18.44 -41.78 23.70
C ASN F 78 18.18 -40.91 24.92
N LYS F 79 17.14 -41.26 25.65
CA LYS F 79 16.73 -40.53 26.85
C LYS F 79 17.07 -41.41 28.06
N VAL F 80 18.29 -41.25 28.55
CA VAL F 80 18.73 -42.01 29.72
C VAL F 80 18.01 -41.50 30.97
N LYS F 81 18.09 -42.28 32.04
CA LYS F 81 17.38 -41.93 33.27
C LYS F 81 17.90 -40.62 33.86
N SER F 82 19.21 -40.41 33.84
CA SER F 82 19.85 -39.26 34.47
C SER F 82 20.29 -38.23 33.43
N SER F 83 19.46 -38.01 32.41
CA SER F 83 19.86 -37.14 31.31
C SER F 83 20.23 -35.75 31.80
N ASP F 84 19.39 -35.16 32.65
CA ASP F 84 19.59 -33.78 33.09
C ASP F 84 21.00 -33.57 33.62
N LYS F 85 21.53 -34.54 34.36
CA LYS F 85 22.88 -34.43 34.88
C LYS F 85 23.88 -34.30 33.73
N HIS F 86 23.71 -35.12 32.69
CA HIS F 86 24.61 -35.04 31.55
C HIS F 86 24.48 -33.71 30.83
N ILE F 87 23.26 -33.18 30.71
CA ILE F 87 23.08 -31.89 30.04
C ILE F 87 23.83 -30.81 30.80
N SER F 88 23.66 -30.79 32.12
CA SER F 88 24.33 -29.76 32.93
C SER F 88 25.85 -29.93 32.85
N LEU F 89 26.33 -31.17 32.93
CA LEU F 89 27.77 -31.40 32.84
C LEU F 89 28.33 -30.92 31.52
N LEU F 90 27.61 -31.19 30.42
CA LEU F 90 28.10 -30.77 29.11
C LEU F 90 28.09 -29.25 28.98
N ASN F 91 27.06 -28.59 29.50
CA ASN F 91 27.04 -27.13 29.46
C ASN F 91 28.22 -26.56 30.23
N LYS F 92 28.47 -27.09 31.44
CA LYS F 92 29.58 -26.59 32.24
C LYS F 92 30.91 -26.83 31.54
N SER F 93 31.10 -28.02 30.95
CA SER F 93 32.37 -28.32 30.29
C SER F 93 32.53 -27.53 29.02
N LEU F 94 31.42 -27.12 28.40
CA LEU F 94 31.51 -26.23 27.25
C LEU F 94 31.94 -24.83 27.68
N HIS F 95 31.45 -24.38 28.84
CA HIS F 95 31.87 -23.07 29.33
C HIS F 95 33.32 -23.07 29.77
N LYS F 96 33.74 -24.07 30.53
CA LYS F 96 35.11 -24.10 31.04
C LYS F 96 36.11 -23.94 29.90
N VAL F 97 35.90 -24.64 28.79
CA VAL F 97 36.75 -24.45 27.63
C VAL F 97 36.53 -23.09 26.99
N LYS F 98 35.41 -22.43 27.30
CA LYS F 98 35.07 -21.13 26.71
C LYS F 98 35.02 -21.26 25.18
N HIS F 99 34.05 -22.04 24.73
CA HIS F 99 34.08 -22.55 23.37
C HIS F 99 34.07 -21.42 22.33
N LYS F 100 33.23 -20.40 22.53
CA LYS F 100 32.99 -19.43 21.47
C LYS F 100 34.30 -18.87 20.89
N ARG F 101 35.22 -18.46 21.76
CA ARG F 101 36.50 -17.92 21.29
C ARG F 101 37.27 -18.98 20.52
N LEU F 102 37.26 -20.23 21.01
CA LEU F 102 37.97 -21.30 20.33
C LEU F 102 37.40 -21.55 18.94
N THR F 103 36.07 -21.57 18.83
CA THR F 103 35.43 -21.76 17.53
C THR F 103 35.79 -20.65 16.57
N ARG F 104 35.74 -19.40 17.04
CA ARG F 104 36.09 -18.29 16.15
C ARG F 104 37.54 -18.37 15.69
N ASP F 105 38.45 -18.69 16.62
CA ASP F 105 39.86 -18.81 16.24
C ASP F 105 40.05 -19.94 15.23
N LEU F 106 39.40 -21.08 15.44
CA LEU F 106 39.51 -22.18 14.51
C LEU F 106 39.00 -21.79 13.13
N LEU F 107 37.84 -21.13 13.07
CA LEU F 107 37.31 -20.71 11.78
C LEU F 107 38.29 -19.78 11.07
N LYS F 108 38.80 -18.78 11.77
CA LYS F 108 39.71 -17.83 11.15
C LYS F 108 40.97 -18.52 10.65
N GLN F 109 41.56 -19.41 11.46
CA GLN F 109 42.78 -20.08 11.05
C GLN F 109 42.58 -21.03 9.88
N VAL F 110 41.53 -21.86 9.93
CA VAL F 110 41.29 -22.79 8.82
C VAL F 110 41.03 -22.02 7.54
N ALA F 111 40.24 -20.95 7.60
CA ALA F 111 40.07 -20.11 6.42
C ALA F 111 41.39 -19.52 5.97
N THR F 112 42.30 -19.24 6.92
CA THR F 112 43.60 -18.68 6.55
C THR F 112 44.44 -19.68 5.78
N ALA F 113 44.54 -20.91 6.28
CA ALA F 113 45.43 -21.91 5.72
C ALA F 113 44.71 -23.00 4.93
N GLY F 114 43.43 -23.24 5.23
CA GLY F 114 42.69 -24.32 4.60
C GLY F 114 42.75 -25.63 5.35
N THR F 115 43.66 -25.78 6.31
CA THR F 115 43.75 -26.99 7.09
C THR F 115 44.29 -26.65 8.47
N LEU F 116 44.02 -27.53 9.43
CA LEU F 116 44.38 -27.30 10.82
C LEU F 116 44.33 -28.63 11.56
N VAL F 117 45.26 -28.81 12.50
CA VAL F 117 45.34 -30.02 13.30
C VAL F 117 45.39 -29.62 14.76
N GLY F 118 44.38 -30.02 15.54
CA GLY F 118 44.36 -29.79 16.96
C GLY F 118 44.31 -31.08 17.73
N ILE F 119 44.31 -30.95 19.07
CA ILE F 119 44.30 -32.12 19.93
C ILE F 119 43.89 -31.69 21.33
N TRP F 120 43.28 -32.61 22.08
CA TRP F 120 42.96 -32.39 23.48
C TRP F 120 44.08 -32.96 24.33
N LEU F 121 44.75 -32.10 25.10
CA LEU F 121 45.95 -32.51 25.83
C LEU F 121 45.65 -32.86 27.28
N GLY F 122 45.01 -31.96 28.01
CA GLY F 122 44.77 -32.19 29.43
C GLY F 122 44.04 -33.49 29.68
N ASP F 123 43.97 -33.85 30.96
CA ASP F 123 43.34 -35.10 31.33
C ASP F 123 41.88 -35.10 30.85
N ALA F 124 41.27 -36.29 30.90
CA ALA F 124 39.93 -36.44 30.34
C ALA F 124 38.92 -35.57 31.06
N LYS F 125 39.01 -35.50 32.40
CA LYS F 125 37.98 -34.81 33.16
C LYS F 125 37.89 -33.33 32.78
N SER F 126 39.03 -32.66 32.62
CA SER F 126 39.08 -31.23 32.31
C SER F 126 40.09 -31.00 31.20
N PRO F 127 39.78 -31.43 29.99
CA PRO F 127 40.76 -31.29 28.89
C PRO F 127 40.96 -29.84 28.49
N TYR F 128 42.11 -29.60 27.86
CA TYR F 128 42.40 -28.30 27.26
C TYR F 128 42.98 -28.50 25.88
N PRO F 129 42.68 -27.61 24.93
CA PRO F 129 43.07 -27.85 23.54
C PRO F 129 44.48 -27.35 23.22
N PHE F 130 44.98 -27.83 22.08
CA PHE F 130 46.29 -27.44 21.58
C PHE F 130 46.24 -27.46 20.07
N ILE F 131 46.63 -26.36 19.44
CA ILE F 131 46.53 -26.16 18.00
C ILE F 131 47.94 -26.01 17.44
N PHE F 132 48.34 -26.97 16.61
CA PHE F 132 49.63 -26.87 15.94
C PHE F 132 49.61 -25.74 14.91
N ASP F 133 50.74 -25.06 14.76
CA ASP F 133 50.86 -23.98 13.79
C ASP F 133 51.47 -24.43 12.47
N GLU F 134 52.43 -25.35 12.50
CA GLU F 134 53.15 -25.76 11.30
C GLU F 134 52.39 -26.90 10.64
N ILE F 135 51.72 -26.60 9.52
CA ILE F 135 51.07 -27.65 8.75
C ILE F 135 52.10 -28.49 8.03
N LYS F 136 53.22 -27.89 7.60
CA LYS F 136 54.21 -28.62 6.83
C LYS F 136 54.77 -29.82 7.57
N TYR F 137 54.68 -29.84 8.91
CA TYR F 137 55.20 -30.94 9.69
C TYR F 137 54.13 -31.72 10.44
N VAL F 138 52.92 -31.19 10.57
CA VAL F 138 51.80 -31.92 11.16
C VAL F 138 50.60 -31.73 10.22
N PHE F 139 50.05 -32.83 9.73
CA PHE F 139 48.96 -32.79 8.77
C PHE F 139 48.24 -34.13 8.79
N PRO F 140 47.01 -34.18 8.29
CA PRO F 140 46.43 -35.47 7.92
C PRO F 140 47.14 -36.05 6.70
N SER F 141 47.27 -37.37 6.68
CA SER F 141 48.01 -38.06 5.63
C SER F 141 47.18 -39.06 4.85
N PHE F 142 46.38 -39.86 5.52
CA PHE F 142 45.59 -40.89 4.84
C PHE F 142 44.38 -41.19 5.72
N ARG F 143 43.63 -42.23 5.35
CA ARG F 143 42.41 -42.60 6.05
C ARG F 143 42.48 -44.07 6.46
N ARG F 144 41.83 -44.37 7.57
CA ARG F 144 41.62 -45.75 8.01
C ARG F 144 40.27 -45.81 8.71
N ASN F 145 39.53 -46.88 8.47
CA ASN F 145 38.17 -47.04 8.99
C ASN F 145 37.27 -45.89 8.57
N GLY F 146 37.63 -45.18 7.50
CA GLY F 146 36.86 -44.04 7.03
C GLY F 146 37.22 -42.73 7.69
N ASP F 147 38.14 -42.72 8.66
CA ASP F 147 38.50 -41.52 9.39
C ASP F 147 39.94 -41.14 9.10
N TRP F 148 40.20 -39.83 9.11
CA TRP F 148 41.54 -39.33 8.82
C TRP F 148 42.52 -39.76 9.91
N VAL F 149 43.79 -39.86 9.52
CA VAL F 149 44.88 -40.14 10.45
C VAL F 149 45.94 -39.07 10.26
N CYS F 150 46.31 -38.42 11.35
CA CYS F 150 47.27 -37.32 11.33
C CYS F 150 48.61 -37.80 11.87
N VAL F 151 49.68 -37.50 11.15
CA VAL F 151 51.03 -37.94 11.50
C VAL F 151 51.88 -36.71 11.76
N VAL F 152 52.52 -36.69 12.92
CA VAL F 152 53.44 -35.62 13.30
C VAL F 152 54.83 -36.01 12.84
N ASP F 153 55.47 -35.11 12.09
CA ASP F 153 56.86 -35.27 11.71
C ASP F 153 57.74 -34.76 12.84
N MET F 154 58.81 -35.50 13.13
CA MET F 154 59.70 -35.11 14.22
C MET F 154 60.70 -34.05 13.81
N GLU F 155 60.87 -33.81 12.50
CA GLU F 155 61.74 -32.74 12.05
C GLU F 155 61.31 -31.40 12.64
N LEU F 156 60.04 -31.27 12.99
CA LEU F 156 59.57 -30.06 13.65
C LEU F 156 60.44 -29.70 14.84
N PHE F 157 60.80 -30.70 15.65
CA PHE F 157 61.55 -30.43 16.87
C PHE F 157 62.99 -30.03 16.60
N THR F 158 63.47 -30.12 15.36
CA THR F 158 64.85 -29.78 15.07
C THR F 158 65.15 -28.29 15.21
N LYS F 159 64.13 -27.45 15.33
CA LYS F 159 64.32 -26.01 15.43
C LYS F 159 64.05 -25.47 16.82
N TYR F 160 63.15 -26.09 17.58
CA TYR F 160 62.82 -25.60 18.91
C TYR F 160 64.01 -25.71 19.84
N LYS F 161 64.07 -24.80 20.81
CA LYS F 161 65.15 -24.80 21.79
C LYS F 161 65.08 -26.07 22.63
N ASP F 162 66.24 -26.47 23.16
CA ASP F 162 66.30 -27.69 23.96
C ASP F 162 65.34 -27.62 25.14
N ASP F 163 65.35 -26.52 25.88
CA ASP F 163 64.39 -26.35 26.97
C ASP F 163 62.96 -26.33 26.43
N GLN F 164 62.72 -25.56 25.37
CA GLN F 164 61.38 -25.51 24.78
C GLN F 164 60.99 -26.88 24.22
N ARG F 165 61.93 -27.58 23.59
CA ARG F 165 61.64 -28.91 23.06
C ARG F 165 61.25 -29.87 24.18
N ASN F 166 61.99 -29.85 25.29
CA ASN F 166 61.65 -30.72 26.42
C ASN F 166 60.30 -30.36 27.01
N GLU F 167 60.02 -29.06 27.13
CA GLU F 167 58.71 -28.64 27.63
C GLU F 167 57.59 -29.16 26.75
N LEU F 168 57.73 -28.98 25.44
CA LEU F 168 56.69 -29.44 24.52
C LEU F 168 56.52 -30.95 24.59
N LEU F 169 57.62 -31.69 24.60
CA LEU F 169 57.54 -33.15 24.67
C LEU F 169 56.89 -33.59 25.98
N LYS F 170 57.11 -32.84 27.05
CA LYS F 170 56.40 -33.11 28.29
C LYS F 170 54.92 -32.78 28.16
N SER F 171 54.57 -31.83 27.30
CA SER F 171 53.17 -31.49 27.08
C SER F 171 52.40 -32.69 26.54
N LEU F 172 52.97 -33.40 25.56
CA LEU F 172 52.33 -34.54 24.93
C LEU F 172 52.83 -35.86 25.48
N SER F 173 53.16 -35.90 26.77
CA SER F 173 53.85 -37.02 27.39
C SER F 173 53.25 -38.37 27.01
N PRO F 174 52.00 -38.64 27.38
CA PRO F 174 51.46 -40.00 27.18
C PRO F 174 51.43 -40.44 25.73
N TYR F 175 51.35 -39.52 24.77
CA TYR F 175 51.25 -39.86 23.36
C TYR F 175 52.59 -39.77 22.64
N ILE F 176 53.35 -38.71 22.87
CA ILE F 176 54.69 -38.56 22.33
C ILE F 176 55.64 -38.34 23.50
N LYS F 177 56.88 -38.79 23.35
CA LYS F 177 57.86 -38.74 24.42
C LYS F 177 59.24 -38.42 23.85
N GLN F 178 60.16 -38.07 24.75
CA GLN F 178 61.53 -37.77 24.34
C GLN F 178 62.19 -39.00 23.71
N SER F 179 61.83 -40.20 24.17
CA SER F 179 62.36 -41.41 23.56
C SER F 179 62.10 -41.43 22.07
N ASP F 180 60.94 -40.91 21.64
CA ASP F 180 60.64 -40.87 20.22
C ASP F 180 61.64 -39.97 19.47
N TYR F 181 61.96 -38.81 20.04
CA TYR F 181 62.92 -37.92 19.41
C TYR F 181 64.31 -38.56 19.37
N GLU F 182 64.68 -39.26 20.46
CA GLU F 182 65.97 -39.93 20.46
C GLU F 182 66.03 -41.02 19.39
N ASN F 183 64.96 -41.79 19.25
CA ASN F 183 64.92 -42.79 18.18
C ASN F 183 65.00 -42.14 16.82
N PHE F 184 64.31 -41.01 16.64
CA PHE F 184 64.37 -40.29 15.37
C PHE F 184 65.81 -39.88 15.05
N MET F 185 66.51 -39.34 16.05
CA MET F 185 67.90 -38.96 15.84
C MET F 185 68.77 -40.18 15.57
N LYS F 186 68.43 -41.33 16.17
CA LYS F 186 69.17 -42.55 15.89
C LYS F 186 69.03 -42.97 14.43
N ASP F 187 67.81 -42.91 13.90
CA ASP F 187 67.55 -43.25 12.49
C ASP F 187 66.53 -42.24 11.97
N ARG F 188 67.01 -41.18 11.32
CA ARG F 188 66.14 -40.12 10.86
C ARG F 188 65.12 -40.59 9.84
N GLU F 189 65.39 -41.70 9.15
CA GLU F 189 64.53 -42.18 8.07
C GLU F 189 63.67 -43.36 8.47
N LYS F 190 63.57 -43.67 9.76
CA LYS F 190 62.73 -44.77 10.23
C LYS F 190 61.59 -44.29 11.10
N TYR F 191 61.87 -43.49 12.13
CA TYR F 191 60.86 -42.99 13.07
C TYR F 191 60.46 -41.56 12.75
N ARG F 192 60.43 -41.22 11.46
CA ARG F 192 60.21 -39.84 11.03
C ARG F 192 58.77 -39.38 11.24
N PHE F 193 57.83 -40.28 11.53
CA PHE F 193 56.43 -39.92 11.66
C PHE F 193 55.81 -40.67 12.82
N LYS F 194 54.93 -39.99 13.56
CA LYS F 194 54.26 -40.57 14.71
C LYS F 194 52.76 -40.32 14.62
N GLU F 195 51.96 -41.30 15.04
CA GLU F 195 50.51 -41.19 14.99
C GLU F 195 49.97 -40.61 16.29
N LEU F 196 48.83 -39.91 16.18
CA LEU F 196 48.15 -39.31 17.31
C LEU F 196 46.83 -40.03 17.58
N PRO F 197 46.36 -40.04 18.82
CA PRO F 197 45.11 -40.75 19.12
C PRO F 197 43.94 -40.16 18.36
N GLN F 198 42.99 -41.04 17.99
CA GLN F 198 41.81 -40.58 17.28
C GLN F 198 40.86 -39.83 18.21
N GLU F 199 40.73 -40.29 19.46
CA GLU F 199 39.78 -39.67 20.38
C GLU F 199 40.14 -38.24 20.74
N ARG F 200 41.36 -37.81 20.44
CA ARG F 200 41.81 -36.47 20.83
C ARG F 200 42.10 -35.58 19.63
N THR F 201 42.95 -36.02 18.69
CA THR F 201 43.29 -35.16 17.57
C THR F 201 42.05 -34.85 16.73
N PHE F 202 42.09 -33.71 16.05
CA PHE F 202 41.06 -33.40 15.06
C PHE F 202 41.68 -32.60 13.92
N PRO F 203 41.69 -33.13 12.68
CA PRO F 203 42.02 -32.31 11.52
C PRO F 203 40.79 -31.68 10.88
N LEU F 204 40.85 -30.38 10.64
CA LEU F 204 39.82 -29.66 9.90
C LEU F 204 40.41 -29.16 8.60
N ARG F 205 39.58 -29.17 7.55
CA ARG F 205 40.04 -28.83 6.21
C ARG F 205 38.91 -28.15 5.45
N THR F 206 39.29 -27.38 4.43
CA THR F 206 38.31 -26.67 3.61
C THR F 206 38.97 -26.32 2.29
N GLY F 207 38.16 -26.35 1.23
CA GLY F 207 38.65 -26.11 -0.11
C GLY F 207 39.04 -27.35 -0.88
N THR F 208 38.76 -28.53 -0.35
CA THR F 208 39.12 -29.78 -1.03
C THR F 208 37.93 -30.28 -1.83
N LEU F 209 38.17 -30.61 -3.10
CA LEU F 209 37.14 -31.21 -3.93
C LEU F 209 37.03 -32.72 -3.68
N LYS F 210 38.13 -33.44 -3.86
CA LYS F 210 38.16 -34.88 -3.67
C LYS F 210 38.10 -35.23 -2.20
N ARG F 211 37.29 -36.25 -1.87
CA ARG F 211 37.25 -36.73 -0.49
C ARG F 211 38.59 -37.28 -0.04
N ASN F 212 39.46 -37.67 -0.98
CA ASN F 212 40.78 -38.20 -0.67
C ASN F 212 41.88 -37.16 -0.91
N GLN F 213 41.58 -35.90 -0.63
CA GLN F 213 42.55 -34.81 -0.71
C GLN F 213 42.88 -34.36 0.70
N GLY F 214 44.17 -34.27 1.01
CA GLY F 214 44.62 -33.93 2.34
C GLY F 214 44.57 -32.44 2.64
N LEU F 215 45.34 -31.66 1.88
CA LEU F 215 45.50 -30.24 2.17
C LEU F 215 44.45 -29.42 1.43
N GLY F 216 43.68 -28.65 2.18
CA GLY F 216 42.73 -27.71 1.61
C GLY F 216 43.44 -26.52 0.99
N THR F 217 42.72 -25.42 0.90
CA THR F 217 43.25 -24.18 0.33
C THR F 217 42.67 -22.99 1.05
N SER F 218 43.36 -21.85 0.94
CA SER F 218 42.93 -20.63 1.59
C SER F 218 41.98 -19.85 0.71
N TRP F 219 41.06 -19.13 1.35
CA TRP F 219 40.06 -18.35 0.63
C TRP F 219 40.65 -17.13 -0.05
N VAL F 220 41.92 -16.81 0.21
CA VAL F 220 42.54 -15.65 -0.44
C VAL F 220 43.01 -15.96 -1.86
N THR F 221 43.25 -17.22 -2.19
CA THR F 221 43.82 -17.55 -3.49
C THR F 221 42.98 -17.00 -4.65
N PRO F 222 41.65 -17.07 -4.65
CA PRO F 222 40.91 -16.60 -5.82
C PRO F 222 41.12 -15.13 -6.11
N GLY F 223 40.90 -14.27 -5.12
CA GLY F 223 41.04 -12.84 -5.29
C GLY F 223 42.46 -12.32 -5.16
N LEU F 224 43.44 -13.22 -4.98
CA LEU F 224 44.81 -12.77 -4.86
C LEU F 224 45.30 -12.08 -6.12
N TYR F 225 44.85 -12.53 -7.29
CA TYR F 225 45.27 -11.90 -8.54
C TYR F 225 44.76 -10.47 -8.63
N ASP F 226 43.61 -10.18 -8.00
CA ASP F 226 43.04 -8.84 -8.06
C ASP F 226 43.89 -7.80 -7.33
N VAL F 227 44.87 -8.23 -6.54
CA VAL F 227 45.72 -7.31 -5.80
C VAL F 227 47.14 -7.84 -5.74
N ASN F 348 24.03 -12.82 -1.02
CA ASN F 348 25.44 -12.77 -0.64
C ASN F 348 25.61 -13.07 0.85
N LEU F 349 24.93 -12.29 1.69
CA LEU F 349 25.05 -12.50 3.13
C LEU F 349 24.56 -13.88 3.53
N ASP F 350 23.44 -14.32 2.96
CA ASP F 350 22.98 -15.68 3.22
C ASP F 350 23.91 -16.71 2.61
N THR F 351 24.53 -16.38 1.48
CA THR F 351 25.52 -17.28 0.89
C THR F 351 26.69 -17.49 1.85
N PHE F 352 27.19 -16.41 2.46
CA PHE F 352 28.27 -16.56 3.44
C PHE F 352 27.80 -17.29 4.68
N TYR F 353 26.57 -17.02 5.13
CA TYR F 353 26.02 -17.77 6.25
C TYR F 353 26.06 -19.27 5.98
N LYS F 354 25.62 -19.65 4.78
CA LYS F 354 25.59 -21.08 4.43
C LYS F 354 27.00 -21.63 4.27
N ARG F 355 27.92 -20.82 3.75
CA ARG F 355 29.31 -21.28 3.62
C ARG F 355 29.92 -21.56 4.99
N ILE F 356 29.67 -20.70 5.96
CA ILE F 356 30.21 -20.92 7.31
C ILE F 356 29.42 -21.97 8.07
N GLY F 357 28.19 -22.26 7.67
CA GLY F 357 27.43 -23.30 8.34
C GLY F 357 28.07 -24.67 8.23
N VAL F 358 28.66 -24.96 7.07
CA VAL F 358 29.32 -26.26 6.90
C VAL F 358 30.53 -26.36 7.82
N LEU F 359 31.29 -25.27 7.98
CA LEU F 359 32.41 -25.28 8.90
C LEU F 359 31.92 -25.45 10.34
N MET F 360 30.79 -24.82 10.68
CA MET F 360 30.23 -25.02 12.01
C MET F 360 29.86 -26.48 12.24
N GLU F 361 29.23 -27.12 11.24
CA GLU F 361 28.90 -28.53 11.36
C GLU F 361 30.16 -29.38 11.53
N ASP F 362 31.19 -29.07 10.74
CA ASP F 362 32.45 -29.79 10.83
C ASP F 362 33.02 -29.69 12.24
N ILE F 363 33.06 -28.49 12.80
CA ILE F 363 33.60 -28.31 14.14
C ILE F 363 32.73 -29.02 15.17
N GLU F 364 31.43 -29.03 14.96
CA GLU F 364 30.53 -29.73 15.87
C GLU F 364 30.85 -31.22 15.92
N GLN F 365 30.91 -31.85 14.75
CA GLN F 365 31.00 -33.31 14.68
C GLN F 365 32.42 -33.83 14.79
N GLU F 366 33.44 -32.95 14.69
CA GLU F 366 34.83 -33.37 14.80
C GLU F 366 35.51 -32.91 16.08
N VAL F 367 35.23 -31.69 16.54
CA VAL F 367 35.96 -31.13 17.67
C VAL F 367 35.23 -31.43 18.98
N TYR F 368 33.99 -30.99 19.10
CA TYR F 368 33.29 -31.07 20.38
C TYR F 368 32.66 -32.43 20.64
N GLN F 369 32.45 -33.24 19.60
CA GLN F 369 31.98 -34.61 19.83
C GLN F 369 32.99 -35.40 20.64
N LYS F 370 34.27 -35.27 20.31
CA LYS F 370 35.31 -35.96 21.06
C LYS F 370 35.36 -35.44 22.49
N LEU F 371 35.15 -34.14 22.69
CA LEU F 371 35.10 -33.60 24.04
C LEU F 371 33.95 -34.21 24.83
N PHE F 372 32.77 -34.29 24.22
CA PHE F 372 31.64 -34.94 24.89
C PHE F 372 31.98 -36.36 25.26
N ASN F 373 32.62 -37.09 24.35
CA ASN F 373 33.01 -38.46 24.66
C ASN F 373 33.97 -38.52 25.84
N LEU F 374 34.94 -37.60 25.87
CA LEU F 374 35.92 -37.59 26.96
C LEU F 374 35.24 -37.32 28.30
N VAL F 375 34.37 -36.32 28.35
CA VAL F 375 33.79 -35.90 29.62
C VAL F 375 32.82 -36.96 30.15
N LEU F 376 31.97 -37.49 29.28
CA LEU F 376 30.95 -38.42 29.72
C LEU F 376 31.53 -39.82 29.94
N PRO F 377 30.84 -40.66 30.71
CA PRO F 377 31.31 -42.04 30.90
C PRO F 377 31.36 -42.81 29.58
N ALA F 378 31.87 -44.04 29.63
CA ALA F 378 31.97 -44.84 28.41
C ALA F 378 30.58 -45.25 27.92
N ALA F 379 29.64 -45.49 28.84
CA ALA F 379 28.32 -45.96 28.44
C ALA F 379 27.62 -44.96 27.53
N GLN F 380 27.86 -43.67 27.73
CA GLN F 380 27.18 -42.61 26.98
C GLN F 380 28.02 -42.10 25.82
N LYS F 381 28.95 -42.91 25.31
CA LYS F 381 29.78 -42.48 24.21
C LYS F 381 28.93 -42.25 22.96
N ASP F 382 29.14 -41.11 22.30
CA ASP F 382 28.42 -40.71 21.09
C ASP F 382 26.91 -40.65 21.29
N ASN F 383 26.43 -40.69 22.54
CA ASN F 383 24.99 -40.57 22.77
C ASN F 383 24.52 -39.13 22.60
N TYR F 384 25.28 -38.17 23.11
CA TYR F 384 24.94 -36.76 23.03
C TYR F 384 25.74 -36.08 21.93
N TYR F 385 25.13 -35.07 21.31
CA TYR F 385 25.77 -34.36 20.22
C TYR F 385 25.29 -32.91 20.23
N MET F 386 26.15 -32.03 19.73
CA MET F 386 25.96 -30.59 19.82
C MET F 386 25.83 -29.98 18.43
N ASN F 387 24.94 -28.99 18.32
CA ASN F 387 24.63 -28.34 17.06
C ASN F 387 24.62 -26.82 17.23
N TYR F 388 25.26 -26.13 16.30
CA TYR F 388 25.22 -24.67 16.25
C TYR F 388 24.15 -24.23 15.24
N ASP F 389 23.68 -23.00 15.41
CA ASP F 389 22.64 -22.45 14.55
C ASP F 389 23.29 -21.68 13.40
N LYS F 390 22.78 -21.93 12.19
CA LYS F 390 23.39 -21.42 10.98
C LYS F 390 22.60 -20.30 10.33
N ASP F 391 21.30 -20.18 10.64
CA ASP F 391 20.45 -19.17 10.05
C ASP F 391 20.37 -17.93 10.93
N LYS F 392 19.70 -16.91 10.42
CA LYS F 392 19.49 -15.70 11.20
C LYS F 392 18.39 -15.94 12.24
N PRO F 393 18.64 -15.66 13.51
CA PRO F 393 17.66 -16.02 14.54
C PRO F 393 16.49 -15.06 14.60
N LEU F 394 15.44 -15.49 15.28
CA LEU F 394 14.27 -14.64 15.48
C LEU F 394 14.59 -13.52 16.45
N THR F 395 14.09 -12.33 16.15
CA THR F 395 14.48 -11.12 16.87
C THR F 395 13.92 -11.15 18.30
N LEU F 396 14.22 -10.08 19.04
CA LEU F 396 13.84 -10.02 20.45
C LEU F 396 12.34 -10.00 20.64
N LYS F 397 11.60 -9.34 19.75
CA LYS F 397 10.16 -9.17 19.96
C LYS F 397 9.46 -10.53 20.00
N GLU F 398 9.68 -11.37 18.98
CA GLU F 398 9.03 -12.67 18.96
C GLU F 398 9.48 -13.54 20.13
N LYS F 399 10.77 -13.45 20.48
CA LYS F 399 11.27 -14.20 21.64
C LYS F 399 10.50 -13.81 22.90
N MET F 400 10.31 -12.50 23.12
CA MET F 400 9.58 -12.05 24.30
C MET F 400 8.12 -12.48 24.23
N ASP F 401 7.52 -12.46 23.04
CA ASP F 401 6.16 -12.95 22.91
C ASP F 401 6.05 -14.41 23.30
N ILE F 402 6.99 -15.24 22.83
CA ILE F 402 6.97 -16.65 23.18
C ILE F 402 7.14 -16.84 24.68
N LEU F 403 8.07 -16.09 25.29
CA LEU F 403 8.33 -16.26 26.71
C LEU F 403 7.12 -15.84 27.54
N ILE F 404 6.52 -14.68 27.23
CA ILE F 404 5.36 -14.24 27.98
C ILE F 404 4.21 -15.21 27.79
N LYS F 405 4.01 -15.71 26.56
CA LYS F 405 2.99 -16.72 26.33
C LYS F 405 3.25 -17.95 27.19
N LEU F 406 4.52 -18.31 27.37
CA LEU F 406 4.85 -19.49 28.16
C LEU F 406 4.56 -19.27 29.64
N ASN F 407 4.83 -18.06 30.14
CA ASN F 407 4.82 -17.85 31.59
C ASN F 407 3.50 -18.26 32.22
N ASP F 408 2.40 -18.14 31.49
CA ASP F 408 1.07 -18.32 32.06
C ASP F 408 0.99 -19.59 32.91
N LYS F 409 0.66 -19.40 34.18
CA LYS F 409 0.40 -20.49 35.13
C LYS F 409 1.60 -21.45 35.21
N GLY F 410 2.68 -20.92 35.76
CA GLY F 410 3.75 -21.76 36.28
C GLY F 410 5.12 -21.52 35.70
N TRP F 411 5.23 -21.27 34.40
CA TRP F 411 6.54 -21.24 33.78
C TRP F 411 7.32 -20.00 34.23
N SER F 412 8.63 -20.08 34.08
CA SER F 412 9.53 -19.15 34.74
C SER F 412 9.22 -17.71 34.37
N ILE F 413 9.24 -16.83 35.37
CA ILE F 413 9.10 -15.40 35.16
C ILE F 413 10.45 -14.70 35.02
N LYS F 414 11.53 -15.31 35.51
CA LYS F 414 12.81 -14.60 35.55
C LYS F 414 13.26 -14.19 34.15
N HIS F 415 13.16 -15.09 33.17
CA HIS F 415 13.59 -14.75 31.82
C HIS F 415 12.66 -13.76 31.15
N VAL F 416 11.43 -13.62 31.64
CA VAL F 416 10.53 -12.58 31.12
C VAL F 416 11.07 -11.20 31.49
N VAL F 417 11.27 -10.96 32.78
CA VAL F 417 11.81 -9.68 33.24
C VAL F 417 13.26 -9.52 32.79
N ASP F 418 13.91 -10.62 32.43
CA ASP F 418 15.33 -10.59 32.17
C ASP F 418 15.67 -9.81 30.91
N ASN F 419 14.90 -10.01 29.84
CA ASN F 419 15.24 -9.42 28.55
C ASN F 419 14.83 -7.96 28.42
N LEU F 420 14.12 -7.42 29.41
CA LEU F 420 13.75 -6.02 29.40
C LEU F 420 14.96 -5.16 29.74
N ALA F 421 15.23 -4.16 28.91
CA ALA F 421 16.34 -3.26 29.18
C ALA F 421 16.15 -2.58 30.53
N GLY F 422 17.20 -2.55 31.34
CA GLY F 422 17.01 -2.10 32.70
C GLY F 422 16.10 -3.10 33.41
N VAL F 423 15.41 -2.59 34.43
CA VAL F 423 14.41 -3.39 35.13
C VAL F 423 15.03 -4.67 35.67
N SER F 424 16.17 -4.55 36.34
CA SER F 424 16.87 -5.73 36.83
C SER F 424 15.91 -6.65 37.57
N TRP F 425 16.15 -7.95 37.45
CA TRP F 425 15.21 -8.93 37.98
C TRP F 425 15.03 -8.77 39.48
N GLU F 426 16.13 -8.63 40.21
CA GLU F 426 16.03 -8.55 41.66
C GLU F 426 15.33 -7.26 42.08
N SER F 427 15.61 -6.15 41.39
CA SER F 427 14.88 -4.92 41.67
C SER F 427 13.39 -5.11 41.43
N TYR F 428 13.03 -5.76 40.32
CA TYR F 428 11.62 -5.97 40.00
C TYR F 428 10.93 -6.76 41.10
N LEU F 429 11.50 -7.92 41.46
CA LEU F 429 10.84 -8.75 42.46
C LEU F 429 10.82 -8.07 43.82
N GLU F 430 11.91 -7.40 44.20
CA GLU F 430 11.97 -6.74 45.49
C GLU F 430 10.91 -5.66 45.60
N GLN F 431 10.82 -4.79 44.58
CA GLN F 431 9.83 -3.72 44.63
C GLN F 431 8.41 -4.28 44.58
N THR F 432 8.19 -5.33 43.79
CA THR F 432 6.86 -5.93 43.75
C THR F 432 6.46 -6.45 45.14
N LEU F 433 7.37 -7.13 45.82
CA LEU F 433 7.06 -7.63 47.16
C LEU F 433 6.88 -6.48 48.14
N TYR F 434 7.68 -5.42 48.00
CA TYR F 434 7.50 -4.26 48.86
C TYR F 434 6.11 -3.67 48.70
N GLU F 435 5.63 -3.56 47.46
CA GLU F 435 4.35 -2.92 47.22
C GLU F 435 3.18 -3.82 47.60
N THR F 436 3.32 -5.13 47.43
CA THR F 436 2.20 -6.03 47.73
C THR F 436 2.18 -6.51 49.18
N GLU F 437 3.28 -6.37 49.91
CA GLU F 437 3.37 -6.91 51.26
C GLU F 437 3.25 -5.84 52.34
N GLU F 438 3.86 -4.68 52.13
CA GLU F 438 3.88 -3.66 53.17
C GLU F 438 2.82 -2.59 52.92
N LEU F 439 2.88 -1.93 51.77
CA LEU F 439 1.92 -0.88 51.46
C LEU F 439 0.52 -1.45 51.29
N LYS F 440 0.40 -2.61 50.63
CA LYS F 440 -0.91 -3.20 50.32
C LYS F 440 -1.67 -2.31 49.32
N LEU F 441 -0.98 -1.90 48.27
CA LEU F 441 -1.59 -1.04 47.27
C LEU F 441 -2.88 -1.63 46.74
N GLN F 442 -2.91 -2.95 46.52
CA GLN F 442 -4.08 -3.57 45.93
C GLN F 442 -5.29 -3.51 46.85
N GLU F 443 -5.10 -3.15 48.11
CA GLU F 443 -6.21 -2.91 49.02
C GLU F 443 -6.61 -1.44 49.07
N LYS F 444 -5.99 -0.60 48.26
CA LYS F 444 -6.28 0.83 48.25
C LYS F 444 -6.35 1.37 46.82
N GLU G 25 58.32 6.75 0.82
CA GLU G 25 57.01 6.82 1.52
C GLU G 25 56.36 5.45 1.62
N ALA G 26 56.11 4.84 0.46
CA ALA G 26 55.45 3.54 0.44
C ALA G 26 56.25 2.50 1.21
N GLU G 27 57.58 2.52 1.07
CA GLU G 27 58.41 1.52 1.73
C GLU G 27 58.19 1.53 3.23
N GLN G 28 57.93 2.69 3.83
CA GLN G 28 57.73 2.75 5.27
C GLN G 28 56.49 1.97 5.68
N LEU G 29 55.37 2.18 4.97
CA LEU G 29 54.15 1.42 5.27
C LEU G 29 54.36 -0.06 4.99
N LYS G 30 55.06 -0.39 3.92
CA LYS G 30 55.31 -1.80 3.61
C LYS G 30 56.10 -2.46 4.73
N ASN G 31 57.13 -1.78 5.23
CA ASN G 31 57.91 -2.32 6.34
C ASN G 31 57.07 -2.45 7.60
N TYR G 32 56.23 -1.45 7.88
CA TYR G 32 55.36 -1.53 9.05
C TYR G 32 54.44 -2.73 8.97
N PHE G 33 53.87 -2.98 7.80
CA PHE G 33 52.99 -4.14 7.62
C PHE G 33 53.78 -5.44 7.59
N SER G 34 55.07 -5.40 7.29
CA SER G 34 55.88 -6.62 7.31
C SER G 34 55.93 -7.23 8.70
N ASN G 35 56.07 -6.39 9.73
CA ASN G 35 56.21 -6.84 11.12
C ASN G 35 55.20 -6.09 11.98
N PRO G 36 53.93 -6.46 11.92
CA PRO G 36 52.92 -5.79 12.75
C PRO G 36 53.15 -5.99 14.24
N ASP G 37 53.93 -7.00 14.63
CA ASP G 37 54.19 -7.27 16.04
C ASP G 37 55.47 -6.63 16.54
N GLU G 38 56.17 -5.87 15.70
CA GLU G 38 57.42 -5.23 16.09
C GLU G 38 57.40 -3.72 15.92
N PHE G 39 56.79 -3.20 14.86
CA PHE G 39 56.68 -1.76 14.64
C PHE G 39 55.39 -1.21 15.22
N GLN G 40 55.14 -1.50 16.49
CA GLN G 40 53.91 -1.05 17.13
C GLN G 40 53.95 0.42 17.49
N GLU G 41 55.12 0.95 17.82
CA GLU G 41 55.22 2.35 18.24
C GLU G 41 54.71 3.28 17.15
N GLU G 42 55.19 3.09 15.92
CA GLU G 42 54.76 3.95 14.82
C GLU G 42 53.28 3.78 14.54
N ILE G 43 52.77 2.55 14.66
CA ILE G 43 51.35 2.31 14.41
C ILE G 43 50.50 3.10 15.42
N GLU G 44 50.88 3.04 16.69
CA GLU G 44 50.14 3.78 17.71
C GLU G 44 50.27 5.28 17.49
N ASP G 45 51.45 5.76 17.12
CA ASP G 45 51.64 7.18 16.86
C ASP G 45 50.71 7.65 15.75
N LEU G 46 50.69 6.93 14.63
CA LEU G 46 49.82 7.32 13.52
C LEU G 46 48.35 7.19 13.91
N ALA G 47 48.01 6.19 14.71
CA ALA G 47 46.62 6.02 15.13
C ALA G 47 46.16 7.23 15.94
N GLN G 48 46.91 7.60 16.96
CA GLN G 48 46.57 8.78 17.75
C GLN G 48 46.61 10.07 16.95
N TYR G 49 47.51 10.17 15.97
CA TYR G 49 47.59 11.37 15.16
C TYR G 49 46.36 11.53 14.27
N PHE G 50 45.96 10.46 13.57
CA PHE G 50 44.80 10.52 12.71
C PHE G 50 43.49 10.47 13.48
N TYR G 51 43.53 10.11 14.77
CA TYR G 51 42.32 10.24 15.58
C TYR G 51 41.84 11.68 15.60
N ILE G 52 42.76 12.62 15.73
CA ILE G 52 42.39 14.02 15.85
C ILE G 52 42.52 14.77 14.53
N SER G 53 43.48 14.40 13.69
CA SER G 53 43.68 15.11 12.42
C SER G 53 42.77 14.61 11.30
N THR G 54 41.93 13.61 11.56
CA THR G 54 40.99 13.11 10.57
C THR G 54 39.70 12.70 11.25
N ALA G 55 38.61 12.67 10.47
CA ALA G 55 37.28 12.38 11.00
C ALA G 55 36.90 10.92 10.88
N GLU G 56 37.32 10.24 9.82
CA GLU G 56 36.91 8.85 9.60
C GLU G 56 37.29 7.99 10.79
N ILE G 57 38.56 8.03 11.19
CA ILE G 57 39.02 7.23 12.33
C ILE G 57 38.35 7.71 13.61
N HIS G 58 38.12 9.01 13.71
CA HIS G 58 37.43 9.55 14.87
C HIS G 58 36.03 8.97 15.00
N GLN G 59 35.28 8.95 13.89
CA GLN G 59 33.96 8.31 13.90
C GLN G 59 34.08 6.84 14.22
N LEU G 60 35.09 6.17 13.66
CA LEU G 60 35.30 4.75 13.96
C LEU G 60 35.38 4.52 15.47
N PHE G 61 36.25 5.28 16.15
CA PHE G 61 36.50 5.01 17.56
C PHE G 61 35.32 5.44 18.44
N GLU G 62 34.69 6.58 18.14
CA GLU G 62 33.50 6.92 18.92
C GLU G 62 32.36 5.96 18.65
N LEU G 63 32.26 5.40 17.45
CA LEU G 63 31.26 4.36 17.21
C LEU G 63 31.55 3.13 18.04
N ILE G 64 32.82 2.73 18.13
CA ILE G 64 33.19 1.61 18.99
C ILE G 64 32.77 1.88 20.42
N GLU G 65 33.09 3.06 20.93
CA GLU G 65 32.84 3.34 22.35
C GLU G 65 31.37 3.61 22.63
N ALA G 66 30.58 3.97 21.61
CA ALA G 66 29.20 4.43 21.81
C ALA G 66 28.17 3.37 21.47
N LEU G 67 28.31 2.66 20.35
CA LEU G 67 27.26 1.77 19.87
C LEU G 67 26.74 0.81 20.93
N PRO G 68 27.58 0.14 21.71
CA PRO G 68 27.06 -0.80 22.70
C PRO G 68 26.13 -0.12 23.68
N THR G 69 25.02 -0.80 24.00
CA THR G 69 24.12 -0.35 25.05
C THR G 69 24.48 -0.90 26.41
N LEU G 70 25.42 -1.85 26.46
CA LEU G 70 25.97 -2.35 27.72
C LEU G 70 24.88 -2.78 28.70
N ASN G 71 23.73 -3.19 28.20
CA ASN G 71 22.78 -3.89 29.04
C ASN G 71 23.30 -5.30 29.29
N TYR G 72 23.29 -5.72 30.55
CA TYR G 72 23.95 -6.96 30.93
C TYR G 72 23.02 -7.82 31.75
N LYS G 73 23.40 -9.09 31.89
CA LYS G 73 22.69 -10.02 32.74
C LYS G 73 23.65 -11.08 33.28
N ILE G 74 23.50 -11.40 34.55
CA ILE G 74 24.28 -12.46 35.19
C ILE G 74 23.37 -13.67 35.38
N ASP G 75 23.84 -14.83 34.93
CA ASP G 75 23.11 -16.08 35.05
C ASP G 75 24.02 -17.11 35.71
N SER G 76 23.46 -18.26 36.05
CA SER G 76 24.16 -19.28 36.81
C SER G 76 24.09 -20.62 36.11
N PHE G 77 25.10 -21.45 36.35
CA PHE G 77 25.08 -22.85 35.95
C PHE G 77 24.40 -23.74 36.98
N ASN G 78 23.92 -23.18 38.09
CA ASN G 78 23.20 -23.94 39.09
C ASN G 78 22.38 -22.96 39.93
N LYS G 79 21.35 -23.49 40.58
CA LYS G 79 20.43 -22.71 41.40
C LYS G 79 20.69 -23.04 42.86
N VAL G 80 21.62 -22.29 43.45
CA VAL G 80 21.93 -22.48 44.87
C VAL G 80 20.78 -21.96 45.73
N LYS G 81 20.80 -22.34 47.00
CA LYS G 81 19.74 -21.94 47.92
C LYS G 81 19.68 -20.43 48.10
N SER G 82 20.84 -19.78 48.23
CA SER G 82 20.94 -18.36 48.52
C SER G 82 21.31 -17.56 47.28
N SER G 83 20.75 -17.94 46.13
CA SER G 83 21.15 -17.31 44.87
C SER G 83 20.92 -15.80 44.91
N ASP G 84 19.75 -15.36 45.37
CA ASP G 84 19.40 -13.95 45.31
C ASP G 84 20.46 -13.08 45.96
N LYS G 85 21.05 -13.55 47.05
CA LYS G 85 22.12 -12.80 47.70
C LYS G 85 23.30 -12.63 46.75
N HIS G 86 23.66 -13.70 46.03
CA HIS G 86 24.75 -13.60 45.08
C HIS G 86 24.41 -12.64 43.93
N ILE G 87 23.16 -12.67 43.47
CA ILE G 87 22.78 -11.76 42.38
C ILE G 87 22.93 -10.31 42.82
N SER G 88 22.42 -10.00 44.02
CA SER G 88 22.54 -8.64 44.52
C SER G 88 23.99 -8.24 44.73
N LEU G 89 24.80 -9.15 45.29
CA LEU G 89 26.21 -8.85 45.50
C LEU G 89 26.92 -8.57 44.19
N LEU G 90 26.63 -9.36 43.17
CA LEU G 90 27.29 -9.16 41.88
C LEU G 90 26.86 -7.85 41.25
N ASN G 91 25.57 -7.50 41.34
CA ASN G 91 25.13 -6.21 40.81
C ASN G 91 25.84 -5.07 41.51
N LYS G 92 25.91 -5.14 42.85
CA LYS G 92 26.58 -4.07 43.59
C LYS G 92 28.05 -3.97 43.21
N SER G 93 28.73 -5.11 43.10
CA SER G 93 30.16 -5.09 42.77
C SER G 93 30.39 -4.64 41.34
N LEU G 94 29.42 -4.86 40.46
CA LEU G 94 29.53 -4.35 39.10
C LEU G 94 29.35 -2.84 39.08
N HIS G 95 28.49 -2.31 39.94
CA HIS G 95 28.33 -0.86 40.00
C HIS G 95 29.55 -0.19 40.63
N LYS G 96 30.04 -0.74 41.75
CA LYS G 96 31.19 -0.14 42.43
C LYS G 96 32.36 0.06 41.47
N VAL G 97 32.66 -0.97 40.67
CA VAL G 97 33.69 -0.83 39.65
C VAL G 97 33.27 0.14 38.56
N LYS G 98 31.97 0.40 38.44
CA LYS G 98 31.43 1.26 37.39
C LYS G 98 31.83 0.72 36.01
N HIS G 99 31.29 -0.47 35.73
CA HIS G 99 31.78 -1.28 34.63
C HIS G 99 31.72 -0.54 33.29
N LYS G 100 30.60 0.12 33.00
CA LYS G 100 30.36 0.62 31.65
C LYS G 100 31.54 1.44 31.14
N ARG G 101 32.03 2.37 31.95
CA ARG G 101 33.17 3.18 31.54
C ARG G 101 34.39 2.31 31.30
N LEU G 102 34.64 1.33 32.17
CA LEU G 102 35.78 0.45 32.00
C LEU G 102 35.70 -0.33 30.69
N THR G 103 34.51 -0.88 30.39
CA THR G 103 34.33 -1.61 29.14
C THR G 103 34.60 -0.71 27.95
N ARG G 104 34.08 0.53 27.98
CA ARG G 104 34.28 1.42 26.84
C ARG G 104 35.76 1.76 26.67
N ASP G 105 36.46 2.05 27.77
CA ASP G 105 37.89 2.34 27.67
C ASP G 105 38.66 1.14 27.15
N LEU G 106 38.34 -0.05 27.63
CA LEU G 106 39.03 -1.25 27.17
C LEU G 106 38.81 -1.45 25.67
N LEU G 107 37.57 -1.29 25.21
CA LEU G 107 37.31 -1.44 23.78
C LEU G 107 38.11 -0.45 22.97
N LYS G 108 38.08 0.82 23.38
CA LYS G 108 38.80 1.85 22.63
C LYS G 108 40.29 1.55 22.59
N GLN G 109 40.88 1.16 23.72
CA GLN G 109 42.32 0.92 23.77
C GLN G 109 42.73 -0.32 22.98
N VAL G 110 42.00 -1.43 23.11
CA VAL G 110 42.33 -2.62 22.35
C VAL G 110 42.21 -2.35 20.86
N ALA G 111 41.15 -1.65 20.45
CA ALA G 111 41.06 -1.25 19.05
C ALA G 111 42.24 -0.38 18.65
N THR G 112 42.72 0.47 19.55
CA THR G 112 43.83 1.36 19.22
C THR G 112 45.12 0.58 19.00
N ALA G 113 45.44 -0.34 19.92
CA ALA G 113 46.72 -1.05 19.90
C ALA G 113 46.60 -2.50 19.44
N GLY G 114 45.44 -3.12 19.60
CA GLY G 114 45.26 -4.51 19.25
C GLY G 114 45.50 -5.48 20.38
N THR G 115 46.15 -5.04 21.47
CA THR G 115 46.38 -5.89 22.61
C THR G 115 46.43 -5.04 23.87
N LEU G 116 46.17 -5.69 25.01
CA LEU G 116 46.06 -4.99 26.28
C LEU G 116 46.23 -6.00 27.40
N VAL G 117 46.85 -5.56 28.49
CA VAL G 117 47.08 -6.40 29.66
C VAL G 117 46.64 -5.62 30.89
N GLY G 118 45.56 -6.08 31.54
CA GLY G 118 45.11 -5.50 32.78
C GLY G 118 45.25 -6.48 33.93
N ILE G 119 44.85 -6.02 35.12
CA ILE G 119 44.93 -6.84 36.32
C ILE G 119 44.09 -6.23 37.41
N TRP G 120 43.56 -7.08 38.29
CA TRP G 120 42.84 -6.63 39.48
C TRP G 120 43.83 -6.49 40.63
N LEU G 121 43.99 -5.28 41.15
CA LEU G 121 45.01 -5.00 42.14
C LEU G 121 44.48 -5.04 43.57
N GLY G 122 43.44 -4.27 43.85
CA GLY G 122 42.93 -4.18 45.20
C GLY G 122 42.57 -5.53 45.79
N ASP G 123 42.28 -5.52 47.08
CA ASP G 123 41.98 -6.77 47.77
C ASP G 123 40.78 -7.46 47.10
N ALA G 124 40.59 -8.72 47.45
CA ALA G 124 39.57 -9.53 46.80
C ALA G 124 38.17 -8.96 47.03
N LYS G 125 37.89 -8.50 48.25
CA LYS G 125 36.54 -8.05 48.57
C LYS G 125 36.12 -6.87 47.68
N SER G 126 37.02 -5.92 47.48
CA SER G 126 36.72 -4.71 46.70
C SER G 126 37.85 -4.45 45.71
N PRO G 127 37.96 -5.29 44.68
CA PRO G 127 39.07 -5.13 43.73
C PRO G 127 38.95 -3.86 42.91
N TYR G 128 40.10 -3.40 42.43
CA TYR G 128 40.14 -2.25 41.53
C TYR G 128 41.07 -2.56 40.37
N PRO G 129 40.76 -2.10 39.16
CA PRO G 129 41.54 -2.50 37.99
C PRO G 129 42.78 -1.65 37.77
N PHE G 130 43.69 -2.19 36.96
CA PHE G 130 44.92 -1.50 36.59
C PHE G 130 45.28 -1.95 35.18
N ILE G 131 45.46 -0.98 34.28
CA ILE G 131 45.70 -1.24 32.87
C ILE G 131 47.11 -0.76 32.55
N PHE G 132 48.00 -1.70 32.23
CA PHE G 132 49.33 -1.34 31.77
C PHE G 132 49.24 -0.56 30.46
N ASP G 133 50.14 0.41 30.29
CA ASP G 133 50.13 1.24 29.09
C ASP G 133 51.14 0.79 28.05
N GLU G 134 52.30 0.29 28.48
CA GLU G 134 53.36 -0.12 27.56
C GLU G 134 53.14 -1.59 27.22
N ILE G 135 53.05 -1.88 25.93
CA ILE G 135 52.92 -3.27 25.49
C ILE G 135 54.28 -3.87 25.21
N LYS G 136 55.27 -3.04 24.87
CA LYS G 136 56.60 -3.55 24.55
C LYS G 136 57.25 -4.26 25.72
N TYR G 137 56.81 -3.98 26.95
CA TYR G 137 57.41 -4.58 28.14
C TYR G 137 56.47 -5.47 28.92
N VAL G 138 55.16 -5.37 28.70
CA VAL G 138 54.19 -6.27 29.31
C VAL G 138 53.27 -6.77 28.20
N PHE G 139 53.18 -8.09 28.06
CA PHE G 139 52.39 -8.69 27.00
C PHE G 139 52.12 -10.14 27.36
N PRO G 140 51.16 -10.78 26.70
CA PRO G 140 51.11 -12.24 26.71
C PRO G 140 52.23 -12.83 25.86
N SER G 141 52.77 -13.95 26.32
CA SER G 141 53.93 -14.56 25.67
C SER G 141 53.67 -15.98 25.16
N PHE G 142 53.02 -16.82 25.94
CA PHE G 142 52.78 -18.20 25.56
C PHE G 142 51.53 -18.68 26.28
N ARG G 143 51.29 -19.99 26.22
CA ARG G 143 50.11 -20.59 26.82
C ARG G 143 50.51 -21.75 27.71
N ARG G 144 49.68 -22.01 28.71
CA ARG G 144 49.79 -23.19 29.55
C ARG G 144 48.39 -23.56 30.02
N ASN G 145 48.09 -24.85 30.03
CA ASN G 145 46.76 -25.34 30.37
C ASN G 145 45.69 -24.77 29.44
N GLY G 146 46.09 -24.30 28.27
CA GLY G 146 45.18 -23.67 27.33
C GLY G 146 44.92 -22.21 27.56
N ASP G 147 45.53 -21.61 28.59
CA ASP G 147 45.31 -20.22 28.93
C ASP G 147 46.59 -19.41 28.70
N TRP G 148 46.40 -18.16 28.30
CA TRP G 148 47.53 -17.27 28.07
C TRP G 148 48.28 -16.99 29.36
N VAL G 149 49.58 -16.71 29.24
CA VAL G 149 50.41 -16.28 30.35
C VAL G 149 51.10 -14.99 29.96
N CYS G 150 51.02 -13.99 30.83
CA CYS G 150 51.57 -12.66 30.58
C CYS G 150 52.77 -12.44 31.49
N VAL G 151 53.86 -11.96 30.91
CA VAL G 151 55.12 -11.77 31.62
C VAL G 151 55.49 -10.30 31.56
N VAL G 152 55.70 -9.71 32.73
CA VAL G 152 56.16 -8.33 32.85
C VAL G 152 57.67 -8.32 32.71
N ASP G 153 58.18 -7.49 31.80
CA ASP G 153 59.60 -7.24 31.67
C ASP G 153 59.97 -6.14 32.66
N MET G 154 61.07 -6.34 33.39
CA MET G 154 61.48 -5.39 34.41
C MET G 154 62.21 -4.18 33.82
N GLU G 155 62.67 -4.28 32.58
CA GLU G 155 63.28 -3.13 31.93
C GLU G 155 62.34 -1.92 31.95
N LEU G 156 61.03 -2.18 32.00
CA LEU G 156 60.06 -1.11 32.08
C LEU G 156 60.42 -0.11 33.18
N PHE G 157 60.89 -0.63 34.33
CA PHE G 157 61.13 0.23 35.48
C PHE G 157 62.39 1.08 35.36
N THR G 158 63.22 0.88 34.33
CA THR G 158 64.45 1.66 34.23
C THR G 158 64.18 3.14 33.94
N LYS G 159 62.97 3.50 33.54
CA LYS G 159 62.65 4.87 33.17
C LYS G 159 61.84 5.61 34.22
N TYR G 160 61.03 4.89 35.00
CA TYR G 160 60.21 5.53 36.01
C TYR G 160 61.08 6.13 37.11
N LYS G 161 60.59 7.22 37.71
CA LYS G 161 61.32 7.88 38.77
C LYS G 161 61.44 6.96 39.99
N ASP G 162 62.48 7.19 40.78
CA ASP G 162 62.72 6.34 41.95
C ASP G 162 61.51 6.35 42.88
N ASP G 163 60.98 7.52 43.18
CA ASP G 163 59.77 7.60 43.99
C ASP G 163 58.60 6.94 43.27
N GLN G 164 58.43 7.25 41.98
CA GLN G 164 57.36 6.62 41.22
C GLN G 164 57.56 5.11 41.12
N ARG G 165 58.80 4.68 40.92
CA ARG G 165 59.07 3.25 40.84
C ARG G 165 58.72 2.54 42.15
N ASN G 166 59.11 3.12 43.29
CA ASN G 166 58.77 2.54 44.58
C ASN G 166 57.26 2.51 44.79
N GLU G 167 56.57 3.59 44.42
CA GLU G 167 55.12 3.63 44.55
C GLU G 167 54.48 2.51 43.73
N LEU G 168 54.91 2.37 42.48
CA LEU G 168 54.32 1.33 41.63
C LEU G 168 54.59 -0.06 42.18
N LEU G 169 55.83 -0.32 42.61
CA LEU G 169 56.17 -1.62 43.16
C LEU G 169 55.37 -1.90 44.43
N LYS G 170 55.07 -0.85 45.20
CA LYS G 170 54.17 -1.02 46.33
C LYS G 170 52.76 -1.31 45.88
N SER G 171 52.37 -0.81 44.71
CA SER G 171 51.03 -1.08 44.19
C SER G 171 50.82 -2.57 43.97
N LEU G 172 51.81 -3.25 43.38
CA LEU G 172 51.74 -4.69 43.11
C LEU G 172 52.45 -5.51 44.16
N SER G 173 52.40 -5.08 45.42
CA SER G 173 53.22 -5.64 46.48
C SER G 173 53.20 -7.16 46.51
N PRO G 174 52.06 -7.79 46.76
CA PRO G 174 52.06 -9.25 46.94
C PRO G 174 52.50 -10.03 45.72
N TYR G 175 52.42 -9.44 44.52
CA TYR G 175 52.77 -10.13 43.29
C TYR G 175 54.18 -9.78 42.82
N ILE G 176 54.51 -8.50 42.72
CA ILE G 176 55.85 -8.04 42.38
C ILE G 176 56.36 -7.20 43.55
N LYS G 177 57.66 -7.23 43.78
CA LYS G 177 58.27 -6.56 44.90
C LYS G 177 59.59 -5.93 44.49
N GLN G 178 60.06 -4.98 45.31
CA GLN G 178 61.34 -4.33 45.03
C GLN G 178 62.48 -5.33 44.98
N SER G 179 62.37 -6.43 45.75
CA SER G 179 63.38 -7.47 45.69
C SER G 179 63.54 -7.99 44.27
N ASP G 180 62.45 -8.07 43.52
CA ASP G 180 62.53 -8.53 42.14
C ASP G 180 63.37 -7.56 41.30
N TYR G 181 63.16 -6.26 41.48
CA TYR G 181 63.95 -5.29 40.72
C TYR G 181 65.42 -5.36 41.13
N GLU G 182 65.69 -5.53 42.43
CA GLU G 182 67.07 -5.65 42.87
C GLU G 182 67.74 -6.88 42.26
N ASN G 183 67.02 -8.00 42.21
CA ASN G 183 67.56 -9.20 41.58
C ASN G 183 67.80 -8.96 40.09
N PHE G 184 66.88 -8.27 39.43
CA PHE G 184 67.07 -7.95 38.02
C PHE G 184 68.35 -7.14 37.82
N MET G 185 68.56 -6.13 38.67
CA MET G 185 69.77 -5.33 38.56
C MET G 185 71.00 -6.17 38.87
N LYS G 186 70.87 -7.16 39.74
CA LYS G 186 71.98 -8.06 40.03
C LYS G 186 72.37 -8.86 38.80
N ASP G 187 71.38 -9.40 38.08
CA ASP G 187 71.61 -10.18 36.87
C ASP G 187 70.49 -9.82 35.88
N ARG G 188 70.76 -8.87 35.00
CA ARG G 188 69.74 -8.38 34.07
C ARG G 188 69.26 -9.45 33.12
N GLU G 189 70.04 -10.50 32.90
CA GLU G 189 69.70 -11.54 31.93
C GLU G 189 69.16 -12.81 32.58
N LYS G 190 68.81 -12.77 33.86
CA LYS G 190 68.24 -13.92 34.55
C LYS G 190 66.83 -13.69 35.02
N TYR G 191 66.57 -12.58 35.72
CA TYR G 191 65.25 -12.26 36.26
C TYR G 191 64.53 -11.23 35.41
N ARG G 192 64.74 -11.25 34.10
CA ARG G 192 64.24 -10.23 33.20
C ARG G 192 62.73 -10.30 33.00
N PHE G 193 62.07 -11.35 33.44
CA PHE G 193 60.63 -11.51 33.22
C PHE G 193 59.98 -12.13 34.44
N LYS G 194 58.79 -11.63 34.78
CA LYS G 194 58.05 -12.08 35.94
C LYS G 194 56.61 -12.42 35.55
N GLU G 195 56.09 -13.52 36.09
CA GLU G 195 54.73 -13.95 35.79
C GLU G 195 53.73 -13.29 36.73
N LEU G 196 52.51 -13.08 36.23
CA LEU G 196 51.42 -12.51 37.01
C LEU G 196 50.36 -13.57 37.31
N PRO G 197 49.64 -13.45 38.42
CA PRO G 197 48.64 -14.47 38.75
C PRO G 197 47.57 -14.59 37.67
N GLN G 198 47.11 -15.82 37.45
CA GLN G 198 46.08 -16.04 36.44
C GLN G 198 44.73 -15.47 36.88
N GLU G 199 44.40 -15.61 38.17
CA GLU G 199 43.08 -15.22 38.63
C GLU G 199 42.83 -13.73 38.52
N ARG G 200 43.87 -12.91 38.29
CA ARG G 200 43.71 -11.47 38.25
C ARG G 200 44.02 -10.89 36.88
N THR G 201 45.20 -11.14 36.31
CA THR G 201 45.54 -10.51 35.04
C THR G 201 44.57 -10.94 33.95
N PHE G 202 44.41 -10.07 32.94
CA PHE G 202 43.64 -10.44 31.77
C PHE G 202 44.28 -9.82 30.53
N PRO G 203 44.75 -10.63 29.57
CA PRO G 203 45.14 -10.10 28.27
C PRO G 203 44.00 -10.14 27.26
N LEU G 204 43.76 -9.02 26.60
CA LEU G 204 42.80 -8.94 25.50
C LEU G 204 43.54 -8.64 24.21
N ARG G 205 43.03 -9.19 23.11
CA ARG G 205 43.71 -9.10 21.83
C ARG G 205 42.68 -9.15 20.71
N THR G 206 43.06 -8.62 19.55
CA THR G 206 42.20 -8.65 18.38
C THR G 206 43.07 -8.50 17.14
N GLY G 207 42.61 -9.09 16.04
CA GLY G 207 43.36 -9.06 14.80
C GLY G 207 44.29 -10.24 14.58
N THR G 208 44.22 -11.26 15.43
CA THR G 208 45.10 -12.41 15.32
C THR G 208 44.37 -13.55 14.61
N LEU G 209 44.91 -13.97 13.47
CA LEU G 209 44.35 -15.11 12.76
C LEU G 209 44.64 -16.42 13.50
N LYS G 210 45.87 -16.59 13.96
CA LYS G 210 46.30 -17.83 14.57
C LYS G 210 46.04 -17.83 16.07
N ARG G 211 45.55 -18.95 16.59
CA ARG G 211 45.32 -19.07 18.03
C ARG G 211 46.60 -18.98 18.82
N ASN G 212 47.75 -19.17 18.18
CA ASN G 212 49.06 -19.08 18.83
C ASN G 212 49.81 -17.83 18.41
N GLN G 213 49.09 -16.73 18.20
CA GLN G 213 49.67 -15.43 17.90
C GLN G 213 49.43 -14.51 19.09
N GLY G 214 50.50 -13.86 19.56
CA GLY G 214 50.42 -13.06 20.76
C GLY G 214 49.88 -11.66 20.53
N LEU G 215 50.55 -10.89 19.67
CA LEU G 215 50.21 -9.48 19.47
C LEU G 215 49.16 -9.34 18.39
N GLY G 216 48.09 -8.62 18.71
CA GLY G 216 47.07 -8.30 17.74
C GLY G 216 47.50 -7.16 16.84
N THR G 217 46.52 -6.55 16.18
CA THR G 217 46.78 -5.44 15.27
C THR G 217 45.71 -4.37 15.44
N SER G 218 46.06 -3.14 15.11
CA SER G 218 45.14 -2.02 15.24
C SER G 218 44.26 -1.90 14.00
N TRP G 219 43.04 -1.41 14.22
CA TRP G 219 42.08 -1.29 13.14
C TRP G 219 42.43 -0.17 12.17
N VAL G 220 43.44 0.65 12.47
CA VAL G 220 43.83 1.73 11.57
C VAL G 220 44.70 1.22 10.42
N THR G 221 45.37 0.08 10.58
CA THR G 221 46.32 -0.37 9.56
C THR G 221 45.69 -0.50 8.18
N PRO G 222 44.48 -1.05 8.02
CA PRO G 222 43.95 -1.21 6.65
C PRO G 222 43.77 0.10 5.92
N GLY G 223 43.06 1.05 6.50
CA GLY G 223 42.80 2.34 5.89
C GLY G 223 43.93 3.33 6.02
N LEU G 224 45.05 2.94 6.62
CA LEU G 224 46.16 3.87 6.78
C LEU G 224 46.70 4.34 5.45
N TYR G 225 46.79 3.44 4.46
CA TYR G 225 47.31 3.85 3.16
C TYR G 225 46.43 4.88 2.48
N ASP G 226 45.13 4.90 2.80
CA ASP G 226 44.23 5.88 2.22
C ASP G 226 44.54 7.31 2.68
N VAL G 227 45.34 7.47 3.72
CA VAL G 227 45.69 8.79 4.22
C VAL G 227 47.12 8.80 4.73
N ASN G 348 26.17 -2.78 7.25
CA ASN G 348 27.32 -2.07 7.80
C ASN G 348 27.17 -1.88 9.31
N LEU G 349 26.07 -1.23 9.71
CA LEU G 349 25.84 -1.01 11.14
C LEU G 349 25.71 -2.34 11.88
N ASP G 350 24.96 -3.28 11.31
CA ASP G 350 24.87 -4.60 11.92
C ASP G 350 26.21 -5.33 11.84
N THR G 351 26.98 -5.07 10.78
CA THR G 351 28.32 -5.65 10.70
C THR G 351 29.19 -5.18 11.86
N PHE G 352 29.15 -3.89 12.17
CA PHE G 352 29.93 -3.38 13.30
C PHE G 352 29.38 -3.90 14.62
N TYR G 353 28.06 -3.99 14.76
CA TYR G 353 27.48 -4.57 15.96
C TYR G 353 28.03 -5.98 16.19
N LYS G 354 28.05 -6.79 15.13
CA LYS G 354 28.53 -8.16 15.25
C LYS G 354 30.03 -8.19 15.51
N ARG G 355 30.78 -7.26 14.93
CA ARG G 355 32.22 -7.19 15.16
C ARG G 355 32.52 -6.89 16.62
N ILE G 356 31.77 -5.96 17.23
CA ILE G 356 32.00 -5.62 18.63
C ILE G 356 31.38 -6.62 19.58
N GLY G 357 30.44 -7.45 19.10
CA GLY G 357 29.89 -8.48 19.95
C GLY G 357 30.95 -9.45 20.44
N VAL G 358 31.91 -9.79 19.58
CA VAL G 358 32.96 -10.72 19.99
C VAL G 358 33.85 -10.09 21.05
N LEU G 359 34.16 -8.80 20.91
CA LEU G 359 34.94 -8.12 21.93
C LEU G 359 34.19 -8.07 23.25
N MET G 360 32.88 -7.83 23.19
CA MET G 360 32.09 -7.86 24.43
C MET G 360 32.12 -9.23 25.07
N GLU G 361 32.02 -10.29 24.27
CA GLU G 361 32.08 -11.65 24.82
C GLU G 361 33.44 -11.91 25.46
N ASP G 362 34.51 -11.48 24.80
CA ASP G 362 35.85 -11.66 25.35
C ASP G 362 35.99 -10.93 26.68
N ILE G 363 35.50 -9.70 26.75
CA ILE G 363 35.58 -8.94 27.98
C ILE G 363 34.75 -9.61 29.07
N GLU G 364 33.61 -10.19 28.68
CA GLU G 364 32.78 -10.90 29.66
C GLU G 364 33.52 -12.08 30.26
N GLN G 365 34.12 -12.91 29.41
CA GLN G 365 34.68 -14.19 29.87
C GLN G 365 36.12 -14.06 30.36
N GLU G 366 36.78 -12.93 30.16
CA GLU G 366 38.14 -12.73 30.63
C GLU G 366 38.25 -11.75 31.79
N VAL G 367 37.49 -10.66 31.77
CA VAL G 367 37.65 -9.61 32.76
C VAL G 367 36.70 -9.82 33.93
N TYR G 368 35.39 -9.84 33.65
CA TYR G 368 34.40 -9.86 34.72
C TYR G 368 34.19 -11.24 35.32
N GLN G 369 34.53 -12.31 34.60
CA GLN G 369 34.46 -13.63 35.20
C GLN G 369 35.42 -13.75 36.38
N LYS G 370 36.63 -13.24 36.23
CA LYS G 370 37.59 -13.25 37.33
C LYS G 370 37.07 -12.40 38.49
N LEU G 371 36.42 -11.28 38.18
CA LEU G 371 35.84 -10.45 39.24
C LEU G 371 34.77 -11.23 40.00
N PHE G 372 33.88 -11.91 39.27
CA PHE G 372 32.87 -12.73 39.95
C PHE G 372 33.53 -13.78 40.82
N ASN G 373 34.59 -14.41 40.34
CA ASN G 373 35.29 -15.40 41.14
C ASN G 373 35.87 -14.78 42.42
N LEU G 374 36.46 -13.59 42.29
CA LEU G 374 37.04 -12.92 43.45
C LEU G 374 35.97 -12.59 44.49
N VAL G 375 34.86 -12.01 44.05
CA VAL G 375 33.85 -11.53 44.98
C VAL G 375 33.15 -12.69 45.67
N LEU G 376 32.77 -13.71 44.91
CA LEU G 376 32.00 -14.81 45.46
C LEU G 376 32.90 -15.78 46.22
N PRO G 377 32.32 -16.59 47.11
CA PRO G 377 33.12 -17.59 47.84
C PRO G 377 33.77 -18.61 46.90
N ALA G 378 34.61 -19.47 47.44
CA ALA G 378 35.26 -20.48 46.61
C ALA G 378 34.25 -21.48 46.05
N ALA G 379 33.24 -21.84 46.86
CA ALA G 379 32.28 -22.83 46.42
C ALA G 379 31.55 -22.40 45.15
N GLN G 380 31.35 -21.09 44.96
CA GLN G 380 30.61 -20.56 43.82
C GLN G 380 31.54 -20.08 42.72
N LYS G 381 32.72 -20.67 42.59
CA LYS G 381 33.65 -20.26 41.54
C LYS G 381 33.15 -20.74 40.19
N ASP G 382 33.15 -19.84 39.21
CA ASP G 382 32.72 -20.11 37.84
C ASP G 382 31.26 -20.56 37.76
N ASN G 383 30.50 -20.46 38.86
CA ASN G 383 29.09 -20.81 38.83
C ASN G 383 28.27 -19.75 38.10
N TYR G 384 28.60 -18.48 38.32
CA TYR G 384 27.90 -17.37 37.71
C TYR G 384 28.71 -16.79 36.56
N TYR G 385 28.01 -16.17 35.61
CA TYR G 385 28.65 -15.59 34.44
C TYR G 385 27.79 -14.46 33.90
N MET G 386 28.45 -13.47 33.32
CA MET G 386 27.83 -12.22 32.89
C MET G 386 27.88 -12.10 31.38
N ASN G 387 26.78 -11.62 30.80
CA ASN G 387 26.63 -11.50 29.36
C ASN G 387 26.10 -10.12 28.99
N TYR G 388 26.72 -9.51 27.98
CA TYR G 388 26.26 -8.26 27.40
C TYR G 388 25.46 -8.55 26.14
N ASP G 389 24.61 -7.60 25.77
CA ASP G 389 23.78 -7.75 24.58
C ASP G 389 24.46 -7.08 23.39
N LYS G 390 24.45 -7.79 22.25
CA LYS G 390 25.11 -7.34 21.04
C LYS G 390 24.15 -6.88 19.95
N ASP G 391 22.87 -7.22 20.06
CA ASP G 391 21.89 -6.84 19.05
C ASP G 391 21.19 -5.54 19.45
N LYS G 392 20.40 -5.02 18.52
CA LYS G 392 19.65 -3.80 18.79
C LYS G 392 18.44 -4.14 19.65
N PRO G 393 18.24 -3.45 20.78
CA PRO G 393 17.19 -3.85 21.72
C PRO G 393 15.81 -3.43 21.26
N LEU G 394 14.80 -4.02 21.91
CA LEU G 394 13.42 -3.65 21.63
C LEU G 394 13.11 -2.28 22.21
N THR G 395 12.37 -1.48 21.44
CA THR G 395 12.20 -0.07 21.76
C THR G 395 11.25 0.10 22.96
N LEU G 396 11.00 1.36 23.31
CA LEU G 396 10.26 1.66 24.54
C LEU G 396 8.80 1.20 24.46
N LYS G 397 8.18 1.25 23.28
CA LYS G 397 6.76 0.93 23.19
C LYS G 397 6.50 -0.53 23.57
N GLU G 398 7.27 -1.45 22.97
CA GLU G 398 7.10 -2.86 23.27
C GLU G 398 7.45 -3.17 24.73
N LYS G 399 8.52 -2.55 25.24
CA LYS G 399 8.87 -2.73 26.64
C LYS G 399 7.73 -2.30 27.54
N MET G 400 7.11 -1.16 27.23
CA MET G 400 6.00 -0.66 28.03
C MET G 400 4.81 -1.61 27.95
N ASP G 401 4.53 -2.14 26.76
CA ASP G 401 3.45 -3.12 26.63
C ASP G 401 3.72 -4.34 27.48
N ILE G 402 4.96 -4.85 27.46
CA ILE G 402 5.29 -6.02 28.26
C ILE G 402 5.11 -5.73 29.74
N LEU G 403 5.57 -4.56 30.19
CA LEU G 403 5.47 -4.22 31.61
C LEU G 403 4.03 -4.07 32.05
N ILE G 404 3.22 -3.34 31.27
CA ILE G 404 1.83 -3.14 31.64
C ILE G 404 1.08 -4.46 31.61
N LYS G 405 1.42 -5.33 30.66
CA LYS G 405 0.83 -6.67 30.64
C LYS G 405 1.20 -7.43 31.89
N LEU G 406 2.46 -7.31 32.34
CA LEU G 406 2.89 -8.02 33.53
C LEU G 406 2.16 -7.52 34.77
N ASN G 407 1.92 -6.22 34.86
CA ASN G 407 1.43 -5.63 36.11
C ASN G 407 0.18 -6.32 36.62
N ASP G 408 -0.68 -6.77 35.71
CA ASP G 408 -2.01 -7.25 36.09
C ASP G 408 -1.95 -8.21 37.27
N LYS G 409 -2.64 -7.83 38.35
CA LYS G 409 -2.80 -8.66 39.55
C LYS G 409 -1.45 -9.05 40.14
N GLY G 410 -0.76 -8.03 40.65
CA GLY G 410 0.32 -8.27 41.59
C GLY G 410 1.68 -7.71 41.23
N TRP G 411 2.07 -7.78 39.96
CA TRP G 411 3.42 -7.45 39.61
C TRP G 411 3.66 -5.95 39.72
N SER G 412 4.94 -5.57 39.79
CA SER G 412 5.33 -4.24 40.21
C SER G 412 4.67 -3.16 39.35
N ILE G 413 4.19 -2.10 40.02
CA ILE G 413 3.65 -0.94 39.32
C ILE G 413 4.68 0.17 39.18
N LYS G 414 5.70 0.22 40.04
CA LYS G 414 6.65 1.31 39.98
C LYS G 414 7.31 1.40 38.61
N HIS G 415 7.80 0.27 38.08
CA HIS G 415 8.44 0.31 36.78
C HIS G 415 7.45 0.62 35.66
N VAL G 416 6.15 0.46 35.91
CA VAL G 416 5.16 0.85 34.91
C VAL G 416 5.08 2.36 34.80
N VAL G 417 4.99 3.05 35.95
CA VAL G 417 4.94 4.51 35.94
C VAL G 417 6.32 5.09 35.65
N ASP G 418 7.36 4.27 35.76
CA ASP G 418 8.72 4.78 35.70
C ASP G 418 9.10 5.26 34.31
N ASN G 419 8.69 4.54 33.27
CA ASN G 419 9.16 4.85 31.92
C ASN G 419 8.37 5.97 31.26
N LEU G 420 7.32 6.47 31.91
CA LEU G 420 6.56 7.59 31.37
C LEU G 420 7.33 8.88 31.61
N ALA G 421 7.54 9.66 30.55
CA ALA G 421 8.21 10.95 30.69
C ALA G 421 7.43 11.83 31.65
N GLY G 422 8.13 12.48 32.58
CA GLY G 422 7.43 13.14 33.63
C GLY G 422 6.71 12.10 34.48
N VAL G 423 5.65 12.54 35.14
CA VAL G 423 4.80 11.63 35.90
C VAL G 423 5.63 10.88 36.93
N SER G 424 6.46 11.61 37.68
CA SER G 424 7.35 10.97 38.64
C SER G 424 6.58 10.00 39.52
N TRP G 425 7.24 8.90 39.90
CA TRP G 425 6.55 7.83 40.61
C TRP G 425 5.96 8.33 41.92
N GLU G 426 6.74 9.09 42.69
CA GLU G 426 6.26 9.55 43.98
C GLU G 426 5.12 10.55 43.83
N SER G 427 5.22 11.46 42.86
CA SER G 427 4.11 12.36 42.60
C SER G 427 2.87 11.57 42.21
N TYR G 428 3.04 10.56 41.35
CA TYR G 428 1.90 9.75 40.92
C TYR G 428 1.21 9.09 42.11
N LEU G 429 1.98 8.38 42.94
CA LEU G 429 1.38 7.68 44.07
C LEU G 429 0.78 8.66 45.06
N GLU G 430 1.46 9.78 45.32
CA GLU G 430 0.96 10.74 46.29
C GLU G 430 -0.36 11.34 45.86
N GLN G 431 -0.43 11.83 44.61
CA GLN G 431 -1.68 12.40 44.12
C GLN G 431 -2.77 11.35 44.06
N THR G 432 -2.43 10.12 43.68
CA THR G 432 -3.43 9.07 43.64
C THR G 432 -4.01 8.81 45.02
N LEU G 433 -3.16 8.72 46.04
CA LEU G 433 -3.66 8.50 47.39
C LEU G 433 -4.45 9.70 47.89
N TYR G 434 -4.04 10.91 47.50
CA TYR G 434 -4.82 12.08 47.87
C TYR G 434 -6.22 12.01 47.28
N GLU G 435 -6.32 11.64 46.01
CA GLU G 435 -7.62 11.62 45.34
C GLU G 435 -8.50 10.48 45.84
N THR G 436 -7.92 9.33 46.17
CA THR G 436 -8.72 8.19 46.59
C THR G 436 -9.01 8.18 48.09
N GLU G 437 -8.22 8.88 48.89
CA GLU G 437 -8.34 8.83 50.35
C GLU G 437 -9.00 10.07 50.92
N GLU G 438 -8.65 11.26 50.44
CA GLU G 438 -9.14 12.49 51.03
C GLU G 438 -10.44 12.94 50.36
N LEU G 439 -10.39 13.19 49.05
CA LEU G 439 -11.57 13.70 48.35
C LEU G 439 -12.63 12.62 48.18
N LYS G 440 -12.21 11.38 47.91
CA LYS G 440 -13.14 10.29 47.61
C LYS G 440 -13.87 10.56 46.30
N LEU G 441 -13.10 10.85 45.25
CA LEU G 441 -13.69 11.16 43.96
C LEU G 441 -14.59 10.03 43.47
N GLN G 442 -14.16 8.78 43.65
CA GLN G 442 -14.91 7.65 43.12
C GLN G 442 -16.27 7.50 43.77
N GLU G 443 -16.51 8.19 44.88
CA GLU G 443 -17.84 8.25 45.47
C GLU G 443 -18.64 9.45 44.97
N LYS G 444 -18.08 10.24 44.06
CA LYS G 444 -18.75 11.42 43.54
C LYS G 444 -18.62 11.50 42.03
N GLU H 25 51.24 27.82 7.47
CA GLU H 25 49.84 27.60 7.90
C GLU H 25 49.62 26.17 8.37
N ALA H 26 49.85 25.20 7.47
CA ALA H 26 49.62 23.80 7.79
C ALA H 26 50.47 23.37 8.98
N GLU H 27 51.72 23.84 9.04
CA GLU H 27 52.60 23.43 10.13
C GLU H 27 52.00 23.76 11.49
N GLN H 28 51.26 24.87 11.59
CA GLN H 28 50.67 25.24 12.88
C GLN H 28 49.66 24.18 13.34
N LEU H 29 48.77 23.76 12.43
CA LEU H 29 47.80 22.73 12.78
C LEU H 29 48.49 21.40 13.06
N LYS H 30 49.53 21.08 12.28
CA LYS H 30 50.26 19.84 12.53
C LYS H 30 50.88 19.84 13.92
N ASN H 31 51.49 20.96 14.31
CA ASN H 31 52.07 21.05 15.65
C ASN H 31 50.99 20.97 16.72
N TYR H 32 49.84 21.63 16.50
CA TYR H 32 48.77 21.56 17.47
C TYR H 32 48.30 20.12 17.66
N PHE H 33 48.17 19.38 16.58
CA PHE H 33 47.76 17.98 16.67
C PHE H 33 48.89 17.10 17.23
N SER H 34 50.14 17.54 17.14
CA SER H 34 51.23 16.75 17.69
C SER H 34 51.11 16.61 19.20
N ASN H 35 50.71 17.69 19.89
CA ASN H 35 50.61 17.72 21.35
C ASN H 35 49.25 18.24 21.74
N PRO H 36 48.21 17.41 21.63
CA PRO H 36 46.87 17.86 22.04
C PRO H 36 46.75 18.15 23.53
N ASP H 37 47.67 17.65 24.35
CA ASP H 37 47.63 17.86 25.78
C ASP H 37 48.48 19.05 26.24
N GLU H 38 49.10 19.77 25.32
CA GLU H 38 49.92 20.93 25.66
C GLU H 38 49.48 22.20 24.95
N PHE H 39 49.09 22.12 23.68
CA PHE H 39 48.59 23.28 22.94
C PHE H 39 47.08 23.44 23.10
N GLN H 40 46.62 23.46 24.35
CA GLN H 40 45.19 23.57 24.60
C GLN H 40 44.68 24.99 24.42
N GLU H 41 45.50 26.00 24.72
CA GLU H 41 45.04 27.38 24.64
C GLU H 41 44.59 27.73 23.23
N GLU H 42 45.41 27.40 22.23
CA GLU H 42 45.05 27.72 20.86
C GLU H 42 43.81 26.95 20.42
N ILE H 43 43.68 25.69 20.87
CA ILE H 43 42.52 24.89 20.50
C ILE H 43 41.25 25.53 21.04
N GLU H 44 41.28 25.95 22.31
CA GLU H 44 40.11 26.61 22.88
C GLU H 44 39.81 27.93 22.17
N ASP H 45 40.86 28.69 21.86
CA ASP H 45 40.66 29.97 21.16
C ASP H 45 39.96 29.74 19.83
N LEU H 46 40.46 28.80 19.03
CA LEU H 46 39.85 28.52 17.73
C LEU H 46 38.44 27.97 17.89
N ALA H 47 38.21 27.14 18.92
CA ALA H 47 36.88 26.61 19.15
C ALA H 47 35.88 27.73 19.41
N GLN H 48 36.20 28.60 20.37
CA GLN H 48 35.32 29.73 20.67
C GLN H 48 35.16 30.67 19.49
N TYR H 49 36.22 30.87 18.70
CA TYR H 49 36.14 31.76 17.54
C TYR H 49 35.21 31.21 16.48
N PHE H 50 35.35 29.93 16.12
CA PHE H 50 34.50 29.34 15.10
C PHE H 50 33.10 29.03 15.62
N TYR H 51 32.89 29.01 16.94
CA TYR H 51 31.54 28.89 17.45
C TYR H 51 30.67 30.01 16.91
N ILE H 52 31.21 31.22 16.85
CA ILE H 52 30.43 32.39 16.45
C ILE H 52 30.68 32.78 15.00
N SER H 53 31.87 32.52 14.47
CA SER H 53 32.18 32.91 13.10
C SER H 53 31.71 31.89 12.07
N THR H 54 31.13 30.77 12.49
CA THR H 54 30.65 29.74 11.59
C THR H 54 29.41 29.09 12.17
N ALA H 55 28.63 28.43 11.30
CA ALA H 55 27.38 27.82 11.71
C ALA H 55 27.50 26.33 12.00
N GLU H 56 28.46 25.65 11.39
CA GLU H 56 28.58 24.20 11.60
C GLU H 56 28.88 23.88 13.05
N ILE H 57 29.91 24.52 13.61
CA ILE H 57 30.27 24.27 15.01
C ILE H 57 29.17 24.77 15.94
N HIS H 58 28.53 25.88 15.58
CA HIS H 58 27.44 26.39 16.39
C HIS H 58 26.30 25.37 16.46
N GLN H 59 25.95 24.79 15.31
CA GLN H 59 24.94 23.73 15.32
C GLN H 59 25.42 22.53 16.13
N LEU H 60 26.70 22.18 16.02
CA LEU H 60 27.24 21.07 16.78
C LEU H 60 26.99 21.26 18.28
N PHE H 61 27.38 22.42 18.80
CA PHE H 61 27.29 22.64 20.24
C PHE H 61 25.85 22.83 20.69
N GLU H 62 25.03 23.54 19.89
CA GLU H 62 23.61 23.64 20.23
C GLU H 62 22.94 22.28 20.23
N LEU H 63 23.35 21.38 19.32
CA LEU H 63 22.79 20.04 19.30
C LEU H 63 23.20 19.26 20.54
N ILE H 64 24.46 19.38 20.96
CA ILE H 64 24.88 18.73 22.20
C ILE H 64 24.03 19.23 23.36
N GLU H 65 23.83 20.54 23.45
CA GLU H 65 23.12 21.10 24.60
C GLU H 65 21.63 20.85 24.54
N ALA H 66 21.07 20.66 23.35
CA ALA H 66 19.62 20.59 23.16
C ALA H 66 19.07 19.18 23.05
N LEU H 67 19.73 18.30 22.30
CA LEU H 67 19.17 16.98 22.01
C LEU H 67 18.71 16.24 23.27
N PRO H 68 19.48 16.19 24.35
CA PRO H 68 19.02 15.44 25.52
C PRO H 68 17.69 15.96 26.03
N THR H 69 16.83 15.04 26.45
CA THR H 69 15.60 15.39 27.13
C THR H 69 15.73 15.36 28.64
N LEU H 70 16.84 14.83 29.14
CA LEU H 70 17.18 14.88 30.57
C LEU H 70 16.05 14.36 31.45
N ASN H 71 15.23 13.47 30.93
CA ASN H 71 14.33 12.71 31.79
C ASN H 71 15.16 11.69 32.56
N TYR H 72 14.92 11.59 33.87
CA TYR H 72 15.81 10.84 34.73
C TYR H 72 15.02 9.92 35.63
N LYS H 73 15.75 9.01 36.30
CA LYS H 73 15.17 8.10 37.27
C LYS H 73 16.23 7.71 38.29
N ILE H 74 15.90 7.84 39.57
CA ILE H 74 16.73 7.36 40.65
C ILE H 74 16.18 6.01 41.11
N ASP H 75 17.05 5.00 41.14
CA ASP H 75 16.72 3.66 41.59
C ASP H 75 17.68 3.27 42.70
N SER H 76 17.44 2.11 43.30
CA SER H 76 18.22 1.67 44.45
C SER H 76 18.71 0.25 44.25
N PHE H 77 19.84 -0.07 44.88
CA PHE H 77 20.33 -1.44 44.98
C PHE H 77 19.71 -2.19 46.15
N ASN H 78 18.83 -1.55 46.91
CA ASN H 78 18.13 -2.21 48.01
C ASN H 78 16.86 -1.43 48.30
N LYS H 79 15.91 -2.12 48.94
CA LYS H 79 14.61 -1.55 49.26
C LYS H 79 14.55 -1.36 50.79
N VAL H 80 14.99 -0.19 51.24
CA VAL H 80 14.93 0.13 52.66
C VAL H 80 13.48 0.40 53.06
N LYS H 81 13.24 0.35 54.38
CA LYS H 81 11.88 0.54 54.88
C LYS H 81 11.35 1.94 54.59
N SER H 82 12.21 2.95 54.67
CA SER H 82 11.82 4.35 54.50
C SER H 82 12.26 4.89 53.14
N SER H 83 12.16 4.07 52.10
CA SER H 83 12.70 4.44 50.80
C SER H 83 12.03 5.72 50.27
N ASP H 84 10.71 5.79 50.35
CA ASP H 84 9.99 6.91 49.76
C ASP H 84 10.54 8.25 50.23
N LYS H 85 10.93 8.33 51.51
CA LYS H 85 11.52 9.56 52.02
C LYS H 85 12.79 9.89 51.27
N HIS H 86 13.65 8.89 51.03
CA HIS H 86 14.88 9.13 50.30
C HIS H 86 14.59 9.54 48.86
N ILE H 87 13.59 8.94 48.22
CA ILE H 87 13.27 9.30 46.85
C ILE H 87 12.84 10.77 46.78
N SER H 88 11.95 11.17 47.69
CA SER H 88 11.49 12.56 47.70
C SER H 88 12.64 13.51 47.98
N LEU H 89 13.49 13.16 48.96
CA LEU H 89 14.63 14.03 49.28
C LEU H 89 15.55 14.19 48.09
N LEU H 90 15.80 13.11 47.36
CA LEU H 90 16.69 13.19 46.21
C LEU H 90 16.08 14.01 45.09
N ASN H 91 14.77 13.87 44.86
CA ASN H 91 14.12 14.70 43.85
C ASN H 91 14.24 16.18 44.22
N LYS H 92 13.97 16.50 45.50
CA LYS H 92 14.07 17.89 45.93
C LYS H 92 15.49 18.42 45.77
N SER H 93 16.48 17.62 46.16
CA SER H 93 17.88 18.07 46.07
C SER H 93 18.32 18.19 44.63
N LEU H 94 17.73 17.40 43.73
CA LEU H 94 18.03 17.54 42.31
C LEU H 94 17.43 18.82 41.75
N HIS H 95 16.25 19.20 42.23
CA HIS H 95 15.64 20.45 41.77
C HIS H 95 16.37 21.66 42.32
N LYS H 96 16.71 21.65 43.62
CA LYS H 96 17.37 22.81 44.22
C LYS H 96 18.62 23.18 43.44
N VAL H 97 19.44 22.19 43.08
CA VAL H 97 20.60 22.47 42.25
C VAL H 97 20.18 22.87 40.84
N LYS H 98 18.94 22.57 40.43
CA LYS H 98 18.46 22.85 39.08
C LYS H 98 19.37 22.14 38.05
N HIS H 99 19.31 20.81 38.12
CA HIS H 99 20.33 19.99 37.47
C HIS H 99 20.40 20.24 35.97
N LYS H 100 19.25 20.32 35.29
CA LYS H 100 19.25 20.30 33.83
C LYS H 100 20.22 21.33 33.24
N ARG H 101 20.18 22.56 33.75
CA ARG H 101 21.08 23.60 33.27
C ARG H 101 22.53 23.20 33.52
N LEU H 102 22.81 22.65 34.71
CA LEU H 102 24.18 22.24 35.03
C LEU H 102 24.66 21.17 34.08
N THR H 103 23.82 20.17 33.81
CA THR H 103 24.20 19.10 32.89
C THR H 103 24.48 19.64 31.51
N ARG H 104 23.62 20.53 31.01
CA ARG H 104 23.83 21.09 29.68
C ARG H 104 25.13 21.89 29.61
N ASP H 105 25.39 22.70 30.64
CA ASP H 105 26.64 23.46 30.67
C ASP H 105 27.84 22.53 30.70
N LEU H 106 27.78 21.47 31.53
CA LEU H 106 28.89 20.53 31.61
C LEU H 106 29.14 19.87 30.27
N LEU H 107 28.08 19.42 29.59
CA LEU H 107 28.25 18.78 28.29
C LEU H 107 28.90 19.73 27.30
N LYS H 108 28.34 20.94 27.16
CA LYS H 108 28.89 21.91 26.22
C LYS H 108 30.35 22.20 26.53
N GLN H 109 30.69 22.34 27.81
CA GLN H 109 32.05 22.69 28.22
C GLN H 109 33.05 21.57 27.99
N VAL H 110 32.72 20.36 28.41
CA VAL H 110 33.63 19.23 28.19
C VAL H 110 33.83 19.01 26.69
N ALA H 111 32.77 19.17 25.90
CA ALA H 111 32.95 19.13 24.45
C ALA H 111 33.89 20.23 23.99
N THR H 112 33.76 21.44 24.56
CA THR H 112 34.61 22.55 24.16
C THR H 112 36.08 22.25 24.41
N ALA H 113 36.39 21.78 25.62
CA ALA H 113 37.79 21.62 26.05
C ALA H 113 38.24 20.17 26.08
N GLY H 114 37.34 19.22 26.30
CA GLY H 114 37.69 17.84 26.43
C GLY H 114 37.94 17.37 27.85
N THR H 115 38.07 18.30 28.80
CA THR H 115 38.26 17.94 30.19
C THR H 115 37.70 19.04 31.07
N LEU H 116 37.38 18.68 32.31
CA LEU H 116 36.66 19.56 33.22
C LEU H 116 36.87 19.05 34.64
N VAL H 117 37.00 19.97 35.58
CA VAL H 117 37.14 19.63 37.00
C VAL H 117 36.17 20.50 37.78
N GLY H 118 35.18 19.87 38.41
CA GLY H 118 34.25 20.55 39.28
C GLY H 118 34.38 20.07 40.71
N ILE H 119 33.58 20.67 41.59
CA ILE H 119 33.62 20.31 43.00
C ILE H 119 32.37 20.84 43.68
N TRP H 120 31.87 20.09 44.67
CA TRP H 120 30.76 20.54 45.50
C TRP H 120 31.33 21.32 46.69
N LEU H 121 31.01 22.61 46.74
CA LEU H 121 31.62 23.49 47.73
C LEU H 121 30.80 23.61 49.01
N GLY H 122 29.54 24.01 48.89
CA GLY H 122 28.72 24.27 50.05
C GLY H 122 28.63 23.07 50.98
N ASP H 123 27.98 23.30 52.11
CA ASP H 123 27.86 22.26 53.11
C ASP H 123 27.15 21.04 52.52
N ALA H 124 27.24 19.92 53.26
CA ALA H 124 26.70 18.67 52.76
C ALA H 124 25.19 18.75 52.56
N LYS H 125 24.48 19.36 53.51
CA LYS H 125 23.01 19.36 53.44
C LYS H 125 22.51 20.04 52.18
N SER H 126 23.10 21.17 51.81
CA SER H 126 22.68 21.96 50.66
C SER H 126 23.89 22.32 49.82
N PRO H 127 24.48 21.35 49.12
CA PRO H 127 25.70 21.63 48.36
C PRO H 127 25.42 22.54 47.17
N TYR H 128 26.48 23.18 46.69
CA TYR H 128 26.42 23.95 45.45
C TYR H 128 27.69 23.70 44.65
N PRO H 129 27.60 23.66 43.32
CA PRO H 129 28.75 23.27 42.51
C PRO H 129 29.67 24.45 42.17
N PHE H 130 30.88 24.09 41.75
CA PHE H 130 31.88 25.07 41.34
C PHE H 130 32.73 24.45 40.25
N ILE H 131 32.89 25.18 39.16
CA ILE H 131 33.60 24.70 37.97
C ILE H 131 34.83 25.58 37.77
N PHE H 132 36.00 24.95 37.80
CA PHE H 132 37.23 25.67 37.51
C PHE H 132 37.30 26.02 36.03
N ASP H 133 37.97 27.13 35.72
CA ASP H 133 38.12 27.58 34.35
C ASP H 133 39.42 27.13 33.70
N GLU H 134 40.54 27.24 34.42
CA GLU H 134 41.87 27.00 33.85
C GLU H 134 42.20 25.53 34.02
N ILE H 135 42.19 24.79 32.91
CA ILE H 135 42.64 23.39 32.95
C ILE H 135 44.15 23.33 33.13
N LYS H 136 44.88 24.30 32.61
CA LYS H 136 46.34 24.27 32.68
C LYS H 136 46.84 24.25 34.12
N TYR H 137 46.04 24.71 35.08
CA TYR H 137 46.46 24.75 36.47
C TYR H 137 45.68 23.81 37.38
N VAL H 138 44.51 23.35 36.96
CA VAL H 138 43.74 22.36 37.72
C VAL H 138 43.33 21.27 36.74
N PHE H 139 43.76 20.04 37.02
CA PHE H 139 43.50 18.92 36.12
C PHE H 139 43.61 17.63 36.92
N PRO H 140 43.09 16.52 36.39
CA PRO H 140 43.50 15.21 36.89
C PRO H 140 44.95 14.93 36.51
N SER H 141 45.63 14.19 37.39
CA SER H 141 47.06 13.90 37.20
C SER H 141 47.37 12.41 37.17
N PHE H 142 46.76 11.61 38.04
CA PHE H 142 47.04 10.19 38.10
C PHE H 142 45.85 9.49 38.74
N ARG H 143 46.03 8.22 39.07
CA ARG H 143 44.96 7.42 39.66
C ARG H 143 45.45 6.76 40.93
N ARG H 144 44.53 6.55 41.86
CA ARG H 144 44.77 5.76 43.05
C ARG H 144 43.48 5.04 43.40
N ASN H 145 43.60 3.78 43.83
CA ASN H 145 42.45 2.93 44.10
C ASN H 145 41.53 2.81 42.89
N GLY H 146 42.06 3.06 41.70
CA GLY H 146 41.27 3.02 40.48
C GLY H 146 40.55 4.30 40.14
N ASP H 147 40.64 5.33 40.97
CA ASP H 147 39.92 6.57 40.78
C ASP H 147 40.89 7.71 40.50
N TRP H 148 40.45 8.65 39.67
CA TRP H 148 41.28 9.79 39.31
C TRP H 148 41.55 10.67 40.54
N VAL H 149 42.69 11.36 40.51
CA VAL H 149 43.06 12.32 41.53
C VAL H 149 43.40 13.64 40.84
N CYS H 150 42.77 14.72 41.28
CA CYS H 150 42.95 16.04 40.70
C CYS H 150 43.75 16.91 41.64
N VAL H 151 44.76 17.58 41.11
CA VAL H 151 45.68 18.40 41.89
C VAL H 151 45.59 19.83 41.39
N VAL H 152 45.31 20.75 42.31
CA VAL H 152 45.27 22.18 42.00
C VAL H 152 46.68 22.73 42.14
N ASP H 153 47.15 23.39 41.09
CA ASP H 153 48.41 24.14 41.12
C ASP H 153 48.14 25.51 41.72
N MET H 154 49.04 25.96 42.59
CA MET H 154 48.86 27.24 43.24
C MET H 154 49.31 28.42 42.40
N GLU H 155 50.06 28.16 41.33
CA GLU H 155 50.44 29.25 40.43
C GLU H 155 49.20 29.96 39.88
N LEU H 156 48.07 29.26 39.84
CA LEU H 156 46.82 29.89 39.41
C LEU H 156 46.56 31.18 40.19
N PHE H 157 46.82 31.17 41.50
CA PHE H 157 46.52 32.32 42.33
C PHE H 157 47.44 33.50 42.09
N THR H 158 48.52 33.33 41.31
CA THR H 158 49.45 34.44 41.10
C THR H 158 48.89 35.54 40.22
N LYS H 159 47.73 35.33 39.58
CA LYS H 159 47.15 36.34 38.71
C LYS H 159 45.92 37.01 39.29
N TYR H 160 45.19 36.34 40.18
CA TYR H 160 43.98 36.91 40.74
C TYR H 160 44.31 38.07 41.67
N LYS H 161 43.37 38.98 41.81
CA LYS H 161 43.54 40.12 42.70
C LYS H 161 43.59 39.65 44.15
N ASP H 162 44.26 40.44 45.00
CA ASP H 162 44.41 40.05 46.40
C ASP H 162 43.05 39.85 47.05
N ASP H 163 42.13 40.80 46.87
CA ASP H 163 40.79 40.63 47.40
C ASP H 163 40.10 39.41 46.79
N GLN H 164 40.22 39.25 45.47
CA GLN H 164 39.65 38.08 44.81
C GLN H 164 40.34 36.80 45.28
N ARG H 165 41.65 36.85 45.48
CA ARG H 165 42.36 35.69 46.00
C ARG H 165 41.81 35.27 47.35
N ASN H 166 41.67 36.23 48.27
CA ASN H 166 41.17 35.92 49.60
C ASN H 166 39.74 35.39 49.53
N GLU H 167 38.91 36.01 48.69
CA GLU H 167 37.53 35.54 48.54
C GLU H 167 37.50 34.08 48.06
N LEU H 168 38.26 33.78 47.02
CA LEU H 168 38.26 32.42 46.48
C LEU H 168 38.79 31.43 47.50
N LEU H 169 39.87 31.78 48.20
CA LEU H 169 40.42 30.87 49.20
C LEU H 169 39.42 30.64 50.32
N LYS H 170 38.70 31.67 50.73
CA LYS H 170 37.62 31.49 51.69
C LYS H 170 36.52 30.61 51.12
N SER H 171 36.34 30.61 49.80
CA SER H 171 35.36 29.74 49.19
C SER H 171 35.66 28.27 49.46
N LEU H 172 36.93 27.88 49.33
CA LEU H 172 37.38 26.51 49.55
C LEU H 172 37.99 26.32 50.93
N SER H 173 37.49 27.01 51.93
CA SER H 173 38.12 27.10 53.25
C SER H 173 38.56 25.74 53.77
N PRO H 174 37.64 24.81 54.03
CA PRO H 174 38.04 23.56 54.68
C PRO H 174 39.05 22.73 53.89
N TYR H 175 39.06 22.86 52.56
CA TYR H 175 39.93 22.03 51.72
C TYR H 175 41.23 22.74 51.35
N ILE H 176 41.16 24.02 51.00
CA ILE H 176 42.34 24.84 50.73
C ILE H 176 42.23 26.08 51.60
N LYS H 177 43.38 26.61 52.02
CA LYS H 177 43.44 27.74 52.91
C LYS H 177 44.57 28.67 52.51
N GLN H 178 44.53 29.89 53.04
CA GLN H 178 45.57 30.87 52.75
C GLN H 178 46.93 30.39 53.21
N SER H 179 46.98 29.58 54.29
CA SER H 179 48.25 29.04 54.75
C SER H 179 48.93 28.24 53.65
N ASP H 180 48.16 27.56 52.81
CA ASP H 180 48.74 26.81 51.70
C ASP H 180 49.42 27.75 50.71
N TYR H 181 48.77 28.88 50.40
CA TYR H 181 49.40 29.84 49.50
C TYR H 181 50.65 30.45 50.12
N GLU H 182 50.61 30.72 51.42
CA GLU H 182 51.80 31.25 52.09
C GLU H 182 52.95 30.26 52.03
N ASN H 183 52.67 28.98 52.27
CA ASN H 183 53.69 27.96 52.15
C ASN H 183 54.23 27.87 50.73
N PHE H 184 53.34 27.95 49.74
CA PHE H 184 53.76 27.93 48.35
C PHE H 184 54.71 29.08 48.06
N MET H 185 54.38 30.28 48.53
CA MET H 185 55.28 31.41 48.34
C MET H 185 56.59 31.19 49.08
N LYS H 186 56.54 30.53 50.23
CA LYS H 186 57.77 30.22 50.97
C LYS H 186 58.67 29.31 50.16
N ASP H 187 58.11 28.27 49.54
CA ASP H 187 58.87 27.35 48.70
C ASP H 187 57.99 26.98 47.50
N ARG H 188 58.19 27.70 46.39
CA ARG H 188 57.34 27.51 45.21
C ARG H 188 57.50 26.11 44.62
N GLU H 189 58.59 25.42 44.91
CA GLU H 189 58.86 24.11 44.33
C GLU H 189 58.58 22.96 45.29
N LYS H 190 57.91 23.22 46.40
CA LYS H 190 57.55 22.18 47.36
C LYS H 190 56.05 21.99 47.48
N TYR H 191 55.30 23.07 47.72
CA TYR H 191 53.86 23.02 47.91
C TYR H 191 53.11 23.45 46.66
N ARG H 192 53.65 23.11 45.48
CA ARG H 192 53.11 23.59 44.22
C ARG H 192 51.81 22.91 43.82
N PHE H 193 51.41 21.84 44.50
CA PHE H 193 50.21 21.10 44.12
C PHE H 193 49.47 20.65 45.38
N LYS H 194 48.14 20.73 45.33
CA LYS H 194 47.30 20.35 46.45
C LYS H 194 46.19 19.42 45.98
N GLU H 195 45.89 18.40 46.78
CA GLU H 195 44.86 17.44 46.45
C GLU H 195 43.49 17.90 46.95
N LEU H 196 42.45 17.48 46.22
CA LEU H 196 41.07 17.80 46.57
C LEU H 196 40.32 16.55 47.01
N PRO H 197 39.27 16.69 47.83
CA PRO H 197 38.57 15.50 48.32
C PRO H 197 37.95 14.69 47.20
N GLN H 198 37.92 13.37 47.37
CA GLN H 198 37.31 12.51 46.37
C GLN H 198 35.79 12.60 46.38
N GLU H 199 35.21 12.70 47.58
CA GLU H 199 33.75 12.73 47.69
C GLU H 199 33.14 13.96 47.05
N ARG H 200 33.94 14.98 46.74
CA ARG H 200 33.42 16.25 46.22
C ARG H 200 33.86 16.53 44.79
N THR H 201 35.16 16.52 44.51
CA THR H 201 35.61 16.88 43.17
C THR H 201 35.11 15.85 42.16
N PHE H 202 34.96 16.28 40.90
CA PHE H 202 34.69 15.34 39.81
C PHE H 202 35.40 15.80 38.55
N PRO H 203 36.33 15.00 38.03
CA PRO H 203 36.87 15.27 36.69
C PRO H 203 36.12 14.53 35.60
N LEU H 204 35.72 15.25 34.56
CA LEU H 204 35.10 14.67 33.37
C LEU H 204 36.02 14.88 32.18
N ARG H 205 36.00 13.93 31.25
CA ARG H 205 36.92 13.96 30.12
C ARG H 205 36.29 13.24 28.94
N THR H 206 36.80 13.56 27.75
CA THR H 206 36.33 12.93 26.52
C THR H 206 37.40 13.09 25.46
N GLY H 207 37.56 12.04 24.65
CA GLY H 207 38.58 12.02 23.62
C GLY H 207 39.84 11.27 23.97
N THR H 208 39.87 10.59 25.12
CA THR H 208 41.04 9.82 25.52
C THR H 208 40.87 8.37 25.10
N LEU H 209 41.85 7.85 24.35
CA LEU H 209 41.85 6.44 23.99
C LEU H 209 42.27 5.57 25.17
N LYS H 210 43.46 5.81 25.70
CA LYS H 210 44.02 5.00 26.78
C LYS H 210 43.35 5.35 28.10
N ARG H 211 43.11 4.33 28.93
CA ARG H 211 42.52 4.56 30.23
C ARG H 211 43.44 5.36 31.14
N ASN H 212 44.73 5.44 30.81
CA ASN H 212 45.71 6.20 31.58
C ASN H 212 46.11 7.48 30.87
N GLN H 213 45.19 8.10 30.15
CA GLN H 213 45.38 9.39 29.51
C GLN H 213 44.55 10.43 30.25
N GLY H 214 45.19 11.53 30.63
CA GLY H 214 44.52 12.53 31.43
C GLY H 214 43.68 13.51 30.64
N LEU H 215 44.31 14.23 29.71
CA LEU H 215 43.65 15.31 28.99
C LEU H 215 42.95 14.79 27.75
N GLY H 216 41.65 14.99 27.68
CA GLY H 216 40.88 14.65 26.51
C GLY H 216 41.19 15.57 25.35
N THR H 217 40.26 15.64 24.40
CA THR H 217 40.42 16.50 23.23
C THR H 217 39.08 17.12 22.89
N SER H 218 39.13 18.25 22.19
CA SER H 218 37.94 18.98 21.78
C SER H 218 37.42 18.45 20.45
N TRP H 219 36.09 18.49 20.31
CA TRP H 219 35.45 17.97 19.11
C TRP H 219 35.68 18.86 17.91
N VAL H 220 36.29 20.03 18.08
CA VAL H 220 36.57 20.90 16.95
C VAL H 220 37.80 20.45 16.15
N THR H 221 38.70 19.69 16.78
CA THR H 221 39.96 19.35 16.12
C THR H 221 39.75 18.63 14.79
N PRO H 222 38.85 17.67 14.64
CA PRO H 222 38.77 16.95 13.36
C PRO H 222 38.42 17.85 12.19
N GLY H 223 37.35 18.62 12.31
CA GLY H 223 36.91 19.52 11.25
C GLY H 223 37.61 20.85 11.22
N LEU H 224 38.61 21.06 12.09
CA LEU H 224 39.32 22.33 12.11
C LEU H 224 40.03 22.59 10.80
N TYR H 225 40.63 21.56 10.20
CA TYR H 225 41.34 21.75 8.93
C TYR H 225 40.40 22.19 7.82
N ASP H 226 39.11 21.83 7.92
CA ASP H 226 38.14 22.20 6.90
C ASP H 226 37.87 23.71 6.88
N VAL H 227 38.30 24.45 7.88
CA VAL H 227 38.08 25.89 7.94
C VAL H 227 39.27 26.58 8.59
N ASN H 348 22.89 9.15 11.67
CA ASN H 348 23.60 10.35 12.11
C ASN H 348 23.02 10.87 13.42
N LEU H 349 21.72 11.17 13.41
CA LEU H 349 21.07 11.66 14.62
C LEU H 349 21.16 10.65 15.74
N ASP H 350 20.91 9.37 15.44
CA ASP H 350 21.07 8.33 16.45
C ASP H 350 22.53 8.16 16.84
N THR H 351 23.45 8.39 15.89
CA THR H 351 24.87 8.34 16.23
C THR H 351 25.21 9.39 17.28
N PHE H 352 24.72 10.63 17.09
CA PHE H 352 24.97 11.67 18.09
C PHE H 352 24.26 11.35 19.41
N TYR H 353 23.04 10.82 19.34
CA TYR H 353 22.35 10.41 20.56
C TYR H 353 23.21 9.42 21.35
N LYS H 354 23.76 8.42 20.67
CA LYS H 354 24.57 7.42 21.35
C LYS H 354 25.89 8.00 21.83
N ARG H 355 26.47 8.93 21.08
CA ARG H 355 27.70 9.58 21.52
C ARG H 355 27.49 10.36 22.80
N ILE H 356 26.36 11.05 22.91
CA ILE H 356 26.10 11.87 24.10
C ILE H 356 25.52 11.03 25.24
N GLY H 357 25.02 9.83 24.94
CA GLY H 357 24.55 8.97 26.01
C GLY H 357 25.65 8.55 26.96
N VAL H 358 26.84 8.29 26.43
CA VAL H 358 27.96 7.93 27.30
C VAL H 358 28.32 9.12 28.18
N LEU H 359 28.23 10.33 27.65
CA LEU H 359 28.48 11.52 28.47
C LEU H 359 27.46 11.63 29.59
N MET H 360 26.19 11.35 29.29
CA MET H 360 25.19 11.35 30.36
C MET H 360 25.51 10.29 31.41
N GLU H 361 25.92 9.09 30.97
CA GLU H 361 26.27 8.05 31.94
C GLU H 361 27.43 8.48 32.82
N ASP H 362 28.45 9.10 32.22
CA ASP H 362 29.59 9.57 32.98
C ASP H 362 29.17 10.63 34.00
N ILE H 363 28.34 11.59 33.59
CA ILE H 363 27.91 12.64 34.50
C ILE H 363 27.03 12.05 35.60
N GLU H 364 26.30 10.98 35.29
CA GLU H 364 25.48 10.32 36.30
C GLU H 364 26.35 9.68 37.38
N GLN H 365 27.34 8.88 36.95
CA GLN H 365 28.13 8.10 37.89
C GLN H 365 29.27 8.89 38.51
N GLU H 366 29.56 10.09 38.01
CA GLU H 366 30.62 10.93 38.55
C GLU H 366 30.11 12.13 39.33
N VAL H 367 29.15 12.86 38.80
CA VAL H 367 28.72 14.11 39.41
C VAL H 367 27.63 13.86 40.43
N TYR H 368 26.49 13.33 39.99
CA TYR H 368 25.32 13.25 40.84
C TYR H 368 25.38 12.13 41.86
N GLN H 369 26.19 11.10 41.61
CA GLN H 369 26.35 10.04 42.62
C GLN H 369 26.96 10.61 43.89
N LYS H 370 27.96 11.47 43.75
CA LYS H 370 28.55 12.10 44.93
C LYS H 370 27.54 12.99 45.64
N LEU H 371 26.67 13.66 44.87
CA LEU H 371 25.63 14.46 45.50
C LEU H 371 24.68 13.58 46.30
N PHE H 372 24.28 12.44 45.75
CA PHE H 372 23.43 11.52 46.50
C PHE H 372 24.12 11.07 47.77
N ASN H 373 25.41 10.77 47.69
CA ASN H 373 26.16 10.38 48.88
C ASN H 373 26.15 11.49 49.92
N LEU H 374 26.35 12.74 49.48
CA LEU H 374 26.37 13.86 50.41
C LEU H 374 25.03 14.03 51.10
N VAL H 375 23.94 14.02 50.33
CA VAL H 375 22.62 14.34 50.88
C VAL H 375 22.14 13.24 51.81
N LEU H 376 22.28 11.99 51.41
CA LEU H 376 21.77 10.87 52.18
C LEU H 376 22.67 10.53 53.35
N PRO H 377 22.14 9.85 54.36
CA PRO H 377 22.99 9.44 55.50
C PRO H 377 24.12 8.51 55.07
N ALA H 378 25.00 8.18 56.00
CA ALA H 378 26.14 7.31 55.67
C ALA H 378 25.67 5.90 55.37
N ALA H 379 24.65 5.42 56.09
CA ALA H 379 24.19 4.05 55.91
C ALA H 379 23.72 3.81 54.48
N GLN H 380 23.21 4.83 53.81
CA GLN H 380 22.68 4.72 52.46
C GLN H 380 23.68 5.19 51.41
N LYS H 381 24.97 5.11 51.70
CA LYS H 381 25.98 5.55 50.74
C LYS H 381 26.00 4.61 49.54
N ASP H 382 25.99 5.19 48.34
CA ASP H 382 26.02 4.46 47.08
C ASP H 382 24.86 3.48 46.92
N ASN H 383 23.84 3.57 47.78
CA ASN H 383 22.68 2.70 47.64
C ASN H 383 21.79 3.14 46.49
N TYR H 384 21.60 4.45 46.33
CA TYR H 384 20.78 5.00 45.27
C TYR H 384 21.66 5.51 44.14
N TYR H 385 21.10 5.49 42.92
CA TYR H 385 21.83 5.92 41.74
C TYR H 385 20.85 6.43 40.70
N MET H 386 21.28 7.43 39.95
CA MET H 386 20.42 8.17 39.03
C MET H 386 20.87 7.93 37.60
N ASN H 387 19.88 7.82 36.70
CA ASN H 387 20.10 7.48 35.30
C ASN H 387 19.31 8.42 34.41
N TYR H 388 19.97 8.94 33.37
CA TYR H 388 19.32 9.71 32.33
C TYR H 388 19.00 8.82 31.14
N ASP H 389 18.05 9.27 30.33
CA ASP H 389 17.61 8.51 29.17
C ASP H 389 18.32 9.00 27.92
N LYS H 390 18.82 8.06 27.12
CA LYS H 390 19.62 8.36 25.94
C LYS H 390 18.88 8.12 24.64
N ASP H 391 17.78 7.38 24.66
CA ASP H 391 17.03 7.08 23.45
C ASP H 391 15.88 8.06 23.26
N LYS H 392 15.30 8.04 22.07
CA LYS H 392 14.16 8.90 21.78
C LYS H 392 12.93 8.38 22.51
N PRO H 393 12.20 9.22 23.24
CA PRO H 393 11.10 8.72 24.07
C PRO H 393 9.83 8.47 23.26
N LEU H 394 8.89 7.79 23.92
CA LEU H 394 7.58 7.54 23.31
C LEU H 394 6.75 8.81 23.31
N THR H 395 6.02 9.04 22.21
CA THR H 395 5.34 10.30 22.01
C THR H 395 4.13 10.43 22.94
N LEU H 396 3.41 11.55 22.79
CA LEU H 396 2.31 11.84 23.70
C LEU H 396 1.15 10.86 23.54
N LYS H 397 0.92 10.35 22.34
CA LYS H 397 -0.21 9.45 22.13
C LYS H 397 -0.08 8.19 22.99
N GLU H 398 1.07 7.52 22.91
CA GLU H 398 1.26 6.30 23.69
C GLU H 398 1.25 6.61 25.19
N LYS H 399 1.86 7.72 25.59
CA LYS H 399 1.82 8.13 26.98
C LYS H 399 0.39 8.27 27.48
N MET H 400 -0.45 8.93 26.69
CA MET H 400 -1.85 9.10 27.06
C MET H 400 -2.57 7.77 27.13
N ASP H 401 -2.30 6.87 26.17
CA ASP H 401 -2.93 5.55 26.21
C ASP H 401 -2.55 4.81 27.48
N ILE H 402 -1.27 4.81 27.86
CA ILE H 402 -0.86 4.09 29.06
C ILE H 402 -1.50 4.72 30.29
N LEU H 403 -1.53 6.06 30.35
CA LEU H 403 -2.10 6.71 31.53
C LEU H 403 -3.58 6.41 31.67
N ILE H 404 -4.34 6.55 30.58
CA ILE H 404 -5.77 6.29 30.65
C ILE H 404 -6.03 4.82 30.97
N LYS H 405 -5.20 3.93 30.44
CA LYS H 405 -5.31 2.52 30.80
C LYS H 405 -5.09 2.31 32.29
N LEU H 406 -4.10 3.02 32.86
CA LEU H 406 -3.81 2.86 34.28
C LEU H 406 -4.95 3.39 35.14
N ASN H 407 -5.58 4.50 34.73
CA ASN H 407 -6.54 5.17 35.59
C ASN H 407 -7.63 4.23 36.10
N ASP H 408 -8.03 3.26 35.28
CA ASP H 408 -9.20 2.44 35.57
C ASP H 408 -9.19 1.92 36.99
N LYS H 409 -10.22 2.29 37.76
CA LYS H 409 -10.46 1.80 39.11
C LYS H 409 -9.25 2.04 40.02
N GLY H 410 -8.99 3.32 40.25
CA GLY H 410 -8.18 3.72 41.37
C GLY H 410 -7.05 4.69 41.07
N TRP H 411 -6.37 4.52 39.94
CA TRP H 411 -5.14 5.28 39.75
C TRP H 411 -5.46 6.73 39.38
N SER H 412 -4.44 7.58 39.51
CA SER H 412 -4.65 9.02 39.52
C SER H 412 -5.29 9.51 38.23
N ILE H 413 -6.16 10.50 38.36
CA ILE H 413 -6.76 11.17 37.22
C ILE H 413 -6.11 12.52 36.91
N LYS H 414 -5.39 13.10 37.87
CA LYS H 414 -4.77 14.41 37.64
C LYS H 414 -3.82 14.36 36.45
N HIS H 415 -2.94 13.37 36.41
CA HIS H 415 -2.00 13.28 35.30
C HIS H 415 -2.68 12.87 34.01
N VAL H 416 -3.93 12.43 34.07
CA VAL H 416 -4.68 12.13 32.85
C VAL H 416 -5.10 13.43 32.18
N VAL H 417 -5.88 14.25 32.86
CA VAL H 417 -6.34 15.51 32.27
C VAL H 417 -5.19 16.50 32.14
N ASP H 418 -4.07 16.23 32.82
CA ASP H 418 -2.94 17.16 32.78
C ASP H 418 -2.41 17.32 31.36
N ASN H 419 -2.21 16.22 30.64
CA ASN H 419 -1.54 16.27 29.34
C ASN H 419 -2.43 16.79 28.23
N LEU H 420 -3.73 16.98 28.50
CA LEU H 420 -4.62 17.56 27.50
C LEU H 420 -4.37 19.06 27.41
N ALA H 421 -4.17 19.56 26.19
CA ALA H 421 -3.97 20.99 26.00
C ALA H 421 -5.21 21.75 26.49
N GLY H 422 -4.98 22.84 27.22
CA GLY H 422 -6.10 23.46 27.87
C GLY H 422 -6.65 22.49 28.91
N VAL H 423 -7.91 22.71 29.27
CA VAL H 423 -8.63 21.78 30.14
C VAL H 423 -7.88 21.62 31.45
N SER H 424 -7.51 22.74 32.08
CA SER H 424 -6.75 22.69 33.32
C SER H 424 -7.42 21.76 34.32
N TRP H 425 -6.61 21.12 35.17
CA TRP H 425 -7.13 20.12 36.08
C TRP H 425 -8.16 20.72 37.03
N GLU H 426 -7.86 21.90 37.58
CA GLU H 426 -8.78 22.50 38.54
C GLU H 426 -10.08 22.89 37.86
N SER H 427 -10.01 23.47 36.67
CA SER H 427 -11.23 23.79 35.93
C SER H 427 -12.04 22.52 35.65
N TYR H 428 -11.35 21.46 35.22
CA TYR H 428 -12.04 20.21 34.91
C TYR H 428 -12.78 19.68 36.12
N LEU H 429 -12.08 19.54 37.25
CA LEU H 429 -12.74 18.99 38.44
C LEU H 429 -13.84 19.92 38.94
N GLU H 430 -13.61 21.23 38.91
CA GLU H 430 -14.60 22.17 39.39
C GLU H 430 -15.88 22.09 38.58
N GLN H 431 -15.77 22.14 37.25
CA GLN H 431 -16.97 22.07 36.42
C GLN H 431 -17.64 20.72 36.54
N THR H 432 -16.86 19.64 36.65
CA THR H 432 -17.46 18.33 36.82
C THR H 432 -18.29 18.26 38.10
N LEU H 433 -17.75 18.78 39.20
CA LEU H 433 -18.49 18.80 40.45
C LEU H 433 -19.70 19.70 40.35
N TYR H 434 -19.58 20.82 39.64
CA TYR H 434 -20.74 21.69 39.44
C TYR H 434 -21.85 20.96 38.72
N GLU H 435 -21.51 20.23 37.66
CA GLU H 435 -22.52 19.56 36.85
C GLU H 435 -23.13 18.37 37.57
N THR H 436 -22.34 17.63 38.33
CA THR H 436 -22.86 16.43 39.01
C THR H 436 -23.52 16.74 40.34
N GLU H 437 -23.16 17.84 41.00
CA GLU H 437 -23.64 18.15 42.33
C GLU H 437 -24.79 19.16 42.31
N GLU H 438 -24.66 20.23 41.53
CA GLU H 438 -25.63 21.31 41.57
C GLU H 438 -26.78 21.06 40.61
N LEU H 439 -26.47 20.93 39.32
CA LEU H 439 -27.52 20.74 38.31
C LEU H 439 -28.12 19.35 38.38
N LYS H 440 -27.28 18.33 38.63
CA LYS H 440 -27.72 16.94 38.58
C LYS H 440 -28.10 16.53 37.16
N LEU H 441 -27.22 16.86 36.21
CA LEU H 441 -27.49 16.56 34.80
C LEU H 441 -27.86 15.10 34.61
N GLN H 442 -27.14 14.20 35.28
CA GLN H 442 -27.35 12.77 35.03
C GLN H 442 -28.70 12.29 35.55
N GLU H 443 -29.42 13.12 36.30
CA GLU H 443 -30.79 12.82 36.67
C GLU H 443 -31.80 13.38 35.68
N LYS H 444 -31.34 14.05 34.62
CA LYS H 444 -32.22 14.65 33.62
C LYS H 444 -31.82 14.22 32.22
N GLU I 25 36.61 45.68 5.30
CA GLU I 25 35.27 45.09 5.56
C GLU I 25 35.38 43.86 6.46
N ALA I 26 36.12 42.85 5.99
CA ALA I 26 36.24 41.61 6.74
C ALA I 26 36.83 41.85 8.12
N GLU I 27 37.81 42.76 8.22
CA GLU I 27 38.46 43.02 9.49
C GLU I 27 37.45 43.45 10.55
N GLN I 28 36.41 44.18 10.16
CA GLN I 28 35.42 44.63 11.13
C GLN I 28 34.68 43.44 11.74
N LEU I 29 34.24 42.50 10.91
CA LEU I 29 33.57 41.31 11.44
C LEU I 29 34.52 40.46 12.27
N LYS I 30 35.78 40.35 11.82
CA LYS I 30 36.76 39.59 12.59
C LYS I 30 36.95 40.19 13.98
N ASN I 31 37.05 41.52 14.05
CA ASN I 31 37.21 42.19 15.34
C ASN I 31 35.95 42.00 16.20
N TYR I 32 34.77 42.10 15.58
CA TYR I 32 33.54 41.91 16.34
C TYR I 32 33.49 40.51 16.94
N PHE I 33 33.88 39.50 16.17
CA PHE I 33 33.89 38.13 16.69
C PHE I 33 35.03 37.91 17.67
N SER I 34 36.08 38.74 17.62
CA SER I 34 37.18 38.58 18.58
C SER I 34 36.69 38.80 20.01
N ASN I 35 35.83 39.80 20.22
CA ASN I 35 35.35 40.17 21.55
C ASN I 35 33.82 40.24 21.52
N PRO I 36 33.15 39.09 21.53
CA PRO I 36 31.68 39.11 21.53
C PRO I 36 31.09 39.72 22.78
N ASP I 37 31.85 39.82 23.87
CA ASP I 37 31.37 40.40 25.12
C ASP I 37 31.70 41.89 25.24
N GLU I 38 32.33 42.49 24.24
CA GLU I 38 32.69 43.90 24.27
C GLU I 38 32.05 44.71 23.15
N PHE I 39 32.01 44.18 21.94
CA PHE I 39 31.41 44.88 20.81
C PHE I 39 29.94 44.52 20.63
N GLN I 40 29.16 44.67 21.71
CA GLN I 40 27.76 44.30 21.68
C GLN I 40 26.91 45.33 20.95
N GLU I 41 27.27 46.61 21.04
CA GLU I 41 26.45 47.65 20.44
C GLU I 41 26.31 47.44 18.94
N GLU I 42 27.43 47.21 18.25
CA GLU I 42 27.36 46.99 16.80
C GLU I 42 26.59 45.73 16.47
N ILE I 43 26.74 44.69 17.29
CA ILE I 43 26.03 43.43 17.03
C ILE I 43 24.52 43.66 17.10
N GLU I 44 24.07 44.37 18.14
CA GLU I 44 22.64 44.64 18.27
C GLU I 44 22.15 45.55 17.14
N ASP I 45 22.95 46.53 16.76
CA ASP I 45 22.57 47.41 15.66
C ASP I 45 22.36 46.61 14.37
N LEU I 46 23.33 45.76 14.03
CA LEU I 46 23.19 44.95 12.83
C LEU I 46 22.04 43.97 12.93
N ALA I 47 21.80 43.42 14.14
CA ALA I 47 20.70 42.49 14.32
C ALA I 47 19.36 43.18 14.03
N GLN I 48 19.12 44.33 14.65
CA GLN I 48 17.89 45.06 14.39
C GLN I 48 17.79 45.55 12.95
N TYR I 49 18.92 45.88 12.32
CA TYR I 49 18.89 46.32 10.93
C TYR I 49 18.47 45.20 10.00
N PHE I 50 19.09 44.02 10.14
CA PHE I 50 18.76 42.89 9.28
C PHE I 50 17.46 42.21 9.67
N TYR I 51 16.90 42.54 10.84
CA TYR I 51 15.55 42.07 11.13
C TYR I 51 14.56 42.59 10.10
N ILE I 52 14.69 43.86 9.73
CA ILE I 52 13.73 44.48 8.84
C ILE I 52 14.22 44.51 7.40
N SER I 53 15.52 44.64 7.18
CA SER I 53 16.04 44.74 5.82
C SER I 53 16.26 43.37 5.16
N THR I 54 15.99 42.27 5.87
CA THR I 54 16.12 40.93 5.32
C THR I 54 15.03 40.04 5.91
N ALA I 55 14.72 38.96 5.19
CA ALA I 55 13.63 38.06 5.58
C ALA I 55 14.11 36.85 6.35
N GLU I 56 15.36 36.42 6.16
CA GLU I 56 15.84 35.23 6.86
C GLU I 56 15.83 35.44 8.38
N ILE I 57 16.44 36.52 8.83
CA ILE I 57 16.47 36.80 10.27
C ILE I 57 15.07 37.09 10.79
N HIS I 58 14.24 37.76 9.98
CA HIS I 58 12.87 38.04 10.38
C HIS I 58 12.10 36.74 10.60
N GLN I 59 12.24 35.79 9.67
CA GLN I 59 11.63 34.48 9.86
C GLN I 59 12.19 33.79 11.08
N LEU I 60 13.50 33.87 11.28
CA LEU I 60 14.11 33.27 12.47
C LEU I 60 13.42 33.75 13.74
N PHE I 61 13.33 35.07 13.90
CA PHE I 61 12.82 35.62 15.16
C PHE I 61 11.32 35.39 15.31
N GLU I 62 10.56 35.53 14.21
CA GLU I 62 9.15 35.19 14.29
C GLU I 62 8.96 33.73 14.65
N LEU I 63 9.84 32.85 14.19
CA LEU I 63 9.75 31.45 14.56
C LEU I 63 10.03 31.25 16.05
N ILE I 64 11.04 31.94 16.58
CA ILE I 64 11.28 31.88 18.02
C ILE I 64 10.03 32.29 18.78
N GLU I 65 9.41 33.39 18.36
CA GLU I 65 8.28 33.92 19.13
C GLU I 65 7.02 33.09 18.94
N ALA I 66 6.87 32.41 17.80
CA ALA I 66 5.61 31.77 17.45
C ALA I 66 5.59 30.28 17.73
N LEU I 67 6.67 29.56 17.44
CA LEU I 67 6.64 28.10 17.53
C LEU I 67 6.09 27.58 18.85
N PRO I 68 6.51 28.09 20.01
CA PRO I 68 6.00 27.54 21.28
C PRO I 68 4.48 27.66 21.36
N THR I 69 3.86 26.62 21.92
CA THR I 69 2.43 26.67 22.19
C THR I 69 2.13 27.13 23.61
N LEU I 70 3.13 27.14 24.49
CA LEU I 70 3.03 27.74 25.81
C LEU I 70 1.90 27.11 26.64
N ASN I 71 1.55 25.87 26.36
CA ASN I 71 0.75 25.11 27.32
C ASN I 71 1.65 24.77 28.51
N TYR I 72 1.10 24.86 29.71
CA TYR I 72 1.93 24.79 30.91
C TYR I 72 1.27 23.92 31.97
N LYS I 73 2.09 23.47 32.91
CA LYS I 73 1.67 22.64 34.03
C LYS I 73 2.34 23.17 35.28
N ILE I 74 1.67 23.03 36.43
CA ILE I 74 2.28 23.32 37.71
C ILE I 74 2.11 22.10 38.60
N ASP I 75 3.23 21.60 39.13
CA ASP I 75 3.26 20.41 39.95
C ASP I 75 3.97 20.74 41.26
N SER I 76 3.94 19.80 42.20
CA SER I 76 4.46 20.03 43.54
C SER I 76 5.40 18.90 43.93
N PHE I 77 6.35 19.23 44.81
CA PHE I 77 7.19 18.23 45.46
C PHE I 77 6.52 17.64 46.69
N ASN I 78 5.33 18.11 47.04
CA ASN I 78 4.57 17.55 48.15
C ASN I 78 3.10 17.86 47.92
N LYS I 79 2.24 17.06 48.55
CA LYS I 79 0.79 17.21 48.44
C LYS I 79 0.28 17.77 49.77
N VAL I 80 0.26 19.10 49.87
CA VAL I 80 -0.23 19.75 51.08
C VAL I 80 -1.75 19.58 51.17
N LYS I 81 -2.28 19.87 52.36
CA LYS I 81 -3.71 19.68 52.60
C LYS I 81 -4.55 20.58 51.70
N SER I 82 -4.14 21.84 51.51
CA SER I 82 -4.90 22.84 50.77
C SER I 82 -4.30 23.08 49.39
N SER I 83 -3.86 22.02 48.73
CA SER I 83 -3.15 22.18 47.46
C SER I 83 -4.00 22.92 46.43
N ASP I 84 -5.26 22.53 46.29
CA ASP I 84 -6.12 23.10 45.26
C ASP I 84 -6.13 24.62 45.32
N LYS I 85 -6.14 25.19 46.53
CA LYS I 85 -6.11 26.64 46.67
C LYS I 85 -4.84 27.20 46.05
N HIS I 86 -3.70 26.56 46.32
CA HIS I 86 -2.45 27.03 45.74
C HIS I 86 -2.46 26.91 44.22
N ILE I 87 -3.03 25.83 43.69
CA ILE I 87 -3.08 25.67 42.23
C ILE I 87 -3.89 26.81 41.62
N SER I 88 -5.05 27.09 42.19
CA SER I 88 -5.89 28.16 41.65
C SER I 88 -5.19 29.51 41.77
N LEU I 89 -4.56 29.77 42.92
CA LEU I 89 -3.85 31.04 43.10
C LEU I 89 -2.75 31.20 42.08
N LEU I 90 -1.99 30.13 41.82
CA LEU I 90 -0.90 30.22 40.86
C LEU I 90 -1.42 30.43 39.45
N ASN I 91 -2.51 29.77 39.08
CA ASN I 91 -3.09 30.00 37.76
C ASN I 91 -3.53 31.45 37.61
N LYS I 92 -4.22 31.98 38.63
CA LYS I 92 -4.68 33.36 38.55
C LYS I 92 -3.50 34.32 38.47
N SER I 93 -2.45 34.09 39.26
CA SER I 93 -1.30 35.00 39.25
C SER I 93 -0.51 34.87 37.97
N LEU I 94 -0.59 33.71 37.31
CA LEU I 94 0.04 33.58 35.99
C LEU I 94 -0.75 34.36 34.95
N HIS I 95 -2.08 34.37 35.07
CA HIS I 95 -2.87 35.15 34.12
C HIS I 95 -2.70 36.64 34.33
N LYS I 96 -2.76 37.10 35.58
CA LYS I 96 -2.65 38.54 35.84
C LYS I 96 -1.40 39.12 35.20
N VAL I 97 -0.26 38.43 35.32
CA VAL I 97 0.94 38.86 34.64
C VAL I 97 0.82 38.69 33.14
N LYS I 98 -0.13 37.88 32.66
CA LYS I 98 -0.30 37.60 31.24
C LYS I 98 1.00 37.04 30.66
N HIS I 99 1.32 35.84 31.14
CA HIS I 99 2.68 35.32 30.98
C HIS I 99 3.07 35.17 29.52
N LYS I 100 2.17 34.65 28.68
CA LYS I 100 2.56 34.26 27.33
C LYS I 100 3.29 35.37 26.59
N ARG I 101 2.74 36.58 26.62
CA ARG I 101 3.39 37.70 25.95
C ARG I 101 4.76 37.97 26.55
N LEU I 102 4.87 37.91 27.89
CA LEU I 102 6.14 38.15 28.54
C LEU I 102 7.18 37.12 28.13
N THR I 103 6.78 35.84 28.09
CA THR I 103 7.70 34.79 27.67
C THR I 103 8.18 35.01 26.25
N ARG I 104 7.26 35.34 25.34
CA ARG I 104 7.65 35.57 23.95
C ARG I 104 8.61 36.74 23.84
N ASP I 105 8.33 37.84 24.56
CA ASP I 105 9.21 39.00 24.52
C ASP I 105 10.60 38.64 25.06
N LEU I 106 10.64 37.89 26.16
CA LEU I 106 11.93 37.49 26.73
C LEU I 106 12.72 36.64 25.75
N LEU I 107 12.05 35.66 25.12
CA LEU I 107 12.75 34.82 24.16
C LEU I 107 13.32 35.67 23.02
N LYS I 108 12.50 36.54 22.45
CA LYS I 108 12.96 37.36 21.32
C LYS I 108 14.14 38.23 21.73
N GLN I 109 14.05 38.88 22.89
CA GLN I 109 15.12 39.78 23.32
C GLN I 109 16.42 39.04 23.64
N VAL I 110 16.34 37.93 24.39
CA VAL I 110 17.54 37.19 24.71
C VAL I 110 18.20 36.67 23.45
N ALA I 111 17.40 36.14 22.51
CA ALA I 111 17.97 35.74 21.23
C ALA I 111 18.59 36.93 20.51
N THR I 112 18.02 38.13 20.70
CA THR I 112 18.58 39.31 20.04
C THR I 112 19.95 39.67 20.60
N ALA I 113 20.08 39.70 21.92
CA ALA I 113 21.30 40.17 22.58
C ALA I 113 22.13 39.05 23.18
N GLY I 114 21.52 37.92 23.52
CA GLY I 114 22.20 36.84 24.19
C GLY I 114 22.14 36.91 25.70
N THR I 115 21.75 38.04 26.27
CA THR I 115 21.64 38.17 27.71
C THR I 115 20.55 39.19 28.03
N LEU I 116 20.02 39.10 29.25
CA LEU I 116 18.90 39.93 29.67
C LEU I 116 18.83 39.89 31.18
N VAL I 117 18.47 41.03 31.78
CA VAL I 117 18.34 41.15 33.23
C VAL I 117 16.98 41.75 33.53
N GLY I 118 16.12 41.00 34.23
CA GLY I 118 14.84 41.49 34.65
C GLY I 118 14.72 41.47 36.16
N ILE I 119 13.56 41.93 36.65
CA ILE I 119 13.32 42.00 38.08
C ILE I 119 11.83 42.15 38.33
N TRP I 120 11.36 41.67 39.48
CA TRP I 120 9.99 41.87 39.91
C TRP I 120 9.93 43.10 40.81
N LEU I 121 9.19 44.12 40.40
CA LEU I 121 9.20 45.40 41.11
C LEU I 121 8.03 45.54 42.07
N GLY I 122 6.82 45.34 41.59
CA GLY I 122 5.64 45.55 42.43
C GLY I 122 5.70 44.72 43.70
N ASP I 123 4.76 45.02 44.59
CA ASP I 123 4.74 44.33 45.87
C ASP I 123 4.60 42.82 45.64
N ALA I 124 4.82 42.05 46.71
CA ALA I 124 4.85 40.60 46.59
C ALA I 124 3.51 40.06 46.13
N LYS I 125 2.40 40.59 46.67
CA LYS I 125 1.10 40.01 46.38
C LYS I 125 0.78 40.05 44.90
N SER I 126 1.05 41.18 44.24
CA SER I 126 0.73 41.37 42.82
C SER I 126 1.93 41.99 42.12
N PRO I 127 3.01 41.24 41.95
CA PRO I 127 4.22 41.80 41.34
C PRO I 127 4.03 42.11 39.87
N TYR I 128 4.88 43.02 39.38
CA TYR I 128 4.94 43.32 37.96
C TYR I 128 6.39 43.36 37.52
N PRO I 129 6.69 42.94 36.29
CA PRO I 129 8.10 42.80 35.89
C PRO I 129 8.68 44.09 35.31
N PHE I 130 10.01 44.10 35.22
CA PHE I 130 10.75 45.22 34.66
C PHE I 130 12.00 44.66 34.00
N ILE I 131 12.20 45.02 32.74
CA ILE I 131 13.28 44.48 31.91
C ILE I 131 14.21 45.63 31.54
N PHE I 132 15.45 45.57 32.02
CA PHE I 132 16.44 46.56 31.65
C PHE I 132 16.81 46.40 30.17
N ASP I 133 17.08 47.52 29.51
CA ASP I 133 17.48 47.50 28.11
C ASP I 133 18.99 47.55 27.92
N GLU I 134 19.71 48.28 28.76
CA GLU I 134 21.15 48.50 28.59
C GLU I 134 21.88 47.37 29.31
N ILE I 135 22.43 46.43 28.53
CA ILE I 135 23.26 45.39 29.10
C ILE I 135 24.60 45.95 29.55
N LYS I 136 25.11 46.96 28.82
CA LYS I 136 26.43 47.50 29.14
C LYS I 136 26.52 48.06 30.56
N TYR I 137 25.39 48.40 31.17
CA TYR I 137 25.38 48.95 32.52
C TYR I 137 24.70 48.07 33.54
N VAL I 138 23.91 47.09 33.12
CA VAL I 138 23.31 46.10 34.01
C VAL I 138 23.55 44.73 33.41
N PHE I 139 24.23 43.86 34.17
CA PHE I 139 24.59 42.54 33.69
C PHE I 139 24.86 41.65 34.88
N PRO I 140 24.84 40.33 34.69
CA PRO I 140 25.47 39.43 35.67
C PRO I 140 26.98 39.59 35.65
N SER I 141 27.59 39.47 36.82
CA SER I 141 29.03 39.71 36.97
C SER I 141 29.78 38.51 37.50
N PHE I 142 29.27 37.82 38.51
CA PHE I 142 29.95 36.69 39.12
C PHE I 142 28.90 35.79 39.77
N ARG I 143 29.36 34.80 40.52
CA ARG I 143 28.48 33.84 41.16
C ARG I 143 28.78 33.78 42.65
N ARG I 144 27.74 33.49 43.42
CA ARG I 144 27.87 33.18 44.83
C ARG I 144 26.81 32.16 45.20
N ASN I 145 27.18 31.20 46.04
CA ASN I 145 26.31 30.09 46.40
C ASN I 145 25.84 29.31 45.18
N GLY I 146 26.57 29.42 44.06
CA GLY I 146 26.19 28.77 42.83
C GLY I 146 25.24 29.53 41.95
N ASP I 147 24.77 30.70 42.39
CA ASP I 147 23.80 31.50 41.66
C ASP I 147 24.42 32.81 41.20
N TRP I 148 23.97 33.29 40.04
CA TRP I 148 24.50 34.51 39.48
C TRP I 148 24.15 35.71 40.36
N VAL I 149 24.98 36.74 40.29
CA VAL I 149 24.74 38.01 40.97
C VAL I 149 24.84 39.12 39.94
N CYS I 150 23.80 39.93 39.84
CA CYS I 150 23.71 41.01 38.87
C CYS I 150 23.97 42.34 39.56
N VAL I 151 24.84 43.15 38.97
CA VAL I 151 25.24 44.43 39.54
C VAL I 151 24.84 45.53 38.57
N VAL I 152 24.09 46.51 39.07
CA VAL I 152 23.69 47.67 38.29
C VAL I 152 24.75 48.75 38.45
N ASP I 153 25.24 49.25 37.32
CA ASP I 153 26.14 50.39 37.29
C ASP I 153 25.32 51.66 37.37
N MET I 154 25.78 52.63 38.17
CA MET I 154 25.04 53.87 38.32
C MET I 154 25.32 54.86 37.19
N GLU I 155 26.37 54.62 36.40
CA GLU I 155 26.62 55.48 35.25
C GLU I 155 25.42 55.51 34.32
N LEU I 156 24.60 54.46 34.34
CA LEU I 156 23.38 54.45 33.54
C LEU I 156 22.57 55.71 33.77
N PHE I 157 22.45 56.14 35.03
CA PHE I 157 21.60 57.29 35.35
C PHE I 157 22.19 58.61 34.88
N THR I 158 23.43 58.63 34.40
CA THR I 158 24.05 59.88 33.98
C THR I 158 23.42 60.45 32.71
N LYS I 159 22.60 59.69 32.00
CA LYS I 159 22.00 60.15 30.76
C LYS I 159 20.52 60.46 30.89
N TYR I 160 19.80 59.79 31.79
CA TYR I 160 18.37 60.00 31.94
C TYR I 160 18.09 61.41 32.45
N LYS I 161 16.91 61.92 32.11
CA LYS I 161 16.49 63.23 32.57
C LYS I 161 16.29 63.22 34.08
N ASP I 162 16.45 64.39 34.70
CA ASP I 162 16.34 64.48 36.15
C ASP I 162 14.97 63.99 36.62
N ASP I 163 13.90 64.43 35.97
CA ASP I 163 12.58 63.93 36.31
C ASP I 163 12.48 62.43 36.04
N GLN I 164 12.99 61.99 34.89
CA GLN I 164 13.00 60.56 34.59
C GLN I 164 13.86 59.80 35.57
N ARG I 165 15.00 60.37 35.95
CA ARG I 165 15.86 59.74 36.94
C ARG I 165 15.11 59.54 38.26
N ASN I 166 14.44 60.58 38.74
CA ASN I 166 13.71 60.48 40.00
C ASN I 166 12.58 59.46 39.88
N GLU I 167 11.86 59.45 38.76
CA GLU I 167 10.79 58.48 38.57
C GLU I 167 11.34 57.06 38.64
N LEU I 168 12.42 56.79 37.91
CA LEU I 168 12.99 55.45 37.90
C LEU I 168 13.48 55.05 39.28
N LEU I 169 14.19 55.95 39.96
CA LEU I 169 14.70 55.63 41.29
C LEU I 169 13.57 55.39 42.27
N LYS I 170 12.44 56.07 42.08
CA LYS I 170 11.25 55.77 42.87
C LYS I 170 10.69 54.40 42.50
N SER I 171 10.88 53.97 41.24
CA SER I 171 10.41 52.66 40.84
C SER I 171 11.08 51.56 41.65
N LEU I 172 12.39 51.65 41.84
CA LEU I 172 13.18 50.66 42.56
C LEU I 172 13.45 51.08 44.00
N SER I 173 12.51 51.80 44.62
CA SER I 173 12.73 52.45 45.90
C SER I 173 13.38 51.53 46.93
N PRO I 174 12.72 50.44 47.34
CA PRO I 174 13.25 49.64 48.46
C PRO I 174 14.63 49.05 48.19
N TYR I 175 15.00 48.83 46.93
CA TYR I 175 16.28 48.21 46.60
C TYR I 175 17.34 49.23 46.21
N ILE I 176 16.99 50.20 45.37
CA ILE I 176 17.87 51.30 45.01
C ILE I 176 17.17 52.60 45.34
N LYS I 177 17.95 53.62 45.70
CA LYS I 177 17.40 54.90 46.15
C LYS I 177 18.26 56.04 45.63
N GLN I 178 17.71 57.25 45.72
CA GLN I 178 18.44 58.44 45.30
C GLN I 178 19.71 58.62 46.11
N SER I 179 19.70 58.23 47.38
CA SER I 179 20.89 58.31 48.21
C SER I 179 22.05 57.56 47.54
N ASP I 180 21.76 56.45 46.88
CA ASP I 180 22.81 55.70 46.19
C ASP I 180 23.41 56.53 45.07
N TYR I 181 22.58 57.23 44.29
CA TYR I 181 23.11 58.07 43.23
C TYR I 181 23.91 59.23 43.79
N GLU I 182 23.45 59.81 44.89
CA GLU I 182 24.20 60.90 45.51
C GLU I 182 25.57 60.42 46.00
N ASN I 183 25.61 59.24 46.62
CA ASN I 183 26.89 58.68 47.03
C ASN I 183 27.78 58.41 45.82
N PHE I 184 27.20 57.90 44.73
CA PHE I 184 27.97 57.65 43.52
C PHE I 184 28.60 58.94 43.02
N MET I 185 27.82 60.03 43.00
CA MET I 185 28.37 61.31 42.57
C MET I 185 29.43 61.80 43.55
N LYS I 186 29.28 61.50 44.84
CA LYS I 186 30.28 61.89 45.82
C LYS I 186 31.62 61.22 45.53
N ASP I 187 31.60 59.92 45.23
CA ASP I 187 32.81 59.17 44.90
C ASP I 187 32.46 58.25 43.74
N ARG I 188 32.77 58.70 42.53
CA ARG I 188 32.37 57.97 41.33
C ARG I 188 33.01 56.59 41.26
N GLU I 189 34.09 56.35 41.98
CA GLU I 189 34.85 55.11 41.89
C GLU I 189 34.70 54.23 43.12
N LYS I 190 33.72 54.51 44.00
CA LYS I 190 33.48 53.69 45.18
C LYS I 190 32.13 52.99 45.13
N TYR I 191 31.05 53.74 44.87
CA TYR I 191 29.70 53.19 44.85
C TYR I 191 29.22 52.96 43.43
N ARG I 192 30.13 52.58 42.53
CA ARG I 192 29.84 52.47 41.10
C ARG I 192 28.94 51.28 40.77
N PHE I 193 28.72 50.35 41.70
CA PHE I 193 27.94 49.16 41.42
C PHE I 193 27.06 48.83 42.62
N LYS I 194 25.83 48.38 42.34
CA LYS I 194 24.87 48.03 43.37
C LYS I 194 24.29 46.65 43.09
N GLU I 195 24.05 45.88 44.15
CA GLU I 195 23.50 44.54 44.00
C GLU I 195 21.99 44.56 44.07
N LEU I 196 21.37 43.59 43.39
CA LEU I 196 19.92 43.45 43.35
C LEU I 196 19.50 42.18 44.10
N PRO I 197 18.29 42.15 44.67
CA PRO I 197 17.88 40.97 45.42
C PRO I 197 17.83 39.73 44.54
N GLN I 198 18.15 38.58 45.16
CA GLN I 198 18.10 37.33 44.41
C GLN I 198 16.66 36.88 44.15
N GLU I 199 15.77 37.08 45.12
CA GLU I 199 14.40 36.62 44.98
C GLU I 199 13.64 37.33 43.87
N ARG I 200 14.16 38.44 43.36
CA ARG I 200 13.45 39.22 42.35
C ARG I 200 14.19 39.25 41.01
N THR I 201 15.46 39.65 40.99
CA THR I 201 16.16 39.75 39.72
C THR I 201 16.27 38.38 39.06
N PHE I 202 16.37 38.39 37.73
CA PHE I 202 16.69 37.17 36.99
C PHE I 202 17.53 37.51 35.77
N PRO I 203 18.78 37.01 35.69
CA PRO I 203 19.53 37.08 34.43
C PRO I 203 19.34 35.84 33.57
N LEU I 204 19.02 36.05 32.31
CA LEU I 204 18.94 34.98 31.32
C LEU I 204 20.05 35.18 30.29
N ARG I 205 20.62 34.07 29.82
CA ARG I 205 21.75 34.12 28.91
C ARG I 205 21.68 32.94 27.96
N THR I 206 22.33 33.10 26.81
CA THR I 206 22.36 32.04 25.80
C THR I 206 23.56 32.26 24.90
N GLY I 207 24.14 31.16 24.44
CA GLY I 207 25.33 31.21 23.62
C GLY I 207 26.64 31.10 24.38
N THR I 208 26.60 30.83 25.68
CA THR I 208 27.79 30.71 26.48
C THR I 208 28.24 29.26 26.56
N LEU I 209 29.52 29.00 26.29
CA LEU I 209 30.07 27.67 26.43
C LEU I 209 30.44 27.40 27.89
N LYS I 210 31.31 28.23 28.46
CA LYS I 210 31.76 28.06 29.84
C LYS I 210 30.66 28.42 30.81
N ARG I 211 30.50 27.61 31.86
CA ARG I 211 29.55 27.93 32.91
C ARG I 211 29.91 29.22 33.63
N ASN I 212 31.17 29.65 33.55
CA ASN I 212 31.63 30.89 34.18
C ASN I 212 31.80 32.01 33.16
N GLN I 213 30.93 32.05 32.15
CA GLN I 213 30.91 33.12 31.15
C GLN I 213 29.68 33.97 31.40
N GLY I 214 29.87 35.28 31.47
CA GLY I 214 28.78 36.19 31.76
C GLY I 214 27.90 36.51 30.58
N LEU I 215 28.49 37.11 29.54
CA LEU I 215 27.72 37.60 28.40
C LEU I 215 27.60 36.53 27.33
N GLY I 216 26.37 36.20 26.97
CA GLY I 216 26.11 35.30 25.87
C GLY I 216 26.39 35.96 24.53
N THR I 217 25.74 35.45 23.50
CA THR I 217 25.89 35.98 22.15
C THR I 217 24.58 35.89 21.40
N SER I 218 24.46 36.69 20.34
CA SER I 218 23.25 36.72 19.54
C SER I 218 23.30 35.69 18.44
N TRP I 219 22.13 35.17 18.08
CA TRP I 219 22.04 34.14 17.05
C TRP I 219 22.31 34.68 15.66
N VAL I 220 22.45 36.00 15.50
CA VAL I 220 22.72 36.57 14.19
C VAL I 220 24.20 36.49 13.82
N THR I 221 25.09 36.38 14.81
CA THR I 221 26.53 36.40 14.51
C THR I 221 26.94 35.36 13.49
N PRO I 222 26.48 34.10 13.55
CA PRO I 222 26.98 33.12 12.58
C PRO I 222 26.68 33.47 11.13
N GLY I 223 25.42 33.74 10.81
CA GLY I 223 25.02 34.08 9.47
C GLY I 223 25.22 35.52 9.08
N LEU I 224 25.82 36.33 9.96
CA LEU I 224 26.04 37.73 9.64
C LEU I 224 26.98 37.89 8.45
N TYR I 225 27.99 37.02 8.33
CA TYR I 225 28.91 37.12 7.20
C TYR I 225 28.20 36.85 5.89
N ASP I 226 27.14 36.04 5.91
CA ASP I 226 26.42 35.73 4.68
C ASP I 226 25.69 36.94 4.09
N VAL I 227 25.58 38.03 4.84
CA VAL I 227 24.89 39.23 4.35
C VAL I 227 25.60 40.47 4.86
N ASN I 348 15.13 19.71 11.21
CA ASN I 348 15.32 21.15 11.36
C ASN I 348 14.27 21.74 12.29
N LEU I 349 13.00 21.52 11.97
CA LEU I 349 11.94 22.07 12.80
C LEU I 349 12.00 21.51 14.21
N ASP I 350 12.23 20.20 14.34
CA ASP I 350 12.40 19.62 15.67
C ASP I 350 13.69 20.10 16.32
N THR I 351 14.72 20.36 15.52
CA THR I 351 15.95 20.93 16.07
C THR I 351 15.68 22.29 16.70
N PHE I 352 14.91 23.15 16.02
CA PHE I 352 14.57 24.44 16.60
C PHE I 352 13.66 24.29 17.81
N TYR I 353 12.72 23.34 17.76
CA TYR I 353 11.89 23.07 18.93
C TYR I 353 12.76 22.75 20.14
N LYS I 354 13.75 21.88 19.94
CA LYS I 354 14.62 21.49 21.05
C LYS I 354 15.51 22.65 21.49
N ARG I 355 15.94 23.48 20.54
CA ARG I 355 16.76 24.63 20.91
C ARG I 355 15.97 25.61 21.78
N ILE I 356 14.71 25.84 21.45
CA ILE I 356 13.89 26.75 22.25
C ILE I 356 13.40 26.08 23.53
N GLY I 357 13.39 24.76 23.60
CA GLY I 357 12.98 24.09 24.82
C GLY I 357 13.88 24.41 25.99
N VAL I 358 15.19 24.53 25.74
CA VAL I 358 16.11 24.85 26.82
C VAL I 358 15.84 26.25 27.35
N LEU I 359 15.54 27.20 26.45
CA LEU I 359 15.19 28.54 26.88
C LEU I 359 13.90 28.53 27.68
N MET I 360 12.93 27.71 27.26
CA MET I 360 11.70 27.60 28.04
C MET I 360 11.98 27.07 29.44
N GLU I 361 12.84 26.04 29.55
CA GLU I 361 13.19 25.53 30.86
C GLU I 361 13.88 26.60 31.71
N ASP I 362 14.79 27.35 31.09
CA ASP I 362 15.49 28.43 31.78
C ASP I 362 14.49 29.43 32.34
N ILE I 363 13.54 29.86 31.52
CA ILE I 363 12.55 30.85 31.96
C ILE I 363 11.67 30.25 33.05
N GLU I 364 11.36 28.96 32.95
CA GLU I 364 10.56 28.31 33.99
C GLU I 364 11.26 28.36 35.34
N GLN I 365 12.51 27.92 35.38
CA GLN I 365 13.21 27.73 36.64
C GLN I 365 13.87 28.99 37.17
N GLU I 366 13.97 30.05 36.36
CA GLU I 366 14.56 31.30 36.79
C GLU I 366 13.56 32.44 36.96
N VAL I 367 12.57 32.54 36.09
CA VAL I 367 11.67 33.70 36.11
C VAL I 367 10.44 33.40 36.96
N TYR I 368 9.69 32.36 36.60
CA TYR I 368 8.40 32.11 37.23
C TYR I 368 8.52 31.38 38.56
N GLN I 369 9.65 30.70 38.82
CA GLN I 369 9.83 30.09 40.13
C GLN I 369 9.88 31.16 41.22
N LYS I 370 10.58 32.25 40.97
CA LYS I 370 10.62 33.35 41.93
C LYS I 370 9.24 33.97 42.11
N LEU I 371 8.45 34.05 41.04
CA LEU I 371 7.09 34.55 41.17
C LEU I 371 6.26 33.64 42.06
N PHE I 372 6.36 32.33 41.84
CA PHE I 372 5.65 31.38 42.70
C PHE I 372 6.07 31.58 44.15
N ASN I 373 7.36 31.74 44.40
CA ASN I 373 7.82 31.96 45.77
C ASN I 373 7.22 33.23 46.34
N LEU I 374 7.18 34.30 45.56
CA LEU I 374 6.63 35.57 46.05
C LEU I 374 5.16 35.43 46.41
N VAL I 375 4.38 34.81 45.53
CA VAL I 375 2.93 34.77 45.73
C VAL I 375 2.57 33.86 46.90
N LEU I 376 3.20 32.69 46.97
CA LEU I 376 2.84 31.72 47.99
C LEU I 376 3.46 32.09 49.34
N PRO I 377 2.91 31.55 50.44
CA PRO I 377 3.51 31.80 51.76
C PRO I 377 4.93 31.27 51.85
N ALA I 378 5.59 31.56 52.97
CA ALA I 378 6.98 31.09 53.14
C ALA I 378 7.04 29.57 53.27
N ALA I 379 6.03 28.97 53.89
CA ALA I 379 6.06 27.53 54.11
C ALA I 379 6.13 26.76 52.80
N GLN I 380 5.51 27.27 51.74
CA GLN I 380 5.45 26.58 50.46
C GLN I 380 6.51 27.07 49.48
N LYS I 381 7.62 27.62 49.99
CA LYS I 381 8.67 28.11 49.10
C LYS I 381 9.28 26.95 48.34
N ASP I 382 9.44 27.12 47.03
CA ASP I 382 10.00 26.13 46.12
C ASP I 382 9.25 24.81 46.13
N ASN I 383 8.06 24.77 46.73
CA ASN I 383 7.28 23.53 46.72
C ASN I 383 6.65 23.29 45.34
N TYR I 384 6.11 24.34 44.73
CA TYR I 384 5.46 24.24 43.44
C TYR I 384 6.39 24.74 42.33
N TYR I 385 6.25 24.14 41.15
CA TYR I 385 7.09 24.50 40.03
C TYR I 385 6.31 24.32 38.74
N MET I 386 6.69 25.11 37.73
CA MET I 386 5.95 25.22 36.49
C MET I 386 6.79 24.75 35.31
N ASN I 387 6.15 24.06 34.37
CA ASN I 387 6.81 23.47 33.22
C ASN I 387 6.03 23.78 31.95
N TYR I 388 6.74 24.19 30.90
CA TYR I 388 6.16 24.39 29.58
C TYR I 388 6.42 23.15 28.73
N ASP I 389 5.59 22.98 27.70
CA ASP I 389 5.70 21.84 26.81
C ASP I 389 6.57 22.19 25.62
N LYS I 390 7.49 21.28 25.29
CA LYS I 390 8.51 21.54 24.29
C LYS I 390 8.29 20.78 22.99
N ASP I 391 7.50 19.70 23.01
CA ASP I 391 7.26 18.90 21.84
C ASP I 391 5.98 19.33 21.14
N LYS I 392 5.72 18.73 19.98
CA LYS I 392 4.49 19.00 19.25
C LYS I 392 3.32 18.29 19.93
N PRO I 393 2.24 18.98 20.25
CA PRO I 393 1.17 18.35 21.03
C PRO I 393 0.29 17.45 20.17
N LEU I 394 -0.49 16.62 20.87
CA LEU I 394 -1.44 15.75 20.19
C LEU I 394 -2.60 16.56 19.61
N THR I 395 -3.04 16.20 18.42
CA THR I 395 -3.98 17.00 17.66
C THR I 395 -5.37 16.96 18.32
N LEU I 396 -6.31 17.66 17.69
CA LEU I 396 -7.65 17.79 18.27
C LEU I 396 -8.39 16.46 18.31
N LYS I 397 -8.19 15.60 17.32
CA LYS I 397 -8.96 14.37 17.25
C LYS I 397 -8.70 13.49 18.46
N GLU I 398 -7.42 13.23 18.76
CA GLU I 398 -7.09 12.40 19.92
C GLU I 398 -7.55 13.06 21.22
N LYS I 399 -7.40 14.38 21.31
CA LYS I 399 -7.86 15.07 22.51
C LYS I 399 -9.34 14.86 22.73
N MET I 400 -10.14 14.98 21.67
CA MET I 400 -11.58 14.76 21.80
C MET I 400 -11.88 13.31 22.15
N ASP I 401 -11.13 12.37 21.58
CA ASP I 401 -11.32 10.97 21.95
C ASP I 401 -11.08 10.75 23.43
N ILE I 402 -9.99 11.31 23.98
CA ILE I 402 -9.74 11.15 25.40
C ILE I 402 -10.84 11.78 26.22
N LEU I 403 -11.29 12.98 25.84
CA LEU I 403 -12.31 13.66 26.63
C LEU I 403 -13.62 12.88 26.63
N ILE I 404 -14.06 12.42 25.45
CA ILE I 404 -15.30 11.66 25.37
C ILE I 404 -15.17 10.36 26.15
N LYS I 405 -14.02 9.69 26.03
CA LYS I 405 -13.79 8.49 26.82
C LYS I 405 -13.90 8.79 28.30
N LEU I 406 -13.41 9.95 28.73
CA LEU I 406 -13.46 10.31 30.14
C LEU I 406 -14.88 10.57 30.61
N ASN I 407 -15.70 11.20 29.77
CA ASN I 407 -17.00 11.71 30.23
C ASN I 407 -17.83 10.62 30.88
N ASP I 408 -17.70 9.38 30.41
CA ASP I 408 -18.59 8.31 30.82
C ASP I 408 -18.80 8.28 32.33
N LYS I 409 -20.07 8.42 32.74
CA LYS I 409 -20.49 8.31 34.13
C LYS I 409 -19.72 9.28 35.05
N GLY I 410 -19.98 10.56 34.83
CA GLY I 410 -19.67 11.56 35.81
C GLY I 410 -18.77 12.69 35.35
N TRP I 411 -17.76 12.39 34.54
CA TRP I 411 -16.77 13.42 34.24
C TRP I 411 -17.36 14.50 33.34
N SER I 412 -16.73 15.66 33.37
CA SER I 412 -17.35 16.88 32.84
C SER I 412 -17.74 16.72 31.39
N ILE I 413 -18.93 17.24 31.06
CA ILE I 413 -19.39 17.28 29.68
C ILE I 413 -19.07 18.61 29.01
N LYS I 414 -18.81 19.67 29.78
CA LYS I 414 -18.66 20.99 29.19
C LYS I 414 -17.50 21.02 28.19
N HIS I 415 -16.36 20.44 28.54
CA HIS I 415 -15.22 20.47 27.63
C HIS I 415 -15.44 19.56 26.43
N VAL I 416 -16.35 18.60 26.51
CA VAL I 416 -16.68 17.78 25.35
C VAL I 416 -17.36 18.64 24.29
N VAL I 417 -18.45 19.30 24.66
CA VAL I 417 -19.16 20.18 23.73
C VAL I 417 -18.30 21.39 23.39
N ASP I 418 -17.32 21.70 24.24
CA ASP I 418 -16.57 22.94 24.10
C ASP I 418 -15.73 22.97 22.85
N ASN I 419 -15.05 21.87 22.52
CA ASN I 419 -14.09 21.86 21.42
C ASN I 419 -14.76 21.70 20.06
N LEU I 420 -16.06 21.45 20.02
CA LEU I 420 -16.78 21.35 18.76
C LEU I 420 -16.96 22.75 18.16
N ALA I 421 -16.58 22.91 16.89
CA ALA I 421 -16.77 24.19 16.23
C ALA I 421 -18.24 24.57 16.23
N GLY I 422 -18.54 25.82 16.58
CA GLY I 422 -19.92 26.16 16.79
C GLY I 422 -20.43 25.39 18.00
N VAL I 423 -21.75 25.16 17.99
CA VAL I 423 -22.37 24.32 19.01
C VAL I 423 -22.05 24.85 20.40
N SER I 424 -22.24 26.16 20.60
CA SER I 424 -21.90 26.77 21.89
C SER I 424 -22.48 25.95 23.04
N TRP I 425 -21.74 25.88 24.15
CA TRP I 425 -22.12 25.02 25.25
C TRP I 425 -23.51 25.37 25.77
N GLU I 426 -23.76 26.66 26.00
CA GLU I 426 -25.04 27.06 26.57
C GLU I 426 -26.19 26.78 25.60
N SER I 427 -25.97 27.00 24.31
CA SER I 427 -26.99 26.64 23.33
C SER I 427 -27.27 25.14 23.38
N TYR I 428 -26.20 24.33 23.45
CA TYR I 428 -26.37 22.88 23.48
C TYR I 428 -27.22 22.46 24.68
N LEU I 429 -26.83 22.90 25.87
CA LEU I 429 -27.56 22.48 27.06
C LEU I 429 -28.98 23.02 27.07
N GLU I 430 -29.16 24.28 26.65
CA GLU I 430 -30.48 24.88 26.65
C GLU I 430 -31.42 24.11 25.72
N GLN I 431 -30.97 23.85 24.49
CA GLN I 431 -31.83 23.14 23.55
C GLN I 431 -32.08 21.70 24.00
N THR I 432 -31.07 21.06 24.59
CA THR I 432 -31.28 19.70 25.10
C THR I 432 -32.37 19.69 26.17
N LEU I 433 -32.31 20.64 27.10
CA LEU I 433 -33.33 20.71 28.15
C LEU I 433 -34.69 21.07 27.56
N TYR I 434 -34.72 21.95 26.56
CA TYR I 434 -35.97 22.28 25.90
C TYR I 434 -36.61 21.04 25.30
N GLU I 435 -35.80 20.20 24.64
CA GLU I 435 -36.34 19.05 23.94
C GLU I 435 -36.72 17.93 24.91
N THR I 436 -35.98 17.76 26.00
CA THR I 436 -36.28 16.67 26.92
C THR I 436 -37.29 17.04 28.01
N GLU I 437 -37.54 18.33 28.23
CA GLU I 437 -38.40 18.76 29.32
C GLU I 437 -39.79 19.19 28.85
N GLU I 438 -39.87 19.90 27.73
CA GLU I 438 -41.15 20.44 27.28
C GLU I 438 -41.79 19.56 26.21
N LEU I 439 -41.08 19.36 25.10
CA LEU I 439 -41.61 18.54 24.02
C LEU I 439 -41.76 17.08 24.43
N LYS I 440 -40.78 16.56 25.17
CA LYS I 440 -40.76 15.14 25.54
C LYS I 440 -40.59 14.26 24.30
N LEU I 441 -39.62 14.63 23.45
CA LEU I 441 -39.38 13.88 22.23
C LEU I 441 -39.18 12.41 22.51
N GLN I 442 -38.46 12.07 23.58
CA GLN I 442 -38.15 10.69 23.87
C GLN I 442 -39.39 9.88 24.21
N GLU I 443 -40.51 10.53 24.46
CA GLU I 443 -41.78 9.84 24.65
C GLU I 443 -42.59 9.75 23.35
N LYS I 444 -42.02 10.20 22.23
CA LYS I 444 -42.72 10.18 20.96
C LYS I 444 -41.78 9.73 19.83
N GLU J 25 18.25 55.58 -5.10
CA GLU J 25 17.15 54.61 -4.86
C GLU J 25 17.40 53.80 -3.59
N ALA J 26 18.52 53.07 -3.57
CA ALA J 26 18.83 52.22 -2.42
C ALA J 26 18.93 53.03 -1.14
N GLU J 27 19.54 54.22 -1.22
CA GLU J 27 19.71 55.04 -0.03
C GLU J 27 18.38 55.33 0.65
N GLN J 28 17.30 55.49 -0.12
CA GLN J 28 16.00 55.78 0.47
C GLN J 28 15.53 54.62 1.35
N LEU J 29 15.61 53.39 0.83
CA LEU J 29 15.24 52.23 1.62
C LEU J 29 16.15 52.07 2.83
N LYS J 30 17.44 52.30 2.65
CA LYS J 30 18.37 52.19 3.77
C LYS J 30 18.01 53.18 4.87
N ASN J 31 17.70 54.42 4.50
CA ASN J 31 17.30 55.41 5.49
C ASN J 31 15.99 55.02 6.16
N TYR J 32 15.02 54.51 5.38
CA TYR J 32 13.76 54.08 5.98
C TYR J 32 13.99 52.98 7.00
N PHE J 33 14.85 52.02 6.69
CA PHE J 33 15.15 50.95 7.64
C PHE J 33 16.01 51.44 8.80
N SER J 34 16.72 52.54 8.64
CA SER J 34 17.52 53.08 9.74
C SER J 34 16.63 53.48 10.91
N ASN J 35 15.48 54.10 10.63
CA ASN J 35 14.57 54.60 11.66
C ASN J 35 13.17 54.08 11.37
N PRO J 36 12.90 52.82 11.66
CA PRO J 36 11.55 52.28 11.42
C PRO J 36 10.49 52.94 12.28
N ASP J 37 10.87 53.61 13.36
CA ASP J 37 9.91 54.27 14.24
C ASP J 37 9.72 55.74 13.92
N GLU J 38 10.36 56.25 12.86
CA GLU J 38 10.23 57.65 12.48
C GLU J 38 9.73 57.84 11.05
N PHE J 39 10.18 57.01 10.11
CA PHE J 39 9.72 57.09 8.72
C PHE J 39 8.52 56.19 8.47
N GLN J 40 7.49 56.32 9.30
CA GLN J 40 6.32 55.47 9.18
C GLN J 40 5.42 55.88 8.03
N GLU J 41 5.37 57.17 7.71
CA GLU J 41 4.47 57.65 6.66
C GLU J 41 4.81 56.98 5.33
N GLU J 42 6.09 56.98 4.96
CA GLU J 42 6.48 56.38 3.69
C GLU J 42 6.23 54.88 3.70
N ILE J 43 6.45 54.23 4.85
CA ILE J 43 6.22 52.79 4.93
C ILE J 43 4.75 52.47 4.67
N GLU J 44 3.86 53.23 5.30
CA GLU J 44 2.43 53.01 5.09
C GLU J 44 2.03 53.32 3.66
N ASP J 45 2.58 54.38 3.08
CA ASP J 45 2.28 54.72 1.69
C ASP J 45 2.65 53.58 0.76
N LEU J 46 3.88 53.06 0.90
CA LEU J 46 4.31 51.96 0.04
C LEU J 46 3.50 50.70 0.32
N ALA J 47 3.12 50.47 1.57
CA ALA J 47 2.32 49.29 1.90
C ALA J 47 0.99 49.34 1.17
N GLN J 48 0.26 50.45 1.30
CA GLN J 48 -1.02 50.59 0.62
C GLN J 48 -0.87 50.60 -0.89
N TYR J 49 0.24 51.13 -1.41
CA TYR J 49 0.44 51.15 -2.86
C TYR J 49 0.66 49.75 -3.41
N PHE J 50 1.53 48.97 -2.78
CA PHE J 50 1.78 47.61 -3.24
C PHE J 50 0.68 46.63 -2.85
N TYR J 51 -0.23 47.03 -1.95
CA TYR J 51 -1.40 46.19 -1.71
C TYR J 51 -2.20 46.01 -2.99
N ILE J 52 -2.35 47.07 -3.76
CA ILE J 52 -3.18 47.02 -4.96
C ILE J 52 -2.33 46.83 -6.23
N SER J 53 -1.11 47.38 -6.27
CA SER J 53 -0.29 47.27 -7.47
C SER J 53 0.50 45.97 -7.54
N THR J 54 0.40 45.10 -6.53
CA THR J 54 1.08 43.81 -6.53
C THR J 54 0.20 42.76 -5.88
N ALA J 55 0.44 41.50 -6.22
CA ALA J 55 -0.38 40.40 -5.73
C ALA J 55 0.19 39.72 -4.49
N GLU J 56 1.52 39.66 -4.35
CA GLU J 56 2.11 38.96 -3.22
C GLU J 56 1.63 39.54 -1.90
N ILE J 57 1.76 40.86 -1.74
CA ILE J 57 1.32 41.51 -0.52
C ILE J 57 -0.19 41.41 -0.37
N HIS J 58 -0.91 41.46 -1.49
CA HIS J 58 -2.36 41.30 -1.46
C HIS J 58 -2.75 39.94 -0.89
N GLN J 59 -2.10 38.88 -1.38
CA GLN J 59 -2.33 37.55 -0.83
C GLN J 59 -1.94 37.51 0.64
N LEU J 60 -0.83 38.14 1.00
CA LEU J 60 -0.41 38.19 2.39
C LEU J 60 -1.52 38.71 3.28
N PHE J 61 -2.08 39.87 2.93
CA PHE J 61 -3.05 40.51 3.81
C PHE J 61 -4.39 39.80 3.81
N GLU J 62 -4.85 39.32 2.64
CA GLU J 62 -6.09 38.52 2.68
C GLU J 62 -5.90 37.21 3.41
N LEU J 63 -4.69 36.62 3.37
CA LEU J 63 -4.43 35.43 4.17
C LEU J 63 -4.51 35.76 5.65
N ILE J 64 -3.94 36.90 6.05
CA ILE J 64 -4.05 37.32 7.45
C ILE J 64 -5.51 37.45 7.85
N GLU J 65 -6.30 38.12 7.03
CA GLU J 65 -7.69 38.40 7.41
C GLU J 65 -8.58 37.17 7.28
N ALA J 66 -8.18 36.18 6.50
CA ALA J 66 -9.04 35.04 6.17
C ALA J 66 -8.71 33.79 6.95
N LEU J 67 -7.43 33.43 7.07
CA LEU J 67 -7.06 32.13 7.64
C LEU J 67 -7.74 31.84 8.97
N PRO J 68 -7.79 32.75 9.93
CA PRO J 68 -8.41 32.43 11.21
C PRO J 68 -9.86 32.00 11.03
N THR J 69 -10.25 30.97 11.78
CA THR J 69 -11.65 30.55 11.84
C THR J 69 -12.42 31.24 12.95
N LEU J 70 -11.71 31.96 13.83
CA LEU J 70 -12.34 32.79 14.85
C LEU J 70 -13.38 32.03 15.67
N ASN J 71 -13.23 30.72 15.79
CA ASN J 71 -13.99 29.99 16.79
C ASN J 71 -13.42 30.31 18.17
N TYR J 72 -14.29 30.65 19.11
CA TYR J 72 -13.85 31.17 20.39
C TYR J 72 -14.51 30.42 21.52
N LYS J 73 -13.95 30.59 22.72
CA LYS J 73 -14.55 30.05 23.94
C LYS J 73 -14.20 30.94 25.12
N ILE J 74 -15.17 31.16 25.99
CA ILE J 74 -14.98 31.91 27.23
C ILE J 74 -14.97 30.91 28.38
N ASP J 75 -13.94 30.98 29.21
CA ASP J 75 -13.79 30.13 30.38
C ASP J 75 -13.58 31.02 31.60
N SER J 76 -13.58 30.40 32.78
CA SER J 76 -13.52 31.13 34.03
C SER J 76 -12.42 30.59 34.92
N PHE J 77 -11.89 31.47 35.79
CA PHE J 77 -10.99 31.07 36.85
C PHE J 77 -11.72 30.61 38.10
N ASN J 78 -13.06 30.64 38.09
CA ASN J 78 -13.84 30.16 39.21
C ASN J 78 -15.24 29.85 38.71
N LYS J 79 -15.96 29.02 39.48
CA LYS J 79 -17.30 28.57 39.12
C LYS J 79 -18.28 29.24 40.08
N VAL J 80 -18.74 30.43 39.70
CA VAL J 80 -19.72 31.14 40.51
C VAL J 80 -21.08 30.45 40.42
N LYS J 81 -21.98 30.83 41.33
CA LYS J 81 -23.29 30.20 41.38
C LYS J 81 -24.10 30.48 40.12
N SER J 82 -24.03 31.71 39.61
CA SER J 82 -24.84 32.14 38.46
C SER J 82 -23.99 32.22 37.19
N SER J 83 -23.09 31.25 37.00
CA SER J 83 -22.16 31.32 35.88
C SER J 83 -22.90 31.39 34.55
N ASP J 84 -23.90 30.53 34.36
CA ASP J 84 -24.58 30.43 33.07
C ASP J 84 -25.07 31.79 32.59
N LYS J 85 -25.57 32.62 33.52
CA LYS J 85 -26.02 33.95 33.14
C LYS J 85 -24.86 34.76 32.58
N HIS J 86 -23.69 34.67 33.21
CA HIS J 86 -22.52 35.39 32.71
C HIS J 86 -22.10 34.86 31.33
N ILE J 87 -22.17 33.55 31.14
CA ILE J 87 -21.79 33.00 29.83
C ILE J 87 -22.70 33.54 28.75
N SER J 88 -24.01 33.52 28.99
CA SER J 88 -24.95 34.03 28.01
C SER J 88 -24.74 35.51 27.76
N LEU J 89 -24.54 36.29 28.83
CA LEU J 89 -24.32 37.72 28.66
C LEU J 89 -23.08 38.00 27.83
N LEU J 90 -22.00 37.25 28.08
CA LEU J 90 -20.77 37.48 27.33
C LEU J 90 -20.94 37.10 25.86
N ASN J 91 -21.65 36.00 25.58
CA ASN J 91 -21.91 35.64 24.19
C ASN J 91 -22.71 36.73 23.49
N LYS J 92 -23.76 37.22 24.16
CA LYS J 92 -24.57 38.27 23.55
C LYS J 92 -23.75 39.54 23.30
N SER J 93 -22.93 39.92 24.27
CA SER J 93 -22.13 41.15 24.12
C SER J 93 -21.05 40.97 23.08
N LEU J 94 -20.59 39.74 22.87
CA LEU J 94 -19.63 39.49 21.80
C LEU J 94 -20.30 39.58 20.44
N HIS J 95 -21.56 39.16 20.35
CA HIS J 95 -22.28 39.29 19.08
C HIS J 95 -22.62 40.74 18.78
N LYS J 96 -23.13 41.47 19.78
CA LYS J 96 -23.52 42.86 19.56
C LYS J 96 -22.37 43.67 18.96
N VAL J 97 -21.16 43.51 19.53
CA VAL J 97 -20.00 44.15 18.95
C VAL J 97 -19.65 43.57 17.59
N LYS J 98 -20.15 42.37 17.28
CA LYS J 98 -19.83 41.68 16.04
C LYS J 98 -18.31 41.50 15.91
N HIS J 99 -17.79 40.69 16.83
CA HIS J 99 -16.35 40.65 17.07
C HIS J 99 -15.58 40.28 15.80
N LYS J 100 -16.02 39.26 15.07
CA LYS J 100 -15.20 38.68 14.01
C LYS J 100 -14.68 39.75 13.06
N ARG J 101 -15.56 40.64 12.60
CA ARG J 101 -15.13 41.71 11.71
C ARG J 101 -14.11 42.61 12.38
N LEU J 102 -14.33 42.95 13.66
CA LEU J 102 -13.40 43.80 14.38
C LEU J 102 -12.02 43.15 14.48
N THR J 103 -11.98 41.86 14.83
CA THR J 103 -10.71 41.15 14.91
C THR J 103 -10.00 41.17 13.57
N ARG J 104 -10.73 40.92 12.47
CA ARG J 104 -10.08 40.88 11.17
C ARG J 104 -9.53 42.26 10.80
N ASP J 105 -10.30 43.32 11.05
CA ASP J 105 -9.81 44.66 10.75
C ASP J 105 -8.59 45.00 11.60
N LEU J 106 -8.61 44.65 12.88
CA LEU J 106 -7.47 44.92 13.74
C LEU J 106 -6.23 44.20 13.24
N LEU J 107 -6.37 42.92 12.88
CA LEU J 107 -5.23 42.17 12.38
C LEU J 107 -4.67 42.83 11.13
N LYS J 108 -5.55 43.16 10.18
CA LYS J 108 -5.08 43.77 8.93
C LYS J 108 -4.37 45.09 9.19
N GLN J 109 -4.92 45.93 10.05
CA GLN J 109 -4.33 47.24 10.31
C GLN J 109 -3.01 47.14 11.06
N VAL J 110 -2.92 46.31 12.10
CA VAL J 110 -1.67 46.17 12.82
C VAL J 110 -0.59 45.61 11.91
N ALA J 111 -0.94 44.61 11.09
CA ALA J 111 0.02 44.14 10.10
C ALA J 111 0.43 45.26 9.15
N THR J 112 -0.49 46.15 8.81
CA THR J 112 -0.17 47.23 7.88
C THR J 112 0.82 48.21 8.49
N ALA J 113 0.55 48.65 9.73
CA ALA J 113 1.34 49.70 10.35
C ALA J 113 2.28 49.19 11.44
N GLY J 114 1.97 48.05 12.06
CA GLY J 114 2.77 47.53 13.14
C GLY J 114 2.32 47.95 14.52
N THR J 115 1.48 48.99 14.63
CA THR J 115 0.98 49.43 15.90
C THR J 115 -0.40 50.04 15.71
N LEU J 116 -1.17 50.06 16.80
CA LEU J 116 -2.56 50.50 16.75
C LEU J 116 -3.01 50.85 18.15
N VAL J 117 -3.86 51.86 18.26
CA VAL J 117 -4.40 52.30 19.54
C VAL J 117 -5.91 52.44 19.39
N GLY J 118 -6.66 51.58 20.10
CA GLY J 118 -8.09 51.66 20.13
C GLY J 118 -8.59 52.00 21.52
N ILE J 119 -9.92 52.10 21.64
CA ILE J 119 -10.54 52.43 22.92
C ILE J 119 -12.02 52.11 22.86
N TRP J 120 -12.59 51.76 24.01
CA TRP J 120 -14.03 51.56 24.14
C TRP J 120 -14.67 52.88 24.54
N LEU J 121 -15.55 53.41 23.69
CA LEU J 121 -16.11 54.74 23.90
C LEU J 121 -17.47 54.71 24.58
N GLY J 122 -18.41 53.97 24.01
CA GLY J 122 -19.77 53.96 24.53
C GLY J 122 -19.82 53.58 26.00
N ASP J 123 -21.00 53.73 26.57
CA ASP J 123 -21.17 53.46 27.98
C ASP J 123 -20.78 52.01 28.29
N ALA J 124 -20.62 51.73 29.58
CA ALA J 124 -20.12 50.42 29.99
C ALA J 124 -21.07 49.30 29.57
N LYS J 125 -22.38 49.52 29.71
CA LYS J 125 -23.34 48.45 29.44
C LYS J 125 -23.25 47.98 27.99
N SER J 126 -23.14 48.91 27.05
CA SER J 126 -23.11 48.59 25.62
C SER J 126 -21.97 49.36 24.95
N PRO J 127 -20.72 48.98 25.24
CA PRO J 127 -19.59 49.73 24.68
C PRO J 127 -19.48 49.58 23.18
N TYR J 128 -18.85 50.56 22.55
CA TYR J 128 -18.56 50.50 21.13
C TYR J 128 -17.12 50.93 20.88
N PRO J 129 -16.42 50.33 19.92
CA PRO J 129 -14.99 50.59 19.77
C PRO J 129 -14.70 51.82 18.92
N PHE J 130 -13.47 52.30 19.05
CA PHE J 130 -12.99 53.44 18.28
C PHE J 130 -11.50 53.24 18.04
N ILE J 131 -11.09 53.28 16.77
CA ILE J 131 -9.72 53.00 16.37
C ILE J 131 -9.12 54.28 15.81
N PHE J 132 -8.14 54.83 16.51
CA PHE J 132 -7.42 55.98 16.00
C PHE J 132 -6.68 55.60 14.71
N ASP J 133 -6.61 56.55 13.78
CA ASP J 133 -5.97 56.31 12.49
C ASP J 133 -4.54 56.82 12.44
N GLU J 134 -4.25 57.94 13.08
CA GLU J 134 -2.92 58.55 13.05
C GLU J 134 -2.11 57.98 14.21
N ILE J 135 -0.95 57.42 13.88
CA ILE J 135 -0.06 56.90 14.92
C ILE J 135 0.92 57.97 15.35
N LYS J 136 1.24 58.92 14.46
CA LYS J 136 2.21 59.96 14.78
C LYS J 136 1.77 60.83 15.95
N TYR J 137 0.47 60.87 16.26
CA TYR J 137 -0.04 61.71 17.33
C TYR J 137 -0.67 60.94 18.47
N VAL J 138 -1.02 59.67 18.27
CA VAL J 138 -1.51 58.81 19.34
C VAL J 138 -0.73 57.51 19.28
N PHE J 139 -0.09 57.14 20.39
CA PHE J 139 0.74 55.96 20.44
C PHE J 139 0.95 55.57 21.90
N PRO J 140 1.40 54.34 22.15
CA PRO J 140 1.98 54.05 23.47
C PRO J 140 3.35 54.70 23.61
N SER J 141 3.63 55.16 24.83
CA SER J 141 4.86 55.91 25.09
C SER J 141 5.77 55.26 26.12
N PHE J 142 5.23 54.76 27.22
CA PHE J 142 6.03 54.17 28.28
C PHE J 142 5.17 53.16 29.02
N ARG J 143 5.67 52.69 30.16
CA ARG J 143 4.98 51.68 30.96
C ARG J 143 4.87 52.15 32.40
N ARG J 144 3.84 51.66 33.07
CA ARG J 144 3.68 51.82 34.50
C ARG J 144 2.92 50.62 35.03
N ASN J 145 3.33 50.11 36.19
CA ASN J 145 2.76 48.90 36.76
C ASN J 145 2.90 47.71 35.82
N GLY J 146 3.82 47.78 34.88
CA GLY J 146 4.00 46.73 33.89
C GLY J 146 3.10 46.83 32.68
N ASP J 147 2.23 47.84 32.62
CA ASP J 147 1.28 48.00 31.53
C ASP J 147 1.62 49.24 30.72
N TRP J 148 1.36 49.16 29.42
CA TRP J 148 1.60 50.29 28.53
C TRP J 148 0.69 51.45 28.88
N VAL J 149 1.16 52.66 28.57
CA VAL J 149 0.37 53.88 28.70
C VAL J 149 0.42 54.62 27.38
N CYS J 150 -0.76 55.01 26.88
CA CYS J 150 -0.89 55.67 25.59
C CYS J 150 -1.29 57.12 25.81
N VAL J 151 -0.60 58.03 25.13
CA VAL J 151 -0.79 59.47 25.30
C VAL J 151 -1.22 60.05 23.96
N VAL J 152 -2.36 60.73 23.96
CA VAL J 152 -2.86 61.44 22.79
C VAL J 152 -2.19 62.80 22.73
N ASP J 153 -1.58 63.11 21.59
CA ASP J 153 -1.05 64.44 21.32
C ASP J 153 -2.19 65.31 20.78
N MET J 154 -2.30 66.52 21.31
CA MET J 154 -3.40 67.41 20.91
C MET J 154 -3.13 68.10 19.59
N GLU J 155 -1.89 68.11 19.12
CA GLU J 155 -1.60 68.66 17.79
C GLU J 155 -2.47 68.02 16.73
N LEU J 156 -2.89 66.76 16.96
CA LEU J 156 -3.77 66.08 16.03
C LEU J 156 -4.96 66.95 15.65
N PHE J 157 -5.52 67.67 16.63
CA PHE J 157 -6.75 68.43 16.39
C PHE J 157 -6.53 69.70 15.58
N THR J 158 -5.28 70.10 15.31
CA THR J 158 -5.06 71.35 14.57
C THR J 158 -5.54 71.26 13.12
N LYS J 159 -5.80 70.07 12.60
CA LYS J 159 -6.18 69.89 11.21
C LYS J 159 -7.67 69.62 11.02
N TYR J 160 -8.32 69.00 12.01
CA TYR J 160 -9.73 68.68 11.88
C TYR J 160 -10.57 69.95 11.86
N LYS J 161 -11.69 69.89 11.15
CA LYS J 161 -12.58 71.04 11.04
C LYS J 161 -13.16 71.38 12.41
N ASP J 162 -13.53 72.65 12.58
CA ASP J 162 -14.06 73.11 13.87
C ASP J 162 -15.28 72.29 14.27
N ASP J 163 -16.22 72.10 13.35
CA ASP J 163 -17.37 71.26 13.63
C ASP J 163 -16.94 69.82 13.88
N GLN J 164 -16.06 69.30 13.04
CA GLN J 164 -15.56 67.94 13.24
C GLN J 164 -14.79 67.83 14.54
N ARG J 165 -13.98 68.84 14.85
CA ARG J 165 -13.21 68.81 16.09
C ARG J 165 -14.13 68.78 17.31
N ASN J 166 -15.18 69.63 17.30
CA ASN J 166 -16.13 69.63 18.41
C ASN J 166 -16.86 68.30 18.51
N GLU J 167 -17.26 67.73 17.37
CA GLU J 167 -17.92 66.43 17.38
C GLU J 167 -17.02 65.36 18.00
N LEU J 168 -15.76 65.33 17.57
CA LEU J 168 -14.84 64.32 18.11
C LEU J 168 -14.62 64.51 19.60
N LEU J 169 -14.41 65.75 20.04
CA LEU J 169 -14.19 66.02 21.45
C LEU J 169 -15.43 65.64 22.27
N LYS J 170 -16.61 65.80 21.68
CA LYS J 170 -17.82 65.32 22.33
C LYS J 170 -17.85 63.80 22.37
N SER J 171 -17.24 63.15 21.39
CA SER J 171 -17.19 61.69 21.38
C SER J 171 -16.47 61.16 22.62
N LEU J 172 -15.33 61.76 22.97
CA LEU J 172 -14.53 61.35 24.12
C LEU J 172 -14.80 62.21 25.34
N SER J 173 -16.04 62.66 25.52
CA SER J 173 -16.39 63.67 26.51
C SER J 173 -15.78 63.39 27.88
N PRO J 174 -16.16 62.30 28.54
CA PRO J 174 -15.69 62.11 29.93
C PRO J 174 -14.20 61.98 30.08
N TYR J 175 -13.48 61.61 29.01
CA TYR J 175 -12.03 61.41 29.07
C TYR J 175 -11.26 62.63 28.56
N ILE J 176 -11.59 63.12 27.38
CA ILE J 176 -11.00 64.33 26.83
C ILE J 176 -12.14 65.34 26.61
N LYS J 177 -11.82 66.62 26.75
CA LYS J 177 -12.81 67.68 26.66
C LYS J 177 -12.23 68.88 25.93
N GLN J 178 -13.13 69.74 25.46
CA GLN J 178 -12.70 70.95 24.77
C GLN J 178 -11.81 71.82 25.65
N SER J 179 -12.04 71.78 26.97
CA SER J 179 -11.18 72.51 27.88
C SER J 179 -9.72 72.10 27.71
N ASP J 180 -9.48 70.83 27.43
CA ASP J 180 -8.11 70.37 27.21
C ASP J 180 -7.50 71.04 25.99
N TYR J 181 -8.27 71.13 24.90
CA TYR J 181 -7.75 71.79 23.70
C TYR J 181 -7.51 73.28 23.96
N GLU J 182 -8.42 73.92 24.70
CA GLU J 182 -8.22 75.33 25.02
C GLU J 182 -6.96 75.53 25.85
N ASN J 183 -6.72 74.65 26.82
CA ASN J 183 -5.49 74.73 27.62
C ASN J 183 -4.27 74.52 26.74
N PHE J 184 -4.35 73.56 25.81
CA PHE J 184 -3.24 73.33 24.89
C PHE J 184 -2.94 74.60 24.09
N MET J 185 -3.98 75.24 23.57
CA MET J 185 -3.77 76.48 22.82
C MET J 185 -3.21 77.57 23.72
N LYS J 186 -3.58 77.56 25.00
CA LYS J 186 -3.03 78.53 25.94
C LYS J 186 -1.53 78.34 26.11
N ASP J 187 -1.08 77.09 26.25
CA ASP J 187 0.33 76.77 26.40
C ASP J 187 0.59 75.47 25.63
N ARG J 188 1.02 75.60 24.38
CA ARG J 188 1.21 74.43 23.52
C ARG J 188 2.27 73.48 24.04
N GLU J 189 3.18 73.95 24.88
CA GLU J 189 4.29 73.14 25.37
C GLU J 189 4.07 72.63 26.79
N LYS J 190 2.87 72.73 27.32
CA LYS J 190 2.56 72.23 28.66
C LYS J 190 1.54 71.11 28.65
N TYR J 191 0.41 71.29 27.98
CA TYR J 191 -0.67 70.30 27.92
C TYR J 191 -0.66 69.54 26.61
N ARG J 192 0.52 69.30 26.04
CA ARG J 192 0.65 68.72 24.72
C ARG J 192 0.29 67.24 24.67
N PHE J 193 0.10 66.58 25.81
CA PHE J 193 -0.18 65.15 25.84
C PHE J 193 -1.18 64.84 26.93
N LYS J 194 -2.11 63.94 26.63
CA LYS J 194 -3.17 63.55 27.55
C LYS J 194 -3.23 62.03 27.66
N GLU J 195 -3.42 61.53 28.88
CA GLU J 195 -3.50 60.09 29.11
C GLU J 195 -4.92 59.59 28.95
N LEU J 196 -5.05 58.33 28.52
CA LEU J 196 -6.34 57.67 28.35
C LEU J 196 -6.54 56.60 29.42
N PRO J 197 -7.78 56.32 29.81
CA PRO J 197 -8.00 55.32 30.86
C PRO J 197 -7.46 53.96 30.47
N GLN J 198 -6.94 53.23 31.46
CA GLN J 198 -6.40 51.91 31.19
C GLN J 198 -7.50 50.91 30.87
N GLU J 199 -8.63 50.99 31.58
CA GLU J 199 -9.68 49.99 31.42
C GLU J 199 -10.29 49.98 30.03
N ARG J 200 -10.05 51.02 29.21
CA ARG J 200 -10.68 51.11 27.90
C ARG J 200 -9.67 51.05 26.77
N THR J 201 -8.66 51.91 26.76
CA THR J 201 -7.73 51.93 25.63
C THR J 201 -7.01 50.58 25.50
N PHE J 202 -6.60 50.26 24.28
CA PHE J 202 -5.75 49.10 24.06
C PHE J 202 -4.75 49.39 22.96
N PRO J 203 -3.44 49.38 23.26
CA PRO J 203 -2.43 49.40 22.20
C PRO J 203 -2.01 48.01 21.77
N LEU J 204 -2.00 47.76 20.47
CA LEU J 204 -1.49 46.53 19.90
C LEU J 204 -0.26 46.84 19.05
N ARG J 205 0.68 45.90 19.04
CA ARG J 205 1.96 46.13 18.38
C ARG J 205 2.53 44.79 17.91
N THR J 206 3.41 44.86 16.92
CA THR J 206 4.08 43.67 16.42
C THR J 206 5.37 44.10 15.72
N GLY J 207 6.35 43.21 15.75
CA GLY J 207 7.65 43.50 15.17
C GLY J 207 8.66 44.09 16.14
N THR J 208 8.36 44.12 17.43
CA THR J 208 9.26 44.69 18.42
C THR J 208 10.04 43.59 19.11
N LEU J 209 11.37 43.64 18.98
CA LEU J 209 12.23 42.69 19.67
C LEU J 209 12.26 42.97 21.17
N LYS J 210 12.41 44.23 21.54
CA LYS J 210 12.58 44.61 22.93
C LYS J 210 11.23 44.86 23.60
N ARG J 211 11.09 44.38 24.83
CA ARG J 211 9.86 44.62 25.58
C ARG J 211 9.64 46.09 25.87
N ASN J 212 10.68 46.91 25.77
CA ASN J 212 10.60 48.35 25.99
C ASN J 212 10.70 49.14 24.69
N GLN J 213 10.14 48.59 23.62
CA GLN J 213 10.07 49.26 22.32
C GLN J 213 8.62 49.60 22.03
N GLY J 214 8.36 50.85 21.68
CA GLY J 214 7.00 51.32 21.50
C GLY J 214 6.40 50.99 20.14
N LEU J 215 7.05 51.46 19.08
CA LEU J 215 6.50 51.33 17.74
C LEU J 215 6.94 50.01 17.10
N GLY J 216 5.98 49.26 16.59
CA GLY J 216 6.27 48.04 15.86
C GLY J 216 6.71 48.35 14.44
N THR J 217 6.64 47.33 13.59
CA THR J 217 7.02 47.48 12.20
C THR J 217 6.04 46.71 11.32
N SER J 218 5.94 47.15 10.07
CA SER J 218 5.02 46.53 9.12
C SER J 218 5.67 45.34 8.44
N TRP J 219 4.84 44.36 8.08
CA TRP J 219 5.32 43.14 7.48
C TRP J 219 5.79 43.33 6.04
N VAL J 220 5.58 44.52 5.46
CA VAL J 220 6.03 44.78 4.10
C VAL J 220 7.51 45.12 4.04
N THR J 221 8.10 45.60 5.13
CA THR J 221 9.49 46.05 5.09
C THR J 221 10.46 45.00 4.58
N PRO J 222 10.36 43.73 4.98
CA PRO J 222 11.37 42.76 4.50
C PRO J 222 11.37 42.57 3.00
N GLY J 223 10.22 42.27 2.41
CA GLY J 223 10.10 42.06 0.98
C GLY J 223 9.99 43.32 0.16
N LEU J 224 10.08 44.49 0.80
CA LEU J 224 9.98 45.74 0.05
C LEU J 224 11.08 45.89 -0.96
N TYR J 225 12.31 45.48 -0.61
CA TYR J 225 13.42 45.62 -1.55
C TYR J 225 13.22 44.75 -2.79
N ASP J 226 12.47 43.66 -2.68
CA ASP J 226 12.20 42.81 -3.82
C ASP J 226 11.35 43.49 -4.88
N VAL J 227 10.72 44.61 -4.55
CA VAL J 227 9.88 45.33 -5.51
C VAL J 227 9.99 46.83 -5.27
N ASN J 348 4.89 26.17 6.00
CA ASN J 348 4.57 27.55 5.63
C ASN J 348 3.18 27.94 6.14
N LEU J 349 2.18 27.16 5.73
CA LEU J 349 0.81 27.46 6.17
C LEU J 349 0.70 27.35 7.69
N ASP J 350 1.28 26.30 8.27
CA ASP J 350 1.29 26.19 9.72
C ASP J 350 2.16 27.27 10.35
N THR J 351 3.22 27.69 9.65
CA THR J 351 4.03 28.80 10.14
C THR J 351 3.20 30.08 10.26
N PHE J 352 2.39 30.36 9.24
CA PHE J 352 1.53 31.54 9.30
C PHE J 352 0.44 31.38 10.35
N TYR J 353 -0.13 30.19 10.48
CA TYR J 353 -1.10 29.94 11.54
C TYR J 353 -0.50 30.27 12.91
N LYS J 354 0.72 29.80 13.16
CA LYS J 354 1.37 30.05 14.44
C LYS J 354 1.73 31.53 14.59
N ARG J 355 2.10 32.19 13.50
CA ARG J 355 2.42 33.61 13.56
C ARG J 355 1.19 34.42 13.96
N ILE J 356 0.02 34.09 13.40
CA ILE J 356 -1.19 34.82 13.72
C ILE J 356 -1.79 34.38 15.04
N GLY J 357 -1.41 33.21 15.55
CA GLY J 357 -1.89 32.80 16.86
C GLY J 357 -1.50 33.77 17.95
N VAL J 358 -0.29 34.32 17.88
CA VAL J 358 0.15 35.27 18.91
C VAL J 358 -0.66 36.55 18.83
N LEU J 359 -0.96 37.02 17.61
CA LEU J 359 -1.79 38.20 17.47
C LEU J 359 -3.19 37.94 18.02
N MET J 360 -3.73 36.75 17.77
CA MET J 360 -5.04 36.42 18.34
C MET J 360 -4.99 36.42 19.85
N GLU J 361 -3.92 35.87 20.44
CA GLU J 361 -3.79 35.88 21.90
C GLU J 361 -3.71 37.30 22.44
N ASP J 362 -2.94 38.15 21.76
CA ASP J 362 -2.82 39.54 22.19
C ASP J 362 -4.18 40.24 22.13
N ILE J 363 -4.93 40.02 21.06
CA ILE J 363 -6.24 40.64 20.94
C ILE J 363 -7.17 40.10 22.02
N GLU J 364 -7.03 38.83 22.36
CA GLU J 364 -7.86 38.25 23.42
C GLU J 364 -7.59 38.93 24.76
N GLN J 365 -6.31 39.05 25.12
CA GLN J 365 -5.95 39.50 26.46
C GLN J 365 -5.87 41.02 26.59
N GLU J 366 -5.95 41.76 25.50
CA GLU J 366 -5.91 43.22 25.53
C GLU J 366 -7.24 43.87 25.19
N VAL J 367 -7.96 43.35 24.20
CA VAL J 367 -9.16 44.02 23.70
C VAL J 367 -10.39 43.48 24.42
N TYR J 368 -10.64 42.17 24.30
CA TYR J 368 -11.89 41.60 24.78
C TYR J 368 -11.89 41.36 26.29
N GLN J 369 -10.73 41.26 26.92
CA GLN J 369 -10.69 41.15 28.37
C GLN J 369 -11.27 42.40 29.02
N LYS J 370 -10.90 43.57 28.51
CA LYS J 370 -11.46 44.82 29.02
C LYS J 370 -12.97 44.87 28.78
N LEU J 371 -13.42 44.36 27.64
CA LEU J 371 -14.86 44.31 27.37
C LEU J 371 -15.57 43.44 28.40
N PHE J 372 -15.01 42.25 28.67
CA PHE J 372 -15.60 41.39 29.70
C PHE J 372 -15.65 42.10 31.03
N ASN J 373 -14.59 42.82 31.39
CA ASN J 373 -14.58 43.56 32.64
C ASN J 373 -15.68 44.62 32.67
N LEU J 374 -15.86 45.34 31.56
CA LEU J 374 -16.88 46.38 31.49
C LEU J 374 -18.28 45.79 31.65
N VAL J 375 -18.56 44.71 30.92
CA VAL J 375 -19.91 44.16 30.90
C VAL J 375 -20.27 43.53 32.24
N LEU J 376 -19.35 42.76 32.81
CA LEU J 376 -19.64 42.03 34.03
C LEU J 376 -19.52 42.94 35.25
N PRO J 377 -20.15 42.56 36.37
CA PRO J 377 -20.04 43.36 37.60
C PRO J 377 -18.60 43.47 38.08
N ALA J 378 -18.38 44.28 39.12
CA ALA J 378 -17.02 44.43 39.64
C ALA J 378 -16.53 43.14 40.28
N ALA J 379 -17.42 42.41 40.94
CA ALA J 379 -17.01 41.19 41.63
C ALA J 379 -16.40 40.18 40.67
N GLN J 380 -16.86 40.16 39.41
CA GLN J 380 -16.41 39.19 38.42
C GLN J 380 -15.35 39.78 37.49
N LYS J 381 -14.55 40.72 37.97
CA LYS J 381 -13.51 41.32 37.15
C LYS J 381 -12.38 40.32 36.96
N ASP J 382 -11.93 40.16 35.71
CA ASP J 382 -10.85 39.25 35.33
C ASP J 382 -11.14 37.80 35.68
N ASN J 383 -12.37 37.47 36.08
CA ASN J 383 -12.73 36.09 36.37
C ASN J 383 -12.87 35.28 35.09
N TYR J 384 -13.46 35.88 34.05
CA TYR J 384 -13.67 35.22 32.77
C TYR J 384 -12.65 35.70 31.75
N TYR J 385 -12.38 34.85 30.76
CA TYR J 385 -11.42 35.16 29.72
C TYR J 385 -11.76 34.38 28.46
N MET J 386 -11.45 34.98 27.32
CA MET J 386 -11.84 34.48 26.01
C MET J 386 -10.62 34.06 25.22
N ASN J 387 -10.75 32.93 24.52
CA ASN J 387 -9.66 32.33 23.77
C ASN J 387 -10.13 31.97 22.36
N TYR J 388 -9.31 32.32 21.37
CA TYR J 388 -9.53 31.91 19.99
C TYR J 388 -8.64 30.71 19.67
N ASP J 389 -9.05 29.97 18.64
CA ASP J 389 -8.31 28.78 18.23
C ASP J 389 -7.35 29.13 17.11
N LYS J 390 -6.11 28.62 17.23
CA LYS J 390 -5.05 28.93 16.28
C LYS J 390 -4.70 27.75 15.38
N ASP J 391 -5.12 26.54 15.71
CA ASP J 391 -4.81 25.37 14.91
C ASP J 391 -5.94 25.08 13.92
N LYS J 392 -5.67 24.14 13.03
CA LYS J 392 -6.69 23.74 12.06
C LYS J 392 -7.72 22.84 12.73
N PRO J 393 -9.01 23.14 12.63
CA PRO J 393 -10.01 22.40 13.41
C PRO J 393 -10.32 21.05 12.80
N LEU J 394 -11.00 20.23 13.61
CA LEU J 394 -11.43 18.92 13.14
C LEU J 394 -12.59 19.06 12.18
N THR J 395 -12.57 18.27 11.11
CA THR J 395 -13.48 18.46 9.99
C THR J 395 -14.90 18.00 10.37
N LEU J 396 -15.81 18.11 9.40
CA LEU J 396 -17.22 17.88 9.68
C LEU J 396 -17.51 16.42 10.05
N LYS J 397 -16.79 15.47 9.47
CA LYS J 397 -17.11 14.06 9.70
C LYS J 397 -16.91 13.69 11.16
N GLU J 398 -15.75 14.04 11.72
CA GLU J 398 -15.48 13.73 13.12
C GLU J 398 -16.42 14.49 14.06
N LYS J 399 -16.70 15.75 13.74
CA LYS J 399 -17.66 16.51 14.53
C LYS J 399 -19.02 15.83 14.54
N MET J 400 -19.46 15.35 13.38
CA MET J 400 -20.74 14.67 13.29
C MET J 400 -20.73 13.37 14.09
N ASP J 401 -19.63 12.62 14.03
CA ASP J 401 -19.52 11.41 14.83
C ASP J 401 -19.61 11.72 16.31
N ILE J 402 -18.92 12.77 16.76
CA ILE J 402 -18.98 13.13 18.17
C ILE J 402 -20.40 13.51 18.57
N LEU J 403 -21.08 14.29 17.74
CA LEU J 403 -22.43 14.73 18.08
C LEU J 403 -23.40 13.56 18.12
N ILE J 404 -23.36 12.68 17.12
CA ILE J 404 -24.27 11.55 17.09
C ILE J 404 -23.97 10.61 18.24
N LYS J 405 -22.70 10.46 18.60
CA LYS J 405 -22.34 9.67 19.78
C LYS J 405 -22.93 10.29 21.03
N LEU J 406 -22.88 11.62 21.14
CA LEU J 406 -23.42 12.30 22.31
C LEU J 406 -24.92 12.11 22.42
N ASN J 407 -25.63 12.15 21.29
CA ASN J 407 -27.09 12.21 21.32
C ASN J 407 -27.69 11.09 22.16
N ASP J 408 -27.08 9.92 22.15
CA ASP J 408 -27.68 8.72 22.73
C ASP J 408 -28.24 9.00 24.12
N LYS J 409 -29.55 8.78 24.26
CA LYS J 409 -30.26 8.88 25.53
C LYS J 409 -30.08 10.26 26.17
N GLY J 410 -30.68 11.25 25.50
CA GLY J 410 -30.96 12.51 26.14
C GLY J 410 -30.38 13.75 25.49
N TRP J 411 -29.15 13.68 24.98
CA TRP J 411 -28.50 14.89 24.54
C TRP J 411 -29.13 15.41 23.25
N SER J 412 -28.86 16.68 22.97
CA SER J 412 -29.62 17.42 21.96
C SER J 412 -29.61 16.71 20.61
N ILE J 413 -30.77 16.67 19.96
CA ILE J 413 -30.88 16.14 18.62
C ILE J 413 -30.85 17.25 17.56
N LYS J 414 -31.18 18.48 17.92
CA LYS J 414 -31.24 19.55 16.93
C LYS J 414 -29.89 19.72 16.24
N HIS J 415 -28.80 19.80 17.01
CA HIS J 415 -27.50 19.98 16.39
C HIS J 415 -27.07 18.75 15.60
N VAL J 416 -27.70 17.60 15.84
CA VAL J 416 -27.40 16.41 15.05
C VAL J 416 -27.96 16.57 13.63
N VAL J 417 -29.24 16.97 13.53
CA VAL J 417 -29.86 17.18 12.24
C VAL J 417 -29.35 18.47 11.59
N ASP J 418 -28.70 19.32 12.39
CA ASP J 418 -28.37 20.66 11.91
C ASP J 418 -27.27 20.65 10.86
N ASN J 419 -26.25 19.80 11.04
CA ASN J 419 -25.09 19.85 10.16
C ASN J 419 -25.30 19.09 8.85
N LEU J 420 -26.44 18.42 8.69
CA LEU J 420 -26.74 17.74 7.44
C LEU J 420 -27.18 18.76 6.40
N ALA J 421 -26.55 18.73 5.24
CA ALA J 421 -26.95 19.63 4.15
C ALA J 421 -28.40 19.38 3.79
N GLY J 422 -29.17 20.45 3.64
CA GLY J 422 -30.60 20.26 3.51
C GLY J 422 -31.13 19.69 4.81
N VAL J 423 -32.26 19.01 4.71
CA VAL J 423 -32.84 18.31 5.85
C VAL J 423 -33.07 19.29 7.00
N SER J 424 -33.67 20.43 6.70
CA SER J 424 -33.88 21.46 7.71
C SER J 424 -34.49 20.85 8.97
N TRP J 425 -34.10 21.40 10.12
CA TRP J 425 -34.51 20.81 11.39
C TRP J 425 -36.02 20.78 11.53
N GLU J 426 -36.69 21.89 11.20
CA GLU J 426 -38.13 21.94 11.37
C GLU J 426 -38.84 21.02 10.40
N SER J 427 -38.38 20.96 9.16
CA SER J 427 -38.94 20.00 8.22
C SER J 427 -38.76 18.58 8.73
N TYR J 428 -37.57 18.27 9.25
CA TYR J 428 -37.30 16.93 9.77
C TYR J 428 -38.27 16.57 10.89
N LEU J 429 -38.38 17.44 11.90
CA LEU J 429 -39.24 17.12 13.03
C LEU J 429 -40.71 17.07 12.60
N GLU J 430 -41.12 17.98 11.72
CA GLU J 430 -42.53 18.01 11.30
C GLU J 430 -42.89 16.74 10.56
N GLN J 431 -42.08 16.34 9.56
CA GLN J 431 -42.38 15.13 8.81
C GLN J 431 -42.31 13.91 9.71
N THR J 432 -41.35 13.88 10.65
CA THR J 432 -41.25 12.76 11.58
C THR J 432 -42.51 12.62 12.41
N LEU J 433 -43.00 13.73 12.96
CA LEU J 433 -44.22 13.68 13.76
C LEU J 433 -45.42 13.32 12.90
N TYR J 434 -45.45 13.78 11.66
CA TYR J 434 -46.53 13.39 10.76
C TYR J 434 -46.54 11.89 10.55
N GLU J 435 -45.36 11.31 10.31
CA GLU J 435 -45.30 9.88 10.01
C GLU J 435 -45.56 9.03 11.24
N THR J 436 -45.14 9.47 12.42
CA THR J 436 -45.32 8.66 13.63
C THR J 436 -46.65 8.88 14.31
N GLU J 437 -47.32 10.01 14.05
CA GLU J 437 -48.55 10.37 14.74
C GLU J 437 -49.80 10.16 13.90
N GLU J 438 -49.74 10.54 12.62
CA GLU J 438 -50.94 10.50 11.78
C GLU J 438 -51.06 9.15 11.06
N LEU J 439 -50.06 8.81 10.26
CA LEU J 439 -50.12 7.57 9.47
C LEU J 439 -49.93 6.34 10.35
N LYS J 440 -49.04 6.43 11.34
CA LYS J 440 -48.68 5.28 12.16
C LYS J 440 -47.97 4.21 11.32
N LEU J 441 -46.93 4.64 10.60
CA LEU J 441 -46.21 3.72 9.74
C LEU J 441 -45.68 2.53 10.52
N GLN J 442 -45.15 2.76 11.71
CA GLN J 442 -44.51 1.69 12.47
C GLN J 442 -45.50 0.62 12.89
N GLU J 443 -46.80 0.87 12.78
CA GLU J 443 -47.81 -0.15 12.97
C GLU J 443 -48.19 -0.84 11.67
N LYS J 444 -47.56 -0.49 10.56
CA LYS J 444 -47.87 -1.07 9.26
C LYS J 444 -46.59 -1.43 8.51
N GLU K 25 1.36 54.91 -20.96
CA GLU K 25 0.57 53.69 -20.58
C GLU K 25 0.70 53.40 -19.10
N ALA K 26 1.93 53.15 -18.65
CA ALA K 26 2.15 52.79 -17.25
C ALA K 26 1.67 53.89 -16.32
N GLU K 27 1.88 55.16 -16.70
CA GLU K 27 1.48 56.26 -15.84
C GLU K 27 -0.01 56.21 -15.53
N GLN K 28 -0.83 55.76 -16.47
CA GLN K 28 -2.27 55.69 -16.22
C GLN K 28 -2.59 54.72 -15.09
N LEU K 29 -2.00 53.52 -15.13
CA LEU K 29 -2.22 52.56 -14.06
C LEU K 29 -1.64 53.06 -12.74
N LYS K 30 -0.47 53.70 -12.80
CA LYS K 30 0.11 54.24 -11.57
C LYS K 30 -0.81 55.28 -10.94
N ASN K 31 -1.38 56.18 -11.75
CA ASN K 31 -2.31 57.17 -11.23
C ASN K 31 -3.57 56.51 -10.68
N TYR K 32 -4.08 55.48 -11.38
CA TYR K 32 -5.27 54.79 -10.89
C TYR K 32 -5.01 54.17 -9.52
N PHE K 33 -3.84 53.55 -9.35
CA PHE K 33 -3.49 52.97 -8.06
C PHE K 33 -3.17 54.03 -7.02
N SER K 34 -2.81 55.25 -7.44
CA SER K 34 -2.53 56.30 -6.47
C SER K 34 -3.77 56.66 -5.67
N ASN K 35 -4.94 56.71 -6.33
CA ASN K 35 -6.20 57.11 -5.70
C ASN K 35 -7.26 56.06 -5.99
N PRO K 36 -7.21 54.91 -5.32
CA PRO K 36 -8.23 53.88 -5.55
C PRO K 36 -9.62 54.31 -5.14
N ASP K 37 -9.76 55.34 -4.31
CA ASP K 37 -11.06 55.81 -3.86
C ASP K 37 -11.61 56.95 -4.70
N GLU K 38 -10.90 57.37 -5.75
CA GLU K 38 -11.37 58.44 -6.62
C GLU K 38 -11.48 58.02 -8.08
N PHE K 39 -10.54 57.23 -8.59
CA PHE K 39 -10.59 56.73 -9.96
C PHE K 39 -11.35 55.41 -10.04
N GLN K 40 -12.56 55.40 -9.51
CA GLN K 40 -13.35 54.17 -9.51
C GLN K 40 -13.98 53.88 -10.86
N GLU K 41 -14.34 54.93 -11.62
CA GLU K 41 -15.03 54.72 -12.89
C GLU K 41 -14.17 53.89 -13.84
N GLU K 42 -12.90 54.27 -13.99
CA GLU K 42 -12.02 53.53 -14.89
C GLU K 42 -11.80 52.10 -14.41
N ILE K 43 -11.70 51.92 -13.10
CA ILE K 43 -11.49 50.58 -12.56
C ILE K 43 -12.68 49.69 -12.90
N GLU K 44 -13.90 50.20 -12.70
CA GLU K 44 -15.08 49.43 -13.04
C GLU K 44 -15.15 49.15 -14.54
N ASP K 45 -14.82 50.15 -15.36
CA ASP K 45 -14.84 49.96 -16.81
C ASP K 45 -13.91 48.83 -17.21
N LEU K 46 -12.66 48.87 -16.73
CA LEU K 46 -11.70 47.83 -17.08
C LEU K 46 -12.14 46.47 -16.53
N ALA K 47 -12.72 46.46 -15.33
CA ALA K 47 -13.19 45.20 -14.75
C ALA K 47 -14.25 44.55 -15.64
N GLN K 48 -15.28 45.32 -15.99
CA GLN K 48 -16.32 44.80 -16.87
C GLN K 48 -15.80 44.44 -18.25
N TYR K 49 -14.83 45.19 -18.77
CA TYR K 49 -14.28 44.89 -20.09
C TYR K 49 -13.51 43.57 -20.10
N PHE K 50 -12.62 43.38 -19.11
CA PHE K 50 -11.86 42.14 -19.04
C PHE K 50 -12.67 40.96 -18.55
N TYR K 51 -13.84 41.20 -17.93
CA TYR K 51 -14.71 40.08 -17.61
C TYR K 51 -15.06 39.30 -18.87
N ILE K 52 -15.31 40.00 -19.97
CA ILE K 52 -15.76 39.35 -21.19
C ILE K 52 -14.63 39.17 -22.20
N SER K 53 -13.64 40.05 -22.20
CA SER K 53 -12.55 39.97 -23.18
C SER K 53 -11.45 38.99 -22.76
N THR K 54 -11.56 38.38 -21.57
CA THR K 54 -10.55 37.44 -21.09
C THR K 54 -11.23 36.38 -20.24
N ALA K 55 -10.52 35.27 -20.02
CA ALA K 55 -11.06 34.13 -19.29
C ALA K 55 -10.65 34.12 -17.82
N GLU K 56 -9.49 34.69 -17.48
CA GLU K 56 -9.00 34.61 -16.10
C GLU K 56 -9.97 35.30 -15.15
N ILE K 57 -10.32 36.56 -15.43
CA ILE K 57 -11.23 37.29 -14.56
C ILE K 57 -12.63 36.68 -14.62
N HIS K 58 -13.03 36.17 -15.79
CA HIS K 58 -14.32 35.51 -15.91
C HIS K 58 -14.38 34.30 -14.98
N GLN K 59 -13.31 33.48 -14.98
CA GLN K 59 -13.26 32.37 -14.03
C GLN K 59 -13.25 32.87 -12.60
N LEU K 60 -12.54 33.96 -12.33
CA LEU K 60 -12.51 34.51 -10.97
C LEU K 60 -13.93 34.80 -10.47
N PHE K 61 -14.70 35.54 -11.26
CA PHE K 61 -16.02 35.96 -10.81
C PHE K 61 -17.02 34.80 -10.81
N GLU K 62 -16.94 33.90 -11.80
CA GLU K 62 -17.78 32.73 -11.76
C GLU K 62 -17.47 31.86 -10.56
N LEU K 63 -16.20 31.79 -10.16
CA LEU K 63 -15.83 31.02 -8.98
C LEU K 63 -16.39 31.67 -7.72
N ILE K 64 -16.32 33.00 -7.62
CA ILE K 64 -16.92 33.68 -6.48
C ILE K 64 -18.41 33.36 -6.41
N GLU K 65 -19.10 33.44 -7.54
CA GLU K 65 -20.55 33.26 -7.52
C GLU K 65 -20.96 31.80 -7.34
N ALA K 66 -20.09 30.86 -7.72
CA ALA K 66 -20.45 29.44 -7.77
C ALA K 66 -19.98 28.65 -6.56
N LEU K 67 -18.73 28.86 -6.12
CA LEU K 67 -18.16 28.03 -5.06
C LEU K 67 -19.06 27.92 -3.83
N PRO K 68 -19.65 29.00 -3.32
CA PRO K 68 -20.46 28.86 -2.11
C PRO K 68 -21.58 27.84 -2.28
N THR K 69 -21.82 27.07 -1.23
CA THR K 69 -22.95 26.16 -1.20
C THR K 69 -24.19 26.80 -0.61
N LEU K 70 -24.03 27.86 0.18
CA LEU K 70 -25.14 28.63 0.71
C LEU K 70 -26.09 27.78 1.54
N ASN K 71 -25.58 26.68 2.11
CA ASN K 71 -26.33 26.00 3.15
C ASN K 71 -26.22 26.83 4.43
N TYR K 72 -27.35 27.03 5.09
CA TYR K 72 -27.43 28.01 6.17
C TYR K 72 -28.10 27.41 7.39
N LYS K 73 -27.97 28.11 8.52
CA LYS K 73 -28.60 27.73 9.76
C LYS K 73 -28.91 28.97 10.58
N ILE K 74 -30.16 29.10 11.02
CA ILE K 74 -30.57 30.15 11.94
C ILE K 74 -30.59 29.58 13.34
N ASP K 75 -29.87 30.23 14.25
CA ASP K 75 -29.80 29.83 15.65
C ASP K 75 -30.19 31.03 16.51
N SER K 76 -30.31 30.80 17.82
CA SER K 76 -30.79 31.82 18.74
C SER K 76 -29.84 31.96 19.91
N PHE K 77 -29.83 33.16 20.49
CA PHE K 77 -29.15 33.39 21.76
C PHE K 77 -30.03 33.09 22.96
N ASN K 78 -31.26 32.62 22.72
CA ASN K 78 -32.15 32.23 23.80
C ASN K 78 -33.19 31.27 23.23
N LYS K 79 -33.79 30.49 24.12
CA LYS K 79 -34.79 29.48 23.74
C LYS K 79 -36.14 29.96 24.26
N VAL K 80 -36.84 30.72 23.43
CA VAL K 80 -38.18 31.18 23.78
C VAL K 80 -39.17 30.02 23.71
N LYS K 81 -40.33 30.22 24.34
CA LYS K 81 -41.33 29.16 24.39
C LYS K 81 -41.87 28.82 23.00
N SER K 82 -42.03 29.82 22.14
CA SER K 82 -42.62 29.65 20.81
C SER K 82 -41.55 29.72 19.73
N SER K 83 -40.38 29.13 19.99
CA SER K 83 -39.26 29.26 19.07
C SER K 83 -39.60 28.70 17.70
N ASP K 84 -40.20 27.51 17.65
CA ASP K 84 -40.43 26.84 16.37
C ASP K 84 -41.18 27.75 15.39
N LYS K 85 -42.13 28.55 15.91
CA LYS K 85 -42.84 29.48 15.04
C LYS K 85 -41.88 30.47 14.42
N HIS K 86 -40.95 31.00 15.21
CA HIS K 86 -39.98 31.95 14.68
C HIS K 86 -39.07 31.29 13.66
N ILE K 87 -38.66 30.04 13.91
CA ILE K 87 -37.79 29.35 12.96
C ILE K 87 -38.51 29.19 11.62
N SER K 88 -39.76 28.73 11.66
CA SER K 88 -40.51 28.55 10.42
C SER K 88 -40.71 29.88 9.70
N LEU K 89 -41.06 30.94 10.46
CA LEU K 89 -41.26 32.24 9.85
C LEU K 89 -39.99 32.74 9.17
N LEU K 90 -38.85 32.55 9.82
CA LEU K 90 -37.59 33.00 9.24
C LEU K 90 -37.24 32.21 7.99
N ASN K 91 -37.47 30.90 8.00
CA ASN K 91 -37.23 30.11 6.79
C ASN K 91 -38.11 30.60 5.64
N LYS K 92 -39.40 30.83 5.93
CA LYS K 92 -40.30 31.31 4.89
C LYS K 92 -39.84 32.66 4.36
N SER K 93 -39.47 33.57 5.25
CA SER K 93 -39.06 34.91 4.82
C SER K 93 -37.75 34.88 4.07
N LEU K 94 -36.90 33.89 4.36
CA LEU K 94 -35.67 33.73 3.60
C LEU K 94 -35.96 33.21 2.20
N HIS K 95 -36.96 32.34 2.07
CA HIS K 95 -37.31 31.84 0.74
C HIS K 95 -38.01 32.92 -0.08
N LYS K 96 -38.96 33.65 0.51
CA LYS K 96 -39.69 34.67 -0.24
C LYS K 96 -38.73 35.64 -0.92
N VAL K 97 -37.72 36.11 -0.19
CA VAL K 97 -36.71 36.96 -0.80
C VAL K 97 -35.86 36.18 -1.79
N LYS K 98 -35.86 34.84 -1.72
CA LYS K 98 -35.03 34.00 -2.57
C LYS K 98 -33.55 34.38 -2.41
N HIS K 99 -33.07 34.12 -1.19
CA HIS K 99 -31.81 34.70 -0.75
C HIS K 99 -30.64 34.33 -1.65
N LYS K 100 -30.54 33.06 -2.04
CA LYS K 100 -29.32 32.57 -2.68
C LYS K 100 -28.90 33.44 -3.85
N ARG K 101 -29.86 33.79 -4.72
CA ARG K 101 -29.55 34.66 -5.85
C ARG K 101 -29.06 36.02 -5.37
N LEU K 102 -29.70 36.57 -4.35
CA LEU K 102 -29.29 37.87 -3.82
C LEU K 102 -27.88 37.82 -3.28
N THR K 103 -27.55 36.78 -2.52
CA THR K 103 -26.20 36.63 -1.98
C THR K 103 -25.17 36.54 -3.09
N ARG K 104 -25.45 35.74 -4.12
CA ARG K 104 -24.50 35.59 -5.21
C ARG K 104 -24.30 36.91 -5.94
N ASP K 105 -25.39 37.64 -6.20
CA ASP K 105 -25.27 38.94 -6.85
C ASP K 105 -24.47 39.90 -6.01
N LEU K 106 -24.72 39.93 -4.69
CA LEU K 106 -23.98 40.82 -3.81
C LEU K 106 -22.51 40.50 -3.83
N LEU K 107 -22.15 39.21 -3.74
CA LEU K 107 -20.74 38.83 -3.77
C LEU K 107 -20.08 39.28 -5.06
N LYS K 108 -20.69 38.95 -6.20
CA LYS K 108 -20.10 39.31 -7.48
C LYS K 108 -19.94 40.82 -7.61
N GLN K 109 -20.95 41.58 -7.17
CA GLN K 109 -20.95 43.03 -7.30
C GLN K 109 -19.91 43.70 -6.39
N VAL K 110 -19.86 43.31 -5.11
CA VAL K 110 -18.88 43.89 -4.20
C VAL K 110 -17.47 43.55 -4.67
N ALA K 111 -17.25 42.32 -5.15
CA ALA K 111 -15.96 42.00 -5.73
C ALA K 111 -15.68 42.88 -6.94
N THR K 112 -16.71 43.19 -7.73
CA THR K 112 -16.51 44.05 -8.90
C THR K 112 -16.06 45.44 -8.50
N ALA K 113 -16.76 46.05 -7.55
CA ALA K 113 -16.53 47.45 -7.19
C ALA K 113 -15.78 47.63 -5.88
N GLY K 114 -15.91 46.68 -4.95
CA GLY K 114 -15.30 46.80 -3.65
C GLY K 114 -16.18 47.42 -2.60
N THR K 115 -17.31 48.00 -2.99
CA THR K 115 -18.25 48.59 -2.04
C THR K 115 -19.65 48.55 -2.63
N LEU K 116 -20.63 48.59 -1.74
CA LEU K 116 -22.03 48.38 -2.12
C LEU K 116 -22.91 48.95 -1.02
N VAL K 117 -24.02 49.56 -1.42
CA VAL K 117 -25.00 50.08 -0.48
C VAL K 117 -26.38 49.60 -0.90
N GLY K 118 -27.01 48.77 -0.07
CA GLY K 118 -28.36 48.32 -0.30
C GLY K 118 -29.30 48.82 0.78
N ILE K 119 -30.58 48.47 0.64
CA ILE K 119 -31.58 48.91 1.59
C ILE K 119 -32.83 48.06 1.42
N TRP K 120 -33.53 47.79 2.52
CA TRP K 120 -34.82 47.11 2.49
C TRP K 120 -35.91 48.17 2.33
N LEU K 121 -36.62 48.13 1.20
CA LEU K 121 -37.57 49.17 0.86
C LEU K 121 -38.99 48.85 1.33
N GLY K 122 -39.52 47.71 0.91
CA GLY K 122 -40.90 47.38 1.19
C GLY K 122 -41.20 47.39 2.67
N ASP K 123 -42.48 47.20 2.98
CA ASP K 123 -42.93 47.23 4.36
C ASP K 123 -42.19 46.18 5.18
N ALA K 124 -42.31 46.30 6.50
CA ALA K 124 -41.58 45.40 7.39
C ALA K 124 -42.01 43.96 7.21
N LYS K 125 -43.32 43.71 7.09
CA LYS K 125 -43.80 42.34 7.05
C LYS K 125 -43.22 41.57 5.87
N SER K 126 -43.16 42.20 4.69
CA SER K 126 -42.70 41.56 3.47
C SER K 126 -41.70 42.48 2.77
N PRO K 127 -40.50 42.63 3.34
CA PRO K 127 -39.52 43.55 2.75
C PRO K 127 -39.02 43.06 1.39
N TYR K 128 -38.48 44.01 0.62
CA TYR K 128 -37.81 43.68 -0.62
C TYR K 128 -36.56 44.55 -0.75
N PRO K 129 -35.48 44.02 -1.31
CA PRO K 129 -34.21 44.76 -1.32
C PRO K 129 -34.08 45.70 -2.51
N PHE K 130 -33.13 46.62 -2.37
CA PHE K 130 -32.83 47.58 -3.43
C PHE K 130 -31.35 47.91 -3.36
N ILE K 131 -30.68 47.81 -4.50
CA ILE K 131 -29.23 48.00 -4.60
C ILE K 131 -28.97 49.23 -5.45
N PHE K 132 -28.30 50.22 -4.87
CA PHE K 132 -27.90 51.40 -5.62
C PHE K 132 -26.79 51.04 -6.60
N ASP K 133 -26.72 51.78 -7.71
CA ASP K 133 -25.72 51.55 -8.73
C ASP K 133 -24.51 52.47 -8.62
N GLU K 134 -24.74 53.77 -8.40
CA GLU K 134 -23.67 54.77 -8.42
C GLU K 134 -23.08 54.87 -7.02
N ILE K 135 -21.87 54.35 -6.86
CA ILE K 135 -21.16 54.52 -5.60
C ILE K 135 -20.71 55.96 -5.44
N LYS K 136 -20.40 56.65 -6.55
CA LYS K 136 -19.92 58.02 -6.48
C LYS K 136 -20.91 58.95 -5.79
N TYR K 137 -22.20 58.61 -5.78
CA TYR K 137 -23.23 59.47 -5.19
C TYR K 137 -23.87 58.88 -3.96
N VAL K 138 -23.78 57.56 -3.74
CA VAL K 138 -24.27 56.93 -2.53
C VAL K 138 -23.16 56.04 -1.99
N PHE K 139 -22.73 56.30 -0.76
CA PHE K 139 -21.60 55.59 -0.17
C PHE K 139 -21.69 55.72 1.35
N PRO K 140 -20.99 54.85 2.08
CA PRO K 140 -20.71 55.17 3.48
C PRO K 140 -19.74 56.34 3.57
N SER K 141 -19.90 57.13 4.64
CA SER K 141 -19.10 58.33 4.83
C SER K 141 -18.33 58.36 6.14
N PHE K 142 -18.95 57.94 7.24
CA PHE K 142 -18.31 57.97 8.54
C PHE K 142 -18.99 56.95 9.44
N ARG K 143 -18.68 57.00 10.73
CA ARG K 143 -19.23 56.06 11.70
C ARG K 143 -19.82 56.82 12.87
N ARG K 144 -20.86 56.23 13.46
CA ARG K 144 -21.42 56.70 14.71
C ARG K 144 -21.90 55.50 15.50
N ASN K 145 -21.68 55.53 16.81
CA ASN K 145 -21.99 54.40 17.69
C ASN K 145 -21.28 53.13 17.24
N GLY K 146 -20.19 53.27 16.48
CA GLY K 146 -19.46 52.14 15.96
C GLY K 146 -19.98 51.58 14.66
N ASP K 147 -21.06 52.12 14.12
CA ASP K 147 -21.69 51.60 12.91
C ASP K 147 -21.56 52.61 11.78
N TRP K 148 -21.43 52.10 10.57
CA TRP K 148 -21.29 52.95 9.39
C TRP K 148 -22.57 53.76 9.16
N VAL K 149 -22.40 54.92 8.55
CA VAL K 149 -23.52 55.77 8.14
C VAL K 149 -23.36 56.09 6.67
N CYS K 150 -24.42 55.85 5.90
CA CYS K 150 -24.42 56.05 4.46
C CYS K 150 -25.26 57.26 4.11
N VAL K 151 -24.72 58.14 3.28
CA VAL K 151 -25.37 59.39 2.91
C VAL K 151 -25.58 59.40 1.41
N VAL K 152 -26.83 59.60 0.99
CA VAL K 152 -27.18 59.72 -0.41
C VAL K 152 -27.00 61.17 -0.83
N ASP K 153 -26.23 61.37 -1.89
CA ASP K 153 -26.10 62.68 -2.53
C ASP K 153 -27.27 62.88 -3.49
N MET K 154 -27.84 64.08 -3.49
CA MET K 154 -28.99 64.34 -4.33
C MET K 154 -28.60 64.70 -5.77
N GLU K 155 -27.33 65.00 -6.02
CA GLU K 155 -26.89 65.23 -7.39
C GLU K 155 -27.21 64.04 -8.28
N LEU K 156 -27.29 62.85 -7.68
CA LEU K 156 -27.67 61.66 -8.45
C LEU K 156 -28.94 61.91 -9.24
N PHE K 157 -29.93 62.57 -8.64
CA PHE K 157 -31.21 62.76 -9.29
C PHE K 157 -31.16 63.76 -10.44
N THR K 158 -30.05 64.47 -10.63
CA THR K 158 -29.99 65.47 -11.69
C THR K 158 -29.93 64.86 -13.09
N LYS K 159 -29.74 63.54 -13.20
CA LYS K 159 -29.65 62.89 -14.51
C LYS K 159 -30.89 62.07 -14.85
N TYR K 160 -31.59 61.55 -13.85
CA TYR K 160 -32.76 60.72 -14.11
C TYR K 160 -33.89 61.54 -14.71
N LYS K 161 -34.72 60.88 -15.50
CA LYS K 161 -35.86 61.54 -16.12
C LYS K 161 -36.85 61.98 -15.04
N ASP K 162 -37.64 63.02 -15.38
CA ASP K 162 -38.59 63.55 -14.41
C ASP K 162 -39.56 62.47 -13.94
N ASP K 163 -40.12 61.71 -14.88
CA ASP K 163 -41.00 60.60 -14.51
C ASP K 163 -40.24 59.56 -13.71
N GLN K 164 -39.05 59.18 -14.19
CA GLN K 164 -38.23 58.21 -13.46
C GLN K 164 -37.83 58.75 -12.09
N ARG K 165 -37.48 60.03 -12.03
CA ARG K 165 -37.10 60.64 -10.76
C ARG K 165 -38.25 60.58 -9.76
N ASN K 166 -39.46 60.95 -10.21
CA ASN K 166 -40.62 60.89 -9.33
C ASN K 166 -40.90 59.46 -8.90
N GLU K 167 -40.80 58.50 -9.82
CA GLU K 167 -41.03 57.11 -9.46
C GLU K 167 -40.05 56.65 -8.40
N LEU K 168 -38.76 56.94 -8.60
CA LEU K 168 -37.76 56.52 -7.62
C LEU K 168 -37.99 57.17 -6.28
N LEU K 169 -38.29 58.47 -6.26
CA LEU K 169 -38.54 59.15 -4.99
C LEU K 169 -39.75 58.56 -4.29
N LYS K 170 -40.80 58.21 -5.04
CA LYS K 170 -41.92 57.49 -4.45
C LYS K 170 -41.50 56.12 -3.93
N SER K 171 -40.46 55.53 -4.52
CA SER K 171 -39.98 54.24 -4.03
C SER K 171 -39.49 54.36 -2.59
N LEU K 172 -38.74 55.41 -2.28
CA LEU K 172 -38.18 55.64 -0.95
C LEU K 172 -39.01 56.64 -0.15
N SER K 173 -40.34 56.62 -0.33
CA SER K 173 -41.22 57.66 0.20
C SER K 173 -40.93 58.00 1.65
N PRO K 174 -41.10 57.06 2.59
CA PRO K 174 -40.97 57.42 4.00
C PRO K 174 -39.60 57.95 4.39
N TYR K 175 -38.54 57.55 3.68
CA TYR K 175 -37.17 57.93 4.05
C TYR K 175 -36.68 59.14 3.26
N ILE K 176 -36.94 59.18 1.96
CA ILE K 176 -36.63 60.33 1.12
C ILE K 176 -37.90 60.75 0.39
N LYS K 177 -38.04 62.04 0.13
CA LYS K 177 -39.23 62.59 -0.48
C LYS K 177 -38.86 63.67 -1.48
N GLN K 178 -39.83 64.02 -2.33
CA GLN K 178 -39.59 65.07 -3.32
C GLN K 178 -39.28 66.39 -2.67
N SER K 179 -39.81 66.64 -1.48
CA SER K 179 -39.50 67.88 -0.76
C SER K 179 -38.00 68.02 -0.55
N ASP K 180 -37.31 66.89 -0.31
CA ASP K 180 -35.86 66.94 -0.15
C ASP K 180 -35.18 67.41 -1.43
N TYR K 181 -35.63 66.92 -2.58
CA TYR K 181 -35.05 67.36 -3.84
C TYR K 181 -35.35 68.83 -4.09
N GLU K 182 -36.55 69.27 -3.75
CA GLU K 182 -36.88 70.68 -3.92
C GLU K 182 -36.00 71.56 -3.04
N ASN K 183 -35.77 71.15 -1.79
CA ASN K 183 -34.87 71.90 -0.92
C ASN K 183 -33.45 71.90 -1.48
N PHE K 184 -33.00 70.76 -2.01
CA PHE K 184 -31.67 70.69 -2.61
C PHE K 184 -31.55 71.68 -3.75
N MET K 185 -32.57 71.74 -4.62
CA MET K 185 -32.54 72.71 -5.70
C MET K 185 -32.58 74.14 -5.17
N LYS K 186 -33.28 74.35 -4.05
CA LYS K 186 -33.30 75.67 -3.42
C LYS K 186 -31.91 76.09 -2.97
N ASP K 187 -31.18 75.18 -2.34
CA ASP K 187 -29.81 75.44 -1.87
C ASP K 187 -29.00 74.18 -2.10
N ARG K 188 -28.30 74.12 -3.24
CA ARG K 188 -27.56 72.92 -3.60
C ARG K 188 -26.43 72.62 -2.63
N GLU K 189 -25.97 73.60 -1.86
CA GLU K 189 -24.84 73.43 -0.96
C GLU K 189 -25.27 73.29 0.50
N LYS K 190 -26.56 73.08 0.76
CA LYS K 190 -27.05 72.87 2.12
C LYS K 190 -27.64 71.49 2.33
N TYR K 191 -28.56 71.07 1.47
CA TYR K 191 -29.23 69.78 1.58
C TYR K 191 -28.65 68.75 0.63
N ARG K 192 -27.34 68.80 0.40
CA ARG K 192 -26.69 67.97 -0.60
C ARG K 192 -26.56 66.51 -0.19
N PHE K 193 -26.82 66.18 1.08
CA PHE K 193 -26.65 64.81 1.55
C PHE K 193 -27.78 64.45 2.52
N LYS K 194 -28.27 63.22 2.41
CA LYS K 194 -29.36 62.74 3.25
C LYS K 194 -29.00 61.39 3.85
N GLU K 195 -29.35 61.20 5.12
CA GLU K 195 -29.05 59.96 5.82
C GLU K 195 -30.17 58.94 5.62
N LEU K 196 -29.79 57.66 5.65
CA LEU K 196 -30.72 56.55 5.51
C LEU K 196 -30.85 55.78 6.82
N PRO K 197 -31.97 55.10 7.06
CA PRO K 197 -32.15 54.41 8.34
C PRO K 197 -31.11 53.31 8.54
N GLN K 198 -30.72 53.12 9.80
CA GLN K 198 -29.76 52.07 10.11
C GLN K 198 -30.38 50.68 10.02
N GLU K 199 -31.63 50.54 10.46
CA GLU K 199 -32.27 49.23 10.47
C GLU K 199 -32.48 48.68 9.07
N ARG K 200 -32.35 49.50 8.02
CA ARG K 200 -32.64 49.07 6.67
C ARG K 200 -31.40 49.06 5.78
N THR K 201 -30.68 50.16 5.66
CA THR K 201 -29.55 50.20 4.75
C THR K 201 -28.48 49.23 5.21
N PHE K 202 -27.66 48.76 4.26
CA PHE K 202 -26.48 47.98 4.60
C PHE K 202 -25.36 48.30 3.63
N PRO K 203 -24.24 48.85 4.11
CA PRO K 203 -23.03 48.97 3.27
C PRO K 203 -22.11 47.77 3.43
N LEU K 204 -21.68 47.19 2.31
CA LEU K 204 -20.70 46.12 2.29
C LEU K 204 -19.45 46.62 1.57
N ARG K 205 -18.29 46.13 2.00
CA ARG K 205 -17.03 46.62 1.48
C ARG K 205 -15.98 45.52 1.58
N THR K 206 -14.94 45.66 0.77
CA THR K 206 -13.83 44.71 0.77
C THR K 206 -12.62 45.38 0.16
N GLY K 207 -11.45 45.07 0.74
CA GLY K 207 -10.20 45.68 0.30
C GLY K 207 -9.72 46.83 1.13
N THR K 208 -10.37 47.12 2.26
CA THR K 208 -9.95 48.20 3.14
C THR K 208 -9.07 47.65 4.24
N LEU K 209 -7.87 48.22 4.38
CA LEU K 209 -6.98 47.85 5.47
C LEU K 209 -7.44 48.47 6.79
N LYS K 210 -7.54 49.80 6.83
CA LYS K 210 -7.89 50.53 8.03
C LYS K 210 -9.38 50.40 8.31
N ARG K 211 -9.73 50.27 9.59
CA ARG K 211 -11.13 50.20 9.97
C ARG K 211 -11.87 51.49 9.68
N ASN K 212 -11.15 52.59 9.47
CA ASN K 212 -11.74 53.89 9.15
C ASN K 212 -11.53 54.26 7.69
N GLN K 213 -11.53 53.26 6.80
CA GLN K 213 -11.46 53.46 5.37
C GLN K 213 -12.82 53.13 4.77
N GLY K 214 -13.36 54.03 3.96
CA GLY K 214 -14.68 53.86 3.42
C GLY K 214 -14.75 52.99 2.19
N LEU K 215 -14.04 53.38 1.13
CA LEU K 215 -14.14 52.73 -0.17
C LEU K 215 -13.16 51.57 -0.26
N GLY K 216 -13.67 50.38 -0.50
CA GLY K 216 -12.84 49.21 -0.74
C GLY K 216 -12.15 49.30 -2.07
N THR K 217 -11.74 48.14 -2.57
CA THR K 217 -11.06 48.05 -3.86
C THR K 217 -11.53 46.80 -4.59
N SER K 218 -11.39 46.83 -5.91
CA SER K 218 -11.80 45.71 -6.74
C SER K 218 -10.69 44.69 -6.87
N TRP K 219 -11.08 43.41 -6.99
CA TRP K 219 -10.11 42.33 -7.08
C TRP K 219 -9.39 42.31 -8.42
N VAL K 220 -9.79 43.14 -9.37
CA VAL K 220 -9.10 43.19 -10.66
C VAL K 220 -7.81 43.98 -10.60
N THR K 221 -7.68 44.89 -9.63
CA THR K 221 -6.51 45.79 -9.61
C THR K 221 -5.18 45.03 -9.58
N PRO K 222 -5.00 43.98 -8.79
CA PRO K 222 -3.67 43.35 -8.73
C PRO K 222 -3.21 42.80 -10.06
N GLY K 223 -4.02 41.97 -10.72
CA GLY K 223 -3.68 41.39 -11.99
C GLY K 223 -3.95 42.26 -13.19
N LEU K 224 -4.38 43.50 -12.97
CA LEU K 224 -4.67 44.39 -14.09
C LEU K 224 -3.41 44.67 -14.91
N TYR K 225 -2.26 44.85 -14.25
CA TYR K 225 -1.03 45.13 -14.99
C TYR K 225 -0.63 43.96 -15.87
N ASP K 226 -1.06 42.75 -15.53
CA ASP K 226 -0.73 41.57 -16.33
C ASP K 226 -1.43 41.57 -17.69
N VAL K 227 -2.41 42.44 -17.89
CA VAL K 227 -3.14 42.50 -19.16
C VAL K 227 -3.53 43.94 -19.47
N ASN K 348 -4.95 26.69 -2.69
CA ASN K 348 -5.55 27.70 -3.55
C ASN K 348 -7.07 27.68 -3.42
N LEU K 349 -7.67 26.53 -3.71
CA LEU K 349 -9.12 26.41 -3.61
C LEU K 349 -9.60 26.69 -2.19
N ASP K 350 -8.91 26.13 -1.20
CA ASP K 350 -9.25 26.43 0.19
C ASP K 350 -8.96 27.88 0.53
N THR K 351 -7.93 28.47 -0.08
CA THR K 351 -7.66 29.89 0.12
C THR K 351 -8.84 30.73 -0.35
N PHE K 352 -9.38 30.43 -1.54
CA PHE K 352 -10.55 31.17 -2.02
C PHE K 352 -11.78 30.89 -1.15
N TYR K 353 -11.95 29.65 -0.71
CA TYR K 353 -13.05 29.33 0.19
C TYR K 353 -12.99 30.21 1.44
N LYS K 354 -11.79 30.33 2.04
CA LYS K 354 -11.64 31.12 3.25
C LYS K 354 -11.79 32.61 2.97
N ARG K 355 -11.33 33.06 1.79
CA ARG K 355 -11.50 34.47 1.43
C ARG K 355 -12.97 34.83 1.30
N ILE K 356 -13.77 33.94 0.70
CA ILE K 356 -15.19 34.22 0.51
C ILE K 356 -16.00 33.93 1.78
N GLY K 357 -15.46 33.15 2.71
CA GLY K 357 -16.16 32.90 3.96
C GLY K 357 -16.37 34.17 4.77
N VAL K 358 -15.37 35.05 4.78
CA VAL K 358 -15.52 36.31 5.49
C VAL K 358 -16.61 37.15 4.85
N LEU K 359 -16.71 37.10 3.52
CA LEU K 359 -17.79 37.81 2.83
C LEU K 359 -19.15 37.25 3.23
N MET K 360 -19.26 35.93 3.33
CA MET K 360 -20.51 35.35 3.81
C MET K 360 -20.82 35.81 5.23
N GLU K 361 -19.81 35.84 6.11
CA GLU K 361 -20.05 36.30 7.47
C GLU K 361 -20.53 37.73 7.50
N ASP K 362 -19.91 38.60 6.69
CA ASP K 362 -20.30 39.99 6.61
C ASP K 362 -21.74 40.12 6.12
N ILE K 363 -22.10 39.38 5.07
CA ILE K 363 -23.46 39.46 4.55
C ILE K 363 -24.46 38.91 5.56
N GLU K 364 -24.04 37.94 6.37
CA GLU K 364 -24.91 37.40 7.40
C GLU K 364 -25.21 38.44 8.47
N GLN K 365 -24.16 39.07 8.99
CA GLN K 365 -24.32 39.98 10.12
C GLN K 365 -24.74 41.39 9.72
N GLU K 366 -24.70 41.71 8.43
CA GLU K 366 -25.09 43.03 7.94
C GLU K 366 -26.43 43.03 7.22
N VAL K 367 -26.66 42.08 6.31
CA VAL K 367 -27.84 42.11 5.46
C VAL K 367 -29.00 41.38 6.13
N TYR K 368 -28.83 40.09 6.39
CA TYR K 368 -29.95 39.26 6.83
C TYR K 368 -30.30 39.45 8.29
N GLN K 369 -29.37 39.93 9.12
CA GLN K 369 -29.70 40.23 10.50
C GLN K 369 -30.78 41.31 10.59
N LYS K 370 -30.64 42.35 9.77
CA LYS K 370 -31.65 43.40 9.73
C LYS K 370 -32.99 42.84 9.25
N LEU K 371 -32.97 41.90 8.30
CA LEU K 371 -34.20 41.27 7.85
C LEU K 371 -34.86 40.51 9.00
N PHE K 372 -34.06 39.76 9.76
CA PHE K 372 -34.62 39.05 10.91
C PHE K 372 -35.24 40.04 11.89
N ASN K 373 -34.56 41.16 12.13
CA ASN K 373 -35.11 42.16 13.04
C ASN K 373 -36.44 42.69 12.51
N LEU K 374 -36.52 42.95 11.20
CA LEU K 374 -37.75 43.48 10.62
C LEU K 374 -38.89 42.48 10.76
N VAL K 375 -38.66 41.22 10.41
CA VAL K 375 -39.73 40.25 10.36
C VAL K 375 -40.23 39.91 11.76
N LEU K 376 -39.32 39.70 12.70
CA LEU K 376 -39.69 39.27 14.04
C LEU K 376 -40.19 40.44 14.88
N PRO K 377 -40.95 40.16 15.94
CA PRO K 377 -41.40 41.24 16.82
C PRO K 377 -40.24 41.98 17.47
N ALA K 378 -40.54 43.06 18.20
CA ALA K 378 -39.48 43.84 18.83
C ALA K 378 -38.82 43.06 19.96
N ALA K 379 -39.60 42.27 20.70
CA ALA K 379 -39.05 41.54 21.84
C ALA K 379 -37.94 40.59 21.40
N GLN K 380 -38.00 40.08 20.17
CA GLN K 380 -37.02 39.12 19.67
C GLN K 380 -35.98 39.79 18.78
N LYS K 381 -35.71 41.07 19.00
CA LYS K 381 -34.72 41.76 18.17
C LYS K 381 -33.32 41.22 18.48
N ASP K 382 -32.58 40.92 17.42
CA ASP K 382 -31.21 40.40 17.50
C ASP K 382 -31.11 39.11 18.29
N ASN K 383 -32.24 38.46 18.59
CA ASN K 383 -32.19 37.18 19.29
C ASN K 383 -31.74 36.06 18.36
N TYR K 384 -32.22 36.07 17.11
CA TYR K 384 -31.88 35.05 16.13
C TYR K 384 -30.83 35.58 15.16
N TYR K 385 -30.04 34.66 14.62
CA TYR K 385 -28.96 35.01 13.71
C TYR K 385 -28.67 33.82 12.80
N MET K 386 -28.34 34.13 11.54
CA MET K 386 -28.19 33.11 10.52
C MET K 386 -26.74 33.04 10.08
N ASN K 387 -26.26 31.82 9.85
CA ASN K 387 -24.87 31.55 9.50
C ASN K 387 -24.82 30.70 8.25
N TYR K 388 -23.93 31.06 7.32
CA TYR K 388 -23.65 30.26 6.14
C TYR K 388 -22.42 29.41 6.37
N ASP K 389 -22.29 28.35 5.59
CA ASP K 389 -21.17 27.42 5.72
C ASP K 389 -20.08 27.76 4.73
N LYS K 390 -18.84 27.81 5.22
CA LYS K 390 -17.70 28.20 4.42
C LYS K 390 -16.78 27.04 4.04
N ASP K 391 -16.90 25.90 4.70
CA ASP K 391 -16.05 24.77 4.43
C ASP K 391 -16.73 23.80 3.47
N LYS K 392 -15.95 22.87 2.93
CA LYS K 392 -16.49 21.87 2.02
C LYS K 392 -17.34 20.87 2.81
N PRO K 393 -18.57 20.58 2.37
CA PRO K 393 -19.45 19.74 3.18
C PRO K 393 -19.15 18.26 3.03
N LEU K 394 -19.76 17.48 3.93
CA LEU K 394 -19.63 16.03 3.86
C LEU K 394 -20.49 15.48 2.72
N THR K 395 -19.94 14.49 2.02
CA THR K 395 -20.54 14.01 0.78
C THR K 395 -21.82 13.23 1.08
N LEU K 396 -22.42 12.69 0.02
CA LEU K 396 -23.72 12.02 0.15
C LEU K 396 -23.61 10.73 0.94
N LYS K 397 -22.49 10.02 0.85
CA LYS K 397 -22.36 8.74 1.56
C LYS K 397 -22.50 8.94 3.06
N GLU K 398 -21.73 9.85 3.64
CA GLU K 398 -21.80 10.07 5.08
C GLU K 398 -23.18 10.61 5.48
N LYS K 399 -23.74 11.50 4.67
CA LYS K 399 -25.08 12.01 4.94
C LYS K 399 -26.07 10.86 5.02
N MET K 400 -26.02 9.94 4.07
CA MET K 400 -26.91 8.80 4.06
C MET K 400 -26.69 7.92 5.28
N ASP K 401 -25.42 7.69 5.65
CA ASP K 401 -25.14 6.89 6.84
C ASP K 401 -25.75 7.52 8.08
N ILE K 402 -25.58 8.83 8.26
CA ILE K 402 -26.13 9.47 9.45
C ILE K 402 -27.65 9.41 9.44
N LEU K 403 -28.27 9.63 8.28
CA LEU K 403 -29.73 9.61 8.22
C LEU K 403 -30.28 8.23 8.53
N ILE K 404 -29.71 7.18 7.91
CA ILE K 404 -30.20 5.83 8.15
C ILE K 404 -29.94 5.44 9.60
N LYS K 405 -28.83 5.88 10.17
CA LYS K 405 -28.58 5.64 11.59
C LYS K 405 -29.65 6.30 12.45
N LEU K 406 -30.04 7.52 12.09
CA LEU K 406 -31.05 8.24 12.87
C LEU K 406 -32.41 7.56 12.77
N ASN K 407 -32.76 7.04 11.59
CA ASN K 407 -34.12 6.55 11.38
C ASN K 407 -34.56 5.54 12.43
N ASP K 408 -33.62 4.73 12.93
CA ASP K 408 -33.96 3.59 13.77
C ASP K 408 -34.93 3.98 14.89
N LYS K 409 -36.09 3.32 14.90
CA LYS K 409 -37.10 3.47 15.95
C LYS K 409 -37.51 4.92 16.14
N GLY K 410 -38.14 5.46 15.10
CA GLY K 410 -38.94 6.66 15.24
C GLY K 410 -38.66 7.77 14.27
N TRP K 411 -37.40 8.00 13.93
CA TRP K 411 -37.09 9.21 13.17
C TRP K 411 -37.50 9.06 11.71
N SER K 412 -37.59 10.19 11.03
CA SER K 412 -38.28 10.26 9.75
C SER K 412 -37.64 9.34 8.72
N ILE K 413 -38.50 8.75 7.88
CA ILE K 413 -38.03 7.92 6.76
C ILE K 413 -38.09 8.67 5.43
N LYS K 414 -38.87 9.75 5.34
CA LYS K 414 -39.00 10.48 4.09
C LYS K 414 -37.63 10.96 3.60
N HIS K 415 -36.85 11.59 4.47
CA HIS K 415 -35.55 12.08 4.05
C HIS K 415 -34.56 10.95 3.81
N VAL K 416 -34.88 9.74 4.25
CA VAL K 416 -34.03 8.59 3.95
C VAL K 416 -34.17 8.21 2.48
N VAL K 417 -35.38 7.86 2.06
CA VAL K 417 -35.60 7.46 0.67
C VAL K 417 -35.45 8.66 -0.26
N ASP K 418 -35.49 9.87 0.29
CA ASP K 418 -35.41 11.06 -0.56
C ASP K 418 -34.11 11.12 -1.33
N ASN K 419 -32.98 10.88 -0.67
CA ASN K 419 -31.67 11.08 -1.30
C ASN K 419 -31.31 9.96 -2.27
N LEU K 420 -32.08 8.89 -2.34
CA LEU K 420 -31.84 7.84 -3.31
C LEU K 420 -32.30 8.31 -4.69
N ALA K 421 -31.41 8.19 -5.68
CA ALA K 421 -31.78 8.56 -7.04
C ALA K 421 -32.95 7.72 -7.51
N GLY K 422 -33.92 8.35 -8.15
CA GLY K 422 -35.15 7.64 -8.42
C GLY K 422 -35.81 7.29 -7.10
N VAL K 423 -36.66 6.27 -7.14
CA VAL K 423 -37.26 5.74 -5.93
C VAL K 423 -38.02 6.84 -5.19
N SER K 424 -38.86 7.58 -5.91
CA SER K 424 -39.59 8.69 -5.30
C SER K 424 -40.29 8.22 -4.03
N TRP K 425 -40.42 9.14 -3.07
CA TRP K 425 -40.96 8.78 -1.77
C TRP K 425 -42.38 8.26 -1.88
N GLU K 426 -43.22 8.92 -2.68
CA GLU K 426 -44.60 8.48 -2.79
C GLU K 426 -44.69 7.12 -3.45
N SER K 427 -43.91 6.89 -4.51
CA SER K 427 -43.89 5.57 -5.13
C SER K 427 -43.42 4.51 -4.15
N TYR K 428 -42.38 4.82 -3.38
CA TYR K 428 -41.85 3.87 -2.40
C TYR K 428 -42.91 3.48 -1.40
N LEU K 429 -43.54 4.47 -0.74
CA LEU K 429 -44.53 4.16 0.27
C LEU K 429 -45.75 3.47 -0.34
N GLU K 430 -46.17 3.90 -1.53
CA GLU K 430 -47.35 3.30 -2.15
C GLU K 430 -47.11 1.83 -2.46
N GLN K 431 -45.99 1.51 -3.10
CA GLN K 431 -45.73 0.12 -3.43
C GLN K 431 -45.51 -0.71 -2.17
N THR K 432 -44.85 -0.13 -1.16
CA THR K 432 -44.68 -0.87 0.09
C THR K 432 -46.02 -1.23 0.71
N LEU K 433 -46.94 -0.27 0.75
CA LEU K 433 -48.27 -0.54 1.31
C LEU K 433 -49.01 -1.54 0.43
N TYR K 434 -48.85 -1.46 -0.88
CA TYR K 434 -49.48 -2.45 -1.76
C TYR K 434 -48.99 -3.85 -1.43
N GLU K 435 -47.67 -4.01 -1.27
CA GLU K 435 -47.10 -5.34 -1.05
C GLU K 435 -47.44 -5.88 0.34
N THR K 436 -47.46 -5.02 1.35
CA THR K 436 -47.71 -5.49 2.71
C THR K 436 -49.20 -5.61 3.04
N GLU K 437 -50.06 -4.87 2.34
CA GLU K 437 -51.48 -4.82 2.66
C GLU K 437 -52.31 -5.72 1.75
N GLU K 438 -52.05 -5.66 0.44
CA GLU K 438 -52.91 -6.36 -0.52
C GLU K 438 -52.43 -7.80 -0.74
N LEU K 439 -51.19 -7.95 -1.20
CA LEU K 439 -50.67 -9.29 -1.49
C LEU K 439 -50.37 -10.07 -0.22
N LYS K 440 -49.83 -9.38 0.79
CA LYS K 440 -49.38 -10.05 2.02
C LYS K 440 -48.17 -10.94 1.74
N LEU K 441 -47.19 -10.39 1.01
CA LEU K 441 -46.01 -11.15 0.65
C LEU K 441 -45.38 -11.81 1.87
N GLN K 442 -45.28 -11.09 2.98
CA GLN K 442 -44.57 -11.61 4.14
C GLN K 442 -45.29 -12.78 4.79
N GLU K 443 -46.54 -13.05 4.38
CA GLU K 443 -47.23 -14.26 4.80
C GLU K 443 -47.01 -15.42 3.84
N LYS K 444 -46.24 -15.22 2.78
CA LYS K 444 -46.00 -16.26 1.78
C LYS K 444 -44.49 -16.42 1.53
N GLU L 25 -9.72 43.76 -38.03
CA GLU L 25 -10.20 42.49 -37.39
C GLU L 25 -10.39 42.68 -35.89
N ALA L 26 -9.30 43.02 -35.19
CA ALA L 26 -9.36 43.17 -33.74
C ALA L 26 -10.39 44.21 -33.34
N GLU L 27 -10.47 45.31 -34.09
CA GLU L 27 -11.40 46.38 -33.74
C GLU L 27 -12.83 45.86 -33.65
N GLN L 28 -13.20 44.90 -34.50
CA GLN L 28 -14.56 44.38 -34.47
C GLN L 28 -14.86 43.69 -33.14
N LEU L 29 -13.94 42.84 -32.68
CA LEU L 29 -14.13 42.19 -31.39
C LEU L 29 -14.11 43.19 -30.25
N LYS L 30 -13.23 44.20 -30.33
CA LYS L 30 -13.18 45.21 -29.30
C LYS L 30 -14.51 45.95 -29.21
N ASN L 31 -15.09 46.31 -30.36
CA ASN L 31 -16.37 46.99 -30.37
C ASN L 31 -17.47 46.08 -29.84
N TYR L 32 -17.44 44.80 -30.21
CA TYR L 32 -18.46 43.87 -29.70
C TYR L 32 -18.40 43.78 -28.19
N PHE L 33 -17.19 43.71 -27.63
CA PHE L 33 -17.05 43.65 -26.18
C PHE L 33 -17.35 44.99 -25.52
N SER L 34 -17.26 46.09 -26.28
CA SER L 34 -17.58 47.39 -25.70
C SER L 34 -19.04 47.46 -25.25
N ASN L 35 -19.94 46.90 -26.05
CA ASN L 35 -21.37 46.95 -25.79
C ASN L 35 -21.95 45.55 -25.88
N PRO L 36 -21.73 44.71 -24.86
CA PRO L 36 -22.29 43.35 -24.88
C PRO L 36 -23.81 43.33 -24.87
N ASP L 37 -24.47 44.41 -24.47
CA ASP L 37 -25.91 44.48 -24.43
C ASP L 37 -26.52 45.09 -25.69
N GLU L 38 -25.70 45.44 -26.67
CA GLU L 38 -26.18 46.04 -27.92
C GLU L 38 -25.83 45.22 -29.15
N PHE L 39 -24.62 44.69 -29.23
CA PHE L 39 -24.20 43.88 -30.38
C PHE L 39 -24.45 42.39 -30.14
N GLN L 40 -25.69 42.06 -29.79
CA GLN L 40 -26.04 40.68 -29.49
C GLN L 40 -26.18 39.83 -30.75
N GLU L 41 -26.65 40.43 -31.85
CA GLU L 41 -26.89 39.65 -33.06
C GLU L 41 -25.61 38.99 -33.54
N GLU L 42 -24.52 39.76 -33.63
CA GLU L 42 -23.26 39.19 -34.09
C GLU L 42 -22.76 38.13 -33.12
N ILE L 43 -22.93 38.36 -31.82
CA ILE L 43 -22.47 37.40 -30.82
C ILE L 43 -23.19 36.07 -31.01
N GLU L 44 -24.52 36.11 -31.18
CA GLU L 44 -25.27 34.88 -31.40
C GLU L 44 -24.88 34.21 -32.71
N ASP L 45 -24.67 35.00 -33.75
CA ASP L 45 -24.27 34.43 -35.04
C ASP L 45 -22.96 33.68 -34.90
N LEU L 46 -21.96 34.31 -34.28
CA LEU L 46 -20.67 33.65 -34.11
C LEU L 46 -20.78 32.44 -33.19
N ALA L 47 -21.64 32.53 -32.17
CA ALA L 47 -21.81 31.39 -31.27
C ALA L 47 -22.35 30.18 -32.02
N GLN L 48 -23.44 30.36 -32.76
CA GLN L 48 -23.99 29.27 -33.55
C GLN L 48 -23.03 28.79 -34.64
N TYR L 49 -22.22 29.68 -35.21
CA TYR L 49 -21.27 29.28 -36.23
C TYR L 49 -20.17 28.38 -35.65
N PHE L 50 -19.57 28.80 -34.53
CA PHE L 50 -18.52 28.01 -33.91
C PHE L 50 -19.04 26.81 -33.14
N TYR L 51 -20.35 26.73 -32.91
CA TYR L 51 -20.90 25.49 -32.37
C TYR L 51 -20.65 24.34 -33.32
N ILE L 52 -20.81 24.55 -34.61
CA ILE L 52 -20.69 23.47 -35.58
C ILE L 52 -19.33 23.46 -36.25
N SER L 53 -18.70 24.62 -36.47
CA SER L 53 -17.43 24.68 -37.15
C SER L 53 -16.24 24.42 -36.23
N THR L 54 -16.47 24.21 -34.93
CA THR L 54 -15.41 23.90 -33.98
C THR L 54 -15.93 22.93 -32.93
N ALA L 55 -15.00 22.23 -32.29
CA ALA L 55 -15.36 21.19 -31.32
C ALA L 55 -15.32 21.67 -29.88
N GLU L 56 -14.51 22.69 -29.58
CA GLU L 56 -14.42 23.16 -28.20
C GLU L 56 -15.76 23.67 -27.70
N ILE L 57 -16.37 24.59 -28.45
CA ILE L 57 -17.67 25.14 -28.05
C ILE L 57 -18.74 24.06 -28.09
N HIS L 58 -18.66 23.15 -29.07
CA HIS L 58 -19.61 22.05 -29.15
C HIS L 58 -19.54 21.19 -27.89
N GLN L 59 -18.32 20.84 -27.46
CA GLN L 59 -18.17 20.10 -26.22
C GLN L 59 -18.68 20.90 -25.04
N LEU L 60 -18.40 22.20 -25.01
CA LEU L 60 -18.90 23.05 -23.94
C LEU L 60 -20.41 22.91 -23.79
N PHE L 61 -21.13 23.12 -24.90
CA PHE L 61 -22.59 23.15 -24.82
C PHE L 61 -23.18 21.77 -24.57
N GLU L 62 -22.61 20.73 -25.20
CA GLU L 62 -23.06 19.38 -24.87
C GLU L 62 -22.83 19.07 -23.41
N LEU L 63 -21.75 19.58 -22.82
CA LEU L 63 -21.51 19.38 -21.40
C LEU L 63 -22.56 20.08 -20.56
N ILE L 64 -22.90 21.32 -20.92
CA ILE L 64 -23.98 22.01 -20.22
C ILE L 64 -25.25 21.17 -20.25
N GLU L 65 -25.60 20.64 -21.42
CA GLU L 65 -26.88 19.95 -21.56
C GLU L 65 -26.84 18.56 -20.92
N ALA L 66 -25.67 17.94 -20.83
CA ALA L 66 -25.58 16.54 -20.43
C ALA L 66 -25.19 16.34 -18.97
N LEU L 67 -24.26 17.13 -18.45
CA LEU L 67 -23.74 16.88 -17.10
C LEU L 67 -24.83 16.71 -16.05
N PRO L 68 -25.84 17.57 -15.98
CA PRO L 68 -26.85 17.41 -14.92
C PRO L 68 -27.53 16.05 -15.01
N THR L 69 -27.80 15.48 -13.84
CA THR L 69 -28.59 14.25 -13.76
C THR L 69 -30.07 14.52 -13.55
N LEU L 70 -30.42 15.73 -13.14
CA LEU L 70 -31.82 16.18 -13.07
C LEU L 70 -32.66 15.31 -12.17
N ASN L 71 -32.05 14.66 -11.18
CA ASN L 71 -32.82 14.10 -10.08
C ASN L 71 -33.33 15.25 -9.22
N TYR L 72 -34.57 15.18 -8.78
CA TYR L 72 -35.23 16.32 -8.16
C TYR L 72 -35.99 15.90 -6.92
N LYS L 73 -36.28 16.89 -6.08
CA LYS L 73 -37.02 16.73 -4.85
C LYS L 73 -38.03 17.85 -4.74
N ILE L 74 -39.17 17.59 -4.11
CA ILE L 74 -40.13 18.62 -3.78
C ILE L 74 -40.42 18.54 -2.29
N ASP L 75 -40.23 19.66 -1.61
CA ASP L 75 -40.41 19.75 -0.16
C ASP L 75 -41.37 20.90 0.13
N SER L 76 -41.77 21.02 1.39
CA SER L 76 -42.78 21.99 1.80
C SER L 76 -42.28 22.79 2.99
N PHE L 77 -42.79 24.01 3.10
CA PHE L 77 -42.61 24.83 4.30
C PHE L 77 -43.64 24.51 5.37
N ASN L 78 -44.57 23.60 5.10
CA ASN L 78 -45.53 23.16 6.10
C ASN L 78 -46.03 21.77 5.70
N LYS L 79 -46.54 21.04 6.68
CA LYS L 79 -47.05 19.69 6.49
C LYS L 79 -48.58 19.75 6.59
N VAL L 80 -49.21 20.00 5.45
CA VAL L 80 -50.66 20.06 5.40
C VAL L 80 -51.24 18.65 5.59
N LYS L 81 -52.55 18.60 5.86
CA LYS L 81 -53.19 17.31 6.13
C LYS L 81 -53.13 16.40 4.91
N SER L 82 -53.35 16.94 3.71
CA SER L 82 -53.44 16.17 2.47
C SER L 82 -52.17 16.31 1.63
N SER L 83 -51.01 16.32 2.29
CA SER L 83 -49.77 16.59 1.58
C SER L 83 -49.54 15.59 0.45
N ASP L 84 -49.73 14.31 0.72
CA ASP L 84 -49.43 13.27 -0.26
C ASP L 84 -50.12 13.55 -1.59
N LYS L 85 -51.36 14.04 -1.55
CA LYS L 85 -52.06 14.36 -2.78
C LYS L 85 -51.31 15.44 -3.55
N HIS L 86 -50.84 16.47 -2.85
CA HIS L 86 -50.09 17.53 -3.52
C HIS L 86 -48.79 17.00 -4.09
N ILE L 87 -48.10 16.10 -3.38
CA ILE L 87 -46.85 15.55 -3.89
C ILE L 87 -47.11 14.80 -5.19
N SER L 88 -48.14 13.96 -5.20
CA SER L 88 -48.45 13.19 -6.40
C SER L 88 -48.85 14.12 -7.55
N LEU L 89 -49.68 15.12 -7.25
CA LEU L 89 -50.09 16.06 -8.29
C LEU L 89 -48.90 16.78 -8.89
N LEU L 90 -47.96 17.20 -8.05
CA LEU L 90 -46.79 17.92 -8.55
C LEU L 90 -45.90 17.01 -9.38
N ASN L 91 -45.73 15.76 -8.96
CA ASN L 91 -44.94 14.83 -9.77
C ASN L 91 -45.59 14.63 -11.14
N LYS L 92 -46.91 14.42 -11.16
CA LYS L 92 -47.59 14.21 -12.43
C LYS L 92 -47.48 15.44 -13.32
N SER L 93 -47.65 16.64 -12.74
CA SER L 93 -47.60 17.86 -13.54
C SER L 93 -46.18 18.15 -14.00
N LEU L 94 -45.18 17.66 -13.26
CA LEU L 94 -43.80 17.78 -13.73
C LEU L 94 -43.55 16.85 -14.91
N HIS L 95 -44.15 15.66 -14.88
CA HIS L 95 -43.98 14.74 -16.01
C HIS L 95 -44.71 15.24 -17.24
N LYS L 96 -45.96 15.68 -17.09
CA LYS L 96 -46.74 16.11 -18.25
C LYS L 96 -45.98 17.16 -19.05
N VAL L 97 -45.37 18.13 -18.37
CA VAL L 97 -44.54 19.10 -19.06
C VAL L 97 -43.25 18.46 -19.57
N LYS L 98 -42.89 17.29 -19.07
CA LYS L 98 -41.66 16.61 -19.46
C LYS L 98 -40.45 17.51 -19.20
N HIS L 99 -40.24 17.77 -17.91
CA HIS L 99 -39.39 18.89 -17.51
C HIS L 99 -37.97 18.74 -18.03
N LYS L 100 -37.39 17.54 -17.96
CA LYS L 100 -35.96 17.38 -18.20
C LYS L 100 -35.53 18.01 -19.52
N ARG L 101 -36.27 17.72 -20.60
CA ARG L 101 -35.94 18.30 -21.90
C ARG L 101 -36.05 19.82 -21.85
N LEU L 102 -37.09 20.34 -21.21
CA LEU L 102 -37.25 21.78 -21.11
C LEU L 102 -36.09 22.42 -20.37
N THR L 103 -35.67 21.83 -19.26
CA THR L 103 -34.54 22.36 -18.50
C THR L 103 -33.28 22.37 -19.34
N ARG L 104 -33.01 21.27 -20.05
CA ARG L 104 -31.81 21.22 -20.87
C ARG L 104 -31.84 22.28 -21.97
N ASP L 105 -33.00 22.43 -22.62
CA ASP L 105 -33.13 23.44 -23.67
C ASP L 105 -32.92 24.83 -23.10
N LEU L 106 -33.50 25.11 -21.93
CA LEU L 106 -33.33 26.42 -21.31
C LEU L 106 -31.87 26.69 -20.98
N LEU L 107 -31.18 25.70 -20.41
CA LEU L 107 -29.77 25.88 -20.09
C LEU L 107 -28.97 26.20 -21.35
N LYS L 108 -29.15 25.40 -22.40
CA LYS L 108 -28.39 25.62 -23.62
C LYS L 108 -28.70 26.99 -24.22
N GLN L 109 -29.97 27.38 -24.25
CA GLN L 109 -30.37 28.65 -24.82
C GLN L 109 -29.82 29.85 -24.05
N VAL L 110 -29.97 29.85 -22.72
CA VAL L 110 -29.47 30.96 -21.92
C VAL L 110 -27.95 31.05 -22.03
N ALA L 111 -27.26 29.91 -21.97
CA ALA L 111 -25.82 29.95 -22.19
C ALA L 111 -25.48 30.49 -23.56
N THR L 112 -26.35 30.24 -24.55
CA THR L 112 -26.09 30.75 -25.89
C THR L 112 -26.21 32.27 -25.95
N ALA L 113 -27.29 32.81 -25.38
CA ALA L 113 -27.57 34.24 -25.49
C ALA L 113 -27.29 35.01 -24.21
N GLY L 114 -27.27 34.35 -23.06
CA GLY L 114 -27.10 35.02 -21.79
C GLY L 114 -28.40 35.47 -21.15
N THR L 115 -29.50 35.51 -21.91
CA THR L 115 -30.78 35.90 -21.36
C THR L 115 -31.88 35.19 -22.13
N LEU L 116 -33.06 35.08 -21.51
CA LEU L 116 -34.17 34.34 -22.06
C LEU L 116 -35.44 34.77 -21.35
N VAL L 117 -36.54 34.83 -22.11
CA VAL L 117 -37.84 35.21 -21.55
C VAL L 117 -38.84 34.14 -21.97
N GLY L 118 -39.42 33.43 -20.99
CA GLY L 118 -40.46 32.47 -21.25
C GLY L 118 -41.76 32.85 -20.55
N ILE L 119 -42.77 32.01 -20.76
CA ILE L 119 -44.08 32.27 -20.17
C ILE L 119 -44.90 30.99 -20.22
N TRP L 120 -45.83 30.85 -19.28
CA TRP L 120 -46.79 29.75 -19.28
C TRP L 120 -48.07 30.22 -19.95
N LEU L 121 -48.42 29.58 -21.06
CA LEU L 121 -49.53 30.04 -21.89
C LEU L 121 -50.83 29.31 -21.59
N GLY L 122 -50.80 27.98 -21.65
CA GLY L 122 -52.02 27.20 -21.46
C GLY L 122 -52.71 27.53 -20.15
N ASP L 123 -53.92 27.01 -20.02
CA ASP L 123 -54.70 27.28 -18.83
C ASP L 123 -53.94 26.81 -17.59
N ALA L 124 -54.44 27.24 -16.42
CA ALA L 124 -53.72 26.97 -15.18
C ALA L 124 -53.60 25.47 -14.91
N LYS L 125 -54.68 24.72 -15.15
CA LYS L 125 -54.70 23.32 -14.78
C LYS L 125 -53.59 22.53 -15.49
N SER L 126 -53.42 22.77 -16.79
CA SER L 126 -52.44 22.04 -17.61
C SER L 126 -51.67 23.04 -18.47
N PRO L 127 -50.81 23.84 -17.85
CA PRO L 127 -50.10 24.87 -18.62
C PRO L 127 -49.07 24.27 -19.57
N TYR L 128 -48.72 25.05 -20.58
CA TYR L 128 -47.65 24.69 -21.49
C TYR L 128 -46.75 25.90 -21.72
N PRO L 129 -45.45 25.71 -21.88
CA PRO L 129 -44.53 26.85 -21.93
C PRO L 129 -44.36 27.42 -23.34
N PHE L 130 -43.81 28.64 -23.37
CA PHE L 130 -43.53 29.34 -24.62
C PHE L 130 -42.29 30.18 -24.41
N ILE L 131 -41.32 30.01 -25.29
CA ILE L 131 -40.00 30.65 -25.18
C ILE L 131 -39.82 31.59 -26.36
N PHE L 132 -39.73 32.88 -26.08
CA PHE L 132 -39.47 33.86 -27.12
C PHE L 132 -38.04 33.69 -27.64
N ASP L 133 -37.85 33.92 -28.94
CA ASP L 133 -36.53 33.82 -29.54
C ASP L 133 -35.83 35.17 -29.67
N GLU L 134 -36.57 36.25 -29.93
CA GLU L 134 -35.98 37.56 -30.18
C GLU L 134 -35.84 38.28 -28.85
N ILE L 135 -34.60 38.37 -28.36
CA ILE L 135 -34.33 39.14 -27.15
C ILE L 135 -34.43 40.64 -27.45
N LYS L 136 -34.06 41.05 -28.67
CA LYS L 136 -34.05 42.47 -29.00
C LYS L 136 -35.42 43.11 -28.85
N TYR L 137 -36.50 42.32 -28.89
CA TYR L 137 -37.84 42.87 -28.78
C TYR L 137 -38.59 42.41 -27.54
N VAL L 138 -38.11 41.36 -26.85
CA VAL L 138 -38.67 40.93 -25.58
C VAL L 138 -37.52 40.72 -24.61
N PHE L 139 -37.53 41.44 -23.50
CA PHE L 139 -36.45 41.39 -22.53
C PHE L 139 -36.96 41.88 -21.19
N PRO L 140 -36.28 41.56 -20.10
CA PRO L 140 -36.48 42.31 -18.85
C PRO L 140 -35.95 43.73 -18.99
N SER L 141 -36.66 44.66 -18.36
CA SER L 141 -36.33 46.08 -18.48
C SER L 141 -36.00 46.75 -17.16
N PHE L 142 -36.75 46.48 -16.11
CA PHE L 142 -36.53 47.12 -14.81
C PHE L 142 -37.09 46.19 -13.73
N ARG L 143 -37.13 46.70 -12.50
CA ARG L 143 -37.59 45.92 -11.36
C ARG L 143 -38.69 46.68 -10.63
N ARG L 144 -39.59 45.91 -10.03
CA ARG L 144 -40.59 46.44 -9.12
C ARG L 144 -40.86 45.40 -8.05
N ASN L 145 -41.02 45.85 -6.82
CA ASN L 145 -41.19 44.96 -5.67
C ASN L 145 -40.01 43.99 -5.53
N GLY L 146 -38.87 44.31 -6.12
CA GLY L 146 -37.71 43.46 -6.09
C GLY L 146 -37.67 42.41 -7.19
N ASP L 147 -38.68 42.33 -8.03
CA ASP L 147 -38.78 41.32 -9.08
C ASP L 147 -38.70 41.98 -10.46
N TRP L 148 -38.11 41.26 -11.40
CA TRP L 148 -37.95 41.79 -12.75
C TRP L 148 -39.31 41.96 -13.41
N VAL L 149 -39.38 42.90 -14.35
CA VAL L 149 -40.56 43.12 -15.18
C VAL L 149 -40.12 43.05 -16.64
N CYS L 150 -40.77 42.18 -17.40
CA CYS L 150 -40.44 41.96 -18.80
C CYS L 150 -41.46 42.68 -19.68
N VAL L 151 -40.97 43.44 -20.65
CA VAL L 151 -41.80 44.23 -21.55
C VAL L 151 -41.60 43.70 -22.95
N VAL L 152 -42.71 43.38 -23.61
CA VAL L 152 -42.70 42.95 -25.01
C VAL L 152 -42.86 44.18 -25.88
N ASP L 153 -41.91 44.35 -26.80
CA ASP L 153 -42.02 45.38 -27.83
C ASP L 153 -42.92 44.83 -28.93
N MET L 154 -43.85 45.66 -29.41
CA MET L 154 -44.78 45.21 -30.44
C MET L 154 -44.19 45.31 -31.83
N GLU L 155 -43.05 46.00 -31.98
CA GLU L 155 -42.38 46.03 -33.28
C GLU L 155 -42.07 44.63 -33.77
N LEU L 156 -41.95 43.67 -32.85
CA LEU L 156 -41.73 42.28 -33.23
C LEU L 156 -42.75 41.83 -34.26
N PHE L 157 -44.01 42.21 -34.09
CA PHE L 157 -45.07 41.74 -34.97
C PHE L 157 -45.01 42.37 -36.36
N THR L 158 -44.15 43.36 -36.58
CA THR L 158 -44.10 44.02 -37.87
C THR L 158 -43.51 43.13 -38.97
N LYS L 159 -42.91 42.00 -38.62
CA LYS L 159 -42.30 41.11 -39.59
C LYS L 159 -43.10 39.83 -39.83
N TYR L 160 -43.83 39.36 -38.83
CA TYR L 160 -44.57 38.12 -38.97
C TYR L 160 -45.69 38.27 -39.99
N LYS L 161 -46.05 37.15 -40.61
CA LYS L 161 -47.14 37.14 -41.58
C LYS L 161 -48.46 37.46 -40.89
N ASP L 162 -49.40 38.01 -41.65
CA ASP L 162 -50.68 38.40 -41.09
C ASP L 162 -51.38 37.20 -40.44
N ASP L 163 -51.42 36.07 -41.14
CA ASP L 163 -51.98 34.86 -40.55
C ASP L 163 -51.18 34.42 -39.34
N GLN L 164 -49.85 34.44 -39.46
CA GLN L 164 -49.00 34.08 -38.33
C GLN L 164 -49.18 35.09 -37.19
N ARG L 165 -49.31 36.37 -37.52
CA ARG L 165 -49.55 37.38 -36.50
C ARG L 165 -50.84 37.09 -35.74
N ASN L 166 -51.92 36.80 -36.45
CA ASN L 166 -53.19 36.52 -35.80
C ASN L 166 -53.10 35.26 -34.96
N GLU L 167 -52.43 34.22 -35.46
CA GLU L 167 -52.27 33.00 -34.69
C GLU L 167 -51.53 33.27 -33.39
N LEU L 168 -50.40 33.99 -33.47
CA LEU L 168 -49.63 34.27 -32.27
C LEU L 168 -50.43 35.11 -31.28
N LEU L 169 -51.10 36.16 -31.77
CA LEU L 169 -51.88 37.01 -30.88
C LEU L 169 -53.02 36.25 -30.23
N LYS L 170 -53.57 35.25 -30.94
CA LYS L 170 -54.53 34.35 -30.32
C LYS L 170 -53.87 33.47 -29.28
N SER L 171 -52.58 33.16 -29.46
CA SER L 171 -51.87 32.35 -28.47
C SER L 171 -51.84 33.05 -27.12
N LEU L 172 -51.54 34.35 -27.11
CA LEU L 172 -51.44 35.14 -25.89
C LEU L 172 -52.71 35.94 -25.61
N SER L 173 -53.87 35.40 -25.98
CA SER L 173 -55.13 36.14 -25.98
C SER L 173 -55.36 36.92 -24.69
N PRO L 174 -55.49 36.25 -23.54
CA PRO L 174 -55.88 36.96 -22.32
C PRO L 174 -54.91 38.05 -21.91
N TYR L 175 -53.63 37.95 -22.27
CA TYR L 175 -52.62 38.91 -21.84
C TYR L 175 -52.33 39.95 -22.93
N ILE L 176 -52.16 39.52 -24.18
CA ILE L 176 -51.99 40.42 -25.31
C ILE L 176 -53.07 40.10 -26.32
N LYS L 177 -53.50 41.12 -27.07
CA LYS L 177 -54.60 40.98 -28.01
C LYS L 177 -54.31 41.81 -29.26
N GLN L 178 -55.10 41.55 -30.30
CA GLN L 178 -54.97 42.29 -31.55
C GLN L 178 -55.25 43.78 -31.34
N SER L 179 -56.16 44.10 -30.42
CA SER L 179 -56.42 45.51 -30.10
C SER L 179 -55.14 46.22 -29.72
N ASP L 180 -54.23 45.53 -29.03
CA ASP L 180 -52.97 46.14 -28.66
C ASP L 180 -52.16 46.51 -29.90
N TYR L 181 -52.11 45.60 -30.89
CA TYR L 181 -51.38 45.91 -32.11
C TYR L 181 -52.04 47.04 -32.89
N GLU L 182 -53.37 47.08 -32.91
CA GLU L 182 -54.05 48.17 -33.60
C GLU L 182 -53.75 49.50 -32.93
N ASN L 183 -53.78 49.54 -31.60
CA ASN L 183 -53.38 50.75 -30.88
C ASN L 183 -51.94 51.11 -31.17
N PHE L 184 -51.05 50.12 -31.24
CA PHE L 184 -49.65 50.39 -31.57
C PHE L 184 -49.58 51.10 -32.91
N MET L 185 -50.27 50.57 -33.92
CA MET L 185 -50.22 51.17 -35.25
C MET L 185 -50.86 52.55 -35.24
N LYS L 186 -51.86 52.78 -34.40
CA LYS L 186 -52.48 54.10 -34.31
C LYS L 186 -51.47 55.14 -33.84
N ASP L 187 -50.69 54.82 -32.80
CA ASP L 187 -49.65 55.71 -32.28
C ASP L 187 -48.42 54.85 -32.00
N ARG L 188 -47.50 54.80 -32.96
CA ARG L 188 -46.37 53.89 -32.86
C ARG L 188 -45.51 54.14 -31.64
N GLU L 189 -45.57 55.34 -31.07
CA GLU L 189 -44.69 55.76 -29.99
C GLU L 189 -45.39 55.86 -28.64
N LYS L 190 -46.61 55.33 -28.52
CA LYS L 190 -47.33 55.36 -27.25
C LYS L 190 -47.53 53.96 -26.67
N TYR L 191 -48.07 53.03 -27.44
CA TYR L 191 -48.33 51.67 -26.98
C TYR L 191 -47.25 50.71 -27.43
N ARG L 192 -46.01 51.19 -27.51
CA ARG L 192 -44.90 50.42 -28.07
C ARG L 192 -44.46 49.28 -27.17
N PHE L 193 -44.79 49.30 -25.88
CA PHE L 193 -44.35 48.28 -24.95
C PHE L 193 -45.55 47.77 -24.14
N LYS L 194 -45.56 46.47 -23.87
CA LYS L 194 -46.62 45.84 -23.10
C LYS L 194 -46.03 44.98 -21.99
N GLU L 195 -46.72 44.91 -20.86
CA GLU L 195 -46.25 44.13 -19.73
C GLU L 195 -46.87 42.74 -19.73
N LEU L 196 -46.13 41.78 -19.16
CA LEU L 196 -46.59 40.39 -19.04
C LEU L 196 -46.85 40.05 -17.59
N PRO L 197 -47.73 39.10 -17.30
CA PRO L 197 -48.03 38.76 -15.91
C PRO L 197 -46.81 38.21 -15.20
N GLN L 198 -46.73 38.48 -13.89
CA GLN L 198 -45.60 37.97 -13.11
C GLN L 198 -45.74 36.47 -12.84
N GLU L 199 -46.97 36.00 -12.60
CA GLU L 199 -47.16 34.60 -12.25
C GLU L 199 -46.82 33.65 -13.40
N ARG L 200 -46.66 34.17 -14.61
CA ARG L 200 -46.41 33.31 -15.77
C ARG L 200 -45.05 33.56 -16.40
N THR L 201 -44.72 34.80 -16.75
CA THR L 201 -43.44 35.06 -17.40
C THR L 201 -42.28 34.70 -16.48
N PHE L 202 -41.14 34.37 -17.08
CA PHE L 202 -39.91 34.20 -16.32
C PHE L 202 -38.72 34.63 -17.17
N PRO L 203 -37.99 35.67 -16.75
CA PRO L 203 -36.69 35.97 -17.38
C PRO L 203 -35.54 35.29 -16.66
N LEU L 204 -34.69 34.62 -17.42
CA LEU L 204 -33.45 34.03 -16.91
C LEU L 204 -32.27 34.75 -17.55
N ARG L 205 -31.21 34.92 -16.76
CA ARG L 205 -30.06 35.70 -17.20
C ARG L 205 -28.80 35.11 -16.58
N THR L 206 -27.67 35.36 -17.23
CA THR L 206 -26.38 34.86 -16.76
C THR L 206 -25.28 35.72 -17.34
N GLY L 207 -24.22 35.91 -16.56
CA GLY L 207 -23.12 36.76 -16.96
C GLY L 207 -23.21 38.20 -16.51
N THR L 208 -24.18 38.54 -15.68
CA THR L 208 -24.34 39.90 -15.19
C THR L 208 -23.63 40.05 -13.85
N LEU L 209 -22.80 41.09 -13.76
CA LEU L 209 -22.16 41.40 -12.48
C LEU L 209 -23.09 42.20 -11.57
N LYS L 210 -23.67 43.28 -12.08
CA LYS L 210 -24.50 44.17 -11.29
C LYS L 210 -25.92 43.66 -11.22
N ARG L 211 -26.48 43.65 -10.01
CA ARG L 211 -27.85 43.15 -9.83
C ARG L 211 -28.86 43.94 -10.64
N ASN L 212 -28.54 45.18 -11.03
CA ASN L 212 -29.41 46.01 -11.84
C ASN L 212 -28.96 46.04 -13.30
N GLN L 213 -28.46 44.91 -13.80
CA GLN L 213 -28.08 44.76 -15.19
C GLN L 213 -29.09 43.84 -15.87
N GLY L 214 -29.62 44.27 -17.00
CA GLY L 214 -30.66 43.52 -17.69
C GLY L 214 -30.13 42.37 -18.52
N LEU L 215 -29.31 42.67 -19.52
CA LEU L 215 -28.85 41.69 -20.48
C LEU L 215 -27.55 41.04 -20.00
N GLY L 216 -27.57 39.72 -19.88
CA GLY L 216 -26.39 38.95 -19.58
C GLY L 216 -25.46 38.89 -20.77
N THR L 217 -24.63 37.84 -20.79
CA THR L 217 -23.67 37.64 -21.87
C THR L 217 -23.50 36.15 -22.13
N SER L 218 -23.03 35.84 -23.32
CA SER L 218 -22.82 34.46 -23.74
C SER L 218 -21.44 33.96 -23.30
N TRP L 219 -21.37 32.66 -23.02
CA TRP L 219 -20.13 32.06 -22.57
C TRP L 219 -19.08 31.96 -23.68
N VAL L 220 -19.45 32.27 -24.92
CA VAL L 220 -18.49 32.19 -26.02
C VAL L 220 -17.60 33.43 -26.10
N THR L 221 -18.04 34.55 -25.55
CA THR L 221 -17.27 35.79 -25.70
C THR L 221 -15.83 35.66 -25.21
N PRO L 222 -15.53 35.03 -24.09
CA PRO L 222 -14.14 35.01 -23.62
C PRO L 222 -13.19 34.31 -24.60
N GLY L 223 -13.51 33.08 -25.00
CA GLY L 223 -12.68 32.33 -25.91
C GLY L 223 -12.88 32.65 -27.37
N LEU L 224 -13.73 33.63 -27.68
CA LEU L 224 -13.96 33.98 -29.08
C LEU L 224 -12.69 34.49 -29.74
N TYR L 225 -11.85 35.21 -29.01
CA TYR L 225 -10.61 35.72 -29.59
C TYR L 225 -9.67 34.59 -29.96
N ASP L 226 -9.74 33.47 -29.24
CA ASP L 226 -8.87 32.33 -29.52
C ASP L 226 -9.15 31.68 -30.87
N VAL L 227 -10.27 32.02 -31.51
CA VAL L 227 -10.62 31.44 -32.81
C VAL L 227 -11.30 32.48 -33.68
N ASN L 348 -11.84 21.20 -12.39
CA ASN L 348 -12.49 21.67 -13.60
C ASN L 348 -13.91 21.11 -13.72
N LEU L 349 -14.02 19.78 -13.69
CA LEU L 349 -15.34 19.17 -13.81
C LEU L 349 -16.26 19.59 -12.66
N ASP L 350 -15.73 19.62 -11.44
CA ASP L 350 -16.53 20.12 -10.32
C ASP L 350 -16.79 21.61 -10.45
N THR L 351 -15.84 22.35 -11.03
CA THR L 351 -16.08 23.77 -11.28
C THR L 351 -17.27 23.96 -12.21
N PHE L 352 -17.35 23.18 -13.29
CA PHE L 352 -18.49 23.27 -14.18
C PHE L 352 -19.77 22.81 -13.51
N TYR L 353 -19.69 21.75 -12.70
CA TYR L 353 -20.85 21.32 -11.94
C TYR L 353 -21.41 22.47 -11.10
N LYS L 354 -20.52 23.16 -10.39
CA LYS L 354 -20.94 24.27 -9.54
C LYS L 354 -21.46 25.45 -10.37
N ARG L 355 -20.85 25.68 -11.53
CA ARG L 355 -21.33 26.77 -12.39
C ARG L 355 -22.75 26.50 -12.87
N ILE L 356 -23.05 25.25 -13.24
CA ILE L 356 -24.40 24.92 -13.70
C ILE L 356 -25.37 24.76 -12.54
N GLY L 357 -24.87 24.55 -11.33
CA GLY L 357 -25.76 24.45 -10.18
C GLY L 357 -26.53 25.73 -9.92
N VAL L 358 -25.89 26.87 -10.13
CA VAL L 358 -26.58 28.14 -9.92
C VAL L 358 -27.69 28.31 -10.94
N LEU L 359 -27.45 27.91 -12.20
CA LEU L 359 -28.50 27.96 -13.20
C LEU L 359 -29.64 27.02 -12.84
N MET L 360 -29.31 25.84 -12.31
CA MET L 360 -30.37 24.93 -11.87
C MET L 360 -31.20 25.56 -10.76
N GLU L 361 -30.55 26.21 -9.79
CA GLU L 361 -31.29 26.89 -8.74
C GLU L 361 -32.18 27.99 -9.30
N ASP L 362 -31.64 28.76 -10.25
CA ASP L 362 -32.40 29.83 -10.89
C ASP L 362 -33.65 29.26 -11.54
N ILE L 363 -33.51 28.18 -12.31
CA ILE L 363 -34.65 27.59 -12.99
C ILE L 363 -35.64 27.03 -11.97
N GLU L 364 -35.14 26.48 -10.88
CA GLU L 364 -36.02 25.96 -9.83
C GLU L 364 -36.91 27.06 -9.27
N GLN L 365 -36.28 28.15 -8.84
CA GLN L 365 -37.00 29.19 -8.09
C GLN L 365 -37.71 30.19 -8.97
N GLU L 366 -37.44 30.20 -10.29
CA GLU L 366 -38.10 31.12 -11.21
C GLU L 366 -39.08 30.45 -12.15
N VAL L 367 -38.78 29.26 -12.65
CA VAL L 367 -39.60 28.63 -13.67
C VAL L 367 -40.64 27.71 -13.04
N TYR L 368 -40.19 26.71 -12.28
CA TYR L 368 -41.10 25.69 -11.79
C TYR L 368 -41.86 26.11 -10.53
N GLN L 369 -41.37 27.11 -9.80
CA GLN L 369 -42.13 27.61 -8.66
C GLN L 369 -43.46 28.20 -9.12
N LYS L 370 -43.45 28.96 -10.21
CA LYS L 370 -44.68 29.51 -10.75
C LYS L 370 -45.61 28.40 -11.23
N LEU L 371 -45.05 27.33 -11.81
CA LEU L 371 -45.87 26.19 -12.21
C LEU L 371 -46.54 25.56 -10.99
N PHE L 372 -45.77 25.35 -9.92
CA PHE L 372 -46.36 24.82 -8.70
C PHE L 372 -47.48 25.70 -8.20
N ASN L 373 -47.28 27.02 -8.23
CA ASN L 373 -48.33 27.93 -7.81
C ASN L 373 -49.56 27.79 -8.69
N LEU L 374 -49.37 27.68 -10.00
CA LEU L 374 -50.51 27.56 -10.91
C LEU L 374 -51.30 26.28 -10.64
N VAL L 375 -50.61 25.16 -10.49
CA VAL L 375 -51.29 23.88 -10.38
C VAL L 375 -52.02 23.76 -9.04
N LEU L 376 -51.36 24.16 -7.95
CA LEU L 376 -51.94 24.00 -6.63
C LEU L 376 -52.98 25.08 -6.34
N PRO L 377 -53.87 24.84 -5.38
CA PRO L 377 -54.85 25.86 -5.00
C PRO L 377 -54.18 27.12 -4.48
N ALA L 378 -54.98 28.16 -4.22
CA ALA L 378 -54.41 29.41 -3.72
C ALA L 378 -53.86 29.24 -2.31
N ALA L 379 -54.51 28.40 -1.49
CA ALA L 379 -54.08 28.25 -0.11
C ALA L 379 -52.64 27.76 -0.01
N GLN L 380 -52.21 26.93 -0.95
CA GLN L 380 -50.88 26.33 -0.91
C GLN L 380 -49.88 27.08 -1.78
N LYS L 381 -50.11 28.37 -2.03
CA LYS L 381 -49.18 29.13 -2.86
C LYS L 381 -47.84 29.25 -2.16
N ASP L 382 -46.77 28.99 -2.91
CA ASP L 382 -45.39 29.05 -2.43
C ASP L 382 -45.13 28.12 -1.25
N ASN L 383 -46.06 27.20 -0.95
CA ASN L 383 -45.83 26.26 0.14
C ASN L 383 -44.82 25.18 -0.27
N TYR L 384 -44.95 24.66 -1.49
CA TYR L 384 -44.07 23.61 -1.98
C TYR L 384 -43.02 24.20 -2.93
N TYR L 385 -41.84 23.58 -2.93
CA TYR L 385 -40.74 24.06 -3.75
C TYR L 385 -39.89 22.88 -4.18
N MET L 386 -39.24 23.03 -5.33
CA MET L 386 -38.52 21.95 -5.99
C MET L 386 -37.04 22.27 -6.10
N ASN L 387 -36.22 21.25 -5.91
CA ASN L 387 -34.77 21.38 -5.90
C ASN L 387 -34.13 20.29 -6.76
N TYR L 388 -33.17 20.68 -7.59
CA TYR L 388 -32.38 19.75 -8.37
C TYR L 388 -31.06 19.48 -7.65
N ASP L 389 -30.45 18.34 -7.95
CA ASP L 389 -29.20 17.94 -7.34
C ASP L 389 -28.03 18.42 -8.18
N LYS L 390 -27.04 19.01 -7.52
CA LYS L 390 -25.93 19.67 -8.19
C LYS L 390 -24.62 18.91 -8.09
N ASP L 391 -24.49 18.00 -7.14
CA ASP L 391 -23.27 17.24 -6.94
C ASP L 391 -23.34 15.90 -7.66
N LYS L 392 -22.23 15.18 -7.65
CA LYS L 392 -22.20 13.85 -8.23
C LYS L 392 -22.89 12.86 -7.30
N PRO L 393 -23.85 12.08 -7.79
CA PRO L 393 -24.63 11.24 -6.88
C PRO L 393 -23.88 9.98 -6.46
N LEU L 394 -24.40 9.34 -5.42
CA LEU L 394 -23.83 8.08 -4.96
C LEU L 394 -24.13 6.97 -5.95
N THR L 395 -23.14 6.10 -6.17
CA THR L 395 -23.21 5.11 -7.23
C THR L 395 -24.24 4.04 -6.91
N LEU L 396 -24.37 3.07 -7.83
CA LEU L 396 -25.41 2.06 -7.69
C LEU L 396 -25.17 1.15 -6.49
N LYS L 397 -23.91 0.86 -6.17
CA LYS L 397 -23.63 -0.10 -5.10
C LYS L 397 -24.18 0.38 -3.77
N GLU L 398 -23.84 1.62 -3.38
CA GLU L 398 -24.34 2.15 -2.12
C GLU L 398 -25.86 2.27 -2.13
N LYS L 399 -26.43 2.67 -3.26
CA LYS L 399 -27.88 2.75 -3.37
C LYS L 399 -28.52 1.40 -3.08
N MET L 400 -28.00 0.34 -3.69
CA MET L 400 -28.55 -1.00 -3.46
C MET L 400 -28.34 -1.43 -2.01
N ASP L 401 -27.19 -1.09 -1.42
CA ASP L 401 -26.99 -1.41 -0.01
C ASP L 401 -28.03 -0.73 0.87
N ILE L 402 -28.30 0.55 0.62
CA ILE L 402 -29.30 1.26 1.41
C ILE L 402 -30.68 0.63 1.22
N LEU L 403 -31.03 0.30 -0.02
CA LEU L 403 -32.35 -0.26 -0.27
C LEU L 403 -32.52 -1.62 0.39
N ILE L 404 -31.53 -2.50 0.27
CA ILE L 404 -31.63 -3.81 0.89
C ILE L 404 -31.66 -3.66 2.40
N LYS L 405 -30.86 -2.75 2.96
CA LYS L 405 -30.94 -2.49 4.40
C LYS L 405 -32.34 -2.04 4.79
N LEU L 406 -32.98 -1.23 3.96
CA LEU L 406 -34.32 -0.74 4.28
C LEU L 406 -35.34 -1.88 4.25
N ASN L 407 -35.22 -2.78 3.28
CA ASN L 407 -36.29 -3.76 3.03
C ASN L 407 -36.69 -4.51 4.29
N ASP L 408 -35.73 -4.78 5.17
CA ASP L 408 -35.96 -5.67 6.30
C ASP L 408 -37.28 -5.36 7.01
N LYS L 409 -38.15 -6.37 7.06
CA LYS L 409 -39.42 -6.33 7.79
C LYS L 409 -40.28 -5.14 7.35
N GLY L 410 -40.74 -5.23 6.10
CA GLY L 410 -41.85 -4.43 5.67
C GLY L 410 -41.61 -3.55 4.45
N TRP L 411 -40.44 -2.93 4.36
CA TRP L 411 -40.24 -1.94 3.32
C TRP L 411 -40.17 -2.60 1.95
N SER L 412 -40.44 -1.79 0.93
CA SER L 412 -40.75 -2.32 -0.40
C SER L 412 -39.62 -3.21 -0.91
N ILE L 413 -40.01 -4.34 -1.49
CA ILE L 413 -39.07 -5.23 -2.16
C ILE L 413 -38.92 -4.91 -3.65
N LYS L 414 -39.91 -4.24 -4.26
CA LYS L 414 -39.87 -4.04 -5.70
C LYS L 414 -38.62 -3.29 -6.13
N HIS L 415 -38.30 -2.18 -5.45
CA HIS L 415 -37.12 -1.42 -5.84
C HIS L 415 -35.82 -2.16 -5.56
N VAL L 416 -35.85 -3.20 -4.72
CA VAL L 416 -34.67 -4.02 -4.51
C VAL L 416 -34.38 -4.84 -5.76
N VAL L 417 -35.35 -5.64 -6.19
CA VAL L 417 -35.21 -6.43 -7.40
C VAL L 417 -35.08 -5.53 -8.62
N ASP L 418 -35.50 -4.26 -8.49
CA ASP L 418 -35.63 -3.41 -9.66
C ASP L 418 -34.29 -3.04 -10.27
N ASN L 419 -33.30 -2.70 -9.46
CA ASN L 419 -32.04 -2.19 -10.00
C ASN L 419 -31.10 -3.28 -10.47
N LEU L 420 -31.47 -4.55 -10.28
CA LEU L 420 -30.66 -5.65 -10.77
C LEU L 420 -30.82 -5.77 -12.29
N ALA L 421 -29.70 -5.81 -13.01
CA ALA L 421 -29.75 -5.97 -14.45
C ALA L 421 -30.46 -7.28 -14.80
N GLY L 422 -31.38 -7.22 -15.76
CA GLY L 422 -32.23 -8.36 -15.97
C GLY L 422 -33.09 -8.58 -14.74
N VAL L 423 -33.49 -9.84 -14.55
CA VAL L 423 -34.21 -10.23 -13.35
C VAL L 423 -35.46 -9.38 -13.19
N SER L 424 -36.25 -9.24 -14.26
CA SER L 424 -37.44 -8.41 -14.22
C SER L 424 -38.26 -8.71 -12.97
N TRP L 425 -38.89 -7.67 -12.42
CA TRP L 425 -39.58 -7.82 -11.15
C TRP L 425 -40.69 -8.87 -11.24
N GLU L 426 -41.51 -8.80 -12.30
CA GLU L 426 -42.62 -9.74 -12.41
C GLU L 426 -42.13 -11.16 -12.59
N SER L 427 -41.07 -11.35 -13.39
CA SER L 427 -40.48 -12.68 -13.51
C SER L 427 -40.01 -13.19 -12.16
N TYR L 428 -39.33 -12.32 -11.39
CA TYR L 428 -38.82 -12.72 -10.09
C TYR L 428 -39.94 -13.17 -9.17
N LEU L 429 -40.98 -12.35 -9.02
CA LEU L 429 -42.07 -12.71 -8.12
C LEU L 429 -42.82 -13.93 -8.62
N GLU L 430 -43.07 -14.02 -9.92
CA GLU L 430 -43.81 -15.14 -10.48
C GLU L 430 -43.07 -16.45 -10.22
N GLN L 431 -41.77 -16.48 -10.54
CA GLN L 431 -41.02 -17.71 -10.33
C GLN L 431 -40.89 -18.05 -8.85
N THR L 432 -40.74 -17.03 -8.00
CA THR L 432 -40.67 -17.31 -6.57
C THR L 432 -41.96 -17.97 -6.08
N LEU L 433 -43.11 -17.43 -6.51
CA LEU L 433 -44.38 -18.03 -6.10
C LEU L 433 -44.55 -19.41 -6.70
N TYR L 434 -44.10 -19.61 -7.94
CA TYR L 434 -44.15 -20.93 -8.54
C TYR L 434 -43.38 -21.94 -7.71
N GLU L 435 -42.18 -21.56 -7.26
CA GLU L 435 -41.33 -22.49 -6.55
C GLU L 435 -41.81 -22.73 -5.12
N THR L 436 -42.36 -21.71 -4.47
CA THR L 436 -42.79 -21.87 -3.08
C THR L 436 -44.22 -22.39 -2.93
N GLU L 437 -45.03 -22.33 -3.99
CA GLU L 437 -46.44 -22.69 -3.89
C GLU L 437 -46.74 -24.05 -4.49
N GLU L 438 -46.14 -24.37 -5.63
CA GLU L 438 -46.47 -25.62 -6.33
C GLU L 438 -45.45 -26.70 -6.03
N LEU L 439 -44.17 -26.45 -6.35
CA LEU L 439 -43.14 -27.45 -6.12
C LEU L 439 -42.93 -27.71 -4.63
N LYS L 440 -42.96 -26.65 -3.81
CA LYS L 440 -42.67 -26.76 -2.38
C LYS L 440 -41.22 -27.16 -2.16
N LEU L 441 -40.31 -26.48 -2.86
CA LEU L 441 -38.89 -26.79 -2.74
C LEU L 441 -38.44 -26.77 -1.30
N GLN L 442 -38.93 -25.81 -0.51
CA GLN L 442 -38.47 -25.67 0.86
C GLN L 442 -38.88 -26.85 1.73
N GLU L 443 -39.78 -27.69 1.25
CA GLU L 443 -40.12 -28.93 1.93
C GLU L 443 -39.30 -30.12 1.43
N LYS L 444 -38.35 -29.88 0.52
CA LYS L 444 -37.54 -30.95 -0.05
C LYS L 444 -36.08 -30.53 -0.14
#